data_9GPB
#
_entry.id   9GPB
#
_cell.length_a   119.000
_cell.length_b   190.000
_cell.length_c   88.200
_cell.angle_alpha   90.00
_cell.angle_beta   109.35
_cell.angle_gamma   90.00
#
_symmetry.space_group_name_H-M   'P 1 21 1'
#
loop_
_entity.id
_entity.type
_entity.pdbx_description
1 polymer 'Glycogen phosphorylase, muscle form'
2 non-polymer 'SULFATE ION'
#
_entity_poly.entity_id   1
_entity_poly.type   'polypeptide(L)'
_entity_poly.pdbx_seq_one_letter_code
;SRPLSDQEKRKQISVRGLAGVENVTELKKNFNRHLHFTLVKDRNVATPRDYYFALAHTVRDHLVGRWIRTQQHYYEKDPK
RIYYLSLEFYMGRTLQNTMVNLALENACDEATYQLGLDMEELEEIEEDAGLGNGGLGRLAACFLDSMATLGLAAYGYGIR
YEFGIFNQKICGGWQMEEADDWLRYGNPWEKARPEFTLPVHFYGRVEHTSQGAKWVDTQVVLAMPYDTPVPGYRNNVVNT
MRLWSAKAPNDFNLKDFNVGGYIQAVLDRNLAENISRVLYPNDNFFEGKELRLKQEYFVVAATLQDIIRRFKSSKFGCRD
PVRTNFDAFPDKVAIQLNDTHPSLAIPELMRVLVDLERLDWDKAWEVTVKTCAYTNHTVIPEALERWPVHLLETLLPRHL
QIIYEINQRFLNRVAAAFPGDVDRLRRMSLVEEGAVKRINMAHLCIAGSHAVNGVARIHSEILKKTIFKDFYELEPHKFQ
NKTNGITPRRWLVLCNPGLAEIIAERIGEEYISDLDQLRKLLSYVDDEAFIRDVAKVKQENKLKFAAYLEREYKVHINPN
SLFDVQVKRIHEYKRQLLNCLHVITLYNRIKKEPNKFVVPRTVMIGGKAAPGYHMAKMIIKLITAIGDVVNHDPVVGDRL
RVIFLENYRVSLAEKVIPAADLSEQISTAGTEASGTGNM(LLP)FMLNGALTIGTMDGANVEMAEEAGEENFFIFGMRVE
DVDRLDQRGYNAQEYYDRIPELRQIIEQLSSGFFSPKQPDLFKDIVNMLMHHDRFKVFADYEEYVKCQERVSALYKNPRE
WTRMVIRNIATSGKFSSDRTIAQYAREIWGVEPSRQRLPAPDEKIP
;
_entity_poly.pdbx_strand_id   A,B,C,D
#
loop_
_chem_comp.id
_chem_comp.type
_chem_comp.name
_chem_comp.formula
SO4 non-polymer 'SULFATE ION' 'O4 S -2'
#
# COMPACT_ATOMS: atom_id res chain seq x y z
N ARG A 10 -0.74 -45.83 -29.93
CA ARG A 10 -2.09 -45.89 -29.42
C ARG A 10 -2.13 -47.00 -28.36
N LYS A 11 -2.54 -48.25 -28.59
CA LYS A 11 -2.56 -49.27 -27.51
C LYS A 11 -1.18 -49.81 -27.06
N GLN A 12 -0.09 -49.52 -27.78
CA GLN A 12 1.27 -49.97 -27.42
C GLN A 12 1.89 -49.07 -26.33
N ILE A 13 1.03 -48.26 -25.64
CA ILE A 13 1.38 -47.33 -24.57
C ILE A 13 0.84 -47.83 -23.22
N SER A 14 1.48 -48.77 -22.55
CA SER A 14 1.00 -49.15 -21.24
C SER A 14 2.10 -49.65 -20.34
N VAL A 15 1.61 -49.68 -19.05
CA VAL A 15 2.30 -49.99 -17.78
C VAL A 15 2.88 -51.41 -17.70
N ARG A 16 2.74 -52.21 -18.76
CA ARG A 16 3.13 -53.62 -18.80
C ARG A 16 4.55 -54.03 -18.38
N GLY A 17 5.64 -54.06 -19.15
CA GLY A 17 6.87 -54.62 -18.56
C GLY A 17 7.58 -53.62 -17.66
N LEU A 18 6.83 -52.65 -17.07
CA LEU A 18 7.35 -51.50 -16.34
C LEU A 18 7.10 -51.83 -14.90
N ALA A 19 17.13 -60.37 3.56
CA ALA A 19 16.32 -60.98 2.55
C ALA A 19 15.25 -59.98 2.10
N GLY A 20 14.56 -60.26 1.00
CA GLY A 20 13.59 -59.35 0.34
C GLY A 20 13.63 -59.64 -1.17
N VAL A 21 14.92 -59.67 -1.46
CA VAL A 21 15.57 -60.06 -2.70
C VAL A 21 14.91 -60.56 -4.02
N GLU A 22 15.50 -59.88 -5.01
CA GLU A 22 15.25 -59.79 -6.46
C GLU A 22 14.31 -58.61 -6.78
N ASN A 23 13.21 -58.44 -6.02
CA ASN A 23 12.54 -57.13 -5.98
C ASN A 23 13.73 -56.26 -5.53
N VAL A 24 14.64 -56.85 -4.73
CA VAL A 24 15.91 -56.28 -4.46
C VAL A 24 16.69 -55.99 -5.72
N THR A 25 16.88 -56.76 -6.78
CA THR A 25 17.78 -56.20 -7.80
C THR A 25 17.11 -55.25 -8.77
N GLU A 26 15.83 -55.40 -9.06
CA GLU A 26 15.32 -54.32 -9.85
C GLU A 26 15.15 -53.05 -9.06
N LEU A 27 15.00 -53.12 -7.72
CA LEU A 27 14.91 -51.88 -6.94
C LEU A 27 16.28 -51.32 -6.72
N LYS A 28 17.39 -52.08 -6.79
CA LYS A 28 18.67 -51.43 -6.69
C LYS A 28 18.91 -50.68 -8.01
N LYS A 29 18.35 -51.16 -9.15
CA LYS A 29 18.43 -50.46 -10.43
C LYS A 29 17.40 -49.31 -10.48
N ASN A 30 16.24 -49.47 -9.88
CA ASN A 30 15.25 -48.42 -9.77
C ASN A 30 15.71 -47.25 -8.91
N PHE A 31 16.60 -47.51 -7.95
CA PHE A 31 17.13 -46.54 -7.01
C PHE A 31 18.19 -45.67 -7.66
N ASN A 32 19.22 -46.27 -8.20
CA ASN A 32 20.30 -45.55 -8.88
C ASN A 32 19.85 -44.57 -9.94
N ARG A 33 18.92 -45.06 -10.75
CA ARG A 33 18.31 -44.30 -11.80
C ARG A 33 17.74 -42.96 -11.26
N HIS A 34 16.99 -42.86 -10.15
CA HIS A 34 16.44 -41.60 -9.68
C HIS A 34 17.54 -40.82 -9.03
N LEU A 35 18.59 -41.41 -8.46
CA LEU A 35 19.64 -40.60 -7.86
C LEU A 35 20.41 -39.87 -8.94
N HIS A 36 20.61 -40.50 -10.09
CA HIS A 36 21.45 -39.95 -11.12
C HIS A 36 20.61 -39.24 -12.16
N PHE A 37 19.38 -39.67 -12.42
CA PHE A 37 18.47 -39.06 -13.38
C PHE A 37 17.42 -38.24 -12.67
N THR A 38 16.32 -38.71 -12.10
CA THR A 38 15.32 -37.81 -11.51
C THR A 38 15.79 -36.66 -10.60
N LEU A 39 16.88 -36.96 -9.89
CA LEU A 39 17.45 -36.05 -8.91
C LEU A 39 18.68 -35.30 -9.36
N VAL A 40 19.29 -35.88 -10.41
CA VAL A 40 20.48 -35.37 -11.09
C VAL A 40 21.53 -35.05 -10.03
N LYS A 41 22.08 -36.11 -9.44
CA LYS A 41 23.17 -36.02 -8.48
C LYS A 41 23.95 -37.27 -8.80
N ASP A 42 25.06 -37.38 -8.07
CA ASP A 42 25.79 -38.61 -8.01
C ASP A 42 26.11 -38.86 -6.54
N ARG A 43 26.83 -39.96 -6.27
CA ARG A 43 27.21 -40.40 -4.93
C ARG A 43 28.31 -39.57 -4.29
N ASN A 44 29.19 -38.96 -5.11
CA ASN A 44 30.27 -38.11 -4.63
C ASN A 44 29.60 -36.93 -3.98
N VAL A 45 28.48 -36.51 -4.54
CA VAL A 45 27.82 -35.32 -4.06
C VAL A 45 26.52 -35.56 -3.34
N ALA A 46 26.01 -36.78 -3.34
CA ALA A 46 24.70 -36.94 -2.73
C ALA A 46 24.89 -36.97 -1.25
N THR A 47 23.86 -36.31 -0.74
CA THR A 47 23.60 -36.14 0.66
C THR A 47 22.64 -37.22 1.17
N PRO A 48 22.52 -37.55 2.49
CA PRO A 48 21.36 -38.21 3.13
C PRO A 48 19.94 -37.86 2.68
N ARG A 49 19.68 -36.57 2.65
CA ARG A 49 18.42 -36.04 2.19
C ARG A 49 18.33 -36.39 0.75
N ASP A 50 19.45 -36.60 0.05
CA ASP A 50 19.38 -36.95 -1.34
C ASP A 50 19.15 -38.44 -1.52
N TYR A 51 19.77 -39.35 -0.79
CA TYR A 51 19.49 -40.78 -0.97
C TYR A 51 18.10 -41.14 -0.43
N TYR A 52 17.43 -40.28 0.34
CA TYR A 52 16.03 -40.51 0.70
C TYR A 52 15.13 -40.13 -0.43
N PHE A 53 15.32 -39.02 -1.17
CA PHE A 53 14.45 -38.68 -2.32
C PHE A 53 14.70 -39.70 -3.43
N ALA A 54 15.88 -40.30 -3.54
CA ALA A 54 16.05 -41.39 -4.43
C ALA A 54 15.26 -42.59 -3.98
N LEU A 55 15.25 -43.00 -2.70
CA LEU A 55 14.43 -44.11 -2.25
C LEU A 55 12.95 -43.74 -2.33
N ALA A 56 12.52 -42.50 -2.02
CA ALA A 56 11.09 -42.12 -2.02
C ALA A 56 10.53 -42.26 -3.42
N HIS A 57 11.36 -41.83 -4.37
CA HIS A 57 11.11 -41.97 -5.77
C HIS A 57 11.08 -43.40 -6.15
N THR A 58 11.86 -44.34 -5.56
CA THR A 58 11.77 -45.76 -5.86
C THR A 58 10.43 -46.41 -5.39
N VAL A 59 10.03 -46.05 -4.20
CA VAL A 59 8.76 -46.45 -3.62
C VAL A 59 7.65 -45.86 -4.49
N ARG A 60 7.80 -44.78 -5.28
CA ARG A 60 6.65 -44.20 -5.98
C ARG A 60 6.38 -44.84 -7.31
N ASP A 61 7.37 -45.27 -8.07
CA ASP A 61 7.21 -46.03 -9.31
C ASP A 61 6.25 -47.24 -9.17
N HIS A 62 6.04 -47.75 -7.98
CA HIS A 62 5.12 -48.86 -7.75
C HIS A 62 3.84 -48.25 -7.20
N LEU A 63 3.93 -47.22 -6.37
CA LEU A 63 2.77 -46.57 -5.83
C LEU A 63 1.89 -45.95 -6.92
N VAL A 64 2.48 -45.54 -8.07
CA VAL A 64 1.67 -44.95 -9.13
C VAL A 64 1.18 -45.92 -10.17
N GLY A 65 1.79 -47.12 -10.36
CA GLY A 65 1.27 -48.17 -11.25
C GLY A 65 -0.14 -48.52 -10.80
N ARG A 66 -0.27 -48.67 -9.49
CA ARG A 66 -1.55 -49.01 -8.91
C ARG A 66 -2.51 -47.82 -8.83
N TRP A 67 -2.04 -46.59 -8.62
CA TRP A 67 -2.97 -45.45 -8.59
C TRP A 67 -3.57 -45.18 -9.97
N ILE A 68 -2.77 -45.45 -11.04
CA ILE A 68 -3.22 -45.36 -12.41
C ILE A 68 -4.40 -46.34 -12.49
N ARG A 69 -4.09 -47.63 -12.33
CA ARG A 69 -5.11 -48.66 -12.50
C ARG A 69 -6.30 -48.59 -11.57
N THR A 70 -6.27 -48.15 -10.31
CA THR A 70 -7.45 -48.10 -9.46
C THR A 70 -8.51 -47.16 -9.98
N GLN A 71 -7.94 -46.06 -10.44
CA GLN A 71 -8.75 -44.98 -10.91
C GLN A 71 -9.15 -45.36 -12.35
N GLN A 72 -8.29 -45.79 -13.30
CA GLN A 72 -8.74 -46.18 -14.66
C GLN A 72 -9.86 -47.23 -14.56
N HIS A 73 -9.63 -48.13 -13.61
CA HIS A 73 -10.58 -49.14 -13.24
C HIS A 73 -11.87 -48.51 -12.73
N TYR A 74 -11.83 -47.37 -12.09
CA TYR A 74 -13.07 -46.75 -11.70
C TYR A 74 -13.76 -46.08 -12.91
N TYR A 75 -13.09 -45.79 -14.04
CA TYR A 75 -13.71 -45.14 -15.18
C TYR A 75 -14.76 -46.08 -15.78
N GLU A 76 -14.30 -47.18 -16.38
CA GLU A 76 -15.13 -48.23 -16.97
C GLU A 76 -15.87 -49.10 -15.96
N LYS A 77 -16.30 -48.52 -14.86
CA LYS A 77 -17.02 -49.20 -13.83
C LYS A 77 -17.79 -48.12 -13.08
N ASP A 78 -17.55 -46.85 -13.38
CA ASP A 78 -18.21 -45.72 -12.73
C ASP A 78 -18.86 -45.90 -11.36
N PRO A 79 -18.09 -46.23 -10.31
CA PRO A 79 -18.58 -46.65 -8.99
C PRO A 79 -19.14 -45.54 -8.18
N LYS A 80 -19.87 -45.70 -7.08
CA LYS A 80 -20.37 -44.54 -6.34
C LYS A 80 -19.11 -43.94 -5.74
N ARG A 81 -18.91 -42.61 -5.90
CA ARG A 81 -17.76 -41.93 -5.37
C ARG A 81 -18.06 -41.15 -4.09
N ILE A 82 -17.19 -41.32 -3.12
CA ILE A 82 -17.36 -40.66 -1.83
C ILE A 82 -16.17 -39.70 -1.75
N TYR A 83 -16.54 -38.49 -1.37
CA TYR A 83 -15.64 -37.34 -1.39
C TYR A 83 -15.60 -36.82 0.02
N TYR A 84 -14.43 -37.07 0.57
CA TYR A 84 -14.26 -36.71 1.95
C TYR A 84 -13.74 -35.28 1.99
N LEU A 85 -14.59 -34.33 2.32
CA LEU A 85 -14.12 -32.97 2.39
C LEU A 85 -13.65 -32.71 3.81
N SER A 86 -12.47 -32.19 3.99
CA SER A 86 -11.95 -31.86 5.30
C SER A 86 -10.91 -30.79 5.02
N LEU A 87 -11.09 -29.70 5.80
CA LEU A 87 -10.22 -28.53 5.82
C LEU A 87 -8.89 -28.82 6.53
N GLU A 88 -8.31 -30.04 6.57
CA GLU A 88 -7.25 -30.43 7.52
C GLU A 88 -6.80 -31.88 7.32
N PHE A 89 -5.81 -32.28 6.53
CA PHE A 89 -5.51 -33.70 6.48
C PHE A 89 -4.23 -33.91 7.25
N TYR A 90 -4.15 -34.60 8.38
CA TYR A 90 -2.90 -34.68 9.10
C TYR A 90 -2.13 -35.93 8.79
N MET A 91 -1.55 -36.02 7.61
CA MET A 91 -0.78 -37.20 7.28
C MET A 91 0.47 -37.32 8.14
N GLY A 92 1.60 -36.68 7.75
CA GLY A 92 2.88 -36.78 8.35
C GLY A 92 3.57 -38.11 8.13
N ARG A 93 4.47 -38.11 7.15
CA ARG A 93 5.26 -39.27 6.71
C ARG A 93 4.63 -40.45 5.93
N THR A 94 5.35 -40.82 4.90
CA THR A 94 4.82 -41.71 3.91
C THR A 94 5.77 -42.80 3.53
N LEU A 95 7.08 -42.64 3.41
CA LEU A 95 7.95 -43.70 2.98
C LEU A 95 7.66 -45.06 3.61
N GLN A 96 7.57 -45.11 4.94
CA GLN A 96 7.34 -46.40 5.57
C GLN A 96 5.91 -46.92 5.46
N ASN A 97 4.94 -46.08 5.82
CA ASN A 97 3.57 -46.48 5.69
C ASN A 97 3.26 -46.92 4.28
N THR A 98 3.94 -46.44 3.22
CA THR A 98 3.71 -46.91 1.86
C THR A 98 4.43 -48.24 1.62
N MET A 99 5.67 -48.50 2.01
CA MET A 99 6.24 -49.83 1.85
C MET A 99 5.50 -50.88 2.70
N VAL A 100 4.82 -50.51 3.79
CA VAL A 100 4.18 -51.55 4.59
C VAL A 100 2.80 -51.88 4.03
N ASN A 101 2.14 -50.88 3.45
CA ASN A 101 0.86 -51.09 2.80
C ASN A 101 1.04 -51.65 1.42
N LEU A 102 2.19 -51.58 0.75
CA LEU A 102 2.40 -52.17 -0.58
C LEU A 102 3.19 -53.47 -0.52
N ALA A 103 3.56 -53.98 0.69
CA ALA A 103 4.54 -55.09 0.89
C ALA A 103 5.96 -54.87 0.34
N LEU A 104 6.56 -53.67 0.32
CA LEU A 104 7.92 -53.63 -0.18
C LEU A 104 8.95 -53.56 0.94
N GLU A 105 8.62 -53.22 2.22
CA GLU A 105 9.62 -53.07 3.31
C GLU A 105 10.85 -54.02 3.35
N ASN A 106 10.77 -55.34 3.24
CA ASN A 106 11.97 -56.21 3.27
C ASN A 106 12.90 -56.13 2.02
N ALA A 107 12.31 -55.87 0.82
CA ALA A 107 13.00 -55.67 -0.45
C ALA A 107 13.73 -54.35 -0.40
N CYS A 108 13.01 -53.34 0.15
CA CYS A 108 13.57 -52.01 0.28
C CYS A 108 14.67 -52.06 1.30
N ASP A 109 14.42 -52.74 2.40
CA ASP A 109 15.42 -52.89 3.41
C ASP A 109 16.67 -53.65 2.98
N GLU A 110 16.67 -54.47 1.93
CA GLU A 110 17.88 -55.17 1.48
C GLU A 110 18.50 -54.49 0.25
N ALA A 111 17.68 -53.80 -0.55
CA ALA A 111 18.20 -53.04 -1.67
C ALA A 111 19.05 -51.93 -1.03
N THR A 112 18.42 -51.00 -0.27
CA THR A 112 19.15 -49.88 0.34
C THR A 112 20.34 -50.40 1.14
N TYR A 113 20.18 -51.41 2.05
CA TYR A 113 21.28 -52.06 2.81
C TYR A 113 22.43 -52.60 1.95
N GLN A 114 22.20 -53.25 0.80
CA GLN A 114 23.27 -53.81 -0.02
C GLN A 114 23.88 -52.64 -0.79
N LEU A 115 23.17 -51.50 -0.84
CA LEU A 115 23.72 -50.31 -1.47
C LEU A 115 24.58 -49.50 -0.51
N GLY A 116 24.96 -50.10 0.63
CA GLY A 116 25.77 -49.51 1.67
C GLY A 116 24.97 -48.38 2.26
N LEU A 117 23.70 -48.60 2.58
CA LEU A 117 22.86 -47.52 3.02
C LEU A 117 21.86 -48.06 4.03
N ASP A 118 21.90 -47.49 5.25
CA ASP A 118 20.96 -47.77 6.29
C ASP A 118 19.59 -47.25 5.92
N MET A 119 18.55 -48.07 5.66
CA MET A 119 17.22 -47.54 5.28
C MET A 119 16.54 -46.76 6.40
N GLU A 120 16.39 -47.33 7.60
CA GLU A 120 15.81 -46.67 8.77
C GLU A 120 16.44 -45.30 9.02
N GLU A 121 17.73 -45.12 8.78
CA GLU A 121 18.37 -43.83 8.89
C GLU A 121 17.65 -42.84 7.98
N LEU A 122 17.46 -43.24 6.73
CA LEU A 122 16.83 -42.39 5.75
C LEU A 122 15.45 -41.95 6.16
N GLU A 123 14.70 -42.88 6.73
CA GLU A 123 13.30 -42.67 7.01
C GLU A 123 12.94 -41.42 7.76
N GLU A 124 13.76 -41.02 8.75
CA GLU A 124 13.52 -39.82 9.52
C GLU A 124 13.85 -38.49 8.85
N ILE A 125 14.47 -38.50 7.65
CA ILE A 125 14.71 -37.28 6.85
C ILE A 125 13.38 -36.77 6.32
N GLU A 126 12.37 -37.62 6.24
CA GLU A 126 11.10 -37.20 5.75
C GLU A 126 10.40 -36.21 6.68
N GLU A 127 10.05 -35.12 6.06
CA GLU A 127 9.32 -34.09 6.77
C GLU A 127 7.91 -34.62 6.93
N ASP A 128 7.39 -34.45 8.12
CA ASP A 128 6.06 -34.88 8.45
C ASP A 128 5.17 -33.86 7.68
N ALA A 129 4.37 -34.18 6.65
CA ALA A 129 3.69 -33.16 5.85
C ALA A 129 2.71 -32.29 6.57
N GLY A 130 3.05 -31.02 6.39
CA GLY A 130 2.48 -29.94 7.16
C GLY A 130 1.06 -29.64 6.81
N LEU A 131 0.12 -30.58 7.09
CA LEU A 131 -1.27 -30.42 6.66
C LEU A 131 -2.42 -30.50 7.67
N GLY A 132 -2.21 -30.60 8.96
CA GLY A 132 -3.30 -30.72 9.89
C GLY A 132 -2.79 -30.13 11.18
N ASN A 133 -3.68 -29.70 12.06
CA ASN A 133 -3.22 -29.17 13.34
C ASN A 133 -3.28 -30.29 14.37
N GLY A 134 -4.43 -30.76 14.85
CA GLY A 134 -4.47 -31.83 15.81
C GLY A 134 -5.42 -32.95 15.40
N GLY A 135 -6.46 -32.91 16.22
CA GLY A 135 -7.52 -33.91 16.27
C GLY A 135 -8.21 -34.34 14.99
N LEU A 136 -9.07 -33.41 14.58
CA LEU A 136 -9.98 -33.62 13.46
C LEU A 136 -9.30 -33.92 12.16
N GLY A 137 -8.06 -33.47 11.99
CA GLY A 137 -7.35 -33.78 10.79
C GLY A 137 -6.67 -35.13 10.84
N ARG A 138 -6.23 -35.62 12.03
CA ARG A 138 -5.72 -36.99 12.11
C ARG A 138 -6.76 -38.01 11.69
N LEU A 139 -8.04 -37.93 12.05
CA LEU A 139 -8.94 -38.98 11.61
C LEU A 139 -9.15 -38.94 10.12
N ALA A 140 -9.25 -37.80 9.44
CA ALA A 140 -9.37 -37.75 7.99
C ALA A 140 -8.22 -38.51 7.39
N ALA A 141 -7.03 -38.43 7.94
CA ALA A 141 -5.90 -39.20 7.47
C ALA A 141 -5.92 -40.69 7.83
N CYS A 142 -6.80 -41.09 8.77
CA CYS A 142 -7.02 -42.49 9.20
C CYS A 142 -8.10 -43.07 8.30
N PHE A 143 -9.26 -42.39 8.34
CA PHE A 143 -10.44 -42.62 7.53
C PHE A 143 -10.10 -42.76 6.10
N LEU A 144 -9.11 -42.00 5.61
CA LEU A 144 -8.54 -42.15 4.28
C LEU A 144 -7.83 -43.48 4.01
N ASP A 145 -6.99 -44.00 4.91
CA ASP A 145 -6.30 -45.29 4.68
C ASP A 145 -7.34 -46.39 4.86
N SER A 146 -8.12 -46.38 5.95
CA SER A 146 -9.19 -47.32 6.14
C SER A 146 -10.28 -47.14 5.11
N MET A 147 -10.32 -46.14 4.25
CA MET A 147 -11.27 -46.18 3.12
C MET A 147 -10.58 -46.91 1.99
N ALA A 148 -9.29 -46.76 1.76
CA ALA A 148 -8.60 -47.53 0.75
C ALA A 148 -8.48 -49.00 1.19
N THR A 149 -8.64 -49.27 2.48
CA THR A 149 -8.49 -50.61 2.97
C THR A 149 -9.83 -51.33 3.00
N LEU A 150 -10.93 -50.64 2.77
CA LEU A 150 -12.18 -51.34 2.64
C LEU A 150 -12.67 -51.13 1.23
N GLY A 151 -11.76 -51.11 0.27
CA GLY A 151 -12.08 -50.93 -1.15
C GLY A 151 -12.70 -49.60 -1.66
N LEU A 152 -13.73 -49.02 -1.02
CA LEU A 152 -14.41 -47.77 -1.37
C LEU A 152 -13.78 -46.77 -2.36
N ALA A 153 -14.58 -46.02 -3.13
CA ALA A 153 -14.09 -45.05 -4.12
C ALA A 153 -14.10 -43.61 -3.60
N ALA A 154 -13.29 -43.51 -2.56
CA ALA A 154 -13.13 -42.27 -1.86
C ALA A 154 -11.99 -41.52 -2.48
N TYR A 155 -12.21 -40.21 -2.36
CA TYR A 155 -11.32 -39.14 -2.80
C TYR A 155 -11.20 -38.18 -1.62
N GLY A 156 -9.98 -37.75 -1.28
CA GLY A 156 -9.83 -36.81 -0.16
C GLY A 156 -9.60 -35.40 -0.67
N TYR A 157 -10.32 -34.41 -0.17
CA TYR A 157 -10.23 -33.06 -0.72
C TYR A 157 -10.05 -31.84 0.24
N GLY A 158 -8.90 -31.14 0.29
CA GLY A 158 -8.69 -30.04 1.25
C GLY A 158 -7.71 -29.03 0.69
N ILE A 159 -7.22 -28.03 1.44
CA ILE A 159 -6.32 -26.99 0.90
C ILE A 159 -4.88 -27.42 1.14
N ARG A 160 -3.89 -27.18 0.27
CA ARG A 160 -2.53 -27.61 0.57
C ARG A 160 -1.81 -26.38 1.06
N TYR A 161 -1.50 -26.54 2.34
CA TYR A 161 -0.87 -25.56 3.14
C TYR A 161 0.61 -25.50 2.89
N GLU A 162 0.99 -24.34 2.38
CA GLU A 162 2.36 -24.03 2.06
C GLU A 162 3.29 -23.97 3.29
N PHE A 163 2.80 -23.56 4.48
CA PHE A 163 3.65 -23.50 5.67
C PHE A 163 3.07 -24.18 6.91
N GLY A 164 2.19 -25.16 6.65
CA GLY A 164 1.51 -25.96 7.68
C GLY A 164 0.90 -25.09 8.79
N ILE A 165 0.74 -25.59 10.02
CA ILE A 165 0.56 -24.72 11.17
C ILE A 165 2.06 -24.72 11.63
N PHE A 166 2.54 -23.71 12.38
CA PHE A 166 3.91 -23.57 12.90
C PHE A 166 4.66 -24.74 13.51
N ASN A 167 5.93 -24.54 13.91
CA ASN A 167 6.66 -25.58 14.66
C ASN A 167 6.93 -25.12 16.09
N GLN A 168 7.42 -25.96 16.97
CA GLN A 168 7.60 -25.52 18.33
C GLN A 168 9.08 -25.65 18.53
N LYS A 169 9.58 -24.54 19.06
CA LYS A 169 10.95 -24.33 19.46
C LYS A 169 10.78 -23.87 20.92
N ILE A 170 11.40 -24.53 21.91
CA ILE A 170 11.30 -24.02 23.27
C ILE A 170 12.59 -23.34 23.63
N CYS A 171 12.35 -22.12 24.06
CA CYS A 171 13.43 -21.30 24.51
C CYS A 171 12.88 -20.68 25.79
N GLY A 172 13.56 -21.11 26.86
CA GLY A 172 13.32 -20.63 28.22
C GLY A 172 11.96 -21.00 28.73
N GLY A 173 11.55 -22.25 28.52
CA GLY A 173 10.23 -22.70 28.91
C GLY A 173 9.16 -21.89 28.21
N TRP A 174 9.50 -21.00 27.29
CA TRP A 174 8.51 -20.13 26.67
C TRP A 174 8.47 -20.65 25.25
N GLN A 175 7.27 -20.97 24.80
CA GLN A 175 7.07 -21.43 23.43
C GLN A 175 7.35 -20.35 22.38
N MET A 176 8.29 -20.71 21.49
CA MET A 176 8.70 -19.90 20.35
C MET A 176 8.25 -20.70 19.17
N GLU A 177 7.45 -20.15 18.26
CA GLU A 177 7.11 -20.85 17.04
C GLU A 177 8.08 -20.59 15.85
N GLU A 178 8.67 -21.62 15.21
CA GLU A 178 9.43 -21.40 13.97
C GLU A 178 8.42 -21.46 12.80
N ALA A 179 8.69 -21.93 11.57
CA ALA A 179 7.70 -21.93 10.49
C ALA A 179 7.97 -23.20 9.79
N ASP A 180 6.88 -23.75 9.29
CA ASP A 180 7.01 -25.06 8.71
C ASP A 180 7.15 -25.12 7.19
N ASP A 181 8.24 -24.69 6.55
CA ASP A 181 8.21 -24.87 5.10
C ASP A 181 8.91 -26.17 4.89
N TRP A 182 7.93 -27.06 4.90
CA TRP A 182 8.18 -28.45 4.54
C TRP A 182 8.30 -28.40 3.01
N LEU A 183 7.68 -27.43 2.34
CA LEU A 183 7.89 -27.33 0.91
C LEU A 183 9.03 -26.31 0.70
N ARG A 184 10.17 -26.98 0.95
CA ARG A 184 11.51 -26.42 0.91
C ARG A 184 12.14 -27.33 -0.08
N TYR A 185 12.74 -28.45 0.30
CA TYR A 185 13.44 -29.27 -0.68
C TYR A 185 12.62 -30.24 -1.52
N GLY A 186 11.30 -30.30 -1.47
CA GLY A 186 10.51 -31.23 -2.25
C GLY A 186 9.54 -32.08 -1.45
N ASN A 187 8.49 -32.51 -2.11
CA ASN A 187 7.54 -33.42 -1.52
C ASN A 187 7.37 -34.51 -2.59
N PRO A 188 8.19 -35.60 -2.69
CA PRO A 188 8.27 -36.47 -3.86
C PRO A 188 6.98 -37.23 -4.08
N TRP A 189 6.02 -37.18 -3.13
CA TRP A 189 4.74 -37.89 -3.13
C TRP A 189 3.62 -37.23 -3.93
N GLU A 190 3.86 -36.13 -4.64
CA GLU A 190 2.77 -35.44 -5.34
C GLU A 190 3.05 -35.10 -6.81
N LYS A 191 2.11 -35.40 -7.74
CA LYS A 191 2.24 -34.96 -9.13
C LYS A 191 1.38 -33.71 -9.11
N ALA A 192 1.97 -32.57 -9.42
CA ALA A 192 1.20 -31.36 -9.63
C ALA A 192 0.14 -31.58 -10.70
N ARG A 193 -0.85 -30.73 -10.82
CA ARG A 193 -1.79 -30.84 -11.90
C ARG A 193 -2.02 -29.55 -12.64
N PRO A 194 -1.03 -28.77 -13.10
CA PRO A 194 -1.22 -27.41 -13.65
C PRO A 194 -2.41 -27.33 -14.59
N GLU A 195 -2.53 -28.45 -15.31
CA GLU A 195 -3.56 -28.63 -16.28
C GLU A 195 -4.91 -28.33 -15.73
N PHE A 196 -5.33 -28.91 -14.62
CA PHE A 196 -6.75 -28.89 -14.27
C PHE A 196 -7.19 -27.78 -13.36
N THR A 197 -6.44 -26.67 -13.35
CA THR A 197 -6.68 -25.47 -12.57
C THR A 197 -8.11 -24.99 -12.60
N LEU A 198 -8.82 -24.80 -11.51
CA LEU A 198 -10.17 -24.28 -11.62
C LEU A 198 -10.23 -22.80 -11.21
N PRO A 199 -10.88 -21.82 -11.90
CA PRO A 199 -11.31 -20.52 -11.36
C PRO A 199 -12.25 -20.41 -10.18
N VAL A 200 -11.74 -20.00 -9.04
CA VAL A 200 -12.60 -19.78 -7.89
C VAL A 200 -12.81 -18.26 -7.75
N HIS A 201 -14.00 -17.76 -7.42
CA HIS A 201 -14.14 -16.31 -7.25
C HIS A 201 -15.12 -15.78 -6.21
N PHE A 202 -14.63 -14.68 -5.63
CA PHE A 202 -15.21 -13.96 -4.52
C PHE A 202 -15.92 -12.69 -4.91
N TYR A 203 -16.67 -12.17 -3.96
CA TYR A 203 -17.30 -10.86 -4.02
C TYR A 203 -18.30 -10.73 -5.14
N GLY A 204 -18.28 -9.78 -6.08
CA GLY A 204 -19.37 -9.76 -7.06
C GLY A 204 -20.68 -9.08 -6.63
N ARG A 205 -21.66 -9.18 -7.53
CA ARG A 205 -22.95 -8.48 -7.48
C ARG A 205 -23.96 -9.52 -7.89
N VAL A 206 -25.20 -9.67 -7.42
CA VAL A 206 -26.06 -10.70 -8.01
C VAL A 206 -27.06 -10.00 -8.91
N GLU A 207 -26.86 -10.10 -10.21
CA GLU A 207 -27.71 -9.46 -11.19
C GLU A 207 -28.90 -10.35 -11.39
N HIS A 208 -30.12 -9.87 -11.17
CA HIS A 208 -31.28 -10.73 -11.27
C HIS A 208 -32.12 -10.55 -12.54
N THR A 209 -32.35 -11.73 -13.16
CA THR A 209 -32.95 -11.85 -14.46
C THR A 209 -34.21 -12.75 -14.49
N SER A 210 -34.54 -13.28 -15.69
CA SER A 210 -35.71 -14.09 -16.00
C SER A 210 -35.97 -15.29 -15.09
N GLN A 211 -35.11 -16.30 -15.20
CA GLN A 211 -35.25 -17.53 -14.43
C GLN A 211 -34.43 -17.51 -13.12
N GLY A 212 -34.29 -16.39 -12.40
CA GLY A 212 -33.49 -16.40 -11.18
C GLY A 212 -32.26 -15.50 -11.30
N ALA A 213 -31.01 -15.93 -11.14
CA ALA A 213 -29.98 -14.94 -11.09
C ALA A 213 -28.68 -15.21 -11.80
N LYS A 214 -27.69 -14.33 -11.65
CA LYS A 214 -26.38 -14.46 -12.29
C LYS A 214 -25.43 -13.64 -11.42
N TRP A 215 -24.49 -14.31 -10.79
CA TRP A 215 -23.46 -13.69 -9.96
C TRP A 215 -22.37 -13.01 -10.83
N VAL A 216 -22.30 -11.66 -10.86
CA VAL A 216 -21.36 -10.86 -11.67
C VAL A 216 -20.34 -9.94 -10.97
N ASP A 217 -19.39 -9.33 -11.70
CA ASP A 217 -18.30 -8.45 -11.23
C ASP A 217 -17.24 -9.08 -10.25
N THR A 218 -17.14 -10.42 -10.02
CA THR A 218 -16.17 -11.09 -9.10
C THR A 218 -14.62 -10.98 -9.21
N GLN A 219 -13.97 -11.08 -8.04
CA GLN A 219 -12.51 -11.12 -7.86
C GLN A 219 -12.21 -12.60 -8.08
N VAL A 220 -11.22 -13.07 -8.86
CA VAL A 220 -11.00 -14.48 -9.23
C VAL A 220 -9.71 -14.99 -8.61
N VAL A 221 -9.72 -15.94 -7.69
CA VAL A 221 -8.49 -16.49 -7.15
C VAL A 221 -8.30 -17.82 -7.83
N LEU A 222 -7.26 -18.14 -8.59
CA LEU A 222 -7.20 -19.44 -9.24
C LEU A 222 -6.79 -20.58 -8.35
N ALA A 223 -7.45 -21.70 -8.49
CA ALA A 223 -7.28 -22.86 -7.64
C ALA A 223 -6.51 -24.00 -8.30
N MET A 224 -5.18 -24.13 -8.26
CA MET A 224 -4.49 -25.26 -8.88
C MET A 224 -4.47 -26.51 -7.98
N PRO A 225 -4.78 -27.72 -8.47
CA PRO A 225 -4.72 -28.97 -7.74
C PRO A 225 -3.39 -29.68 -7.68
N TYR A 226 -3.04 -30.22 -6.51
CA TYR A 226 -1.90 -31.08 -6.45
C TYR A 226 -2.46 -32.43 -6.02
N ASP A 227 -1.92 -33.55 -6.58
CA ASP A 227 -2.42 -34.91 -6.36
C ASP A 227 -1.55 -35.92 -5.64
N THR A 228 -2.08 -36.47 -4.56
CA THR A 228 -1.34 -37.42 -3.73
C THR A 228 -2.15 -38.72 -3.73
N PRO A 229 -1.51 -39.85 -4.10
CA PRO A 229 -1.99 -41.21 -3.88
C PRO A 229 -2.09 -41.69 -2.44
N VAL A 230 -3.07 -42.46 -2.01
CA VAL A 230 -3.13 -43.06 -0.67
C VAL A 230 -3.29 -44.56 -0.88
N PRO A 231 -2.45 -45.60 -0.67
CA PRO A 231 -2.76 -47.02 -0.90
C PRO A 231 -3.55 -47.71 0.21
N GLY A 232 -4.15 -48.85 -0.07
CA GLY A 232 -4.78 -49.70 0.94
C GLY A 232 -3.77 -50.78 1.34
N TYR A 233 -4.05 -51.55 2.40
CA TYR A 233 -3.12 -52.57 2.90
C TYR A 233 -3.00 -53.82 2.01
N ARG A 234 -2.08 -53.70 1.08
CA ARG A 234 -1.68 -54.70 0.11
C ARG A 234 -2.77 -55.07 -0.84
N ASN A 235 -3.89 -54.35 -0.93
CA ASN A 235 -4.92 -54.71 -1.87
C ASN A 235 -4.88 -53.93 -3.17
N ASN A 236 -3.74 -53.79 -3.84
CA ASN A 236 -3.63 -53.08 -5.12
C ASN A 236 -4.40 -51.84 -5.58
N VAL A 237 -4.97 -51.14 -4.59
CA VAL A 237 -5.66 -49.87 -4.75
C VAL A 237 -4.85 -48.78 -4.06
N VAL A 238 -4.75 -47.65 -4.75
CA VAL A 238 -4.17 -46.45 -4.23
C VAL A 238 -5.22 -45.41 -4.62
N ASN A 239 -6.00 -44.81 -3.70
CA ASN A 239 -7.01 -43.78 -3.98
C ASN A 239 -6.32 -42.44 -4.15
N THR A 240 -6.99 -41.28 -4.11
CA THR A 240 -6.35 -39.97 -4.23
C THR A 240 -6.64 -39.05 -3.04
N MET A 241 -5.83 -38.00 -3.07
CA MET A 241 -5.88 -36.87 -2.15
C MET A 241 -5.65 -35.70 -3.10
N ARG A 242 -6.55 -34.73 -3.24
CA ARG A 242 -6.36 -33.59 -4.13
C ARG A 242 -6.48 -32.45 -3.18
N LEU A 243 -5.51 -31.60 -3.17
CA LEU A 243 -5.57 -30.50 -2.24
C LEU A 243 -5.59 -29.24 -3.07
N TRP A 244 -6.15 -28.13 -2.65
CA TRP A 244 -6.20 -26.97 -3.49
C TRP A 244 -5.25 -25.85 -3.21
N SER A 245 -4.29 -25.50 -4.07
CA SER A 245 -3.43 -24.36 -3.84
C SER A 245 -4.13 -23.11 -4.33
N ALA A 246 -3.88 -21.92 -3.85
CA ALA A 246 -4.52 -20.76 -4.42
C ALA A 246 -3.46 -20.02 -5.17
N LYS A 247 -3.76 -19.34 -6.27
CA LYS A 247 -2.77 -18.58 -7.01
C LYS A 247 -3.35 -17.24 -7.52
N ALA A 248 -2.60 -16.13 -7.63
CA ALA A 248 -3.16 -14.92 -8.22
C ALA A 248 -2.98 -14.91 -9.75
N PRO A 249 -4.05 -14.63 -10.51
CA PRO A 249 -4.15 -14.85 -11.96
C PRO A 249 -3.12 -14.00 -12.71
N ASN A 250 -1.98 -14.45 -13.24
CA ASN A 250 -1.09 -13.40 -13.72
C ASN A 250 -1.21 -12.99 -15.14
N ASP A 251 -1.73 -11.78 -15.01
CA ASP A 251 -1.84 -10.78 -16.04
C ASP A 251 -1.57 -9.36 -15.44
N PHE A 252 -1.19 -9.37 -14.13
CA PHE A 252 -0.98 -8.23 -13.22
C PHE A 252 0.04 -7.28 -13.79
N ASN A 253 -0.44 -6.04 -14.06
CA ASN A 253 0.29 -4.88 -14.65
C ASN A 253 -0.53 -4.13 -15.73
N LEU A 254 -1.45 -4.89 -16.34
CA LEU A 254 -2.16 -4.46 -17.54
C LEU A 254 -3.61 -4.99 -17.57
N LYS A 255 -3.65 -6.32 -17.47
CA LYS A 255 -4.89 -6.95 -17.73
C LYS A 255 -6.01 -6.83 -16.72
N ASP A 256 -6.80 -5.96 -17.36
CA ASP A 256 -8.17 -5.55 -17.07
C ASP A 256 -8.33 -4.17 -17.74
N PHE A 257 -7.32 -3.39 -17.30
CA PHE A 257 -7.13 -1.95 -17.38
C PHE A 257 -7.75 -1.50 -16.04
N ASN A 258 -7.22 -2.31 -15.11
CA ASN A 258 -7.34 -2.24 -13.68
C ASN A 258 -6.55 -0.97 -13.40
N VAL A 259 -5.33 -1.01 -13.93
CA VAL A 259 -4.39 0.08 -13.88
C VAL A 259 -3.87 0.31 -15.35
N GLY A 260 -2.87 1.19 -15.30
CA GLY A 260 -2.18 1.94 -16.34
C GLY A 260 -1.50 3.06 -15.51
N GLY A 261 -2.18 3.40 -14.38
CA GLY A 261 -1.69 4.32 -13.37
C GLY A 261 -1.27 3.66 -12.06
N TYR A 262 -2.16 3.54 -11.08
CA TYR A 262 -1.69 3.17 -9.74
C TYR A 262 -1.73 1.67 -9.39
N ILE A 263 -0.57 1.00 -9.56
CA ILE A 263 -0.45 -0.45 -9.35
C ILE A 263 -0.42 -1.01 -7.91
N GLN A 264 -1.36 -0.55 -7.11
CA GLN A 264 -1.55 -1.15 -5.80
C GLN A 264 -2.43 -2.40 -6.01
N ALA A 265 -2.60 -2.90 -7.26
CA ALA A 265 -3.31 -4.16 -7.56
C ALA A 265 -2.49 -5.35 -7.05
N VAL A 266 -1.21 -5.10 -6.78
CA VAL A 266 -0.27 -6.00 -6.13
C VAL A 266 -0.88 -6.70 -4.90
N LEU A 267 -1.83 -6.09 -4.21
CA LEU A 267 -2.40 -6.74 -3.06
C LEU A 267 -3.33 -7.89 -3.34
N ASP A 268 -3.99 -8.02 -4.50
CA ASP A 268 -4.80 -9.22 -4.82
C ASP A 268 -3.83 -10.39 -4.81
N ARG A 269 -2.72 -10.15 -5.52
CA ARG A 269 -1.54 -11.01 -5.56
C ARG A 269 -1.17 -11.58 -4.22
N ASN A 270 -1.52 -10.93 -3.12
CA ASN A 270 -1.36 -11.57 -1.83
C ASN A 270 -2.59 -11.99 -1.10
N LEU A 271 -3.82 -11.50 -1.32
CA LEU A 271 -4.96 -12.09 -0.61
C LEU A 271 -5.69 -13.18 -1.40
N ALA A 272 -4.98 -13.60 -2.44
CA ALA A 272 -5.26 -14.83 -3.13
C ALA A 272 -4.23 -15.65 -2.37
N GLU A 273 -3.04 -15.98 -2.86
CA GLU A 273 -2.03 -16.76 -2.14
C GLU A 273 -2.01 -16.87 -0.63
N ASN A 274 -2.10 -15.85 0.25
CA ASN A 274 -2.13 -16.10 1.69
C ASN A 274 -3.39 -16.84 2.26
N ILE A 275 -4.29 -17.19 1.33
CA ILE A 275 -5.41 -18.12 1.49
C ILE A 275 -4.82 -19.53 1.55
N SER A 276 -3.74 -19.80 0.80
CA SER A 276 -3.01 -21.08 0.70
C SER A 276 -1.74 -21.21 1.55
N ARG A 277 -1.40 -20.21 2.36
CA ARG A 277 -0.12 -20.24 3.04
C ARG A 277 -0.13 -20.82 4.44
N VAL A 278 -1.22 -20.72 5.24
CA VAL A 278 -1.12 -21.14 6.63
C VAL A 278 -2.47 -21.61 7.11
N LEU A 279 -2.49 -22.46 8.15
CA LEU A 279 -3.70 -22.94 8.82
C LEU A 279 -4.01 -21.92 9.92
N TYR A 280 -5.15 -22.10 10.57
CA TYR A 280 -5.63 -21.17 11.54
C TYR A 280 -6.31 -21.96 12.63
N PRO A 281 -5.57 -22.06 13.74
CA PRO A 281 -5.02 -23.31 14.27
C PRO A 281 -5.93 -24.55 14.58
N GLU A 287 -11.96 -17.93 13.66
CA GLU A 287 -12.73 -16.95 14.40
C GLU A 287 -12.91 -15.78 13.43
N GLY A 288 -13.46 -14.64 13.91
CA GLY A 288 -13.87 -13.50 13.09
C GLY A 288 -12.84 -12.98 12.11
N LYS A 289 -12.81 -13.52 10.89
CA LYS A 289 -11.79 -13.10 9.96
C LYS A 289 -12.26 -13.52 8.58
N GLU A 290 -12.37 -12.60 7.63
CA GLU A 290 -12.78 -12.89 6.28
C GLU A 290 -11.85 -13.93 5.63
N LEU A 291 -10.56 -13.97 5.93
CA LEU A 291 -9.67 -14.90 5.23
C LEU A 291 -10.01 -16.33 5.53
N ARG A 292 -10.56 -16.56 6.73
CA ARG A 292 -10.99 -17.88 7.14
C ARG A 292 -12.18 -18.35 6.26
N LEU A 293 -13.20 -17.51 6.07
CA LEU A 293 -14.32 -17.85 5.21
C LEU A 293 -13.95 -17.90 3.73
N LYS A 294 -12.81 -17.37 3.31
CA LYS A 294 -12.41 -17.43 1.90
C LYS A 294 -11.76 -18.77 1.72
N GLN A 295 -10.99 -19.13 2.74
CA GLN A 295 -10.33 -20.43 2.82
C GLN A 295 -11.41 -21.51 2.78
N GLU A 296 -12.42 -21.26 3.64
CA GLU A 296 -13.61 -22.09 3.71
C GLU A 296 -14.18 -22.35 2.32
N TYR A 297 -14.58 -21.25 1.68
CA TYR A 297 -15.15 -21.21 0.36
C TYR A 297 -14.32 -21.80 -0.76
N PHE A 298 -13.03 -21.52 -0.74
CA PHE A 298 -12.15 -21.96 -1.77
C PHE A 298 -12.08 -23.47 -1.81
N VAL A 299 -11.94 -24.12 -0.64
CA VAL A 299 -11.90 -25.58 -0.61
C VAL A 299 -13.24 -26.09 -1.20
N VAL A 300 -14.37 -25.47 -0.80
CA VAL A 300 -15.71 -25.79 -1.27
C VAL A 300 -15.98 -25.66 -2.77
N ALA A 301 -15.51 -24.53 -3.32
CA ALA A 301 -15.72 -24.10 -4.69
C ALA A 301 -14.96 -24.92 -5.70
N ALA A 302 -13.64 -24.95 -5.56
CA ALA A 302 -12.83 -25.66 -6.52
C ALA A 302 -13.32 -27.09 -6.54
N THR A 303 -13.59 -27.64 -5.35
CA THR A 303 -13.99 -29.01 -5.15
C THR A 303 -15.35 -29.45 -5.68
N LEU A 304 -16.46 -28.74 -5.50
CA LEU A 304 -17.73 -29.11 -6.10
C LEU A 304 -17.71 -28.95 -7.61
N GLN A 305 -16.73 -28.28 -8.21
CA GLN A 305 -16.63 -28.23 -9.66
C GLN A 305 -15.86 -29.46 -10.15
N ASP A 306 -15.33 -30.31 -9.25
CA ASP A 306 -14.69 -31.56 -9.64
C ASP A 306 -15.72 -32.70 -9.51
N ILE A 307 -16.68 -32.52 -8.60
CA ILE A 307 -17.72 -33.49 -8.30
C ILE A 307 -18.77 -33.54 -9.42
N ILE A 308 -18.93 -32.40 -10.08
CA ILE A 308 -19.76 -32.31 -11.25
C ILE A 308 -18.90 -32.76 -12.43
N ARG A 309 -17.72 -32.18 -12.64
CA ARG A 309 -16.78 -32.55 -13.73
C ARG A 309 -16.55 -34.01 -13.93
N ARG A 310 -16.75 -34.71 -12.81
CA ARG A 310 -16.62 -36.15 -12.76
C ARG A 310 -17.92 -36.75 -13.29
N PHE A 311 -18.97 -36.47 -12.53
CA PHE A 311 -20.30 -36.95 -12.77
C PHE A 311 -20.69 -36.84 -14.22
N LYS A 312 -20.18 -35.81 -14.90
CA LYS A 312 -20.37 -35.62 -16.32
C LYS A 312 -19.27 -36.38 -17.05
N SER A 313 -18.20 -35.76 -17.57
CA SER A 313 -17.25 -36.43 -18.42
C SER A 313 -16.60 -37.73 -17.94
N SER A 314 -16.46 -38.02 -16.62
CA SER A 314 -15.96 -39.32 -16.21
C SER A 314 -17.08 -40.32 -16.52
N LYS A 315 -16.90 -40.88 -17.74
CA LYS A 315 -17.72 -41.86 -18.47
C LYS A 315 -19.13 -41.41 -18.78
N PHE A 316 -19.80 -40.86 -17.79
CA PHE A 316 -21.14 -40.38 -17.84
C PHE A 316 -21.38 -39.15 -18.74
N GLY A 317 -20.38 -38.49 -19.37
CA GLY A 317 -20.57 -37.32 -20.25
C GLY A 317 -21.72 -37.50 -21.24
N CYS A 318 -21.75 -38.77 -21.63
CA CYS A 318 -22.80 -39.32 -22.43
C CYS A 318 -23.91 -39.57 -21.39
N ARG A 319 -24.27 -40.81 -20.98
CA ARG A 319 -25.43 -41.12 -20.12
C ARG A 319 -26.27 -39.95 -19.60
N ASP A 320 -26.79 -39.24 -20.57
CA ASP A 320 -27.67 -38.17 -20.23
C ASP A 320 -29.04 -38.78 -19.79
N PRO A 321 -29.77 -39.75 -20.38
CA PRO A 321 -31.24 -39.92 -20.26
C PRO A 321 -32.25 -38.91 -19.68
N VAL A 322 -31.85 -37.65 -19.43
CA VAL A 322 -32.60 -36.57 -18.82
C VAL A 322 -31.59 -35.48 -18.48
N ARG A 323 -31.08 -34.70 -19.43
CA ARG A 323 -30.05 -33.61 -19.26
C ARG A 323 -28.81 -33.88 -18.33
N THR A 324 -28.11 -35.04 -18.54
CA THR A 324 -27.07 -35.65 -17.69
C THR A 324 -27.38 -35.28 -16.23
N ASN A 325 -28.62 -35.66 -15.92
CA ASN A 325 -29.28 -35.22 -14.69
C ASN A 325 -28.70 -35.77 -13.45
N PHE A 326 -28.89 -34.90 -12.48
CA PHE A 326 -28.49 -35.08 -11.10
C PHE A 326 -29.58 -35.86 -10.33
N ASP A 327 -30.52 -36.52 -11.06
CA ASP A 327 -31.53 -37.47 -10.57
C ASP A 327 -30.85 -38.67 -9.88
N ALA A 328 -29.87 -39.24 -10.60
CA ALA A 328 -29.04 -40.36 -10.18
C ALA A 328 -27.75 -39.97 -9.45
N PHE A 329 -27.55 -38.64 -9.36
CA PHE A 329 -26.36 -38.09 -8.79
C PHE A 329 -26.29 -38.58 -7.32
N PRO A 330 -27.15 -38.35 -6.29
CA PRO A 330 -26.88 -38.84 -4.94
C PRO A 330 -26.64 -40.34 -4.84
N ASP A 331 -27.02 -41.13 -5.85
CA ASP A 331 -26.82 -42.58 -5.79
C ASP A 331 -25.44 -42.78 -6.32
N LYS A 332 -25.07 -42.14 -7.41
CA LYS A 332 -23.72 -42.23 -7.89
C LYS A 332 -22.67 -41.19 -7.47
N VAL A 333 -22.78 -40.50 -6.31
CA VAL A 333 -21.77 -39.61 -5.70
C VAL A 333 -22.35 -39.33 -4.31
N ALA A 334 -21.52 -39.10 -3.29
CA ALA A 334 -21.93 -38.64 -1.97
C ALA A 334 -20.68 -37.96 -1.44
N ILE A 335 -20.96 -36.94 -0.59
CA ILE A 335 -20.02 -35.94 -0.05
C ILE A 335 -20.34 -35.89 1.44
N GLN A 336 -19.32 -35.96 2.32
CA GLN A 336 -19.53 -35.99 3.77
C GLN A 336 -18.84 -34.77 4.35
N LEU A 337 -19.42 -34.04 5.30
CA LEU A 337 -18.89 -32.78 5.77
C LEU A 337 -18.14 -32.86 7.07
N ASN A 338 -16.82 -32.83 7.08
CA ASN A 338 -16.08 -32.90 8.34
C ASN A 338 -15.96 -31.55 9.12
N ASP A 339 -16.89 -31.52 10.09
CA ASP A 339 -17.14 -30.44 11.05
C ASP A 339 -17.81 -29.29 10.30
N THR A 340 -18.29 -28.17 10.84
CA THR A 340 -18.93 -27.19 10.00
C THR A 340 -18.08 -26.34 9.06
N HIS A 341 -16.89 -26.78 8.63
CA HIS A 341 -15.91 -26.01 7.86
C HIS A 341 -15.98 -26.24 6.36
N PRO A 342 -16.76 -27.11 5.73
CA PRO A 342 -17.11 -26.95 4.33
C PRO A 342 -18.63 -26.94 4.25
N SER A 343 -19.32 -26.28 5.24
CA SER A 343 -20.79 -26.23 5.33
C SER A 343 -21.41 -25.54 4.13
N LEU A 344 -20.58 -24.77 3.43
CA LEU A 344 -21.05 -24.06 2.28
C LEU A 344 -21.32 -24.92 1.11
N ALA A 345 -20.81 -26.16 0.96
CA ALA A 345 -21.07 -26.90 -0.26
C ALA A 345 -22.57 -27.17 -0.36
N ILE A 346 -23.37 -27.02 0.71
CA ILE A 346 -24.82 -27.08 0.61
C ILE A 346 -25.22 -25.80 -0.19
N PRO A 347 -25.35 -24.48 0.22
CA PRO A 347 -25.76 -23.39 -0.68
C PRO A 347 -24.86 -23.23 -1.91
N GLU A 348 -23.54 -23.58 -1.95
CA GLU A 348 -22.79 -23.58 -3.23
C GLU A 348 -23.38 -24.67 -4.14
N LEU A 349 -23.71 -25.94 -3.74
CA LEU A 349 -24.28 -26.92 -4.68
C LEU A 349 -25.63 -26.37 -5.15
N MET A 350 -26.47 -25.78 -4.29
CA MET A 350 -27.73 -25.19 -4.67
C MET A 350 -27.57 -24.07 -5.71
N ARG A 351 -26.54 -23.24 -5.56
CA ARG A 351 -26.23 -22.25 -6.59
C ARG A 351 -25.82 -23.07 -7.79
N VAL A 352 -24.81 -23.95 -7.74
CA VAL A 352 -24.28 -24.59 -8.94
C VAL A 352 -25.33 -25.40 -9.66
N LEU A 353 -26.31 -26.01 -9.00
CA LEU A 353 -27.36 -26.72 -9.73
C LEU A 353 -28.43 -25.79 -10.28
N VAL A 354 -28.92 -24.82 -9.48
CA VAL A 354 -30.02 -23.97 -9.93
C VAL A 354 -29.52 -22.86 -10.84
N ASP A 355 -28.51 -22.06 -10.56
CA ASP A 355 -28.07 -21.09 -11.55
C ASP A 355 -27.42 -21.85 -12.70
N LEU A 356 -26.24 -22.41 -12.53
CA LEU A 356 -25.53 -22.93 -13.68
C LEU A 356 -26.18 -24.00 -14.54
N GLU A 357 -26.65 -25.08 -13.95
CA GLU A 357 -27.30 -26.13 -14.70
C GLU A 357 -28.69 -25.58 -15.03
N ARG A 358 -29.69 -25.58 -14.12
CA ARG A 358 -31.03 -24.98 -14.25
C ARG A 358 -32.19 -25.74 -13.59
N LEU A 359 -32.05 -26.75 -12.74
CA LEU A 359 -33.28 -27.38 -12.28
C LEU A 359 -33.87 -26.55 -11.16
N ASP A 360 -35.11 -26.81 -10.90
CA ASP A 360 -35.83 -26.07 -9.92
C ASP A 360 -35.27 -26.13 -8.49
N TRP A 361 -35.82 -25.25 -7.64
CA TRP A 361 -35.32 -25.04 -6.29
C TRP A 361 -35.69 -26.16 -5.36
N ASP A 362 -36.53 -27.09 -5.83
CA ASP A 362 -36.90 -28.21 -5.00
C ASP A 362 -36.20 -29.39 -5.58
N LYS A 363 -36.14 -29.67 -6.89
CA LYS A 363 -35.41 -30.83 -7.40
C LYS A 363 -33.93 -30.73 -7.01
N ALA A 364 -33.22 -29.64 -7.25
CA ALA A 364 -31.84 -29.47 -6.77
C ALA A 364 -31.69 -29.46 -5.24
N TRP A 365 -32.75 -29.20 -4.45
CA TRP A 365 -32.70 -29.24 -3.01
C TRP A 365 -32.82 -30.68 -2.54
N GLU A 366 -33.78 -31.45 -3.04
CA GLU A 366 -34.02 -32.82 -2.61
C GLU A 366 -32.82 -33.61 -3.05
N VAL A 367 -32.20 -33.28 -4.17
CA VAL A 367 -30.87 -33.83 -4.43
C VAL A 367 -29.86 -33.38 -3.33
N THR A 368 -29.87 -32.12 -2.90
CA THR A 368 -28.99 -31.59 -1.87
C THR A 368 -29.32 -31.94 -0.43
N VAL A 369 -30.51 -32.37 -0.07
CA VAL A 369 -30.68 -32.81 1.31
C VAL A 369 -30.49 -34.33 1.33
N LYS A 370 -30.15 -34.85 0.14
CA LYS A 370 -29.89 -36.23 -0.06
C LYS A 370 -28.46 -36.53 -0.46
N THR A 371 -27.64 -35.55 -0.90
CA THR A 371 -26.24 -35.83 -1.22
C THR A 371 -25.26 -35.53 -0.05
N CYS A 372 -25.48 -34.42 0.59
CA CYS A 372 -24.59 -34.05 1.65
C CYS A 372 -25.04 -34.76 2.90
N ALA A 373 -24.04 -35.25 3.61
CA ALA A 373 -24.21 -35.83 4.91
C ALA A 373 -23.08 -35.22 5.72
N TYR A 374 -23.32 -34.94 7.01
CA TYR A 374 -22.39 -34.24 7.86
C TYR A 374 -21.89 -35.04 9.08
N THR A 375 -20.58 -34.91 9.44
CA THR A 375 -19.96 -35.45 10.68
C THR A 375 -19.83 -34.33 11.70
N ASN A 376 -20.13 -34.60 12.94
CA ASN A 376 -20.02 -33.58 13.95
C ASN A 376 -18.81 -33.92 14.81
N HIS A 377 -18.08 -32.96 15.35
CA HIS A 377 -16.97 -33.31 16.26
C HIS A 377 -16.97 -32.61 17.62
N THR A 378 -17.96 -31.72 17.94
CA THR A 378 -18.01 -31.00 19.19
C THR A 378 -19.39 -30.79 19.77
N VAL A 379 -19.37 -30.69 21.10
CA VAL A 379 -20.56 -30.47 21.88
C VAL A 379 -20.94 -28.99 21.98
N ILE A 380 -20.30 -28.18 22.83
CA ILE A 380 -20.81 -26.86 23.23
C ILE A 380 -21.10 -25.95 22.05
N PRO A 381 -22.22 -25.22 21.97
CA PRO A 381 -22.52 -24.33 20.85
C PRO A 381 -21.40 -23.41 20.46
N GLU A 382 -20.41 -23.12 21.30
CA GLU A 382 -19.29 -22.27 20.96
C GLU A 382 -18.56 -22.91 19.80
N ALA A 383 -18.34 -24.22 19.88
CA ALA A 383 -17.66 -24.91 18.78
C ALA A 383 -18.49 -25.03 17.49
N LEU A 384 -19.75 -24.57 17.55
CA LEU A 384 -20.60 -24.46 16.39
C LEU A 384 -20.34 -23.06 15.79
N GLU A 385 -19.87 -23.11 14.54
CA GLU A 385 -19.45 -21.97 13.75
C GLU A 385 -20.47 -21.06 13.13
N ARG A 386 -20.24 -19.80 13.38
CA ARG A 386 -21.18 -18.78 12.99
C ARG A 386 -20.51 -17.62 12.28
N TRP A 387 -20.89 -17.24 11.07
CA TRP A 387 -20.28 -16.15 10.32
C TRP A 387 -21.29 -15.00 10.20
N PRO A 388 -20.94 -13.68 10.14
CA PRO A 388 -21.91 -12.59 10.21
C PRO A 388 -22.53 -12.37 8.85
N VAL A 389 -23.85 -12.20 8.69
CA VAL A 389 -24.44 -12.00 7.39
C VAL A 389 -23.75 -10.90 6.65
N HIS A 390 -23.43 -9.70 7.21
CA HIS A 390 -22.73 -8.67 6.42
C HIS A 390 -21.42 -9.08 5.81
N LEU A 391 -20.77 -10.00 6.49
CA LEU A 391 -19.51 -10.50 6.03
C LEU A 391 -19.90 -11.38 4.86
N LEU A 392 -20.90 -12.22 5.05
CA LEU A 392 -21.34 -12.97 3.93
C LEU A 392 -21.90 -12.03 2.84
N GLU A 393 -22.62 -10.88 3.03
CA GLU A 393 -23.20 -10.07 1.93
C GLU A 393 -22.07 -9.62 1.06
N THR A 394 -20.96 -9.12 1.67
CA THR A 394 -19.80 -8.64 0.91
C THR A 394 -19.28 -9.67 -0.08
N LEU A 395 -18.70 -10.78 0.39
CA LEU A 395 -18.07 -11.64 -0.55
C LEU A 395 -18.88 -12.83 -0.96
N LEU A 396 -19.99 -13.14 -0.35
CA LEU A 396 -20.73 -14.24 -0.87
C LEU A 396 -22.18 -13.82 -1.21
N PRO A 397 -22.49 -12.87 -2.10
CA PRO A 397 -23.82 -12.28 -2.22
C PRO A 397 -24.89 -13.30 -2.64
N ARG A 398 -24.60 -14.12 -3.66
CA ARG A 398 -25.54 -15.14 -4.12
C ARG A 398 -25.75 -16.17 -2.99
N HIS A 399 -24.71 -16.53 -2.21
CA HIS A 399 -24.87 -17.48 -1.13
C HIS A 399 -25.67 -16.97 0.04
N LEU A 400 -25.48 -15.71 0.48
CA LEU A 400 -26.24 -15.23 1.63
C LEU A 400 -27.68 -15.20 1.18
N GLN A 401 -27.91 -14.99 -0.11
CA GLN A 401 -29.26 -15.07 -0.59
C GLN A 401 -29.77 -16.51 -0.48
N ILE A 402 -29.03 -17.51 -0.99
CA ILE A 402 -29.54 -18.87 -0.96
C ILE A 402 -29.66 -19.47 0.47
N ILE A 403 -28.89 -18.97 1.48
CA ILE A 403 -28.96 -19.41 2.87
C ILE A 403 -30.29 -18.95 3.45
N TYR A 404 -30.75 -17.82 3.02
CA TYR A 404 -32.03 -17.32 3.43
C TYR A 404 -33.20 -18.05 2.74
N GLU A 405 -33.02 -18.50 1.51
CA GLU A 405 -34.05 -19.23 0.79
C GLU A 405 -34.21 -20.61 1.42
N ILE A 406 -33.09 -21.27 1.70
CA ILE A 406 -33.04 -22.46 2.54
C ILE A 406 -33.78 -22.13 3.83
N ASN A 407 -33.35 -21.12 4.62
CA ASN A 407 -33.95 -20.76 5.89
C ASN A 407 -35.44 -20.56 5.91
N GLN A 408 -36.09 -20.07 4.85
CA GLN A 408 -37.54 -19.81 4.92
C GLN A 408 -38.34 -21.09 4.75
N ARG A 409 -37.98 -21.81 3.68
CA ARG A 409 -38.64 -23.05 3.37
C ARG A 409 -38.46 -24.03 4.54
N PHE A 410 -37.27 -24.16 5.10
CA PHE A 410 -37.13 -25.01 6.26
C PHE A 410 -37.86 -24.38 7.46
N LEU A 411 -37.75 -23.09 7.88
CA LEU A 411 -38.60 -22.59 8.96
C LEU A 411 -40.08 -22.80 8.62
N ASN A 412 -40.44 -23.05 7.34
CA ASN A 412 -41.81 -23.35 6.95
C ASN A 412 -42.21 -24.72 7.46
N ARG A 413 -41.26 -25.64 7.38
CA ARG A 413 -41.43 -27.00 7.84
C ARG A 413 -41.76 -27.03 9.33
N VAL A 414 -40.96 -26.24 10.02
CA VAL A 414 -40.92 -26.13 11.47
C VAL A 414 -42.20 -25.54 12.06
N ALA A 415 -43.06 -25.03 11.21
CA ALA A 415 -44.36 -24.54 11.63
C ALA A 415 -45.45 -25.44 11.00
N ALA A 416 -45.13 -26.09 9.85
CA ALA A 416 -46.00 -27.02 9.15
C ALA A 416 -46.44 -28.21 10.02
N ALA A 417 -45.69 -28.50 11.11
CA ALA A 417 -46.01 -29.56 12.06
C ALA A 417 -45.97 -29.09 13.50
N PHE A 418 -45.41 -27.92 13.84
CA PHE A 418 -45.43 -27.48 15.23
C PHE A 418 -46.32 -26.23 15.42
N PRO A 419 -47.44 -25.97 14.74
CA PRO A 419 -47.91 -24.64 14.44
C PRO A 419 -48.21 -23.81 15.67
N GLY A 420 -48.03 -22.52 15.38
CA GLY A 420 -48.18 -21.47 16.35
C GLY A 420 -46.83 -21.27 17.04
N ASP A 421 -45.80 -22.09 16.75
CA ASP A 421 -44.59 -21.99 17.52
C ASP A 421 -43.67 -20.82 17.23
N VAL A 422 -43.96 -19.67 17.83
CA VAL A 422 -43.08 -18.51 17.79
C VAL A 422 -41.75 -18.90 18.43
N ASP A 423 -41.75 -19.71 19.50
CA ASP A 423 -40.55 -20.09 20.26
C ASP A 423 -39.58 -21.04 19.59
N ARG A 424 -40.04 -22.15 19.01
CA ARG A 424 -39.13 -23.04 18.32
C ARG A 424 -38.73 -22.42 16.99
N LEU A 425 -39.61 -21.60 16.43
CA LEU A 425 -39.29 -20.99 15.15
C LEU A 425 -38.23 -19.96 15.44
N ARG A 426 -38.29 -19.14 16.51
CA ARG A 426 -37.18 -18.24 16.80
C ARG A 426 -35.85 -18.99 17.09
N ARG A 427 -35.83 -20.35 17.07
CA ARG A 427 -34.64 -21.14 17.37
C ARG A 427 -34.16 -22.08 16.30
N MET A 428 -34.93 -22.78 15.49
CA MET A 428 -34.34 -23.65 14.46
C MET A 428 -33.90 -22.94 13.19
N SER A 429 -34.31 -21.67 13.18
CA SER A 429 -33.89 -20.65 12.21
C SER A 429 -32.39 -20.64 12.15
N LEU A 430 -31.87 -20.74 10.93
CA LEU A 430 -30.45 -20.67 10.85
C LEU A 430 -29.99 -19.21 10.79
N VAL A 431 -30.71 -18.23 11.33
CA VAL A 431 -30.37 -16.83 11.25
C VAL A 431 -30.27 -16.32 12.67
N GLU A 432 -29.10 -15.94 13.17
CA GLU A 432 -29.01 -15.42 14.54
C GLU A 432 -29.14 -13.88 14.53
N GLU A 433 -29.42 -13.23 15.67
CA GLU A 433 -29.78 -11.81 15.72
C GLU A 433 -29.25 -10.99 16.90
N GLY A 434 -29.43 -9.69 17.03
CA GLY A 434 -28.95 -8.91 18.17
C GLY A 434 -27.97 -7.83 17.73
N ALA A 435 -26.92 -7.48 18.51
CA ALA A 435 -25.89 -6.57 18.01
C ALA A 435 -24.90 -7.53 17.34
N VAL A 436 -25.07 -7.43 16.02
CA VAL A 436 -24.48 -8.26 14.98
C VAL A 436 -25.29 -9.57 14.92
N LYS A 437 -25.90 -9.48 13.75
CA LYS A 437 -26.76 -10.47 13.14
C LYS A 437 -25.77 -11.53 12.61
N ARG A 438 -26.07 -12.82 12.53
CA ARG A 438 -25.11 -13.80 12.05
C ARG A 438 -25.80 -15.06 11.53
N ILE A 439 -25.04 -16.08 11.07
CA ILE A 439 -25.53 -17.31 10.46
C ILE A 439 -24.97 -18.55 11.12
N ASN A 440 -25.90 -19.44 11.49
CA ASN A 440 -25.69 -20.69 12.24
C ASN A 440 -25.32 -21.85 11.35
N MET A 441 -24.05 -22.10 11.07
CA MET A 441 -23.71 -23.12 10.08
C MET A 441 -23.91 -24.56 10.53
N ALA A 442 -24.08 -24.86 11.82
CA ALA A 442 -24.42 -26.24 12.10
C ALA A 442 -25.92 -26.39 11.78
N HIS A 443 -26.79 -25.37 12.04
CA HIS A 443 -28.21 -25.45 11.69
C HIS A 443 -28.39 -25.66 10.21
N LEU A 444 -27.63 -24.85 9.47
CA LEU A 444 -27.54 -24.91 8.03
C LEU A 444 -27.06 -26.30 7.61
N CYS A 445 -26.05 -26.85 8.25
CA CYS A 445 -25.53 -28.18 7.90
C CYS A 445 -26.52 -29.35 8.00
N ILE A 446 -27.23 -29.44 9.14
CA ILE A 446 -28.27 -30.41 9.47
C ILE A 446 -29.30 -30.39 8.33
N ALA A 447 -29.73 -29.15 8.05
CA ALA A 447 -30.67 -28.81 7.02
C ALA A 447 -30.26 -29.37 5.69
N GLY A 448 -29.09 -29.12 5.10
CA GLY A 448 -28.78 -29.68 3.80
C GLY A 448 -28.04 -31.02 3.93
N SER A 449 -28.54 -31.85 4.87
CA SER A 449 -28.01 -33.16 5.21
C SER A 449 -29.10 -34.11 5.61
N HIS A 450 -29.03 -35.35 5.09
CA HIS A 450 -29.87 -36.37 5.73
C HIS A 450 -29.43 -36.82 7.17
N ALA A 451 -28.09 -36.99 7.34
CA ALA A 451 -27.47 -37.52 8.55
C ALA A 451 -26.52 -36.54 9.17
N VAL A 452 -26.75 -36.35 10.45
CA VAL A 452 -25.91 -35.51 11.25
C VAL A 452 -25.31 -36.60 12.14
N ASN A 453 -23.99 -36.81 12.15
CA ASN A 453 -23.52 -37.88 12.99
C ASN A 453 -22.41 -37.52 13.93
N GLY A 454 -22.79 -37.50 15.19
CA GLY A 454 -21.85 -37.34 16.30
C GLY A 454 -20.96 -38.58 16.37
N VAL A 455 -19.68 -38.34 16.65
CA VAL A 455 -18.60 -39.34 16.65
C VAL A 455 -18.28 -40.35 17.84
N ALA A 456 -19.04 -40.52 18.93
CA ALA A 456 -18.77 -41.45 20.04
C ALA A 456 -20.06 -41.37 20.84
N ARG A 457 -20.64 -42.51 21.17
CA ARG A 457 -21.91 -42.65 21.87
C ARG A 457 -22.36 -41.72 23.00
N ILE A 458 -21.65 -41.21 24.04
CA ILE A 458 -22.38 -40.31 24.98
C ILE A 458 -22.57 -38.98 24.28
N HIS A 459 -21.55 -38.54 23.52
CA HIS A 459 -21.61 -37.29 22.77
C HIS A 459 -22.81 -37.40 21.87
N SER A 460 -22.80 -38.40 21.02
CA SER A 460 -23.76 -38.47 19.94
C SER A 460 -25.21 -38.43 20.36
N GLU A 461 -25.42 -38.92 21.58
CA GLU A 461 -26.73 -38.96 22.12
C GLU A 461 -27.06 -37.71 22.89
N ILE A 462 -26.13 -37.03 23.60
CA ILE A 462 -26.43 -35.76 24.28
C ILE A 462 -26.63 -34.66 23.25
N LEU A 463 -26.17 -34.92 22.03
CA LEU A 463 -26.53 -34.12 20.87
C LEU A 463 -28.01 -34.18 20.59
N LYS A 464 -28.72 -35.23 20.97
CA LYS A 464 -30.16 -35.23 20.90
C LYS A 464 -30.49 -34.39 22.14
N LYS A 465 -30.99 -34.98 23.25
CA LYS A 465 -31.01 -34.39 24.61
C LYS A 465 -30.80 -32.89 24.87
N THR A 466 -29.72 -32.27 24.36
CA THR A 466 -29.52 -30.84 24.59
C THR A 466 -29.38 -29.89 23.37
N ILE A 467 -28.21 -29.95 22.67
CA ILE A 467 -27.82 -28.93 21.67
C ILE A 467 -28.60 -28.98 20.38
N PHE A 468 -28.72 -30.16 19.79
CA PHE A 468 -29.47 -30.31 18.54
C PHE A 468 -30.86 -30.93 18.76
N LYS A 469 -31.44 -30.65 19.91
CA LYS A 469 -32.70 -31.27 20.18
C LYS A 469 -33.88 -30.86 19.35
N ASP A 470 -34.20 -29.59 19.03
CA ASP A 470 -35.45 -29.29 18.30
C ASP A 470 -35.42 -29.89 16.88
N PHE A 471 -34.24 -30.24 16.40
CA PHE A 471 -34.02 -30.84 15.09
C PHE A 471 -34.24 -32.30 15.34
N TYR A 472 -33.93 -32.77 16.58
CA TYR A 472 -34.26 -34.14 16.97
C TYR A 472 -35.78 -34.28 16.90
N GLU A 473 -36.56 -33.55 17.72
CA GLU A 473 -38.03 -33.60 17.77
C GLU A 473 -38.78 -33.48 16.44
N LEU A 474 -38.18 -33.20 15.28
CA LEU A 474 -38.90 -33.22 14.01
C LEU A 474 -38.15 -33.90 12.91
N GLU A 475 -36.92 -34.28 13.19
CA GLU A 475 -36.15 -35.08 12.27
C GLU A 475 -35.22 -35.99 13.11
N PRO A 476 -35.74 -36.78 14.11
CA PRO A 476 -34.99 -37.63 15.08
C PRO A 476 -33.93 -38.50 14.45
N HIS A 477 -34.41 -39.18 13.41
CA HIS A 477 -33.69 -40.02 12.48
C HIS A 477 -32.49 -39.43 11.71
N LYS A 478 -32.12 -38.16 11.84
CA LYS A 478 -30.90 -37.69 11.20
C LYS A 478 -29.72 -38.18 12.04
N PHE A 479 -30.00 -38.12 13.32
CA PHE A 479 -29.06 -38.29 14.40
C PHE A 479 -28.34 -39.60 14.75
N GLN A 480 -27.49 -40.03 13.81
CA GLN A 480 -26.63 -41.19 13.98
C GLN A 480 -25.52 -40.95 14.99
N ASN A 481 -24.76 -42.03 15.19
CA ASN A 481 -23.52 -42.07 15.96
C ASN A 481 -22.59 -43.04 15.26
N LYS A 482 -21.29 -42.82 15.40
CA LYS A 482 -20.26 -43.68 14.88
C LYS A 482 -19.09 -43.42 15.80
N THR A 483 -18.57 -44.33 16.64
CA THR A 483 -17.33 -43.97 17.33
C THR A 483 -16.11 -44.01 16.38
N ASN A 484 -15.34 -42.96 16.55
CA ASN A 484 -14.04 -42.76 15.99
C ASN A 484 -13.16 -43.96 15.93
N GLY A 485 -12.20 -44.04 15.00
CA GLY A 485 -11.31 -45.17 14.94
C GLY A 485 -9.90 -44.75 14.53
N ILE A 486 -8.93 -45.62 14.64
CA ILE A 486 -7.54 -45.37 14.31
C ILE A 486 -7.25 -46.41 13.23
N THR A 487 -6.40 -46.25 12.24
CA THR A 487 -6.18 -47.40 11.42
C THR A 487 -5.14 -48.27 12.08
N PRO A 488 -5.30 -49.61 12.22
CA PRO A 488 -4.26 -50.50 12.67
C PRO A 488 -3.00 -50.53 11.84
N ARG A 489 -2.84 -49.68 10.81
CA ARG A 489 -1.53 -49.64 10.19
C ARG A 489 -0.59 -48.64 10.89
N ARG A 490 -0.71 -47.32 10.69
CA ARG A 490 0.24 -46.39 11.29
C ARG A 490 0.52 -46.55 12.81
N TRP A 491 -0.55 -46.94 13.51
CA TRP A 491 -0.57 -47.06 14.94
C TRP A 491 -0.59 -48.52 15.43
N LEU A 492 0.26 -49.36 14.84
CA LEU A 492 0.52 -50.71 15.28
C LEU A 492 1.51 -51.28 14.30
N VAL A 493 1.30 -51.74 13.05
CA VAL A 493 2.38 -52.46 12.36
C VAL A 493 3.61 -51.61 12.12
N LEU A 494 3.54 -50.33 11.71
CA LEU A 494 4.81 -49.59 11.54
C LEU A 494 5.22 -48.81 12.75
N CYS A 495 4.36 -48.08 13.51
CA CYS A 495 4.84 -47.49 14.71
C CYS A 495 5.22 -48.55 15.73
N ASN A 496 4.59 -49.73 15.87
CA ASN A 496 5.10 -50.74 16.83
C ASN A 496 5.18 -52.19 16.30
N PRO A 497 6.11 -52.48 15.35
CA PRO A 497 6.47 -53.83 14.88
C PRO A 497 6.75 -54.91 15.92
N GLY A 498 7.64 -54.81 16.94
CA GLY A 498 7.91 -55.86 17.93
C GLY A 498 6.65 -56.53 18.46
N LEU A 499 5.62 -55.74 18.73
CA LEU A 499 4.33 -56.19 19.25
C LEU A 499 3.39 -56.69 18.19
N ALA A 500 3.47 -56.16 16.98
CA ALA A 500 2.68 -56.65 15.87
C ALA A 500 3.21 -58.03 15.50
N GLU A 501 4.47 -58.33 15.78
CA GLU A 501 5.13 -59.61 15.55
C GLU A 501 4.73 -60.63 16.62
N ILE A 502 5.07 -60.44 17.90
CA ILE A 502 4.69 -61.39 18.94
C ILE A 502 3.19 -61.69 18.96
N ILE A 503 2.29 -60.72 18.75
CA ILE A 503 0.85 -60.97 18.71
C ILE A 503 0.58 -61.91 17.56
N ALA A 504 1.12 -61.60 16.39
CA ALA A 504 0.73 -62.33 15.22
C ALA A 504 1.23 -63.75 15.24
N GLU A 505 2.41 -64.04 15.76
CA GLU A 505 2.85 -65.42 15.88
C GLU A 505 1.85 -66.26 16.73
N ARG A 506 1.11 -65.59 17.63
CA ARG A 506 0.15 -66.27 18.44
C ARG A 506 -1.04 -66.32 17.53
N ILE A 507 -1.78 -65.27 17.24
CA ILE A 507 -3.08 -65.39 16.57
C ILE A 507 -3.31 -65.14 15.09
N GLY A 508 -2.23 -64.93 14.34
CA GLY A 508 -2.23 -64.68 12.91
C GLY A 508 -2.67 -63.32 12.40
N GLU A 509 -1.95 -62.64 11.49
CA GLU A 509 -2.54 -61.40 10.99
C GLU A 509 -3.63 -61.59 9.96
N GLU A 510 -4.43 -60.61 10.26
CA GLU A 510 -5.66 -60.22 9.66
C GLU A 510 -6.20 -59.47 10.85
N TYR A 511 -5.71 -59.66 12.09
CA TYR A 511 -6.00 -58.69 13.13
C TYR A 511 -5.66 -57.26 12.58
N ILE A 512 -4.66 -57.15 11.68
CA ILE A 512 -4.35 -55.94 10.94
C ILE A 512 -5.40 -55.52 9.92
N SER A 513 -6.14 -56.43 9.29
CA SER A 513 -7.19 -56.08 8.33
C SER A 513 -8.59 -56.00 8.95
N ASP A 514 -8.75 -56.48 10.19
CA ASP A 514 -9.94 -56.31 11.00
C ASP A 514 -9.60 -56.68 12.47
N LEU A 515 -9.37 -55.54 13.17
CA LEU A 515 -8.90 -55.52 14.54
C LEU A 515 -9.73 -56.17 15.62
N ASP A 516 -10.92 -56.72 15.37
CA ASP A 516 -11.57 -57.44 16.44
C ASP A 516 -11.04 -58.86 16.57
N GLN A 517 -10.17 -59.22 15.64
CA GLN A 517 -9.49 -60.50 15.70
C GLN A 517 -8.52 -60.67 16.85
N LEU A 518 -8.19 -59.56 17.52
CA LEU A 518 -7.32 -59.41 18.70
C LEU A 518 -7.90 -59.90 20.03
N ARG A 519 -9.24 -60.09 20.11
CA ARG A 519 -9.94 -60.69 21.27
C ARG A 519 -9.50 -62.18 21.51
N LYS A 520 -8.83 -62.76 20.52
CA LYS A 520 -8.16 -64.06 20.63
C LYS A 520 -7.06 -64.17 21.70
N LEU A 521 -6.17 -63.18 21.79
CA LEU A 521 -5.09 -63.03 22.78
C LEU A 521 -5.60 -63.17 24.22
N LEU A 522 -6.84 -62.75 24.49
CA LEU A 522 -7.48 -62.86 25.78
C LEU A 522 -7.37 -64.28 26.36
N SER A 523 -7.18 -65.30 25.50
CA SER A 523 -6.89 -66.62 25.99
C SER A 523 -5.38 -66.81 26.17
N TYR A 524 -4.66 -65.77 26.61
CA TYR A 524 -3.25 -65.87 26.91
C TYR A 524 -2.99 -64.92 28.05
N VAL A 525 -4.00 -64.34 28.70
CA VAL A 525 -3.75 -63.47 29.84
C VAL A 525 -2.87 -64.20 30.88
N ASP A 526 -2.94 -65.53 30.98
CA ASP A 526 -2.02 -66.25 31.84
C ASP A 526 -0.88 -67.04 31.19
N ASP A 527 -0.56 -67.02 29.89
CA ASP A 527 0.50 -67.89 29.33
C ASP A 527 1.89 -67.37 29.72
N GLU A 528 2.66 -67.90 30.70
CA GLU A 528 3.94 -67.25 31.04
C GLU A 528 5.06 -67.66 30.13
N ALA A 529 4.91 -66.81 29.12
CA ALA A 529 5.60 -66.80 27.88
C ALA A 529 5.02 -65.52 27.31
N PHE A 530 3.80 -65.44 26.73
CA PHE A 530 3.27 -64.20 26.19
C PHE A 530 3.43 -63.08 27.18
N ILE A 531 3.18 -63.35 28.47
CA ILE A 531 3.35 -62.38 29.54
C ILE A 531 4.78 -61.82 29.61
N ARG A 532 5.86 -62.58 29.35
CA ARG A 532 7.21 -62.00 29.25
C ARG A 532 7.45 -61.43 27.85
N ASP A 533 6.69 -61.85 26.81
CA ASP A 533 6.77 -61.32 25.44
C ASP A 533 6.14 -59.94 25.27
N VAL A 534 4.98 -59.66 25.85
CA VAL A 534 4.40 -58.33 25.86
C VAL A 534 5.39 -57.46 26.66
N ALA A 535 5.84 -57.84 27.86
CA ALA A 535 6.76 -57.00 28.61
C ALA A 535 8.11 -56.83 27.97
N LYS A 536 8.65 -57.81 27.25
CA LYS A 536 9.95 -57.60 26.66
C LYS A 536 9.93 -56.52 25.57
N VAL A 537 8.84 -56.48 24.82
CA VAL A 537 8.62 -55.45 23.82
C VAL A 537 8.54 -54.10 24.54
N LYS A 538 7.72 -53.88 25.57
CA LYS A 538 7.66 -52.54 26.16
C LYS A 538 8.97 -52.14 26.82
N GLN A 539 9.76 -53.08 27.31
CA GLN A 539 11.10 -52.78 27.82
C GLN A 539 11.92 -52.25 26.67
N GLU A 540 11.88 -52.99 25.54
CA GLU A 540 12.68 -52.67 24.38
C GLU A 540 12.27 -51.33 23.82
N ASN A 541 10.96 -51.05 23.68
CA ASN A 541 10.51 -49.76 23.15
C ASN A 541 11.02 -48.55 23.97
N LYS A 542 10.72 -48.58 25.29
CA LYS A 542 11.17 -47.60 26.27
C LYS A 542 12.66 -47.38 26.14
N LEU A 543 13.45 -48.42 25.89
CA LEU A 543 14.89 -48.29 25.81
C LEU A 543 15.29 -47.61 24.52
N LYS A 544 14.57 -47.81 23.41
CA LYS A 544 14.90 -47.07 22.19
C LYS A 544 14.38 -45.63 22.36
N PHE A 545 13.30 -45.33 23.12
CA PHE A 545 12.83 -43.94 23.20
C PHE A 545 13.66 -43.14 24.18
N ALA A 546 14.14 -43.71 25.28
CA ALA A 546 15.04 -43.05 26.23
C ALA A 546 16.31 -42.69 25.48
N ALA A 547 16.66 -43.63 24.61
CA ALA A 547 17.78 -43.47 23.72
C ALA A 547 17.59 -42.34 22.68
N TYR A 548 16.35 -42.05 22.28
CA TYR A 548 16.02 -40.90 21.43
C TYR A 548 16.14 -39.62 22.25
N LEU A 549 15.81 -39.70 23.54
CA LEU A 549 15.83 -38.53 24.35
C LEU A 549 17.16 -38.01 24.79
N GLU A 550 18.33 -38.63 25.01
CA GLU A 550 19.48 -37.74 25.22
C GLU A 550 20.14 -37.52 23.84
N ARG A 551 19.66 -38.24 22.80
CA ARG A 551 20.25 -38.24 21.46
C ARG A 551 19.80 -37.21 20.42
N GLU A 552 18.54 -36.80 20.41
CA GLU A 552 18.03 -35.76 19.54
C GLU A 552 17.14 -35.11 20.55
N TYR A 553 17.85 -34.10 21.05
CA TYR A 553 17.60 -33.23 22.20
C TYR A 553 18.24 -34.08 23.35
N LYS A 554 18.39 -33.66 24.64
CA LYS A 554 19.13 -34.48 25.65
C LYS A 554 18.47 -34.62 27.04
N VAL A 555 18.83 -35.54 28.03
CA VAL A 555 18.13 -35.75 29.35
C VAL A 555 18.75 -36.52 30.57
N HIS A 556 18.91 -37.85 30.43
CA HIS A 556 19.16 -38.91 31.43
C HIS A 556 17.87 -39.43 32.12
N ILE A 557 17.27 -40.34 31.35
CA ILE A 557 16.05 -41.01 31.68
C ILE A 557 16.42 -42.42 32.04
N ASN A 558 15.87 -42.80 33.21
CA ASN A 558 15.95 -44.13 33.79
C ASN A 558 14.87 -44.94 33.04
N PRO A 559 15.16 -46.10 32.43
CA PRO A 559 14.25 -46.89 31.64
C PRO A 559 13.47 -47.94 32.37
N ASN A 560 13.66 -48.03 33.67
CA ASN A 560 12.78 -48.90 34.43
C ASN A 560 11.73 -48.06 35.20
N SER A 561 11.66 -46.78 34.92
CA SER A 561 10.61 -45.92 35.42
C SER A 561 9.28 -46.21 34.73
N LEU A 562 8.20 -45.82 35.35
CA LEU A 562 6.84 -45.93 34.85
C LEU A 562 6.76 -44.72 33.93
N PHE A 563 6.70 -44.86 32.59
CA PHE A 563 6.69 -43.66 31.72
C PHE A 563 5.28 -43.15 31.64
N ASP A 564 5.16 -41.99 32.26
CA ASP A 564 3.90 -41.32 32.50
C ASP A 564 3.67 -40.34 31.37
N VAL A 565 2.80 -40.53 30.38
CA VAL A 565 2.72 -39.50 29.35
C VAL A 565 1.29 -39.04 29.06
N GLN A 566 1.26 -37.76 28.73
CA GLN A 566 0.04 -37.03 28.39
C GLN A 566 0.52 -36.19 27.23
N VAL A 567 0.20 -36.57 25.99
CA VAL A 567 0.53 -35.73 24.87
C VAL A 567 -0.78 -35.25 24.27
N LYS A 568 -1.25 -34.11 24.82
CA LYS A 568 -2.52 -33.52 24.46
C LYS A 568 -2.31 -32.07 24.15
N ARG A 569 -3.25 -31.45 23.41
CA ARG A 569 -3.25 -29.99 23.16
C ARG A 569 -3.24 -29.19 24.48
N ILE A 570 -2.46 -28.11 24.55
CA ILE A 570 -2.21 -27.42 25.80
C ILE A 570 -3.34 -26.49 26.23
N HIS A 571 -4.60 -26.87 26.05
CA HIS A 571 -5.71 -26.07 26.55
C HIS A 571 -5.96 -26.23 28.05
N GLU A 572 -6.72 -25.30 28.63
CA GLU A 572 -7.26 -25.39 29.98
C GLU A 572 -8.13 -26.54 30.33
N TYR A 573 -9.11 -26.98 29.54
CA TYR A 573 -9.96 -28.07 29.98
C TYR A 573 -9.38 -29.46 29.74
N LYS A 574 -8.21 -29.55 29.03
CA LYS A 574 -7.45 -30.75 28.68
C LYS A 574 -6.63 -31.26 29.89
N ARG A 575 -6.41 -30.32 30.83
CA ARG A 575 -5.81 -30.37 32.19
C ARG A 575 -4.43 -30.74 32.71
N GLN A 576 -3.41 -30.19 32.06
CA GLN A 576 -2.04 -30.48 32.44
C GLN A 576 -1.73 -29.81 33.78
N LEU A 577 -2.65 -29.13 34.46
CA LEU A 577 -2.37 -28.55 35.76
C LEU A 577 -2.91 -29.53 36.74
N LEU A 578 -4.03 -30.24 36.52
CA LEU A 578 -4.36 -31.35 37.41
C LEU A 578 -3.17 -32.31 37.39
N ASN A 579 -2.52 -32.49 36.25
CA ASN A 579 -1.36 -33.33 36.15
C ASN A 579 -0.18 -32.67 36.84
N CYS A 580 0.00 -31.38 36.71
CA CYS A 580 1.16 -30.74 37.31
C CYS A 580 1.05 -30.69 38.84
N LEU A 581 -0.20 -30.80 39.32
CA LEU A 581 -0.45 -30.84 40.76
C LEU A 581 0.16 -32.15 41.30
N HIS A 582 -0.16 -33.26 40.69
CA HIS A 582 0.38 -34.52 41.08
C HIS A 582 1.85 -34.57 40.80
N VAL A 583 2.51 -33.81 39.92
CA VAL A 583 3.95 -33.98 39.73
C VAL A 583 4.73 -33.29 40.83
N ILE A 584 4.27 -32.12 41.29
CA ILE A 584 4.94 -31.47 42.42
C ILE A 584 4.49 -32.15 43.71
N THR A 585 3.30 -32.77 43.80
CA THR A 585 2.98 -33.65 44.92
C THR A 585 4.08 -34.71 45.06
N LEU A 586 4.26 -35.62 44.09
CA LEU A 586 5.28 -36.65 44.15
C LEU A 586 6.61 -36.12 44.56
N TYR A 587 6.96 -34.99 43.97
CA TYR A 587 8.23 -34.36 44.25
C TYR A 587 8.41 -34.01 45.72
N ASN A 588 7.40 -33.38 46.31
CA ASN A 588 7.54 -32.89 47.66
C ASN A 588 7.55 -34.07 48.59
N ARG A 589 6.86 -35.18 48.27
CA ARG A 589 6.96 -36.35 49.11
C ARG A 589 8.40 -36.86 49.12
N ILE A 590 9.05 -37.14 47.97
CA ILE A 590 10.44 -37.58 47.82
C ILE A 590 11.46 -36.64 48.50
N LYS A 591 11.07 -35.39 48.71
CA LYS A 591 11.86 -34.38 49.40
C LYS A 591 11.57 -34.26 50.90
N LYS A 592 10.48 -34.84 51.38
CA LYS A 592 10.07 -34.84 52.78
C LYS A 592 10.69 -36.04 53.47
N GLU A 593 10.50 -37.22 52.85
CA GLU A 593 10.99 -38.49 53.34
C GLU A 593 11.76 -39.17 52.21
N PRO A 594 12.93 -38.73 51.78
CA PRO A 594 13.67 -39.33 50.67
C PRO A 594 14.03 -40.80 50.81
N ASN A 595 13.65 -41.58 51.80
CA ASN A 595 14.17 -42.91 51.94
C ASN A 595 12.96 -43.80 52.00
N LYS A 596 11.86 -43.48 51.40
CA LYS A 596 10.75 -44.39 51.32
C LYS A 596 10.95 -44.90 49.86
N PHE A 597 10.67 -46.17 49.55
CA PHE A 597 10.77 -46.69 48.19
C PHE A 597 9.66 -46.01 47.41
N VAL A 598 9.89 -45.37 46.28
CA VAL A 598 8.78 -44.95 45.47
C VAL A 598 9.17 -45.33 44.06
N VAL A 599 8.18 -45.84 43.33
CA VAL A 599 8.34 -46.31 41.95
C VAL A 599 8.67 -45.08 41.11
N PRO A 600 9.82 -45.04 40.49
CA PRO A 600 10.21 -43.92 39.65
C PRO A 600 9.30 -43.78 38.43
N ARG A 601 9.02 -42.55 38.05
CA ARG A 601 8.17 -42.23 36.91
C ARG A 601 8.94 -41.23 36.10
N THR A 602 8.72 -41.28 34.79
CA THR A 602 9.29 -40.27 33.92
C THR A 602 8.05 -39.51 33.44
N VAL A 603 7.68 -38.29 33.87
CA VAL A 603 6.48 -37.69 33.31
C VAL A 603 6.89 -36.95 32.07
N MET A 604 6.02 -37.01 31.09
CA MET A 604 6.25 -36.43 29.80
C MET A 604 4.97 -35.72 29.39
N ILE A 605 5.00 -34.45 29.01
CA ILE A 605 3.82 -33.74 28.55
C ILE A 605 4.20 -33.07 27.23
N GLY A 606 3.39 -33.10 26.19
CA GLY A 606 3.76 -32.58 24.89
C GLY A 606 2.58 -31.97 24.17
N GLY A 607 2.80 -30.95 23.37
CA GLY A 607 1.65 -30.34 22.73
C GLY A 607 1.88 -28.88 22.42
N LYS A 608 1.05 -28.31 21.57
CA LYS A 608 1.33 -26.97 21.12
C LYS A 608 0.19 -26.24 21.72
N ALA A 609 0.51 -24.99 22.12
CA ALA A 609 -0.37 -24.11 22.88
C ALA A 609 -1.07 -23.00 22.17
N ALA A 610 -0.93 -23.03 20.84
CA ALA A 610 -1.64 -22.13 19.93
C ALA A 610 -1.63 -20.65 20.15
N PRO A 611 -1.06 -19.94 19.17
CA PRO A 611 -0.65 -18.55 19.25
C PRO A 611 -1.60 -17.58 19.96
N GLY A 612 -0.83 -16.91 20.78
CA GLY A 612 -1.41 -15.92 21.66
C GLY A 612 -2.37 -16.46 22.69
N TYR A 613 -2.51 -17.78 22.93
CA TYR A 613 -3.32 -18.24 24.06
C TYR A 613 -2.40 -18.07 25.29
N HIS A 614 -2.83 -17.23 26.22
CA HIS A 614 -1.97 -16.96 27.30
C HIS A 614 -2.06 -18.07 28.32
N MET A 615 -3.18 -18.62 28.84
CA MET A 615 -3.01 -19.66 29.84
C MET A 615 -2.24 -20.82 29.26
N ALA A 616 -2.49 -21.19 28.01
CA ALA A 616 -1.68 -22.22 27.36
C ALA A 616 -0.19 -21.90 27.16
N LYS A 617 0.27 -20.64 27.22
CA LYS A 617 1.70 -20.40 27.14
C LYS A 617 2.33 -20.23 28.50
N MET A 618 1.50 -20.07 29.53
CA MET A 618 1.95 -19.95 30.92
C MET A 618 2.11 -21.37 31.46
N ILE A 619 1.22 -22.29 31.06
CA ILE A 619 1.33 -23.70 31.37
C ILE A 619 2.61 -24.24 30.75
N ILE A 620 2.96 -24.15 29.45
CA ILE A 620 4.19 -24.76 28.88
C ILE A 620 5.47 -24.44 29.63
N LYS A 621 5.38 -23.27 30.26
CA LYS A 621 6.42 -22.68 31.06
C LYS A 621 6.28 -23.15 32.49
N LEU A 622 5.13 -23.46 33.01
CA LEU A 622 5.11 -23.96 34.35
C LEU A 622 5.73 -25.30 34.34
N ILE A 623 5.36 -26.04 33.28
CA ILE A 623 5.78 -27.41 33.09
C ILE A 623 7.30 -27.59 33.12
N THR A 624 8.03 -26.58 32.62
CA THR A 624 9.47 -26.49 32.55
C THR A 624 9.79 -25.32 33.42
N ALA A 625 9.75 -25.73 34.68
CA ALA A 625 10.10 -24.85 35.81
C ALA A 625 10.23 -25.89 36.89
N ILE A 626 9.10 -26.62 36.97
CA ILE A 626 9.02 -27.83 37.75
C ILE A 626 10.13 -28.71 37.15
N GLY A 627 10.31 -28.79 35.81
CA GLY A 627 11.30 -29.61 35.17
C GLY A 627 12.72 -29.34 35.60
N ASP A 628 13.16 -28.07 35.50
CA ASP A 628 14.51 -27.56 35.74
C ASP A 628 15.06 -27.59 37.16
N VAL A 629 14.13 -27.86 38.11
CA VAL A 629 14.34 -28.10 39.52
C VAL A 629 14.34 -29.61 39.74
N VAL A 630 13.24 -30.35 39.57
CA VAL A 630 13.20 -31.80 39.81
C VAL A 630 14.27 -32.54 38.99
N ASN A 631 14.72 -31.99 37.88
CA ASN A 631 15.71 -32.71 37.12
C ASN A 631 17.15 -32.39 37.49
N HIS A 632 17.23 -31.37 38.34
CA HIS A 632 18.51 -30.88 38.79
C HIS A 632 18.49 -30.98 40.29
N ASP A 633 17.77 -31.90 40.93
CA ASP A 633 17.73 -31.97 42.38
C ASP A 633 18.35 -33.28 42.83
N PRO A 634 19.53 -33.33 43.47
CA PRO A 634 20.31 -34.53 43.85
C PRO A 634 19.54 -35.59 44.66
N VAL A 635 18.76 -35.01 45.55
CA VAL A 635 17.98 -35.80 46.46
C VAL A 635 16.91 -36.59 45.73
N VAL A 636 16.48 -36.20 44.52
CA VAL A 636 15.44 -36.95 43.84
C VAL A 636 16.04 -38.11 43.05
N GLY A 637 17.31 -38.07 42.70
CA GLY A 637 17.93 -39.13 41.89
C GLY A 637 17.32 -39.28 40.49
N ASP A 638 16.80 -40.48 40.27
CA ASP A 638 16.09 -40.85 39.07
C ASP A 638 14.70 -41.19 39.47
N ARG A 639 14.24 -40.65 40.58
CA ARG A 639 12.94 -41.08 41.01
C ARG A 639 11.84 -40.22 40.43
N LEU A 640 12.10 -39.00 39.96
CA LEU A 640 11.11 -38.24 39.20
C LEU A 640 11.87 -37.44 38.17
N ARG A 641 11.36 -37.43 36.92
CA ARG A 641 11.87 -36.60 35.83
C ARG A 641 10.77 -36.10 34.95
N VAL A 642 10.74 -34.79 34.74
CA VAL A 642 9.68 -34.08 34.04
C VAL A 642 10.18 -33.76 32.66
N ILE A 643 9.86 -34.43 31.56
CA ILE A 643 10.40 -34.03 30.28
C ILE A 643 9.32 -33.43 29.47
N PHE A 644 9.47 -32.19 28.95
CA PHE A 644 8.47 -31.52 28.12
C PHE A 644 8.71 -31.90 26.66
N LEU A 645 7.85 -32.66 25.94
CA LEU A 645 8.22 -33.09 24.59
C LEU A 645 7.99 -31.98 23.57
N GLU A 646 9.03 -31.82 22.77
CA GLU A 646 8.99 -30.70 21.89
C GLU A 646 8.48 -31.06 20.51
N ASN A 647 7.47 -30.22 20.21
CA ASN A 647 6.90 -30.10 18.87
C ASN A 647 6.05 -31.29 18.44
N TYR A 648 5.10 -31.65 19.30
CA TYR A 648 4.27 -32.81 19.07
C TYR A 648 3.47 -32.79 17.78
N ARG A 649 3.60 -33.94 17.18
CA ARG A 649 3.13 -34.17 15.87
C ARG A 649 3.20 -35.67 15.66
N VAL A 650 2.78 -36.12 14.48
CA VAL A 650 2.62 -37.52 14.16
C VAL A 650 3.89 -38.36 14.23
N SER A 651 5.13 -38.07 13.80
CA SER A 651 6.23 -39.00 13.95
C SER A 651 6.62 -39.17 15.38
N LEU A 652 6.61 -38.11 16.14
CA LEU A 652 6.90 -38.14 17.56
C LEU A 652 5.80 -38.97 18.18
N ALA A 653 4.56 -38.85 17.74
CA ALA A 653 3.45 -39.60 18.29
C ALA A 653 3.66 -41.07 18.03
N GLU A 654 3.99 -41.48 16.82
CA GLU A 654 4.31 -42.87 16.49
C GLU A 654 5.38 -43.42 17.40
N LYS A 655 6.51 -42.75 17.50
CA LYS A 655 7.63 -43.01 18.41
C LYS A 655 7.31 -43.01 19.92
N VAL A 656 6.40 -42.13 20.37
CA VAL A 656 6.07 -41.93 21.77
C VAL A 656 5.07 -42.93 22.34
N ILE A 657 4.02 -43.29 21.62
CA ILE A 657 2.95 -44.16 22.08
C ILE A 657 3.37 -45.65 22.33
N PRO A 658 4.34 -46.25 21.62
CA PRO A 658 5.01 -47.45 22.05
C PRO A 658 5.70 -47.37 23.43
N ALA A 659 6.37 -46.26 23.76
CA ALA A 659 7.05 -45.98 25.04
C ALA A 659 6.17 -45.78 26.25
N ALA A 660 4.88 -45.59 26.08
CA ALA A 660 4.05 -45.30 27.22
C ALA A 660 3.38 -46.49 27.85
N ASP A 661 3.70 -46.61 29.14
CA ASP A 661 3.03 -47.45 30.12
C ASP A 661 1.75 -46.82 30.67
N LEU A 662 1.71 -45.52 31.04
CA LEU A 662 0.50 -44.90 31.53
C LEU A 662 0.16 -43.65 30.72
N SER A 663 -1.04 -43.72 30.15
CA SER A 663 -1.68 -42.76 29.26
C SER A 663 -2.62 -41.77 29.96
N GLU A 664 -2.29 -40.51 30.08
CA GLU A 664 -3.09 -39.58 30.84
C GLU A 664 -4.32 -38.95 30.20
N GLN A 665 -5.56 -39.40 30.40
CA GLN A 665 -6.74 -38.79 29.79
C GLN A 665 -7.61 -37.94 30.73
N ILE A 666 -7.06 -36.89 31.33
CA ILE A 666 -7.75 -36.26 32.43
C ILE A 666 -8.59 -35.02 32.18
N SER A 667 -9.30 -35.01 31.05
CA SER A 667 -10.08 -33.86 30.60
C SER A 667 -11.27 -33.68 31.50
N THR A 668 -12.04 -32.60 31.57
CA THR A 668 -13.14 -32.66 32.51
C THR A 668 -14.33 -33.40 31.94
N ALA A 669 -15.04 -34.01 32.87
CA ALA A 669 -16.23 -34.76 32.58
C ALA A 669 -17.21 -33.87 31.86
N GLY A 670 -17.35 -34.26 30.63
CA GLY A 670 -18.35 -33.67 29.77
C GLY A 670 -17.76 -33.04 28.54
N THR A 671 -16.52 -32.51 28.73
CA THR A 671 -15.85 -31.67 27.75
C THR A 671 -15.05 -32.32 26.66
N GLU A 672 -14.54 -33.55 26.70
CA GLU A 672 -14.01 -34.07 25.45
C GLU A 672 -15.24 -34.80 24.97
N ALA A 673 -15.49 -34.86 23.67
CA ALA A 673 -16.63 -35.61 23.23
C ALA A 673 -16.08 -36.99 22.89
N SER A 674 -14.91 -37.11 22.26
CA SER A 674 -14.41 -38.40 21.87
C SER A 674 -12.92 -38.35 22.19
N GLY A 675 -12.02 -38.91 21.37
CA GLY A 675 -10.61 -38.77 21.62
C GLY A 675 -9.75 -39.77 20.84
N THR A 676 -9.69 -39.72 19.49
CA THR A 676 -8.96 -40.69 18.66
C THR A 676 -7.62 -41.11 19.30
N GLY A 677 -6.73 -40.27 19.83
CA GLY A 677 -5.40 -40.66 20.34
C GLY A 677 -5.36 -41.62 21.49
N ASN A 678 -6.49 -41.70 22.19
CA ASN A 678 -6.73 -42.59 23.33
C ASN A 678 -6.53 -44.04 22.98
N MET A 679 -7.15 -44.37 21.87
CA MET A 679 -7.14 -45.70 21.32
C MET A 679 -5.73 -46.10 20.89
N1 LLP A 680 -2.03 -35.37 17.13
C2 LLP A 680 -1.23 -36.40 16.82
C2' LLP A 680 0.19 -36.12 16.53
C3 LLP A 680 -1.68 -37.68 16.86
O3 LLP A 680 -0.84 -38.67 16.44
C4 LLP A 680 -2.98 -37.93 17.25
C4' LLP A 680 -3.55 -39.31 17.36
C5 LLP A 680 -3.79 -36.87 17.58
C6 LLP A 680 -3.30 -35.59 17.51
C5' LLP A 680 -5.13 -37.10 18.17
OP4 LLP A 680 -5.09 -36.97 19.59
P LLP A 680 -6.28 -36.37 20.46
OP1 LLP A 680 -7.51 -36.96 19.87
OP2 LLP A 680 -5.92 -36.84 21.84
OP3 LLP A 680 -6.18 -34.92 20.36
N LLP A 680 -4.78 -45.25 20.48
CA LLP A 680 -3.45 -45.69 20.02
CB LLP A 680 -2.63 -44.59 19.39
CG LLP A 680 -3.44 -43.69 18.46
CD LLP A 680 -2.65 -42.55 17.83
CE LLP A 680 -3.69 -41.68 17.21
NZ LLP A 680 -3.00 -40.45 16.91
C LLP A 680 -2.70 -46.13 21.25
O LLP A 680 -2.04 -47.17 21.27
N PHE A 681 -2.86 -45.33 22.31
CA PHE A 681 -2.27 -45.68 23.58
C PHE A 681 -2.88 -47.02 24.05
N MET A 682 -4.17 -47.32 23.84
CA MET A 682 -4.71 -48.63 24.21
C MET A 682 -4.27 -49.77 23.33
N LEU A 683 -4.26 -49.63 22.02
CA LEU A 683 -3.79 -50.65 21.10
C LEU A 683 -2.34 -51.01 21.36
N ASN A 684 -1.61 -50.09 22.02
CA ASN A 684 -0.20 -50.18 22.32
C ASN A 684 0.25 -50.53 23.74
N GLY A 685 -0.70 -50.80 24.61
CA GLY A 685 -0.39 -51.31 25.91
C GLY A 685 -0.12 -50.22 26.91
N ALA A 686 -0.65 -49.04 26.67
CA ALA A 686 -0.59 -48.02 27.68
C ALA A 686 -1.87 -48.27 28.43
N LEU A 687 -1.75 -48.12 29.73
CA LEU A 687 -2.87 -48.29 30.61
C LEU A 687 -3.45 -46.91 30.61
N THR A 688 -4.78 -46.72 30.53
CA THR A 688 -5.35 -45.38 30.63
C THR A 688 -5.63 -44.94 32.07
N ILE A 689 -5.25 -43.73 32.49
CA ILE A 689 -5.79 -43.13 33.72
C ILE A 689 -6.73 -41.99 33.28
N GLY A 690 -8.06 -42.07 33.28
CA GLY A 690 -8.86 -40.95 32.79
C GLY A 690 -10.05 -40.52 33.65
N THR A 691 -10.66 -39.40 33.35
CA THR A 691 -11.90 -39.08 34.01
C THR A 691 -13.02 -39.87 33.33
N MET A 692 -14.19 -40.04 33.96
CA MET A 692 -15.19 -40.83 33.25
C MET A 692 -16.02 -40.16 32.07
N ASP A 693 -15.34 -39.62 31.04
CA ASP A 693 -15.97 -38.95 29.92
C ASP A 693 -15.26 -39.26 28.59
N GLY A 694 -15.68 -38.71 27.46
CA GLY A 694 -14.97 -38.83 26.20
C GLY A 694 -15.21 -40.13 25.51
N ALA A 695 -14.09 -40.74 25.13
CA ALA A 695 -14.12 -42.04 24.47
C ALA A 695 -13.59 -43.08 25.45
N ASN A 696 -13.39 -42.67 26.67
CA ASN A 696 -12.93 -43.58 27.70
C ASN A 696 -14.07 -44.48 28.02
N VAL A 697 -15.21 -43.81 28.22
CA VAL A 697 -16.45 -44.44 28.60
C VAL A 697 -16.77 -45.63 27.70
N GLU A 698 -16.36 -45.76 26.43
CA GLU A 698 -16.60 -47.01 25.75
C GLU A 698 -15.41 -47.93 25.85
N MET A 699 -14.20 -47.46 26.14
CA MET A 699 -13.01 -48.30 26.23
C MET A 699 -12.91 -49.00 27.58
N ALA A 700 -13.49 -48.28 28.56
CA ALA A 700 -13.65 -48.70 29.94
C ALA A 700 -14.57 -49.88 29.76
N GLU A 701 -15.72 -49.77 29.08
CA GLU A 701 -16.60 -50.94 28.98
C GLU A 701 -16.05 -52.07 28.12
N GLU A 702 -15.40 -51.82 27.01
CA GLU A 702 -14.90 -52.92 26.21
C GLU A 702 -13.77 -53.74 26.85
N ALA A 703 -12.89 -53.04 27.58
CA ALA A 703 -11.74 -53.62 28.23
C ALA A 703 -12.02 -53.99 29.67
N GLY A 704 -13.09 -53.45 30.24
CA GLY A 704 -13.48 -53.78 31.60
C GLY A 704 -13.01 -52.71 32.55
N GLU A 705 -13.99 -52.11 33.23
CA GLU A 705 -13.83 -51.00 34.16
C GLU A 705 -12.71 -51.20 35.18
N GLU A 706 -12.58 -52.42 35.70
CA GLU A 706 -11.57 -52.86 36.68
C GLU A 706 -10.20 -52.73 36.06
N ASN A 707 -10.08 -52.99 34.75
CA ASN A 707 -8.82 -52.87 33.99
C ASN A 707 -8.53 -51.44 33.49
N PHE A 708 -9.24 -50.41 34.01
CA PHE A 708 -9.12 -48.99 33.68
C PHE A 708 -8.86 -48.06 34.88
N PHE A 709 -8.04 -46.99 34.76
CA PHE A 709 -7.84 -46.19 35.95
C PHE A 709 -8.72 -44.99 36.30
N ILE A 710 -10.03 -45.18 36.03
CA ILE A 710 -11.12 -44.22 36.21
C ILE A 710 -11.20 -43.47 37.54
N PHE A 711 -10.99 -42.16 37.53
CA PHE A 711 -11.15 -41.34 38.72
C PHE A 711 -12.03 -40.12 38.44
N GLY A 712 -12.13 -39.28 39.49
CA GLY A 712 -12.83 -38.02 39.42
C GLY A 712 -14.33 -38.09 39.12
N MET A 713 -14.89 -36.87 39.13
CA MET A 713 -16.30 -36.55 38.95
C MET A 713 -16.91 -37.12 37.70
N ARG A 714 -18.20 -37.10 37.60
CA ARG A 714 -18.82 -37.60 36.40
C ARG A 714 -19.63 -36.41 35.95
N VAL A 715 -20.09 -36.46 34.70
CA VAL A 715 -20.91 -35.39 34.18
C VAL A 715 -22.03 -35.11 35.19
N GLU A 716 -22.80 -36.06 35.70
CA GLU A 716 -23.83 -35.85 36.74
C GLU A 716 -23.29 -34.95 37.85
N ASP A 717 -22.32 -35.36 38.65
CA ASP A 717 -21.98 -34.58 39.83
C ASP A 717 -21.15 -33.37 39.50
N VAL A 718 -20.60 -33.16 38.30
CA VAL A 718 -20.02 -31.83 38.04
C VAL A 718 -21.21 -30.90 37.67
N ASP A 719 -22.12 -31.31 36.76
CA ASP A 719 -23.36 -30.66 36.28
C ASP A 719 -24.33 -30.24 37.40
N ARG A 720 -24.16 -30.97 38.52
CA ARG A 720 -24.81 -30.71 39.80
C ARG A 720 -23.88 -30.09 40.84
N LEU A 721 -22.54 -30.16 40.76
CA LEU A 721 -21.65 -29.41 41.65
C LEU A 721 -21.98 -27.96 41.31
N ASP A 722 -21.81 -27.53 40.05
CA ASP A 722 -22.12 -26.20 39.62
C ASP A 722 -23.54 -25.86 40.00
N GLN A 723 -24.45 -26.82 40.31
CA GLN A 723 -25.80 -26.48 40.77
C GLN A 723 -25.64 -25.80 42.10
N ARG A 724 -24.84 -26.25 43.06
CA ARG A 724 -24.59 -25.44 44.24
C ARG A 724 -23.68 -24.28 43.86
N GLY A 725 -22.92 -24.54 42.81
CA GLY A 725 -21.93 -23.65 42.24
C GLY A 725 -20.62 -24.39 42.39
N TYR A 726 -19.48 -23.77 42.25
CA TYR A 726 -18.25 -24.50 42.51
C TYR A 726 -17.45 -23.51 43.29
N ASN A 727 -17.15 -23.74 44.57
CA ASN A 727 -16.22 -22.80 45.15
C ASN A 727 -15.01 -23.71 45.23
N ALA A 728 -13.87 -23.19 44.77
CA ALA A 728 -12.61 -23.94 44.78
C ALA A 728 -11.78 -23.79 46.06
N GLN A 729 -11.70 -22.59 46.60
CA GLN A 729 -11.09 -22.45 47.91
C GLN A 729 -12.27 -22.81 48.84
N GLU A 730 -12.33 -24.14 49.03
CA GLU A 730 -13.30 -24.92 49.78
C GLU A 730 -12.62 -26.30 49.72
N TYR A 731 -12.20 -26.69 48.49
CA TYR A 731 -11.42 -27.90 48.21
C TYR A 731 -10.00 -27.69 48.68
N TYR A 732 -9.48 -26.49 48.38
CA TYR A 732 -8.18 -26.09 48.90
C TYR A 732 -8.14 -26.09 50.44
N ASP A 733 -9.30 -25.74 50.99
CA ASP A 733 -9.38 -25.42 52.38
C ASP A 733 -9.43 -26.44 53.45
N ARG A 734 -8.86 -27.54 53.04
CA ARG A 734 -8.91 -28.74 53.85
C ARG A 734 -7.67 -29.56 53.52
N ILE A 735 -7.37 -29.61 52.22
CA ILE A 735 -6.33 -30.43 51.65
C ILE A 735 -4.94 -29.89 51.92
N PRO A 736 -4.24 -30.43 52.89
CA PRO A 736 -3.02 -29.83 53.43
C PRO A 736 -1.84 -29.79 52.47
N GLU A 737 -1.93 -30.70 51.49
CA GLU A 737 -0.95 -30.98 50.44
C GLU A 737 -0.95 -29.87 49.40
N LEU A 738 -2.17 -29.66 48.88
CA LEU A 738 -2.53 -28.67 47.87
C LEU A 738 -1.99 -27.33 48.29
N ARG A 739 -2.32 -26.93 49.52
CA ARG A 739 -1.92 -25.64 50.03
C ARG A 739 -0.42 -25.41 49.86
N GLN A 740 0.42 -26.38 50.24
CA GLN A 740 1.85 -26.17 50.05
C GLN A 740 2.18 -26.13 48.56
N ILE A 741 1.53 -26.73 47.53
CA ILE A 741 2.03 -26.53 46.16
C ILE A 741 1.51 -25.21 45.65
N ILE A 742 0.28 -24.83 45.98
CA ILE A 742 -0.29 -23.56 45.56
C ILE A 742 0.63 -22.47 46.03
N GLU A 743 0.93 -22.40 47.33
CA GLU A 743 1.74 -21.32 47.81
C GLU A 743 3.24 -21.60 47.65
N GLN A 744 3.57 -22.60 46.83
CA GLN A 744 4.94 -22.80 46.39
C GLN A 744 5.11 -22.04 45.10
N LEU A 745 3.99 -21.93 44.34
CA LEU A 745 3.93 -21.21 43.08
C LEU A 745 4.01 -19.75 43.45
N SER A 746 3.02 -19.31 44.20
CA SER A 746 3.00 -17.96 44.73
C SER A 746 4.22 -17.46 45.51
N SER A 747 5.21 -18.26 45.92
CA SER A 747 6.38 -17.76 46.60
C SER A 747 7.61 -17.83 45.71
N GLY A 748 7.39 -18.06 44.42
CA GLY A 748 8.47 -18.16 43.48
C GLY A 748 9.34 -19.41 43.63
N PHE A 749 8.90 -20.56 44.20
CA PHE A 749 9.78 -21.72 44.28
C PHE A 749 10.24 -22.14 42.88
N PHE A 750 9.31 -22.25 41.92
CA PHE A 750 9.67 -22.72 40.57
C PHE A 750 10.07 -21.65 39.55
N SER A 751 10.41 -20.51 40.05
CA SER A 751 10.71 -19.34 39.26
C SER A 751 11.45 -18.51 40.29
N PRO A 752 12.71 -18.84 40.57
CA PRO A 752 13.47 -18.24 41.63
C PRO A 752 13.70 -16.76 41.27
N LYS A 753 14.17 -16.44 40.06
CA LYS A 753 14.51 -15.06 39.80
C LYS A 753 13.31 -14.28 39.32
N GLN A 754 12.14 -14.92 39.14
CA GLN A 754 10.93 -14.21 38.84
C GLN A 754 9.85 -14.83 39.74
N PRO A 755 9.85 -14.54 41.04
CA PRO A 755 8.81 -14.94 41.98
C PRO A 755 7.38 -14.96 41.49
N ASP A 756 6.84 -13.78 41.21
CA ASP A 756 5.44 -13.62 40.84
C ASP A 756 5.02 -14.27 39.52
N LEU A 757 5.94 -14.86 38.73
CA LEU A 757 5.60 -15.28 37.40
C LEU A 757 4.39 -16.21 37.30
N PHE A 758 4.14 -17.14 38.21
CA PHE A 758 2.99 -18.01 37.96
C PHE A 758 1.81 -17.48 38.73
N LYS A 759 1.78 -16.20 39.17
CA LYS A 759 0.61 -15.67 39.91
C LYS A 759 -0.71 -15.70 39.14
N ASP A 760 -0.75 -15.74 37.83
CA ASP A 760 -1.99 -15.71 37.08
C ASP A 760 -2.56 -17.09 36.92
N ILE A 761 -1.67 -18.11 36.81
CA ILE A 761 -2.10 -19.50 36.89
C ILE A 761 -2.55 -19.77 38.35
N VAL A 762 -1.88 -19.15 39.36
CA VAL A 762 -2.29 -19.29 40.75
C VAL A 762 -3.70 -18.75 40.84
N ASN A 763 -3.77 -17.46 40.60
CA ASN A 763 -5.02 -16.81 40.79
C ASN A 763 -6.14 -17.33 39.88
N MET A 764 -5.92 -18.09 38.80
CA MET A 764 -7.02 -18.67 38.02
C MET A 764 -7.60 -19.82 38.81
N LEU A 765 -6.69 -20.61 39.40
CA LEU A 765 -6.95 -21.84 40.17
C LEU A 765 -7.94 -21.57 41.27
N MET A 766 -7.56 -20.57 42.06
CA MET A 766 -8.29 -20.14 43.27
C MET A 766 -9.60 -19.37 43.14
N HIS A 767 -9.56 -18.44 42.19
CA HIS A 767 -10.67 -17.55 42.00
C HIS A 767 -11.46 -18.00 40.83
N HIS A 768 -11.05 -18.31 39.61
CA HIS A 768 -12.05 -18.64 38.60
C HIS A 768 -11.66 -19.77 37.69
N ASP A 769 -11.49 -20.98 38.18
CA ASP A 769 -11.19 -22.10 37.30
C ASP A 769 -12.46 -22.68 36.71
N ARG A 770 -12.69 -22.57 35.39
CA ARG A 770 -13.97 -23.07 34.90
C ARG A 770 -14.03 -24.61 34.99
N PHE A 771 -12.85 -25.24 34.89
CA PHE A 771 -12.74 -26.65 34.63
C PHE A 771 -12.54 -27.66 35.76
N LYS A 772 -12.57 -27.12 36.98
CA LYS A 772 -12.63 -27.88 38.21
C LYS A 772 -11.42 -28.71 38.64
N VAL A 773 -10.23 -28.11 38.55
CA VAL A 773 -9.00 -28.81 38.81
C VAL A 773 -8.86 -29.15 40.27
N PHE A 774 -9.01 -28.29 41.27
CA PHE A 774 -8.89 -28.69 42.65
C PHE A 774 -9.85 -29.80 43.00
N ALA A 775 -11.14 -29.70 42.66
CA ALA A 775 -12.11 -30.72 43.01
C ALA A 775 -11.84 -32.11 42.43
N ASP A 776 -10.89 -32.33 41.51
CA ASP A 776 -10.53 -33.67 41.06
C ASP A 776 -9.17 -34.05 41.66
N TYR A 777 -8.45 -33.11 42.30
CA TYR A 777 -7.13 -33.36 42.87
C TYR A 777 -7.18 -34.57 43.77
N GLU A 778 -8.05 -34.57 44.81
CA GLU A 778 -8.13 -35.61 45.84
C GLU A 778 -8.07 -37.04 45.33
N GLU A 779 -8.87 -37.33 44.29
CA GLU A 779 -9.03 -38.66 43.72
C GLU A 779 -8.06 -39.00 42.60
N TYR A 780 -7.49 -38.03 41.89
CA TYR A 780 -6.52 -38.41 40.86
C TYR A 780 -5.22 -38.79 41.57
N VAL A 781 -4.88 -38.12 42.67
CA VAL A 781 -3.66 -38.44 43.38
C VAL A 781 -3.76 -39.70 44.20
N LYS A 782 -4.84 -40.44 44.13
CA LYS A 782 -5.04 -41.67 44.86
C LYS A 782 -5.74 -42.47 43.75
N CYS A 783 -4.92 -42.75 42.76
CA CYS A 783 -5.30 -43.49 41.53
C CYS A 783 -3.96 -43.88 40.88
N GLN A 784 -3.10 -42.87 41.06
CA GLN A 784 -1.70 -42.86 40.76
C GLN A 784 -0.85 -43.58 41.79
N GLU A 785 -1.26 -43.54 43.06
CA GLU A 785 -0.70 -44.38 44.13
C GLU A 785 -1.04 -45.81 43.69
N ARG A 786 -2.35 -45.94 43.39
CA ARG A 786 -3.00 -47.13 42.88
C ARG A 786 -2.46 -47.50 41.52
N VAL A 787 -1.73 -46.65 40.81
CA VAL A 787 -1.02 -46.97 39.56
C VAL A 787 0.40 -47.45 39.90
N SER A 788 1.07 -46.77 40.82
CA SER A 788 2.38 -47.17 41.32
C SER A 788 2.38 -48.31 42.36
N ALA A 789 1.18 -48.86 42.52
CA ALA A 789 0.91 -50.00 43.36
C ALA A 789 0.80 -51.23 42.49
N LEU A 790 0.23 -51.14 41.31
CA LEU A 790 0.20 -52.30 40.45
C LEU A 790 1.36 -52.26 39.49
N TYR A 791 2.05 -51.13 39.41
CA TYR A 791 3.17 -51.10 38.52
C TYR A 791 4.27 -51.86 39.20
N LYS A 792 4.55 -51.75 40.50
CA LYS A 792 5.54 -52.68 41.03
C LYS A 792 4.61 -53.81 41.33
N ASN A 793 4.63 -54.74 40.40
CA ASN A 793 3.98 -56.05 40.36
C ASN A 793 3.80 -56.36 38.87
N PRO A 794 4.90 -56.62 38.16
CA PRO A 794 4.93 -56.73 36.70
C PRO A 794 4.05 -57.73 36.01
N ARG A 795 3.73 -58.89 36.63
CA ARG A 795 2.88 -59.90 36.00
C ARG A 795 1.49 -59.37 35.99
N GLU A 796 1.01 -58.80 37.09
CA GLU A 796 -0.33 -58.29 37.11
C GLU A 796 -0.51 -57.02 36.30
N TRP A 797 0.52 -56.13 36.27
CA TRP A 797 0.57 -54.96 35.34
C TRP A 797 0.45 -55.49 33.90
N THR A 798 1.35 -56.38 33.44
CA THR A 798 1.37 -56.95 32.08
C THR A 798 0.23 -57.93 31.74
N ARG A 799 -0.46 -58.53 32.69
CA ARG A 799 -1.67 -59.26 32.35
C ARG A 799 -2.76 -58.20 32.30
N MET A 800 -2.70 -57.04 32.96
CA MET A 800 -3.74 -56.00 32.74
C MET A 800 -3.61 -55.35 31.34
N VAL A 801 -2.38 -55.13 30.89
CA VAL A 801 -2.15 -54.62 29.58
C VAL A 801 -2.73 -55.52 28.49
N ILE A 802 -2.88 -56.84 28.76
CA ILE A 802 -3.41 -57.79 27.78
C ILE A 802 -4.92 -57.64 27.78
N ARG A 803 -5.49 -57.13 28.86
CA ARG A 803 -6.91 -56.88 28.82
C ARG A 803 -7.19 -55.47 28.27
N ASN A 804 -6.20 -54.75 27.77
CA ASN A 804 -6.47 -53.52 27.08
C ASN A 804 -5.95 -53.67 25.64
N ILE A 805 -4.88 -54.43 25.29
CA ILE A 805 -4.47 -54.70 23.90
C ILE A 805 -5.46 -55.62 23.14
N ALA A 806 -6.04 -56.65 23.82
CA ALA A 806 -6.95 -57.65 23.23
C ALA A 806 -8.40 -57.25 22.91
N THR A 807 -8.87 -56.19 23.55
CA THR A 807 -10.19 -55.66 23.29
C THR A 807 -10.02 -54.93 21.94
N SER A 808 -9.52 -53.67 21.90
CA SER A 808 -9.37 -52.83 20.68
C SER A 808 -10.39 -52.88 19.50
N GLY A 809 -10.26 -53.43 18.28
CA GLY A 809 -11.31 -53.50 17.26
C GLY A 809 -12.40 -52.41 17.15
N LYS A 810 -13.25 -52.20 18.16
CA LYS A 810 -14.24 -51.12 18.22
C LYS A 810 -13.53 -49.73 18.25
N PHE A 811 -12.20 -49.73 18.25
CA PHE A 811 -11.43 -48.52 18.10
C PHE A 811 -10.51 -48.62 16.83
N SER A 812 -10.92 -49.36 15.79
CA SER A 812 -10.19 -49.53 14.56
C SER A 812 -11.02 -48.68 13.66
N SER A 813 -10.47 -47.88 12.74
CA SER A 813 -11.29 -47.00 11.89
C SER A 813 -11.82 -47.70 10.67
N ASP A 814 -11.76 -49.05 10.67
CA ASP A 814 -12.43 -49.77 9.63
C ASP A 814 -13.84 -50.03 10.18
N ARG A 815 -14.09 -50.30 11.45
CA ARG A 815 -15.48 -50.44 11.99
C ARG A 815 -16.27 -49.12 11.92
N THR A 816 -15.55 -48.10 12.38
CA THR A 816 -16.01 -46.72 12.34
C THR A 816 -16.51 -46.42 10.93
N ILE A 817 -15.66 -46.74 9.96
CA ILE A 817 -15.95 -46.52 8.57
C ILE A 817 -17.02 -47.41 8.02
N ALA A 818 -17.16 -48.69 8.32
CA ALA A 818 -18.23 -49.43 7.67
C ALA A 818 -19.53 -48.91 8.21
N GLN A 819 -19.58 -48.47 9.45
CA GLN A 819 -20.80 -47.84 9.95
C GLN A 819 -21.15 -46.50 9.26
N TYR A 820 -20.22 -45.98 8.45
CA TYR A 820 -20.41 -44.87 7.58
C TYR A 820 -20.81 -45.42 6.20
N ALA A 821 -19.94 -46.22 5.56
CA ALA A 821 -20.01 -46.80 4.20
C ALA A 821 -21.36 -47.30 3.79
N ARG A 822 -21.81 -48.25 4.60
CA ARG A 822 -23.16 -48.73 4.44
C ARG A 822 -24.12 -47.85 5.24
N GLU A 823 -24.22 -47.63 6.57
CA GLU A 823 -25.23 -46.71 7.19
C GLU A 823 -25.28 -45.19 6.81
N ILE A 824 -24.51 -44.75 5.80
CA ILE A 824 -24.50 -43.38 5.29
C ILE A 824 -24.19 -43.38 3.78
N TRP A 825 -23.01 -43.82 3.34
CA TRP A 825 -22.62 -43.61 1.93
C TRP A 825 -23.09 -44.73 1.01
N GLY A 826 -24.25 -45.28 1.36
CA GLY A 826 -24.79 -46.41 0.66
C GLY A 826 -23.86 -47.62 0.78
N VAL A 827 -22.91 -47.59 -0.18
CA VAL A 827 -21.85 -48.55 -0.49
C VAL A 827 -21.40 -49.59 0.50
N GLU A 828 -21.45 -50.85 0.11
CA GLU A 828 -20.82 -51.81 0.98
C GLU A 828 -19.40 -52.12 0.53
N PRO A 829 -18.51 -52.15 1.55
CA PRO A 829 -17.09 -52.12 1.38
C PRO A 829 -16.41 -53.37 0.92
N SER A 830 -15.98 -53.60 -0.30
CA SER A 830 -15.21 -54.82 -0.57
C SER A 830 -13.86 -54.81 0.15
N ARG A 831 -13.51 -55.74 1.04
CA ARG A 831 -12.14 -55.78 1.57
C ARG A 831 -11.29 -56.66 0.63
N GLN A 832 -11.85 -57.07 -0.49
CA GLN A 832 -11.22 -58.00 -1.42
C GLN A 832 -10.11 -57.31 -2.19
N ARG A 833 -9.05 -58.02 -2.47
CA ARG A 833 -7.89 -57.46 -3.13
C ARG A 833 -8.27 -57.11 -4.56
N LEU A 834 -7.54 -56.16 -5.12
CA LEU A 834 -7.74 -55.74 -6.49
C LEU A 834 -6.54 -56.37 -7.17
N PRO A 835 -6.59 -56.68 -8.49
CA PRO A 835 -5.56 -57.38 -9.29
C PRO A 835 -4.36 -56.51 -9.63
N ALA A 836 -3.49 -57.05 -10.49
CA ALA A 836 -2.45 -56.27 -11.17
C ALA A 836 -1.60 -55.26 -10.46
N PRO A 837 -0.32 -55.48 -10.56
CA PRO A 837 0.63 -54.50 -11.03
C PRO A 837 0.20 -53.16 -11.64
N ARG B 10 28.80 -49.72 -1.92
CA ARG B 10 28.49 -48.35 -2.27
C ARG B 10 28.86 -48.03 -3.72
N LYS B 11 29.98 -48.55 -4.22
CA LYS B 11 30.22 -48.40 -5.65
C LYS B 11 29.15 -48.98 -6.58
N GLN B 12 28.22 -49.79 -6.07
CA GLN B 12 27.06 -50.22 -6.84
C GLN B 12 26.32 -48.94 -7.22
N ILE B 13 26.14 -47.98 -6.28
CA ILE B 13 25.52 -46.72 -6.62
C ILE B 13 26.51 -46.03 -7.57
N SER B 14 26.12 -46.32 -8.84
CA SER B 14 26.80 -45.97 -10.08
C SER B 14 25.91 -45.43 -11.18
N VAL B 15 26.62 -44.48 -11.81
CA VAL B 15 26.12 -43.63 -12.87
C VAL B 15 25.76 -44.49 -14.05
N ARG B 16 26.40 -45.64 -14.36
CA ARG B 16 26.17 -46.33 -15.65
C ARG B 16 24.84 -47.04 -15.97
N GLY B 17 23.74 -46.41 -15.55
CA GLY B 17 22.38 -46.89 -15.61
C GLY B 17 21.89 -47.21 -17.00
N LEU B 18 20.86 -46.42 -17.31
CA LEU B 18 20.11 -46.52 -18.54
C LEU B 18 20.94 -46.20 -19.78
N ALA B 19 16.07 -47.35 -38.84
CA ALA B 19 17.48 -47.08 -38.81
C ALA B 19 17.97 -46.82 -37.35
N GLY B 20 17.35 -47.51 -36.36
CA GLY B 20 17.72 -47.40 -34.95
C GLY B 20 17.79 -48.74 -34.19
N VAL B 21 16.63 -49.42 -33.98
CA VAL B 21 16.39 -50.69 -33.21
C VAL B 21 17.38 -51.24 -32.16
N GLU B 22 16.85 -51.98 -31.15
CA GLU B 22 17.56 -52.42 -29.93
C GLU B 22 17.79 -51.15 -29.09
N ASN B 23 18.40 -50.03 -29.52
CA ASN B 23 18.25 -48.78 -28.78
C ASN B 23 16.80 -48.35 -29.01
N VAL B 24 16.20 -48.45 -30.22
CA VAL B 24 14.76 -48.20 -30.40
C VAL B 24 13.90 -49.11 -29.50
N THR B 25 14.43 -50.31 -29.24
CA THR B 25 13.77 -51.22 -28.32
C THR B 25 13.59 -50.57 -26.94
N GLU B 26 14.69 -49.84 -26.56
CA GLU B 26 14.82 -49.09 -25.31
C GLU B 26 14.06 -47.77 -25.18
N LEU B 27 14.20 -46.88 -26.18
CA LEU B 27 13.58 -45.58 -26.11
C LEU B 27 12.09 -45.74 -25.94
N LYS B 28 11.41 -46.73 -26.51
CA LYS B 28 9.96 -46.85 -26.31
C LYS B 28 9.56 -47.17 -24.89
N LYS B 29 10.49 -47.82 -24.19
CA LYS B 29 10.30 -48.21 -22.80
C LYS B 29 10.29 -46.98 -21.88
N ASN B 30 11.38 -46.20 -22.00
CA ASN B 30 11.54 -44.99 -21.21
C ASN B 30 10.56 -43.95 -21.74
N PHE B 31 9.95 -44.00 -22.91
CA PHE B 31 8.89 -43.05 -23.22
C PHE B 31 7.73 -43.47 -22.34
N ASN B 32 7.46 -44.77 -22.25
CA ASN B 32 6.33 -45.22 -21.47
C ASN B 32 6.56 -45.18 -19.96
N ARG B 33 7.83 -45.14 -19.60
CA ARG B 33 8.26 -44.92 -18.24
C ARG B 33 7.93 -43.46 -17.92
N HIS B 34 8.38 -42.41 -18.65
CA HIS B 34 8.00 -41.02 -18.36
C HIS B 34 6.52 -40.71 -18.54
N LEU B 35 5.77 -41.33 -19.46
CA LEU B 35 4.38 -41.01 -19.58
C LEU B 35 3.62 -41.50 -18.34
N HIS B 36 4.09 -42.59 -17.71
CA HIS B 36 3.36 -43.16 -16.54
C HIS B 36 3.98 -42.83 -15.15
N PHE B 37 5.30 -42.92 -15.03
CA PHE B 37 5.99 -42.79 -13.75
C PHE B 37 6.43 -41.43 -13.30
N THR B 38 6.85 -40.58 -14.27
CA THR B 38 7.10 -39.17 -14.02
C THR B 38 5.83 -38.35 -14.35
N LEU B 39 5.18 -38.48 -15.52
CA LEU B 39 4.01 -37.70 -15.84
C LEU B 39 2.63 -38.10 -15.30
N VAL B 40 2.51 -39.33 -14.81
CA VAL B 40 1.29 -39.85 -14.19
C VAL B 40 -0.03 -39.55 -14.91
N LYS B 41 -0.09 -40.13 -16.11
CA LYS B 41 -1.21 -40.09 -17.06
C LYS B 41 -1.08 -41.44 -17.79
N ASP B 42 -2.11 -41.89 -18.52
CA ASP B 42 -1.97 -43.09 -19.34
C ASP B 42 -2.22 -42.76 -20.82
N ARG B 43 -2.52 -43.74 -21.69
CA ARG B 43 -2.71 -43.50 -23.14
C ARG B 43 -4.09 -42.89 -23.39
N ASN B 44 -4.99 -43.30 -22.48
CA ASN B 44 -6.36 -42.86 -22.45
C ASN B 44 -6.30 -41.39 -22.13
N VAL B 45 -5.43 -40.73 -21.33
CA VAL B 45 -5.59 -39.28 -21.16
C VAL B 45 -4.38 -38.40 -21.52
N ALA B 46 -3.27 -38.95 -22.01
CA ALA B 46 -2.16 -38.15 -22.53
C ALA B 46 -2.64 -37.38 -23.78
N THR B 47 -2.60 -36.09 -23.47
CA THR B 47 -2.99 -34.97 -24.31
C THR B 47 -1.77 -34.71 -25.18
N PRO B 48 -1.88 -34.21 -26.42
CA PRO B 48 -0.78 -34.08 -27.36
C PRO B 48 0.55 -33.58 -26.80
N ARG B 49 0.44 -32.72 -25.74
CA ARG B 49 1.54 -32.05 -24.98
C ARG B 49 2.24 -32.93 -23.96
N ASP B 50 1.43 -33.78 -23.32
CA ASP B 50 1.91 -34.73 -22.34
C ASP B 50 2.86 -35.65 -23.09
N TYR B 51 2.40 -36.09 -24.28
CA TYR B 51 3.16 -36.96 -25.18
C TYR B 51 4.51 -36.37 -25.45
N TYR B 52 4.56 -35.05 -25.52
CA TYR B 52 5.82 -34.36 -25.69
C TYR B 52 6.70 -34.28 -24.42
N PHE B 53 6.12 -34.03 -23.20
CA PHE B 53 6.94 -34.02 -21.96
C PHE B 53 7.63 -35.37 -21.73
N ALA B 54 6.89 -36.45 -21.97
CA ALA B 54 7.41 -37.80 -21.97
C ALA B 54 8.65 -37.91 -22.82
N LEU B 55 8.59 -37.47 -24.08
CA LEU B 55 9.69 -37.62 -25.01
C LEU B 55 10.84 -36.80 -24.54
N ALA B 56 10.58 -35.55 -24.11
CA ALA B 56 11.66 -34.68 -23.65
C ALA B 56 12.38 -35.36 -22.47
N HIS B 57 11.61 -35.81 -21.49
CA HIS B 57 12.23 -36.54 -20.42
C HIS B 57 13.02 -37.76 -20.93
N THR B 58 12.49 -38.60 -21.86
CA THR B 58 13.20 -39.78 -22.40
C THR B 58 14.53 -39.49 -23.12
N VAL B 59 14.76 -38.40 -23.91
CA VAL B 59 16.12 -38.18 -24.43
C VAL B 59 16.97 -37.43 -23.44
N ARG B 60 16.35 -36.77 -22.45
CA ARG B 60 17.08 -36.12 -21.41
C ARG B 60 17.72 -37.16 -20.55
N ASP B 61 17.11 -38.30 -20.23
CA ASP B 61 17.78 -39.29 -19.39
C ASP B 61 19.19 -39.53 -19.86
N HIS B 62 19.33 -39.55 -21.19
CA HIS B 62 20.61 -39.79 -21.87
C HIS B 62 21.68 -38.71 -21.71
N LEU B 63 21.18 -37.48 -21.59
CA LEU B 63 21.97 -36.25 -21.47
C LEU B 63 22.41 -35.95 -20.04
N VAL B 64 21.57 -36.15 -19.04
CA VAL B 64 22.02 -35.93 -17.67
C VAL B 64 23.12 -36.93 -17.36
N GLY B 65 23.07 -38.11 -17.95
CA GLY B 65 24.20 -39.04 -17.82
C GLY B 65 25.58 -38.52 -18.31
N ARG B 66 25.76 -38.10 -19.57
CA ARG B 66 27.04 -37.49 -20.01
C ARG B 66 27.32 -36.22 -19.16
N TRP B 67 26.30 -35.49 -18.59
CA TRP B 67 26.46 -34.32 -17.69
C TRP B 67 27.21 -34.67 -16.39
N ILE B 68 26.73 -35.68 -15.64
CA ILE B 68 27.39 -36.15 -14.42
C ILE B 68 28.85 -36.42 -14.68
N ARG B 69 29.11 -36.93 -15.87
CA ARG B 69 30.42 -37.28 -16.36
C ARG B 69 31.31 -36.08 -16.58
N THR B 70 30.86 -35.05 -17.33
CA THR B 70 31.57 -33.81 -17.62
C THR B 70 31.95 -33.14 -16.30
N GLN B 71 30.96 -32.99 -15.42
CA GLN B 71 31.15 -32.39 -14.11
C GLN B 71 32.14 -33.23 -13.25
N GLN B 72 31.98 -34.58 -13.16
CA GLN B 72 32.87 -35.49 -12.42
C GLN B 72 34.32 -35.23 -12.82
N HIS B 73 34.43 -35.21 -14.15
CA HIS B 73 35.64 -35.02 -14.95
C HIS B 73 36.37 -33.71 -14.77
N TYR B 74 35.58 -32.65 -14.75
CA TYR B 74 36.06 -31.30 -14.55
C TYR B 74 36.60 -31.24 -13.14
N TYR B 75 35.89 -31.83 -12.16
CA TYR B 75 36.36 -31.88 -10.78
C TYR B 75 37.70 -32.62 -10.67
N GLU B 76 37.94 -33.68 -11.43
CA GLU B 76 39.18 -34.42 -11.36
C GLU B 76 40.34 -33.61 -11.85
N LYS B 77 40.12 -33.18 -13.09
CA LYS B 77 41.08 -32.45 -13.88
C LYS B 77 41.42 -31.03 -13.44
N ASP B 78 40.50 -30.49 -12.66
CA ASP B 78 40.48 -29.15 -12.16
C ASP B 78 40.93 -28.17 -13.19
N PRO B 79 40.15 -27.96 -14.27
CA PRO B 79 40.43 -26.96 -15.29
C PRO B 79 39.86 -25.60 -14.92
N LYS B 80 40.27 -24.64 -15.75
CA LYS B 80 39.87 -23.24 -15.57
C LYS B 80 38.44 -23.09 -16.06
N ARG B 81 37.59 -22.55 -15.20
CA ARG B 81 36.22 -22.43 -15.61
C ARG B 81 35.94 -21.05 -16.18
N ILE B 82 35.01 -20.96 -17.13
CA ILE B 82 34.66 -19.71 -17.75
C ILE B 82 33.16 -19.55 -17.51
N TYR B 83 32.86 -18.39 -16.98
CA TYR B 83 31.54 -17.97 -16.55
C TYR B 83 31.13 -16.95 -17.57
N TYR B 84 29.99 -17.10 -18.17
CA TYR B 84 29.68 -16.13 -19.18
C TYR B 84 28.35 -15.48 -18.79
N LEU B 85 28.59 -14.33 -18.13
CA LEU B 85 27.56 -13.46 -17.59
C LEU B 85 26.76 -12.69 -18.63
N SER B 86 25.45 -12.91 -18.79
CA SER B 86 24.59 -12.22 -19.74
C SER B 86 23.19 -12.21 -19.14
N LEU B 87 22.40 -11.15 -19.25
CA LEU B 87 21.10 -11.23 -18.66
C LEU B 87 20.10 -11.82 -19.64
N GLU B 88 20.43 -12.40 -20.82
CA GLU B 88 19.43 -13.01 -21.74
C GLU B 88 20.10 -14.21 -22.38
N PHE B 89 19.51 -15.41 -22.42
CA PHE B 89 20.07 -16.53 -23.17
C PHE B 89 18.94 -17.02 -24.06
N TYR B 90 19.00 -16.80 -25.37
CA TYR B 90 17.88 -17.06 -26.26
C TYR B 90 17.93 -18.45 -26.88
N MET B 91 17.84 -19.45 -26.00
CA MET B 91 17.93 -20.88 -26.33
C MET B 91 16.91 -21.45 -27.31
N GLY B 92 15.78 -20.82 -27.52
CA GLY B 92 14.75 -21.26 -28.43
C GLY B 92 14.58 -22.72 -28.82
N ARG B 93 14.05 -23.59 -27.97
CA ARG B 93 13.77 -25.01 -28.27
C ARG B 93 14.95 -25.97 -28.40
N THR B 94 14.84 -26.98 -27.57
CA THR B 94 15.97 -27.82 -27.38
C THR B 94 15.70 -29.25 -27.70
N LEU B 95 14.50 -29.85 -27.73
CA LEU B 95 14.32 -31.26 -28.06
C LEU B 95 15.18 -31.66 -29.25
N GLN B 96 14.92 -31.19 -30.51
CA GLN B 96 15.66 -31.57 -31.74
C GLN B 96 17.13 -31.33 -31.67
N ASN B 97 17.46 -30.20 -31.06
CA ASN B 97 18.85 -29.83 -30.90
C ASN B 97 19.49 -30.80 -29.96
N THR B 98 18.85 -31.24 -28.90
CA THR B 98 19.49 -32.18 -27.98
C THR B 98 19.68 -33.54 -28.63
N MET B 99 18.72 -33.92 -29.50
CA MET B 99 18.82 -35.15 -30.27
C MET B 99 19.99 -35.08 -31.24
N VAL B 100 20.18 -33.95 -31.97
CA VAL B 100 21.24 -33.97 -32.95
C VAL B 100 22.54 -33.93 -32.24
N ASN B 101 22.95 -33.05 -31.33
CA ASN B 101 24.32 -33.10 -30.82
C ASN B 101 24.61 -34.43 -30.16
N LEU B 102 23.58 -35.22 -29.82
CA LEU B 102 23.85 -36.51 -29.26
C LEU B 102 23.84 -37.66 -30.26
N ALA B 103 23.14 -37.56 -31.39
CA ALA B 103 22.91 -38.62 -32.38
C ALA B 103 21.72 -39.54 -32.11
N LEU B 104 20.97 -39.33 -31.02
CA LEU B 104 19.72 -40.06 -30.79
C LEU B 104 18.57 -39.77 -31.76
N GLU B 105 18.84 -38.89 -32.73
CA GLU B 105 17.93 -38.54 -33.82
C GLU B 105 17.08 -39.69 -34.36
N ASN B 106 17.76 -40.59 -35.09
CA ASN B 106 17.10 -41.69 -35.74
C ASN B 106 16.47 -42.75 -34.89
N ALA B 107 17.02 -43.02 -33.70
CA ALA B 107 16.40 -44.00 -32.81
C ALA B 107 15.10 -43.48 -32.25
N CYS B 108 15.03 -42.16 -31.97
CA CYS B 108 13.82 -41.53 -31.41
C CYS B 108 12.78 -41.47 -32.46
N ASP B 109 13.30 -41.25 -33.67
CA ASP B 109 12.49 -41.14 -34.84
C ASP B 109 11.66 -42.41 -34.95
N GLU B 110 12.25 -43.61 -35.13
CA GLU B 110 11.42 -44.82 -35.15
C GLU B 110 10.64 -45.09 -33.86
N ALA B 111 11.28 -45.00 -32.69
CA ALA B 111 10.65 -45.19 -31.41
C ALA B 111 9.34 -44.39 -31.28
N THR B 112 9.22 -43.14 -31.73
CA THR B 112 7.92 -42.50 -31.62
C THR B 112 7.01 -42.82 -32.81
N TYR B 113 7.55 -43.35 -33.89
CA TYR B 113 6.72 -43.78 -35.00
C TYR B 113 6.02 -45.07 -34.59
N GLN B 114 6.76 -46.01 -33.98
CA GLN B 114 6.20 -47.26 -33.46
C GLN B 114 5.27 -46.99 -32.31
N LEU B 115 5.44 -45.94 -31.50
CA LEU B 115 4.42 -45.66 -30.51
C LEU B 115 3.32 -44.83 -31.17
N GLY B 116 3.41 -44.62 -32.48
CA GLY B 116 2.38 -44.06 -33.33
C GLY B 116 2.20 -42.56 -33.29
N LEU B 117 3.33 -41.90 -33.30
CA LEU B 117 3.32 -40.47 -33.01
C LEU B 117 4.29 -39.77 -33.95
N ASP B 118 3.87 -38.58 -34.38
CA ASP B 118 4.68 -37.76 -35.26
C ASP B 118 5.69 -36.88 -34.49
N MET B 119 6.99 -37.19 -34.52
CA MET B 119 7.94 -36.37 -33.80
C MET B 119 7.94 -34.98 -34.39
N GLU B 120 7.96 -34.65 -35.70
CA GLU B 120 7.92 -33.25 -36.12
C GLU B 120 6.59 -32.66 -35.68
N GLU B 121 5.57 -33.39 -35.18
CA GLU B 121 4.40 -32.74 -34.60
C GLU B 121 4.64 -32.40 -33.10
N LEU B 122 5.50 -33.15 -32.42
CA LEU B 122 5.77 -33.01 -30.99
C LEU B 122 6.88 -31.99 -30.83
N GLU B 123 7.90 -31.90 -31.71
CA GLU B 123 8.91 -30.83 -31.63
C GLU B 123 8.17 -29.48 -31.71
N GLU B 124 7.03 -29.44 -32.40
CA GLU B 124 6.25 -28.26 -32.41
C GLU B 124 5.51 -27.94 -31.09
N ILE B 125 5.38 -28.87 -30.13
CA ILE B 125 4.70 -28.60 -28.84
C ILE B 125 5.55 -27.78 -27.86
N GLU B 126 6.87 -27.88 -27.99
CA GLU B 126 7.82 -27.21 -27.13
C GLU B 126 7.56 -25.74 -27.32
N GLU B 127 7.87 -24.94 -26.31
CA GLU B 127 7.54 -23.53 -26.29
C GLU B 127 8.90 -22.86 -26.31
N ASP B 128 9.14 -21.85 -27.19
CA ASP B 128 10.43 -21.16 -27.29
C ASP B 128 10.62 -20.56 -25.91
N ALA B 129 11.77 -20.91 -25.33
CA ALA B 129 12.11 -20.42 -23.99
C ALA B 129 12.21 -18.88 -23.93
N GLY B 130 11.38 -18.27 -23.07
CA GLY B 130 11.36 -16.83 -22.87
C GLY B 130 12.56 -16.33 -22.07
N LEU B 131 13.77 -16.45 -22.61
CA LEU B 131 14.97 -16.01 -21.93
C LEU B 131 15.77 -15.00 -22.76
N GLY B 132 15.15 -14.31 -23.71
CA GLY B 132 15.94 -13.53 -24.62
C GLY B 132 15.06 -12.56 -25.35
N ASN B 133 15.74 -11.82 -26.21
CA ASN B 133 15.17 -10.78 -27.06
C ASN B 133 15.83 -10.74 -28.41
N GLY B 134 17.13 -10.45 -28.31
CA GLY B 134 17.82 -10.09 -29.53
C GLY B 134 18.97 -10.99 -29.74
N GLY B 135 19.74 -10.61 -30.74
CA GLY B 135 20.90 -11.40 -31.06
C GLY B 135 21.90 -11.35 -29.92
N LEU B 136 21.61 -10.93 -28.69
CA LEU B 136 22.57 -10.90 -27.60
C LEU B 136 22.28 -12.08 -26.68
N GLY B 137 21.04 -12.56 -26.77
CA GLY B 137 20.69 -13.78 -26.09
C GLY B 137 21.08 -14.94 -27.00
N ARG B 138 20.83 -14.72 -28.29
CA ARG B 138 21.10 -15.71 -29.32
C ARG B 138 22.62 -15.90 -29.46
N LEU B 139 23.42 -14.86 -29.32
CA LEU B 139 24.86 -14.89 -29.25
C LEU B 139 25.34 -15.71 -28.07
N ALA B 140 24.68 -15.62 -26.91
CA ALA B 140 25.08 -16.36 -25.72
C ALA B 140 24.68 -17.80 -25.83
N ALA B 141 23.52 -18.07 -26.42
CA ALA B 141 23.09 -19.42 -26.79
C ALA B 141 24.07 -20.08 -27.80
N CYS B 142 24.29 -19.45 -28.94
CA CYS B 142 25.30 -19.93 -29.84
C CYS B 142 26.67 -20.07 -29.15
N PHE B 143 27.09 -19.18 -28.26
CA PHE B 143 28.41 -19.32 -27.71
C PHE B 143 28.43 -20.50 -26.77
N LEU B 144 27.30 -20.79 -26.11
CA LEU B 144 27.36 -21.90 -25.14
C LEU B 144 27.54 -23.20 -25.87
N ASP B 145 26.98 -23.39 -27.09
CA ASP B 145 27.15 -24.60 -27.93
C ASP B 145 28.59 -24.81 -28.39
N SER B 146 29.29 -23.77 -28.79
CA SER B 146 30.69 -23.94 -29.12
C SER B 146 31.57 -24.14 -27.93
N MET B 147 31.25 -23.60 -26.75
CA MET B 147 32.07 -23.80 -25.56
C MET B 147 32.04 -25.28 -25.32
N ALA B 148 30.81 -25.78 -25.34
CA ALA B 148 30.44 -27.18 -25.18
C ALA B 148 31.18 -28.07 -26.19
N THR B 149 30.98 -27.93 -27.51
CA THR B 149 31.74 -28.71 -28.53
C THR B 149 33.28 -28.67 -28.53
N LEU B 150 33.90 -27.54 -28.26
CA LEU B 150 35.34 -27.38 -28.19
C LEU B 150 35.91 -27.83 -26.87
N GLY B 151 34.99 -28.22 -25.96
CA GLY B 151 35.33 -28.93 -24.71
C GLY B 151 35.82 -28.14 -23.50
N LEU B 152 35.42 -26.86 -23.48
CA LEU B 152 35.78 -25.89 -22.46
C LEU B 152 34.83 -25.97 -21.29
N ALA B 153 35.43 -25.88 -20.14
CA ALA B 153 34.79 -25.91 -18.87
C ALA B 153 33.83 -24.73 -18.60
N ALA B 154 32.74 -24.50 -19.30
CA ALA B 154 32.00 -23.27 -19.14
C ALA B 154 30.63 -23.18 -18.51
N TYR B 155 30.45 -22.59 -17.33
CA TYR B 155 29.09 -22.56 -16.81
C TYR B 155 28.64 -21.16 -17.21
N GLY B 156 27.42 -21.10 -17.80
CA GLY B 156 26.76 -19.87 -18.28
C GLY B 156 25.80 -19.27 -17.27
N TYR B 157 25.88 -17.99 -16.96
CA TYR B 157 25.14 -17.49 -15.83
C TYR B 157 24.18 -16.39 -16.25
N GLY B 158 22.94 -16.30 -15.78
CA GLY B 158 22.01 -15.25 -16.15
C GLY B 158 20.82 -15.35 -15.17
N ILE B 159 19.65 -14.74 -15.41
CA ILE B 159 18.47 -14.71 -14.53
C ILE B 159 17.36 -15.42 -15.24
N ARG B 160 16.54 -16.17 -14.56
CA ARG B 160 15.50 -16.94 -15.22
C ARG B 160 14.27 -16.11 -15.17
N TYR B 161 13.68 -15.91 -16.33
CA TYR B 161 12.49 -15.11 -16.40
C TYR B 161 11.31 -16.04 -16.44
N GLU B 162 10.16 -15.67 -15.87
CA GLU B 162 9.00 -16.53 -16.02
C GLU B 162 8.31 -16.16 -17.30
N PHE B 163 8.46 -14.87 -17.68
CA PHE B 163 7.94 -14.34 -18.93
C PHE B 163 9.04 -14.01 -19.95
N GLY B 164 10.08 -13.22 -19.66
CA GLY B 164 11.06 -12.91 -20.74
C GLY B 164 10.55 -11.80 -21.68
N ILE B 165 10.27 -11.97 -23.01
CA ILE B 165 9.74 -10.85 -23.81
C ILE B 165 8.67 -11.22 -24.84
N PHE B 166 7.54 -10.66 -24.38
CA PHE B 166 6.23 -10.58 -25.00
C PHE B 166 5.99 -11.26 -26.34
N ASN B 167 4.80 -11.74 -26.60
CA ASN B 167 4.61 -12.23 -27.93
C ASN B 167 3.66 -11.31 -28.66
N GLN B 168 4.18 -10.85 -29.82
CA GLN B 168 3.54 -9.94 -30.76
C GLN B 168 2.42 -10.74 -31.40
N LYS B 169 1.27 -10.10 -31.56
CA LYS B 169 0.17 -10.69 -32.27
C LYS B 169 -0.58 -9.58 -32.99
N ILE B 170 -0.16 -9.29 -34.20
CA ILE B 170 -0.67 -8.26 -35.08
C ILE B 170 -2.18 -8.31 -35.26
N CYS B 171 -2.90 -7.20 -34.99
CA CYS B 171 -4.37 -7.09 -35.24
C CYS B 171 -4.81 -5.87 -36.04
N GLY B 172 -5.33 -6.02 -37.27
CA GLY B 172 -5.65 -4.85 -38.09
C GLY B 172 -4.39 -4.12 -38.56
N GLY B 173 -3.22 -4.71 -38.34
CA GLY B 173 -1.95 -4.10 -38.63
C GLY B 173 -1.14 -3.70 -37.39
N TRP B 174 -1.75 -3.48 -36.23
CA TRP B 174 -1.02 -3.02 -35.07
C TRP B 174 -0.40 -4.16 -34.25
N GLN B 175 0.85 -4.03 -33.79
CA GLN B 175 1.58 -5.04 -33.01
C GLN B 175 0.90 -5.17 -31.68
N MET B 176 0.37 -6.36 -31.37
CA MET B 176 -0.22 -6.49 -30.05
C MET B 176 0.62 -7.39 -29.20
N GLU B 177 1.15 -6.75 -28.18
CA GLU B 177 1.94 -7.45 -27.19
C GLU B 177 1.14 -8.32 -26.18
N GLU B 178 1.04 -9.64 -26.40
CA GLU B 178 0.52 -10.62 -25.45
C GLU B 178 1.64 -11.17 -24.52
N ALA B 179 1.33 -11.99 -23.53
CA ALA B 179 2.36 -12.51 -22.62
C ALA B 179 3.17 -13.71 -23.12
N ASP B 180 4.37 -13.89 -22.54
CA ASP B 180 5.30 -14.95 -22.91
C ASP B 180 5.42 -15.90 -21.72
N ASP B 181 4.33 -16.38 -21.10
CA ASP B 181 4.50 -17.20 -19.90
C ASP B 181 4.66 -18.67 -20.22
N TRP B 182 5.81 -18.90 -20.82
CA TRP B 182 6.25 -20.21 -21.29
C TRP B 182 6.30 -21.28 -20.22
N LEU B 183 6.76 -21.03 -19.01
CA LEU B 183 6.84 -22.05 -17.95
C LEU B 183 5.51 -22.56 -17.33
N ARG B 184 4.43 -22.34 -18.07
CA ARG B 184 3.08 -22.75 -17.75
C ARG B 184 3.03 -24.19 -17.26
N TYR B 185 3.54 -25.13 -18.06
CA TYR B 185 3.44 -26.47 -17.60
C TYR B 185 4.80 -26.93 -17.18
N GLY B 186 5.63 -26.03 -16.71
CA GLY B 186 7.01 -26.38 -16.44
C GLY B 186 7.78 -26.53 -17.76
N ASN B 187 9.08 -26.73 -17.52
CA ASN B 187 10.11 -26.90 -18.53
C ASN B 187 10.70 -28.25 -18.16
N PRO B 188 10.80 -29.29 -19.02
CA PRO B 188 11.45 -30.56 -18.68
C PRO B 188 12.95 -30.57 -18.59
N TRP B 189 13.61 -29.61 -19.20
CA TRP B 189 15.06 -29.59 -19.15
C TRP B 189 15.58 -28.90 -17.88
N GLU B 190 14.81 -28.10 -17.15
CA GLU B 190 15.39 -27.39 -16.01
C GLU B 190 15.31 -28.29 -14.84
N LYS B 191 16.42 -28.27 -14.10
CA LYS B 191 16.48 -29.00 -12.86
C LYS B 191 16.77 -28.03 -11.74
N ALA B 192 15.74 -27.65 -11.03
CA ALA B 192 15.85 -26.78 -9.88
C ALA B 192 16.62 -27.37 -8.72
N ARG B 193 17.49 -26.49 -8.22
CA ARG B 193 18.43 -26.87 -7.19
C ARG B 193 18.05 -26.27 -5.84
N PRO B 194 17.04 -26.70 -5.09
CA PRO B 194 16.68 -26.09 -3.81
C PRO B 194 17.87 -25.99 -2.85
N GLU B 195 18.79 -26.95 -2.85
CA GLU B 195 19.99 -26.95 -2.05
C GLU B 195 20.70 -25.62 -2.06
N PHE B 196 21.17 -25.20 -3.25
CA PHE B 196 22.03 -24.05 -3.38
C PHE B 196 21.33 -22.66 -3.33
N THR B 197 20.20 -22.47 -2.62
CA THR B 197 19.56 -21.18 -2.50
C THR B 197 20.40 -20.24 -1.65
N LEU B 198 20.75 -19.05 -2.13
CA LEU B 198 21.61 -18.16 -1.37
C LEU B 198 21.22 -16.68 -1.38
N PRO B 199 21.43 -15.81 -0.37
CA PRO B 199 21.14 -14.36 -0.34
C PRO B 199 21.81 -13.38 -1.29
N VAL B 200 21.09 -12.29 -1.52
CA VAL B 200 21.48 -11.17 -2.37
C VAL B 200 21.11 -9.96 -1.50
N HIS B 201 21.96 -9.02 -1.08
CA HIS B 201 21.46 -8.03 -0.13
C HIS B 201 21.21 -6.69 -0.76
N PHE B 202 20.14 -5.97 -0.47
CA PHE B 202 19.92 -4.64 -1.00
C PHE B 202 19.80 -3.53 0.06
N TYR B 203 19.86 -2.24 -0.30
CA TYR B 203 19.80 -1.09 0.63
C TYR B 203 20.74 -1.21 1.83
N GLY B 204 20.44 -0.96 3.10
CA GLY B 204 21.40 -0.99 4.19
C GLY B 204 22.25 0.28 4.28
N ARG B 205 23.39 0.20 4.96
CA ARG B 205 24.31 1.32 5.18
C ARG B 205 25.72 0.83 5.51
N VAL B 206 26.83 1.57 5.30
CA VAL B 206 28.17 1.06 5.61
C VAL B 206 28.77 1.50 6.95
N GLU B 207 28.64 0.57 7.90
CA GLU B 207 29.18 0.70 9.25
C GLU B 207 30.68 0.46 9.23
N HIS B 208 31.48 1.51 9.10
CA HIS B 208 32.92 1.38 9.09
C HIS B 208 33.49 1.08 10.46
N THR B 209 34.08 -0.14 10.53
CA THR B 209 34.63 -0.75 11.73
C THR B 209 35.61 -1.89 11.35
N SER B 210 36.33 -2.38 12.38
CA SER B 210 37.20 -3.53 12.38
C SER B 210 38.52 -3.31 11.64
N GLN B 211 38.59 -3.60 10.36
CA GLN B 211 39.80 -3.37 9.61
C GLN B 211 39.22 -3.08 8.23
N GLY B 212 38.10 -2.34 8.25
CA GLY B 212 37.41 -1.94 7.05
C GLY B 212 36.08 -1.22 7.26
N ALA B 213 35.02 -1.92 6.82
CA ALA B 213 33.66 -1.44 6.71
C ALA B 213 32.73 -2.61 6.92
N LYS B 214 31.45 -2.37 7.18
CA LYS B 214 30.51 -3.45 7.34
C LYS B 214 29.15 -2.93 6.92
N TRP B 215 28.71 -3.41 5.78
CA TRP B 215 27.43 -3.07 5.19
C TRP B 215 26.42 -3.75 6.10
N VAL B 216 25.45 -3.03 6.68
CA VAL B 216 24.42 -3.65 7.53
C VAL B 216 23.04 -3.03 7.33
N ASP B 217 22.05 -3.51 8.10
CA ASP B 217 20.67 -3.03 8.14
C ASP B 217 20.08 -3.50 6.80
N THR B 218 20.57 -4.60 6.12
CA THR B 218 20.12 -4.90 4.75
C THR B 218 18.82 -5.65 4.58
N GLN B 219 18.29 -5.41 3.38
CA GLN B 219 17.16 -6.11 2.83
C GLN B 219 17.71 -7.38 2.15
N VAL B 220 17.04 -8.54 2.14
CA VAL B 220 17.63 -9.78 1.67
C VAL B 220 16.66 -10.35 0.66
N VAL B 221 17.05 -10.76 -0.55
CA VAL B 221 16.16 -11.44 -1.51
C VAL B 221 16.86 -12.79 -1.64
N LEU B 222 16.18 -13.94 -1.65
CA LEU B 222 16.92 -15.16 -1.75
C LEU B 222 17.00 -15.54 -3.25
N ALA B 223 18.19 -15.82 -3.83
CA ALA B 223 18.40 -16.35 -5.16
C ALA B 223 18.63 -17.88 -5.21
N MET B 224 17.64 -18.60 -5.74
CA MET B 224 17.51 -20.05 -5.83
C MET B 224 17.89 -20.39 -7.27
N PRO B 225 18.88 -21.23 -7.57
CA PRO B 225 19.26 -21.57 -8.92
C PRO B 225 18.54 -22.74 -9.61
N TYR B 226 18.61 -22.68 -10.95
CA TYR B 226 18.06 -23.69 -11.85
C TYR B 226 19.10 -24.08 -12.91
N ASP B 227 19.88 -25.10 -12.60
CA ASP B 227 20.87 -25.63 -13.48
C ASP B 227 20.20 -26.18 -14.72
N THR B 228 20.77 -25.98 -15.90
CA THR B 228 20.22 -26.44 -17.17
C THR B 228 21.32 -26.86 -18.17
N PRO B 229 21.34 -28.13 -18.62
CA PRO B 229 22.31 -28.74 -19.55
C PRO B 229 22.57 -28.25 -20.97
N VAL B 230 23.84 -28.10 -21.40
CA VAL B 230 24.06 -27.73 -22.79
C VAL B 230 24.93 -28.83 -23.46
N PRO B 231 24.49 -29.64 -24.47
CA PRO B 231 25.33 -30.64 -25.17
C PRO B 231 26.36 -30.13 -26.14
N GLY B 232 27.36 -30.89 -26.60
CA GLY B 232 28.39 -30.45 -27.54
C GLY B 232 28.46 -31.40 -28.75
N TYR B 233 28.95 -31.08 -29.96
CA TYR B 233 28.72 -31.99 -31.07
C TYR B 233 29.35 -33.35 -31.03
N ARG B 234 28.45 -34.34 -30.76
CA ARG B 234 28.75 -35.79 -30.67
C ARG B 234 29.99 -35.96 -29.80
N ASN B 235 29.98 -35.18 -28.72
CA ASN B 235 31.19 -34.97 -27.93
C ASN B 235 31.22 -35.59 -26.54
N ASN B 236 30.00 -35.81 -26.05
CA ASN B 236 29.70 -36.29 -24.71
C ASN B 236 30.01 -35.44 -23.47
N VAL B 237 30.26 -34.16 -23.73
CA VAL B 237 30.33 -33.21 -22.64
C VAL B 237 28.93 -32.59 -22.56
N VAL B 238 28.42 -32.53 -21.35
CA VAL B 238 27.32 -31.62 -21.12
C VAL B 238 27.80 -30.49 -20.17
N ASN B 239 27.67 -29.27 -20.68
CA ASN B 239 28.03 -28.10 -19.90
C ASN B 239 26.78 -27.59 -19.15
N THR B 240 26.87 -26.60 -18.27
CA THR B 240 25.73 -26.14 -17.51
C THR B 240 25.28 -24.80 -18.04
N MET B 241 24.09 -24.45 -17.60
CA MET B 241 23.53 -23.11 -17.68
C MET B 241 22.68 -22.96 -16.40
N ARG B 242 23.14 -22.22 -15.43
CA ARG B 242 22.47 -22.07 -14.15
C ARG B 242 21.89 -20.68 -14.10
N LEU B 243 20.59 -20.73 -14.27
CA LEU B 243 19.82 -19.53 -14.29
C LEU B 243 19.32 -19.19 -12.90
N TRP B 244 19.18 -17.93 -12.47
CA TRP B 244 18.64 -17.63 -11.16
C TRP B 244 17.17 -17.20 -11.09
N SER B 245 16.47 -17.85 -10.21
CA SER B 245 15.08 -17.52 -9.92
C SER B 245 15.13 -16.62 -8.66
N ALA B 246 14.20 -15.72 -8.30
CA ALA B 246 14.26 -14.98 -7.04
C ALA B 246 13.06 -15.29 -6.18
N LYS B 247 13.21 -15.31 -4.85
CA LYS B 247 12.16 -15.70 -3.91
C LYS B 247 12.31 -14.79 -2.70
N ALA B 248 11.18 -14.21 -2.28
CA ALA B 248 11.14 -13.41 -1.06
C ALA B 248 11.36 -14.40 0.06
N PRO B 249 12.16 -14.13 1.09
CA PRO B 249 12.01 -14.74 2.39
C PRO B 249 10.55 -14.69 2.76
N ASN B 250 10.06 -15.60 3.56
CA ASN B 250 8.68 -15.41 3.95
C ASN B 250 8.53 -16.05 5.28
N ASP B 251 9.41 -15.76 6.21
CA ASP B 251 9.06 -16.17 7.56
C ASP B 251 8.16 -15.03 8.14
N PHE B 252 8.23 -13.89 7.43
CA PHE B 252 7.49 -12.69 7.71
C PHE B 252 5.98 -12.77 7.47
N ASN B 253 5.28 -12.46 8.58
CA ASN B 253 3.80 -12.48 8.74
C ASN B 253 3.44 -12.09 10.17
N LEU B 254 4.24 -12.60 11.12
CA LEU B 254 4.24 -12.32 12.56
C LEU B 254 5.72 -12.51 13.02
N LYS B 255 6.71 -12.56 12.09
CA LYS B 255 8.09 -12.88 12.42
C LYS B 255 9.19 -12.03 11.75
N ASP B 256 10.06 -11.62 12.70
CA ASP B 256 11.27 -10.76 12.66
C ASP B 256 11.13 -9.70 13.78
N PHE B 257 9.85 -9.45 14.10
CA PHE B 257 9.33 -8.45 15.02
C PHE B 257 9.55 -7.11 14.35
N ASN B 258 8.35 -6.98 13.80
CA ASN B 258 8.05 -6.06 12.73
C ASN B 258 6.54 -5.92 12.51
N VAL B 259 5.79 -7.02 12.68
CA VAL B 259 4.42 -7.07 12.17
C VAL B 259 3.15 -7.01 13.01
N GLY B 260 2.40 -6.05 12.47
CA GLY B 260 1.12 -5.59 12.96
C GLY B 260 0.84 -4.23 12.33
N GLY B 261 1.80 -3.30 12.42
CA GLY B 261 1.69 -1.87 12.05
C GLY B 261 1.22 -1.52 10.65
N TYR B 262 2.03 -2.08 9.76
CA TYR B 262 1.69 -2.16 8.38
C TYR B 262 2.66 -3.08 7.69
N ILE B 263 2.10 -3.66 6.62
CA ILE B 263 2.86 -4.57 5.83
C ILE B 263 3.01 -3.75 4.58
N GLN B 264 4.00 -2.86 4.61
CA GLN B 264 4.46 -2.25 3.37
C GLN B 264 5.58 -3.18 2.89
N ALA B 265 5.86 -4.24 3.68
CA ALA B 265 6.69 -5.37 3.29
C ALA B 265 5.83 -6.54 2.72
N VAL B 266 4.63 -6.19 2.21
CA VAL B 266 3.81 -7.03 1.31
C VAL B 266 4.72 -6.92 0.11
N LEU B 267 4.94 -5.64 -0.17
CA LEU B 267 5.70 -5.15 -1.29
C LEU B 267 7.12 -5.60 -1.41
N ASP B 268 7.84 -5.98 -0.35
CA ASP B 268 9.22 -6.45 -0.47
C ASP B 268 9.31 -7.49 -1.60
N ARG B 269 8.33 -8.40 -1.54
CA ARG B 269 8.05 -9.45 -2.51
C ARG B 269 7.70 -8.97 -3.92
N ASN B 270 6.74 -8.09 -4.18
CA ASN B 270 6.37 -7.76 -5.55
C ASN B 270 7.13 -6.58 -6.10
N LEU B 271 8.42 -6.95 -6.10
CA LEU B 271 9.60 -6.35 -6.70
C LEU B 271 10.85 -7.00 -6.10
N ALA B 272 10.62 -8.33 -5.98
CA ALA B 272 11.58 -9.32 -5.51
C ALA B 272 11.26 -10.71 -6.03
N GLU B 273 10.00 -11.14 -6.19
CA GLU B 273 9.68 -12.29 -7.07
C GLU B 273 9.89 -11.72 -8.50
N ASN B 274 9.30 -10.52 -8.58
CA ASN B 274 9.35 -9.54 -9.67
C ASN B 274 10.71 -9.22 -10.28
N ILE B 275 11.81 -9.43 -9.56
CA ILE B 275 13.18 -9.31 -10.08
C ILE B 275 13.41 -10.28 -11.27
N SER B 276 12.77 -11.46 -11.29
CA SER B 276 12.96 -12.43 -12.37
C SER B 276 11.75 -12.52 -13.27
N ARG B 277 10.66 -11.79 -13.03
CA ARG B 277 9.47 -12.02 -13.84
C ARG B 277 9.57 -11.58 -15.32
N VAL B 278 10.36 -10.56 -15.70
CA VAL B 278 10.25 -10.09 -17.07
C VAL B 278 11.49 -9.49 -17.66
N LEU B 279 11.75 -9.79 -18.92
CA LEU B 279 12.93 -9.24 -19.56
C LEU B 279 12.61 -7.83 -20.00
N TYR B 280 13.49 -7.25 -20.82
CA TYR B 280 13.37 -5.90 -21.29
C TYR B 280 13.93 -5.83 -22.73
N PRO B 281 13.13 -5.24 -23.69
CA PRO B 281 13.02 -5.60 -25.13
C PRO B 281 13.81 -4.96 -26.31
N GLU B 287 16.44 3.11 -20.70
CA GLU B 287 15.62 3.70 -19.66
C GLU B 287 16.45 3.57 -18.38
N GLY B 288 15.82 3.69 -17.20
CA GLY B 288 16.52 3.60 -15.91
C GLY B 288 15.63 3.30 -14.68
N LYS B 289 15.02 2.11 -14.52
CA LYS B 289 14.31 1.86 -13.27
C LYS B 289 15.26 1.29 -12.21
N GLU B 290 14.86 1.51 -10.94
CA GLU B 290 15.48 0.95 -9.76
C GLU B 290 15.42 -0.54 -9.99
N LEU B 291 14.38 -1.11 -10.61
CA LEU B 291 14.28 -2.54 -10.81
C LEU B 291 15.35 -3.00 -11.79
N ARG B 292 15.76 -2.32 -12.88
CA ARG B 292 16.84 -2.82 -13.73
C ARG B 292 18.16 -2.98 -13.01
N LEU B 293 18.56 -2.04 -12.14
CA LEU B 293 19.79 -2.10 -11.36
C LEU B 293 19.73 -3.20 -10.28
N LYS B 294 18.51 -3.26 -9.74
CA LYS B 294 18.10 -4.28 -8.78
C LYS B 294 18.19 -5.64 -9.47
N GLN B 295 17.98 -5.69 -10.80
CA GLN B 295 17.95 -6.92 -11.59
C GLN B 295 19.34 -7.47 -11.91
N GLU B 296 20.24 -6.61 -12.37
CA GLU B 296 21.60 -7.06 -12.59
C GLU B 296 22.43 -7.09 -11.27
N TYR B 297 22.10 -6.43 -10.15
CA TYR B 297 22.89 -6.78 -8.97
C TYR B 297 22.57 -8.22 -8.58
N PHE B 298 21.29 -8.63 -8.64
CA PHE B 298 20.83 -9.97 -8.31
C PHE B 298 21.63 -11.08 -9.03
N VAL B 299 21.60 -11.17 -10.37
CA VAL B 299 22.37 -12.17 -11.13
C VAL B 299 23.80 -12.15 -10.71
N VAL B 300 24.40 -11.00 -10.41
CA VAL B 300 25.81 -10.98 -10.08
C VAL B 300 26.15 -11.38 -8.64
N ALA B 301 25.31 -11.14 -7.64
CA ALA B 301 25.65 -11.41 -6.26
C ALA B 301 25.67 -12.87 -6.10
N ALA B 302 24.58 -13.53 -6.49
CA ALA B 302 24.49 -14.98 -6.47
C ALA B 302 25.64 -15.54 -7.31
N THR B 303 25.83 -15.29 -8.58
CA THR B 303 26.97 -15.73 -9.33
C THR B 303 28.32 -15.61 -8.63
N LEU B 304 28.83 -14.54 -8.05
CA LEU B 304 30.16 -14.62 -7.41
C LEU B 304 30.16 -15.33 -6.06
N GLN B 305 28.97 -15.39 -5.47
CA GLN B 305 28.78 -16.12 -4.26
C GLN B 305 28.99 -17.52 -4.77
N ASP B 306 28.47 -17.99 -5.91
CA ASP B 306 28.62 -19.39 -6.39
C ASP B 306 29.98 -19.86 -6.96
N ILE B 307 30.70 -18.89 -7.55
CA ILE B 307 32.06 -18.99 -8.10
C ILE B 307 33.16 -19.08 -7.07
N ILE B 308 33.20 -18.27 -6.00
CA ILE B 308 34.23 -18.35 -4.96
C ILE B 308 33.94 -19.59 -4.14
N ARG B 309 32.66 -19.89 -3.99
CA ARG B 309 32.17 -21.14 -3.42
C ARG B 309 32.73 -22.25 -4.26
N ARG B 310 32.51 -22.37 -5.57
CA ARG B 310 33.10 -23.47 -6.33
C ARG B 310 34.62 -23.41 -6.46
N PHE B 311 35.37 -22.31 -6.50
CA PHE B 311 36.85 -22.29 -6.51
C PHE B 311 37.37 -22.96 -5.22
N LYS B 312 37.14 -22.26 -4.07
CA LYS B 312 37.35 -22.80 -2.73
C LYS B 312 36.85 -24.25 -2.63
N SER B 313 35.61 -24.69 -2.94
CA SER B 313 35.21 -26.08 -2.70
C SER B 313 35.72 -27.09 -3.69
N SER B 314 35.40 -26.93 -4.96
CA SER B 314 35.70 -27.97 -5.92
C SER B 314 37.21 -28.03 -6.06
N LYS B 315 37.71 -29.16 -5.50
CA LYS B 315 39.11 -29.56 -5.61
C LYS B 315 40.14 -28.68 -4.85
N PHE B 316 39.62 -27.68 -4.11
CA PHE B 316 40.40 -26.64 -3.43
C PHE B 316 40.13 -26.37 -1.94
N GLY B 317 39.08 -26.99 -1.35
CA GLY B 317 38.74 -26.87 0.08
C GLY B 317 39.75 -27.53 1.03
N CYS B 318 40.47 -28.44 0.40
CA CYS B 318 41.64 -29.05 0.96
C CYS B 318 42.79 -27.97 0.93
N ARG B 319 42.87 -27.07 -0.11
CA ARG B 319 44.04 -26.19 -0.37
C ARG B 319 44.08 -24.68 -0.08
N ASP B 320 44.99 -24.40 0.86
CA ASP B 320 45.24 -23.01 1.29
C ASP B 320 46.28 -22.34 0.43
N PRO B 321 47.54 -22.80 0.48
CA PRO B 321 48.70 -22.03 0.87
C PRO B 321 48.59 -20.80 1.78
N VAL B 322 47.74 -19.78 1.59
CA VAL B 322 47.71 -18.66 2.51
C VAL B 322 46.29 -18.15 2.51
N ARG B 323 45.41 -18.66 3.37
CA ARG B 323 43.97 -18.33 3.43
C ARG B 323 43.34 -18.51 2.04
N THR B 324 43.48 -19.79 1.67
CA THR B 324 43.02 -20.47 0.43
C THR B 324 43.15 -19.56 -0.77
N ASN B 325 44.35 -18.96 -0.76
CA ASN B 325 44.58 -17.80 -1.58
C ASN B 325 44.25 -17.79 -3.06
N PHE B 326 43.52 -16.71 -3.20
CA PHE B 326 42.98 -16.22 -4.41
C PHE B 326 44.13 -15.61 -5.23
N ASP B 327 45.40 -15.93 -4.97
CA ASP B 327 46.49 -15.57 -5.84
C ASP B 327 46.55 -16.51 -7.05
N ALA B 328 45.67 -17.51 -7.06
CA ALA B 328 45.50 -18.45 -8.16
C ALA B 328 44.06 -18.44 -8.61
N PHE B 329 43.21 -17.56 -8.06
CA PHE B 329 41.85 -17.42 -8.54
C PHE B 329 41.87 -17.08 -10.03
N PRO B 330 42.64 -16.13 -10.61
CA PRO B 330 42.67 -15.91 -12.05
C PRO B 330 43.23 -17.09 -12.86
N ASP B 331 43.74 -18.10 -12.16
CA ASP B 331 44.29 -19.28 -12.77
C ASP B 331 43.20 -20.30 -12.94
N LYS B 332 42.17 -20.21 -12.12
CA LYS B 332 41.08 -21.14 -12.30
C LYS B 332 39.70 -20.61 -12.61
N VAL B 333 39.51 -19.29 -12.67
CA VAL B 333 38.22 -18.67 -12.91
C VAL B 333 38.33 -17.78 -14.14
N ALA B 334 37.26 -17.23 -14.74
CA ALA B 334 37.26 -16.24 -15.85
C ALA B 334 35.83 -15.68 -15.95
N ILE B 335 35.54 -14.42 -15.63
CA ILE B 335 34.21 -13.88 -15.65
C ILE B 335 33.93 -13.18 -16.99
N GLN B 336 33.35 -13.69 -18.05
CA GLN B 336 33.10 -12.86 -19.22
C GLN B 336 31.97 -11.79 -19.17
N LEU B 337 32.23 -10.49 -18.96
CA LEU B 337 31.15 -9.51 -18.81
C LEU B 337 30.61 -9.07 -20.15
N ASN B 338 29.50 -9.70 -20.50
CA ASN B 338 28.86 -9.51 -21.80
C ASN B 338 27.82 -8.37 -21.98
N ASP B 339 28.41 -7.23 -22.36
CA ASP B 339 27.91 -5.85 -22.50
C ASP B 339 28.01 -5.19 -21.12
N THR B 340 27.56 -3.97 -20.83
CA THR B 340 27.72 -3.33 -19.52
C THR B 340 26.85 -3.89 -18.44
N HIS B 341 25.84 -4.66 -18.82
CA HIS B 341 24.86 -5.10 -17.84
C HIS B 341 25.29 -6.24 -16.90
N PRO B 342 26.49 -6.75 -16.79
CA PRO B 342 27.04 -7.08 -15.48
C PRO B 342 28.22 -6.31 -14.87
N SER B 343 28.41 -4.98 -15.01
CA SER B 343 29.57 -4.28 -14.47
C SER B 343 29.68 -4.27 -12.95
N LEU B 344 28.58 -4.35 -12.20
CA LEU B 344 28.56 -4.41 -10.74
C LEU B 344 29.18 -5.74 -10.22
N ALA B 345 29.74 -6.58 -11.09
CA ALA B 345 30.52 -7.74 -10.71
C ALA B 345 31.92 -7.27 -10.39
N ILE B 346 32.44 -6.22 -11.05
CA ILE B 346 33.79 -5.71 -10.77
C ILE B 346 33.81 -5.13 -9.36
N PRO B 347 32.91 -4.24 -8.85
CA PRO B 347 32.70 -4.05 -7.43
C PRO B 347 32.37 -5.31 -6.64
N GLU B 348 31.42 -6.19 -6.92
CA GLU B 348 31.22 -7.40 -6.09
C GLU B 348 32.42 -8.37 -5.91
N LEU B 349 33.38 -8.49 -6.81
CA LEU B 349 34.63 -9.19 -6.59
C LEU B 349 35.53 -8.08 -6.03
N MET B 350 35.21 -7.49 -4.88
CA MET B 350 36.05 -6.53 -4.11
C MET B 350 35.28 -6.40 -2.77
N ARG B 351 33.94 -6.26 -2.84
CA ARG B 351 33.07 -6.33 -1.68
C ARG B 351 33.29 -7.74 -1.12
N VAL B 352 33.58 -8.77 -1.93
CA VAL B 352 33.84 -10.08 -1.39
C VAL B 352 35.29 -10.12 -1.01
N LEU B 353 36.17 -10.04 -2.00
CA LEU B 353 37.60 -10.20 -1.78
C LEU B 353 38.28 -9.32 -0.74
N VAL B 354 37.73 -8.13 -0.42
CA VAL B 354 38.31 -7.23 0.60
C VAL B 354 37.53 -7.32 1.92
N ASP B 355 36.24 -6.98 1.90
CA ASP B 355 35.43 -6.96 3.10
C ASP B 355 35.06 -8.33 3.63
N LEU B 356 34.97 -9.39 2.85
CA LEU B 356 34.57 -10.69 3.40
C LEU B 356 35.70 -11.70 3.66
N GLU B 357 36.65 -11.83 2.71
CA GLU B 357 37.94 -12.52 2.90
C GLU B 357 38.76 -11.33 3.43
N ARG B 358 39.94 -10.90 3.00
CA ARG B 358 40.50 -9.69 3.61
C ARG B 358 41.36 -8.92 2.62
N LEU B 359 42.19 -9.70 1.93
CA LEU B 359 43.23 -9.22 1.07
C LEU B 359 42.96 -7.94 0.31
N ASP B 360 43.79 -7.08 0.87
CA ASP B 360 44.00 -5.67 0.55
C ASP B 360 43.70 -5.24 -0.88
N TRP B 361 43.42 -3.94 -1.02
CA TRP B 361 42.93 -3.36 -2.26
C TRP B 361 43.89 -3.49 -3.40
N ASP B 362 45.21 -3.47 -3.21
CA ASP B 362 46.12 -3.54 -4.37
C ASP B 362 46.19 -4.92 -5.03
N LYS B 363 46.22 -5.91 -4.15
CA LYS B 363 46.27 -7.32 -4.50
C LYS B 363 44.90 -7.79 -5.05
N ALA B 364 43.81 -7.37 -4.40
CA ALA B 364 42.47 -7.67 -4.82
C ALA B 364 42.27 -7.15 -6.22
N TRP B 365 42.76 -5.94 -6.52
CA TRP B 365 42.55 -5.35 -7.85
C TRP B 365 43.19 -6.16 -8.94
N GLU B 366 44.39 -6.66 -8.67
CA GLU B 366 45.16 -7.59 -9.51
C GLU B 366 44.35 -8.79 -9.96
N VAL B 367 43.64 -9.37 -8.98
CA VAL B 367 42.75 -10.47 -9.21
C VAL B 367 41.61 -9.97 -10.07
N THR B 368 40.96 -8.85 -9.72
CA THR B 368 39.85 -8.38 -10.52
C THR B 368 40.18 -8.01 -11.95
N VAL B 369 41.14 -7.14 -12.30
CA VAL B 369 41.47 -6.92 -13.70
C VAL B 369 41.79 -8.21 -14.42
N LYS B 370 42.68 -9.06 -13.91
CA LYS B 370 43.02 -10.36 -14.52
C LYS B 370 41.85 -11.36 -14.67
N THR B 371 40.80 -11.32 -13.85
CA THR B 371 39.68 -12.26 -13.90
C THR B 371 38.58 -11.81 -14.84
N CYS B 372 38.38 -10.51 -15.02
CA CYS B 372 37.36 -10.02 -15.89
C CYS B 372 37.83 -9.59 -17.26
N ALA B 373 36.96 -9.77 -18.22
CA ALA B 373 37.15 -9.30 -19.58
C ALA B 373 35.78 -8.74 -19.96
N TYR B 374 35.60 -7.70 -20.75
CA TYR B 374 34.28 -7.13 -21.00
C TYR B 374 34.03 -7.07 -22.48
N THR B 375 32.91 -7.59 -23.04
CA THR B 375 32.67 -7.52 -24.49
C THR B 375 31.78 -6.33 -24.77
N ASN B 376 32.22 -5.39 -25.56
CA ASN B 376 31.32 -4.29 -25.87
C ASN B 376 30.38 -4.72 -27.01
N HIS B 377 29.04 -4.70 -26.86
CA HIS B 377 28.19 -5.11 -27.99
C HIS B 377 27.63 -4.06 -28.91
N THR B 378 27.58 -2.78 -28.55
CA THR B 378 27.10 -1.79 -29.50
C THR B 378 27.91 -0.50 -29.37
N VAL B 379 28.01 0.10 -30.55
CA VAL B 379 28.87 1.22 -30.87
C VAL B 379 28.38 2.54 -30.21
N ILE B 380 28.67 3.66 -30.91
CA ILE B 380 28.21 5.03 -30.64
C ILE B 380 27.56 5.52 -29.31
N PRO B 381 28.25 6.46 -28.67
CA PRO B 381 28.21 6.60 -27.23
C PRO B 381 26.88 7.03 -26.66
N GLU B 382 25.97 7.44 -27.53
CA GLU B 382 24.67 7.92 -27.11
C GLU B 382 23.96 6.98 -26.17
N ALA B 383 23.97 5.67 -26.47
CA ALA B 383 23.21 4.67 -25.70
C ALA B 383 23.91 3.54 -24.92
N LEU B 384 25.02 3.86 -24.23
CA LEU B 384 25.75 2.96 -23.32
C LEU B 384 24.99 2.85 -21.99
N GLU B 385 25.58 2.80 -20.77
CA GLU B 385 24.77 2.74 -19.52
C GLU B 385 25.43 3.48 -18.37
N ARG B 386 24.72 4.39 -17.75
CA ARG B 386 25.26 5.22 -16.68
C ARG B 386 24.12 5.42 -15.67
N TRP B 387 24.35 5.11 -14.42
CA TRP B 387 23.26 5.17 -13.47
C TRP B 387 23.59 6.38 -12.65
N PRO B 388 22.64 7.08 -12.07
CA PRO B 388 22.94 8.19 -11.21
C PRO B 388 23.51 7.69 -9.88
N VAL B 389 24.34 8.53 -9.31
CA VAL B 389 25.01 8.14 -8.10
C VAL B 389 23.98 8.07 -6.98
N HIS B 390 22.77 8.60 -7.14
CA HIS B 390 21.83 8.48 -6.05
C HIS B 390 21.12 7.14 -5.96
N LEU B 391 20.89 6.34 -7.03
CA LEU B 391 20.22 5.03 -6.85
C LEU B 391 21.27 4.07 -6.26
N LEU B 392 22.53 4.28 -6.69
CA LEU B 392 23.64 3.53 -6.19
C LEU B 392 23.73 3.92 -4.73
N GLU B 393 23.64 5.17 -4.32
CA GLU B 393 23.74 5.51 -2.93
C GLU B 393 22.75 4.80 -2.06
N THR B 394 21.50 4.82 -2.51
CA THR B 394 20.42 4.24 -1.75
C THR B 394 20.43 2.71 -1.65
N LEU B 395 20.61 2.11 -2.83
CA LEU B 395 20.46 0.66 -3.03
C LEU B 395 21.75 -0.12 -2.88
N LEU B 396 22.86 0.56 -3.04
CA LEU B 396 24.15 -0.11 -3.00
C LEU B 396 25.31 0.65 -2.34
N PRO B 397 25.14 1.24 -1.14
CA PRO B 397 26.18 1.99 -0.42
C PRO B 397 27.61 1.43 -0.45
N ARG B 398 27.85 0.15 -0.12
CA ARG B 398 29.19 -0.42 -0.09
C ARG B 398 29.89 -0.43 -1.47
N HIS B 399 28.99 -0.55 -2.45
CA HIS B 399 29.37 -0.57 -3.86
C HIS B 399 29.57 0.84 -4.40
N LEU B 400 28.89 1.91 -3.92
CA LEU B 400 29.24 3.21 -4.44
C LEU B 400 30.61 3.48 -3.88
N GLN B 401 30.87 3.12 -2.64
CA GLN B 401 32.18 3.24 -2.05
C GLN B 401 33.26 2.62 -2.89
N ILE B 402 33.12 1.36 -3.29
CA ILE B 402 34.22 0.73 -3.99
C ILE B 402 34.36 1.37 -5.35
N ILE B 403 33.30 1.84 -6.01
CA ILE B 403 33.48 2.38 -7.35
C ILE B 403 34.21 3.70 -7.25
N TYR B 404 34.01 4.38 -6.13
CA TYR B 404 34.70 5.63 -5.88
C TYR B 404 36.13 5.27 -5.50
N GLU B 405 36.52 4.21 -4.80
CA GLU B 405 37.94 3.96 -4.55
C GLU B 405 38.67 3.52 -5.84
N ILE B 406 37.97 2.80 -6.74
CA ILE B 406 38.58 2.37 -8.01
C ILE B 406 39.02 3.59 -8.80
N ASN B 407 38.03 4.41 -9.07
CA ASN B 407 38.18 5.62 -9.83
C ASN B 407 39.18 6.60 -9.17
N GLN B 408 39.43 6.47 -7.85
CA GLN B 408 40.33 7.34 -7.10
C GLN B 408 41.74 7.04 -7.53
N ARG B 409 41.87 5.73 -7.68
CA ARG B 409 43.06 4.98 -8.09
C ARG B 409 43.32 5.02 -9.61
N PHE B 410 42.27 5.08 -10.42
CA PHE B 410 42.42 5.06 -11.85
C PHE B 410 42.86 6.39 -12.44
N LEU B 411 42.22 7.51 -12.14
CA LEU B 411 42.65 8.80 -12.65
C LEU B 411 44.08 9.15 -12.18
N ASN B 412 44.56 8.42 -11.18
CA ASN B 412 45.92 8.60 -10.77
C ASN B 412 46.82 8.03 -11.85
N ARG B 413 46.40 6.82 -12.17
CA ARG B 413 47.04 5.99 -13.15
C ARG B 413 47.14 6.80 -14.41
N VAL B 414 46.05 7.46 -14.78
CA VAL B 414 46.03 8.26 -15.98
C VAL B 414 46.93 9.48 -15.86
N ALA B 415 47.09 10.19 -14.73
CA ALA B 415 48.07 11.28 -14.67
C ALA B 415 49.53 10.85 -14.38
N ALA B 416 49.79 9.56 -14.51
CA ALA B 416 51.13 9.02 -14.48
C ALA B 416 51.65 8.97 -15.91
N ALA B 417 50.77 8.57 -16.84
CA ALA B 417 51.16 8.34 -18.22
C ALA B 417 50.97 9.49 -19.15
N PHE B 418 49.98 10.34 -18.84
CA PHE B 418 49.74 11.63 -19.53
C PHE B 418 49.69 12.54 -18.30
N PRO B 419 50.84 12.96 -17.78
CA PRO B 419 50.87 13.92 -16.71
C PRO B 419 50.59 15.28 -17.30
N GLY B 420 50.54 16.27 -16.42
CA GLY B 420 50.48 17.62 -16.90
C GLY B 420 49.07 17.99 -17.29
N ASP B 421 48.28 17.16 -17.96
CA ASP B 421 46.97 17.68 -18.34
C ASP B 421 45.99 17.51 -17.21
N VAL B 422 44.78 18.03 -17.55
CA VAL B 422 43.69 17.96 -16.62
C VAL B 422 42.42 17.58 -17.34
N ASP B 423 42.18 17.84 -18.62
CA ASP B 423 40.87 17.46 -19.17
C ASP B 423 40.79 16.11 -19.81
N ARG B 424 41.78 15.25 -19.67
CA ARG B 424 41.49 13.88 -20.02
C ARG B 424 41.12 13.20 -18.70
N LEU B 425 41.72 13.58 -17.56
CA LEU B 425 41.32 13.08 -16.23
C LEU B 425 39.78 13.12 -16.11
N ARG B 426 39.18 14.20 -16.62
CA ARG B 426 37.73 14.29 -16.64
C ARG B 426 37.13 13.42 -17.74
N ARG B 427 37.70 13.45 -18.96
CA ARG B 427 37.16 12.66 -20.07
C ARG B 427 37.19 11.22 -19.70
N MET B 428 38.26 10.64 -19.22
CA MET B 428 38.22 9.24 -18.85
C MET B 428 37.45 8.82 -17.63
N SER B 429 37.27 9.65 -16.62
CA SER B 429 36.70 9.26 -15.33
C SER B 429 35.39 8.43 -15.23
N LEU B 430 35.35 7.51 -14.25
CA LEU B 430 34.14 6.74 -14.13
C LEU B 430 32.97 7.64 -13.65
N VAL B 431 33.21 8.76 -12.94
CA VAL B 431 32.17 9.65 -12.39
C VAL B 431 31.88 10.84 -13.31
N GLU B 432 30.69 11.01 -13.91
CA GLU B 432 30.35 12.09 -14.82
C GLU B 432 29.53 13.10 -13.99
N GLU B 433 29.69 14.44 -14.13
CA GLU B 433 28.90 15.47 -13.45
C GLU B 433 28.06 16.25 -14.45
N GLY B 434 26.98 16.93 -14.05
CA GLY B 434 26.18 17.70 -14.99
C GLY B 434 24.80 17.95 -14.44
N ALA B 435 23.81 17.90 -15.32
CA ALA B 435 22.42 17.88 -14.89
C ALA B 435 22.44 16.38 -14.61
N VAL B 436 22.35 15.98 -13.31
CA VAL B 436 22.46 14.59 -12.84
C VAL B 436 23.89 13.98 -13.01
N LYS B 437 24.45 13.71 -11.82
CA LYS B 437 25.79 13.13 -11.72
C LYS B 437 25.71 11.59 -11.76
N ARG B 438 26.50 10.97 -12.67
CA ARG B 438 26.41 9.53 -12.89
C ARG B 438 27.74 8.78 -12.77
N ILE B 439 27.68 7.44 -12.74
CA ILE B 439 28.86 6.57 -12.82
C ILE B 439 28.64 5.95 -14.19
N ASN B 440 29.72 5.74 -14.91
CA ASN B 440 29.64 5.18 -16.24
C ASN B 440 30.07 3.71 -16.31
N MET B 441 29.06 2.88 -16.56
CA MET B 441 29.26 1.46 -16.66
C MET B 441 30.24 1.03 -17.75
N ALA B 442 30.29 1.69 -18.90
CA ALA B 442 31.35 1.37 -19.83
C ALA B 442 32.71 1.63 -19.19
N HIS B 443 32.90 2.69 -18.40
CA HIS B 443 34.18 3.00 -17.83
C HIS B 443 34.50 2.20 -16.58
N LEU B 444 33.53 1.65 -15.83
CA LEU B 444 33.86 0.75 -14.73
C LEU B 444 34.31 -0.53 -15.43
N CYS B 445 33.58 -1.07 -16.42
CA CYS B 445 34.00 -2.24 -17.19
C CYS B 445 35.34 -2.06 -17.92
N ILE B 446 35.73 -0.87 -18.39
CA ILE B 446 37.05 -0.72 -18.97
C ILE B 446 38.10 -0.75 -17.90
N ALA B 447 37.86 -0.22 -16.68
CA ALA B 447 38.88 -0.06 -15.63
C ALA B 447 39.47 -1.29 -15.01
N GLY B 448 38.47 -2.13 -14.70
CA GLY B 448 38.63 -3.42 -14.03
C GLY B 448 38.64 -4.69 -14.84
N SER B 449 38.62 -4.65 -16.16
CA SER B 449 38.65 -5.83 -17.01
C SER B 449 40.02 -5.89 -17.72
N HIS B 450 40.70 -7.01 -17.92
CA HIS B 450 42.02 -6.92 -18.51
C HIS B 450 42.03 -6.81 -20.03
N ALA B 451 40.96 -7.15 -20.73
CA ALA B 451 40.90 -7.06 -22.19
C ALA B 451 39.53 -6.50 -22.52
N VAL B 452 39.33 -5.42 -23.25
CA VAL B 452 37.98 -4.92 -23.62
C VAL B 452 37.90 -5.36 -25.08
N ASN B 453 36.81 -5.71 -25.74
CA ASN B 453 36.89 -6.08 -27.15
C ASN B 453 35.67 -5.71 -27.97
N GLY B 454 35.86 -5.53 -29.26
CA GLY B 454 34.75 -5.27 -30.14
C GLY B 454 34.31 -6.54 -30.81
N VAL B 455 33.02 -6.53 -31.15
CA VAL B 455 32.38 -7.68 -31.70
C VAL B 455 32.39 -7.93 -33.20
N ALA B 456 33.33 -7.34 -33.89
CA ALA B 456 33.46 -7.40 -35.32
C ALA B 456 34.61 -6.46 -35.62
N ARG B 457 35.00 -6.43 -36.88
CA ARG B 457 36.16 -5.69 -37.34
C ARG B 457 36.13 -4.19 -37.16
N ILE B 458 35.22 -3.52 -37.86
CA ILE B 458 35.18 -2.08 -37.79
C ILE B 458 34.50 -1.62 -36.54
N HIS B 459 33.65 -2.42 -35.89
CA HIS B 459 33.15 -2.08 -34.56
C HIS B 459 34.36 -1.82 -33.64
N SER B 460 35.35 -2.71 -33.60
CA SER B 460 36.51 -2.53 -32.72
C SER B 460 37.36 -1.35 -33.07
N GLU B 461 37.33 -1.01 -34.35
CA GLU B 461 38.09 0.11 -34.84
C GLU B 461 37.45 1.36 -34.33
N ILE B 462 36.12 1.52 -34.38
CA ILE B 462 35.64 2.79 -33.91
C ILE B 462 35.45 2.80 -32.42
N LEU B 463 36.01 1.77 -31.76
CA LEU B 463 36.19 1.76 -30.32
C LEU B 463 37.59 2.30 -30.03
N LYS B 464 38.62 1.70 -30.63
CA LYS B 464 40.01 2.14 -30.46
C LYS B 464 40.20 3.57 -30.98
N LYS B 465 39.56 3.87 -32.12
CA LYS B 465 39.53 5.18 -32.74
C LYS B 465 38.49 6.19 -32.18
N THR B 466 37.20 5.96 -31.88
CA THR B 466 36.38 7.04 -31.41
C THR B 466 35.71 6.78 -30.04
N ILE B 467 34.66 5.94 -29.83
CA ILE B 467 33.95 5.77 -28.57
C ILE B 467 34.78 5.66 -27.26
N PHE B 468 35.91 4.98 -27.22
CA PHE B 468 36.69 4.73 -26.00
C PHE B 468 38.16 5.14 -26.21
N LYS B 469 38.42 6.01 -27.18
CA LYS B 469 39.78 6.25 -27.64
C LYS B 469 40.75 6.74 -26.62
N ASP B 470 40.42 7.12 -25.39
CA ASP B 470 41.43 7.55 -24.43
C ASP B 470 41.94 6.36 -23.64
N PHE B 471 41.10 5.33 -23.53
CA PHE B 471 41.45 4.15 -22.75
C PHE B 471 42.42 3.36 -23.56
N TYR B 472 42.14 3.48 -24.85
CA TYR B 472 42.98 2.90 -25.83
C TYR B 472 44.40 3.48 -25.75
N GLU B 473 44.65 4.80 -25.82
CA GLU B 473 46.03 5.31 -25.78
C GLU B 473 46.86 5.05 -24.54
N LEU B 474 46.19 4.87 -23.40
CA LEU B 474 46.81 4.58 -22.11
C LEU B 474 47.11 3.07 -22.06
N GLU B 475 46.23 2.29 -22.71
CA GLU B 475 46.25 0.84 -22.74
C GLU B 475 45.96 0.21 -24.10
N PRO B 476 46.80 0.31 -25.13
CA PRO B 476 46.55 -0.26 -26.44
C PRO B 476 46.36 -1.77 -26.43
N HIS B 477 47.02 -2.31 -25.41
CA HIS B 477 46.98 -3.73 -25.19
C HIS B 477 45.61 -4.30 -24.83
N LYS B 478 44.58 -3.57 -24.34
CA LYS B 478 43.41 -4.29 -23.90
C LYS B 478 42.47 -4.50 -25.03
N PHE B 479 42.58 -3.75 -26.12
CA PHE B 479 41.52 -3.71 -27.11
C PHE B 479 41.76 -4.67 -28.20
N GLN B 480 40.91 -5.69 -28.14
CA GLN B 480 40.84 -6.81 -29.07
C GLN B 480 39.68 -6.66 -30.05
N ASN B 481 39.49 -7.68 -30.87
CA ASN B 481 38.32 -7.89 -31.74
C ASN B 481 38.03 -9.36 -31.74
N LYS B 482 36.77 -9.77 -31.73
CA LYS B 482 36.38 -11.15 -31.84
C LYS B 482 35.03 -11.04 -32.55
N THR B 483 35.14 -11.10 -33.88
CA THR B 483 34.04 -11.09 -34.81
C THR B 483 33.16 -12.27 -34.44
N ASN B 484 31.91 -11.92 -34.22
CA ASN B 484 30.89 -12.91 -33.94
C ASN B 484 30.72 -13.88 -35.09
N GLY B 485 30.16 -14.99 -34.69
CA GLY B 485 29.85 -16.06 -35.59
C GLY B 485 28.51 -16.63 -35.16
N ILE B 486 28.24 -17.73 -35.83
CA ILE B 486 27.02 -18.41 -35.60
C ILE B 486 27.35 -19.88 -35.45
N THR B 487 26.59 -20.74 -34.76
CA THR B 487 27.00 -22.14 -34.63
C THR B 487 26.50 -23.02 -35.78
N PRO B 488 27.39 -23.75 -36.48
CA PRO B 488 27.02 -24.57 -37.63
C PRO B 488 26.02 -25.70 -37.36
N ARG B 489 25.69 -26.01 -36.08
CA ARG B 489 24.79 -27.07 -35.63
C ARG B 489 23.38 -26.53 -35.74
N ARG B 490 22.70 -25.99 -34.74
CA ARG B 490 21.44 -25.25 -34.91
C ARG B 490 21.22 -24.46 -36.17
N TRP B 491 22.21 -23.95 -36.89
CA TRP B 491 21.86 -23.10 -38.01
C TRP B 491 22.21 -23.58 -39.41
N LEU B 492 22.64 -24.86 -39.55
CA LEU B 492 22.88 -25.50 -40.86
C LEU B 492 22.34 -26.91 -40.68
N VAL B 493 23.08 -27.81 -40.04
CA VAL B 493 22.66 -29.17 -39.73
C VAL B 493 21.24 -29.41 -39.23
N LEU B 494 20.84 -28.50 -38.33
CA LEU B 494 19.56 -28.58 -37.71
C LEU B 494 18.37 -28.00 -38.47
N CYS B 495 18.37 -26.77 -38.97
CA CYS B 495 17.21 -26.20 -39.64
C CYS B 495 17.23 -26.43 -41.15
N ASN B 496 18.46 -26.72 -41.66
CA ASN B 496 18.66 -27.02 -43.08
C ASN B 496 19.36 -28.37 -43.31
N PRO B 497 18.69 -29.52 -43.07
CA PRO B 497 19.22 -30.88 -43.12
C PRO B 497 19.40 -31.41 -44.53
N GLY B 498 18.61 -30.83 -45.45
CA GLY B 498 18.79 -31.06 -46.87
C GLY B 498 20.18 -30.51 -47.18
N LEU B 499 20.45 -29.20 -47.10
CA LEU B 499 21.78 -28.71 -47.47
C LEU B 499 22.90 -29.36 -46.65
N ALA B 500 22.69 -29.56 -45.34
CA ALA B 500 23.65 -30.18 -44.47
C ALA B 500 24.13 -31.47 -45.08
N GLU B 501 23.17 -32.23 -45.64
CA GLU B 501 23.35 -33.55 -46.25
C GLU B 501 24.15 -33.61 -47.57
N ILE B 502 23.77 -32.79 -48.55
CA ILE B 502 24.41 -32.81 -49.87
C ILE B 502 25.79 -32.12 -49.89
N ILE B 503 26.14 -31.51 -48.75
CA ILE B 503 27.45 -30.92 -48.50
C ILE B 503 28.41 -32.01 -47.97
N ALA B 504 27.85 -32.82 -47.08
CA ALA B 504 28.59 -33.88 -46.41
C ALA B 504 29.06 -34.83 -47.50
N GLU B 505 28.19 -35.19 -48.46
CA GLU B 505 28.51 -35.99 -49.67
C GLU B 505 29.95 -35.90 -50.27
N ARG B 506 30.32 -34.67 -50.50
CA ARG B 506 31.55 -34.30 -51.18
C ARG B 506 32.75 -34.34 -50.26
N ILE B 507 32.48 -33.67 -49.14
CA ILE B 507 33.53 -33.25 -48.24
C ILE B 507 33.68 -34.03 -46.93
N GLY B 508 32.59 -34.53 -46.37
CA GLY B 508 32.62 -35.34 -45.18
C GLY B 508 31.75 -34.72 -44.09
N GLU B 509 31.77 -35.40 -42.91
CA GLU B 509 31.11 -34.95 -41.68
C GLU B 509 32.00 -33.99 -40.87
N GLU B 510 33.34 -34.03 -41.04
CA GLU B 510 34.26 -33.20 -40.27
C GLU B 510 33.83 -31.76 -40.17
N TYR B 511 33.08 -31.23 -41.16
CA TYR B 511 32.76 -29.81 -41.21
C TYR B 511 31.84 -29.26 -40.10
N ILE B 512 30.92 -30.08 -39.58
CA ILE B 512 30.05 -29.56 -38.53
C ILE B 512 30.84 -29.15 -37.29
N SER B 513 32.10 -29.53 -37.10
CA SER B 513 32.86 -29.01 -35.97
C SER B 513 34.17 -28.34 -36.34
N ASP B 514 34.22 -28.14 -37.65
CA ASP B 514 35.33 -27.50 -38.30
C ASP B 514 34.66 -26.96 -39.53
N LEU B 515 34.12 -25.75 -39.51
CA LEU B 515 33.38 -25.25 -40.67
C LEU B 515 34.26 -24.61 -41.76
N ASP B 516 35.53 -24.32 -41.53
CA ASP B 516 36.29 -23.60 -42.52
C ASP B 516 36.41 -24.40 -43.81
N GLN B 517 36.54 -25.72 -43.65
CA GLN B 517 36.60 -26.63 -44.80
C GLN B 517 35.43 -26.69 -45.78
N LEU B 518 34.40 -25.83 -45.69
CA LEU B 518 33.41 -25.71 -46.75
C LEU B 518 34.05 -25.17 -48.04
N ARG B 519 35.22 -24.57 -47.85
CA ARG B 519 36.04 -24.07 -48.93
C ARG B 519 36.34 -25.13 -50.01
N LYS B 520 36.01 -26.42 -49.70
CA LYS B 520 36.11 -27.58 -50.58
C LYS B 520 35.03 -27.49 -51.65
N LEU B 521 33.89 -26.94 -51.27
CA LEU B 521 32.84 -26.77 -52.19
C LEU B 521 33.30 -25.73 -53.19
N LEU B 522 34.27 -24.84 -53.02
CA LEU B 522 34.69 -23.99 -54.14
C LEU B 522 35.25 -24.78 -55.33
N SER B 523 35.77 -25.97 -55.07
CA SER B 523 36.29 -26.81 -56.11
C SER B 523 35.09 -27.44 -56.82
N TYR B 524 33.86 -27.27 -56.36
CA TYR B 524 32.74 -27.95 -56.97
C TYR B 524 31.79 -27.01 -57.67
N VAL B 525 32.26 -25.77 -57.90
CA VAL B 525 31.41 -24.72 -58.46
C VAL B 525 31.01 -25.00 -59.93
N ASP B 526 31.82 -25.82 -60.61
CA ASP B 526 31.45 -26.13 -61.98
C ASP B 526 30.65 -27.44 -62.06
N ASP B 527 30.66 -28.29 -61.01
CA ASP B 527 29.96 -29.58 -61.06
C ASP B 527 28.43 -29.42 -61.24
N GLU B 528 27.83 -29.87 -62.35
CA GLU B 528 26.40 -29.70 -62.58
C GLU B 528 25.50 -30.54 -61.74
N ALA B 529 25.96 -31.68 -61.18
CA ALA B 529 25.10 -32.55 -60.37
C ALA B 529 24.80 -31.80 -59.08
N PHE B 530 25.92 -31.30 -58.50
CA PHE B 530 25.92 -30.41 -57.34
C PHE B 530 25.04 -29.15 -57.51
N ILE B 531 25.21 -28.28 -58.51
CA ILE B 531 24.31 -27.14 -58.72
C ILE B 531 22.82 -27.52 -58.67
N ARG B 532 22.50 -28.66 -59.31
CA ARG B 532 21.16 -29.22 -59.30
C ARG B 532 20.71 -29.58 -57.88
N ASP B 533 21.58 -30.25 -57.17
CA ASP B 533 21.28 -30.58 -55.81
C ASP B 533 20.96 -29.32 -54.98
N VAL B 534 21.87 -28.32 -54.93
CA VAL B 534 21.70 -27.09 -54.16
C VAL B 534 20.38 -26.36 -54.43
N ALA B 535 20.00 -26.17 -55.69
CA ALA B 535 18.74 -25.52 -55.98
C ALA B 535 17.53 -26.44 -55.75
N LYS B 536 17.67 -27.78 -55.74
CA LYS B 536 16.57 -28.65 -55.39
C LYS B 536 16.17 -28.33 -53.94
N VAL B 537 17.25 -28.33 -53.13
CA VAL B 537 17.20 -28.10 -51.69
C VAL B 537 16.39 -26.82 -51.37
N LYS B 538 16.96 -25.67 -51.73
CA LYS B 538 16.37 -24.37 -51.47
C LYS B 538 14.89 -24.29 -51.74
N GLN B 539 14.45 -24.85 -52.88
CA GLN B 539 13.08 -24.78 -53.30
C GLN B 539 12.14 -25.76 -52.60
N GLU B 540 12.55 -27.00 -52.27
CA GLU B 540 11.73 -27.92 -51.50
C GLU B 540 11.63 -27.28 -50.11
N ASN B 541 12.65 -26.55 -49.63
CA ASN B 541 12.53 -25.77 -48.40
C ASN B 541 11.60 -24.60 -48.69
N LYS B 542 11.69 -23.90 -49.83
CA LYS B 542 10.85 -22.71 -50.05
C LYS B 542 9.40 -23.14 -50.08
N LEU B 543 9.14 -24.36 -50.61
CA LEU B 543 7.82 -24.99 -50.66
C LEU B 543 7.34 -25.43 -49.26
N LYS B 544 8.24 -25.89 -48.36
CA LYS B 544 7.79 -26.29 -47.04
C LYS B 544 7.55 -25.11 -46.13
N PHE B 545 8.17 -23.97 -46.42
CA PHE B 545 7.89 -22.74 -45.70
C PHE B 545 6.61 -22.22 -46.32
N ALA B 546 6.60 -22.07 -47.65
CA ALA B 546 5.40 -21.69 -48.41
C ALA B 546 4.17 -22.49 -47.93
N ALA B 547 4.42 -23.75 -47.59
CA ALA B 547 3.40 -24.56 -47.05
C ALA B 547 3.24 -24.23 -45.58
N TYR B 548 4.26 -23.95 -44.76
CA TYR B 548 4.03 -23.57 -43.35
C TYR B 548 3.14 -22.34 -43.20
N LEU B 549 3.38 -21.36 -44.05
CA LEU B 549 2.63 -20.16 -44.00
C LEU B 549 1.18 -20.42 -44.34
N GLU B 550 0.76 -20.92 -45.53
CA GLU B 550 -0.65 -21.14 -45.75
C GLU B 550 -1.16 -22.11 -44.66
N ARG B 551 -0.47 -23.21 -44.36
CA ARG B 551 -0.94 -24.22 -43.43
C ARG B 551 -1.11 -23.77 -42.01
N GLU B 552 -0.37 -22.75 -41.64
CA GLU B 552 -0.36 -22.17 -40.31
C GLU B 552 -0.10 -20.69 -40.57
N TYR B 553 -1.25 -20.02 -40.80
CA TYR B 553 -1.50 -18.56 -41.01
C TYR B 553 -1.83 -18.09 -42.50
N LYS B 554 -2.78 -18.72 -43.22
CA LYS B 554 -3.25 -18.43 -44.60
C LYS B 554 -2.76 -17.32 -45.56
N VAL B 555 -2.10 -17.70 -46.68
CA VAL B 555 -1.43 -16.73 -47.54
C VAL B 555 -1.48 -16.71 -49.10
N HIS B 556 -1.01 -17.79 -49.75
CA HIS B 556 -0.78 -17.99 -51.19
C HIS B 556 0.47 -17.27 -51.70
N ILE B 557 1.56 -17.80 -51.10
CA ILE B 557 2.90 -17.37 -51.48
C ILE B 557 3.19 -18.06 -52.82
N ASN B 558 4.23 -17.73 -53.59
CA ASN B 558 4.52 -18.52 -54.78
C ASN B 558 5.86 -19.16 -54.51
N PRO B 559 5.90 -20.48 -54.46
CA PRO B 559 7.10 -21.26 -54.25
C PRO B 559 8.06 -21.22 -55.41
N ASN B 560 7.96 -20.25 -56.31
CA ASN B 560 8.94 -20.10 -57.36
C ASN B 560 9.57 -18.73 -57.27
N SER B 561 8.90 -17.72 -56.67
CA SER B 561 9.45 -16.38 -56.62
C SER B 561 10.71 -16.17 -55.78
N LEU B 562 11.29 -14.99 -55.93
CA LEU B 562 12.43 -14.59 -55.12
C LEU B 562 11.84 -14.34 -53.74
N PHE B 563 12.56 -14.80 -52.70
CA PHE B 563 12.16 -14.53 -51.32
C PHE B 563 13.16 -13.57 -50.64
N ASP B 564 12.67 -12.35 -50.40
CA ASP B 564 13.41 -11.31 -49.74
C ASP B 564 13.06 -11.49 -48.29
N VAL B 565 14.06 -11.49 -47.42
CA VAL B 565 13.80 -11.41 -45.99
C VAL B 565 14.88 -10.56 -45.43
N GLN B 566 14.30 -9.64 -44.67
CA GLN B 566 14.99 -8.67 -43.83
C GLN B 566 14.43 -9.02 -42.48
N VAL B 567 15.07 -9.67 -41.52
CA VAL B 567 14.37 -9.91 -40.26
C VAL B 567 15.33 -9.41 -39.18
N LYS B 568 14.80 -8.25 -38.81
CA LYS B 568 15.45 -7.24 -37.97
C LYS B 568 14.44 -6.73 -36.93
N ARG B 569 14.77 -6.57 -35.66
CA ARG B 569 13.82 -5.97 -34.71
C ARG B 569 13.57 -4.53 -35.21
N ILE B 570 12.31 -4.26 -35.54
CA ILE B 570 11.88 -3.06 -36.18
C ILE B 570 12.46 -1.87 -35.47
N HIS B 571 12.97 -0.96 -36.27
CA HIS B 571 13.73 0.19 -35.78
C HIS B 571 13.95 1.07 -36.98
N GLU B 572 14.73 2.15 -36.88
CA GLU B 572 14.96 3.02 -38.01
C GLU B 572 16.35 2.87 -38.62
N TYR B 573 17.40 2.52 -37.84
CA TYR B 573 18.74 2.33 -38.39
C TYR B 573 18.82 0.97 -39.09
N LYS B 574 17.97 0.06 -38.64
CA LYS B 574 17.79 -1.21 -39.30
C LYS B 574 16.65 -0.65 -40.18
N ARG B 575 16.99 -0.20 -41.40
CA ARG B 575 16.13 0.57 -42.26
C ARG B 575 14.94 -0.02 -43.02
N GLN B 576 13.98 -0.42 -42.19
CA GLN B 576 12.76 -1.11 -42.62
C GLN B 576 11.97 -0.29 -43.61
N LEU B 577 12.11 1.03 -43.73
CA LEU B 577 11.29 1.76 -44.66
C LEU B 577 12.09 1.97 -45.94
N LEU B 578 13.40 1.84 -46.00
CA LEU B 578 14.11 1.98 -47.27
C LEU B 578 13.49 1.01 -48.26
N ASN B 579 13.39 -0.16 -47.66
CA ASN B 579 12.83 -1.37 -48.22
C ASN B 579 11.38 -1.13 -48.64
N CYS B 580 10.48 -0.65 -47.79
CA CYS B 580 9.14 -0.33 -48.28
C CYS B 580 9.12 0.70 -49.40
N LEU B 581 10.04 1.69 -49.44
CA LEU B 581 10.09 2.66 -50.51
C LEU B 581 10.59 1.92 -51.74
N HIS B 582 11.18 0.77 -51.59
CA HIS B 582 11.54 -0.01 -52.73
C HIS B 582 10.47 -1.05 -53.13
N VAL B 583 9.62 -1.54 -52.25
CA VAL B 583 8.57 -2.51 -52.63
C VAL B 583 7.49 -1.72 -53.40
N ILE B 584 7.13 -0.54 -52.89
CA ILE B 584 6.20 0.31 -53.58
C ILE B 584 6.82 0.71 -54.94
N THR B 585 8.14 0.77 -55.11
CA THR B 585 8.68 1.09 -56.43
C THR B 585 8.50 -0.06 -57.39
N LEU B 586 8.52 -1.31 -56.92
CA LEU B 586 8.23 -2.46 -57.78
C LEU B 586 6.73 -2.44 -58.05
N TYR B 587 5.92 -2.10 -57.06
CA TYR B 587 4.48 -2.03 -57.21
C TYR B 587 4.05 -0.97 -58.25
N ASN B 588 4.77 0.14 -58.23
CA ASN B 588 4.47 1.24 -59.11
C ASN B 588 4.89 0.83 -60.48
N ARG B 589 6.07 0.22 -60.56
CA ARG B 589 6.54 -0.16 -61.85
C ARG B 589 5.75 -1.35 -62.42
N ILE B 590 4.90 -2.02 -61.67
CA ILE B 590 4.04 -3.05 -62.23
C ILE B 590 2.74 -2.42 -62.74
N LYS B 591 2.31 -1.26 -62.24
CA LYS B 591 0.97 -0.77 -62.58
C LYS B 591 0.81 0.18 -63.76
N LYS B 592 2.01 0.51 -64.22
CA LYS B 592 2.19 1.47 -65.30
C LYS B 592 2.05 0.67 -66.60
N GLU B 593 3.09 -0.13 -66.74
CA GLU B 593 3.20 -1.07 -67.80
C GLU B 593 3.08 -2.42 -67.11
N PRO B 594 1.88 -2.95 -67.02
CA PRO B 594 1.70 -4.32 -66.69
C PRO B 594 2.48 -5.22 -67.64
N ASN B 595 2.73 -4.85 -68.91
CA ASN B 595 3.18 -5.85 -69.86
C ASN B 595 4.68 -5.99 -70.11
N LYS B 596 5.41 -5.78 -69.02
CA LYS B 596 6.87 -5.86 -69.02
C LYS B 596 7.15 -7.17 -68.30
N PHE B 597 8.36 -7.75 -68.37
CA PHE B 597 8.64 -8.82 -67.43
C PHE B 597 9.27 -8.17 -66.24
N VAL B 598 8.50 -8.36 -65.18
CA VAL B 598 8.82 -8.03 -63.81
C VAL B 598 8.92 -9.36 -63.05
N VAL B 599 10.18 -9.61 -62.78
CA VAL B 599 10.66 -10.79 -62.07
C VAL B 599 9.77 -10.98 -60.81
N PRO B 600 9.17 -12.13 -60.51
CA PRO B 600 8.18 -12.22 -59.41
C PRO B 600 8.83 -12.11 -58.01
N ARG B 601 8.13 -11.77 -56.94
CA ARG B 601 8.75 -11.55 -55.64
C ARG B 601 7.85 -11.67 -54.44
N THR B 602 8.32 -12.21 -53.32
CA THR B 602 7.50 -12.21 -52.12
C THR B 602 8.36 -11.55 -51.07
N VAL B 603 8.16 -10.24 -50.87
CA VAL B 603 8.94 -9.47 -49.91
C VAL B 603 8.29 -9.78 -48.58
N MET B 604 9.16 -10.27 -47.71
CA MET B 604 8.71 -10.74 -46.43
C MET B 604 9.43 -10.00 -45.31
N ILE B 605 8.74 -9.23 -44.51
CA ILE B 605 9.43 -8.45 -43.49
C ILE B 605 8.93 -9.00 -42.16
N GLY B 606 9.81 -9.06 -41.17
CA GLY B 606 9.47 -9.53 -39.84
C GLY B 606 10.41 -8.85 -38.84
N GLY B 607 9.91 -8.81 -37.58
CA GLY B 607 10.63 -8.27 -36.41
C GLY B 607 9.63 -7.81 -35.35
N LYS B 608 10.00 -7.74 -34.06
CA LYS B 608 9.11 -7.27 -33.00
C LYS B 608 9.44 -5.80 -32.69
N ALA B 609 8.47 -4.90 -32.85
CA ALA B 609 8.61 -3.46 -32.66
C ALA B 609 9.14 -2.83 -31.40
N ALA B 610 8.64 -3.25 -30.23
CA ALA B 610 8.97 -2.71 -28.90
C ALA B 610 7.88 -1.82 -28.31
N PRO B 611 7.33 -2.22 -27.11
CA PRO B 611 6.22 -1.58 -26.42
C PRO B 611 6.58 -0.12 -26.19
N GLY B 612 5.78 0.68 -26.88
CA GLY B 612 5.94 2.11 -26.81
C GLY B 612 7.01 2.71 -27.74
N TYR B 613 7.66 2.00 -28.69
CA TYR B 613 8.58 2.65 -29.62
C TYR B 613 7.65 3.20 -30.68
N HIS B 614 7.31 4.48 -30.66
CA HIS B 614 6.35 4.97 -31.64
C HIS B 614 6.70 4.71 -33.10
N MET B 615 7.96 4.78 -33.55
CA MET B 615 8.20 4.62 -34.99
C MET B 615 8.05 3.17 -35.33
N ALA B 616 8.84 2.30 -34.68
CA ALA B 616 8.75 0.87 -34.87
C ALA B 616 7.29 0.38 -34.74
N LYS B 617 6.39 0.97 -33.97
CA LYS B 617 5.02 0.49 -34.03
C LYS B 617 4.29 1.04 -35.25
N MET B 618 4.57 2.23 -35.75
CA MET B 618 3.89 2.80 -36.90
C MET B 618 4.41 2.26 -38.24
N ILE B 619 5.67 1.89 -38.28
CA ILE B 619 6.26 1.15 -39.40
C ILE B 619 5.44 -0.13 -39.62
N ILE B 620 5.19 -0.99 -38.61
CA ILE B 620 4.44 -2.21 -38.88
C ILE B 620 3.00 -1.96 -39.45
N LYS B 621 2.31 -0.86 -39.25
CA LYS B 621 1.02 -0.70 -39.90
C LYS B 621 1.23 -0.34 -41.39
N LEU B 622 2.41 0.20 -41.81
CA LEU B 622 2.70 0.50 -43.20
C LEU B 622 2.82 -0.85 -43.86
N ILE B 623 3.76 -1.73 -43.39
CA ILE B 623 3.96 -3.10 -43.96
C ILE B 623 2.55 -3.71 -44.02
N THR B 624 1.84 -3.77 -42.90
CA THR B 624 0.49 -4.27 -42.89
C THR B 624 -0.49 -3.17 -43.36
N ALA B 625 -0.34 -2.74 -44.64
CA ALA B 625 -1.23 -1.83 -45.39
C ALA B 625 -0.84 -1.82 -46.87
N ILE B 626 0.47 -1.73 -47.16
CA ILE B 626 1.01 -1.96 -48.50
C ILE B 626 0.53 -3.33 -48.97
N GLY B 627 0.68 -4.34 -48.11
CA GLY B 627 0.16 -5.67 -48.31
C GLY B 627 -1.32 -5.62 -48.64
N ASP B 628 -2.26 -5.26 -47.76
CA ASP B 628 -3.70 -5.10 -48.04
C ASP B 628 -4.05 -4.49 -49.39
N VAL B 629 -3.17 -3.60 -49.87
CA VAL B 629 -3.22 -2.97 -51.17
C VAL B 629 -2.58 -3.82 -52.28
N VAL B 630 -1.34 -4.28 -52.30
CA VAL B 630 -0.78 -4.99 -53.45
C VAL B 630 -1.18 -6.47 -53.55
N ASN B 631 -1.18 -7.23 -52.47
CA ASN B 631 -1.57 -8.62 -52.48
C ASN B 631 -3.00 -8.75 -52.96
N HIS B 632 -3.79 -7.70 -52.73
CA HIS B 632 -5.19 -7.71 -53.09
C HIS B 632 -5.57 -6.87 -54.29
N ASP B 633 -4.67 -6.49 -55.21
CA ASP B 633 -5.04 -5.86 -56.47
C ASP B 633 -4.49 -6.81 -57.50
N PRO B 634 -5.38 -7.48 -58.26
CA PRO B 634 -5.00 -8.23 -59.46
C PRO B 634 -4.22 -7.70 -60.70
N VAL B 635 -3.89 -6.43 -60.86
CA VAL B 635 -3.04 -6.02 -61.98
C VAL B 635 -1.63 -6.53 -61.61
N VAL B 636 -1.30 -6.56 -60.31
CA VAL B 636 -0.04 -7.11 -59.79
C VAL B 636 -0.12 -8.65 -59.86
N GLY B 637 -1.35 -9.12 -59.55
CA GLY B 637 -1.82 -10.52 -59.56
C GLY B 637 -1.15 -11.42 -58.53
N ASP B 638 0.17 -11.54 -58.71
CA ASP B 638 1.01 -12.32 -57.85
C ASP B 638 2.49 -11.95 -58.08
N ARG B 639 2.79 -11.13 -59.12
CA ARG B 639 4.16 -10.76 -59.54
C ARG B 639 5.06 -10.14 -58.46
N LEU B 640 4.42 -9.64 -57.40
CA LEU B 640 4.99 -9.11 -56.19
C LEU B 640 3.91 -9.41 -55.13
N ARG B 641 4.28 -9.64 -53.86
CA ARG B 641 3.39 -9.74 -52.68
C ARG B 641 4.18 -9.31 -51.39
N VAL B 642 3.54 -8.76 -50.35
CA VAL B 642 4.23 -8.33 -49.11
C VAL B 642 3.62 -9.05 -47.92
N ILE B 643 4.43 -9.68 -47.05
CA ILE B 643 3.95 -10.36 -45.84
C ILE B 643 4.67 -9.86 -44.60
N PHE B 644 3.94 -9.57 -43.50
CA PHE B 644 4.61 -9.30 -42.22
C PHE B 644 4.70 -10.59 -41.40
N LEU B 645 5.86 -11.17 -41.22
CA LEU B 645 6.03 -12.39 -40.45
C LEU B 645 5.80 -12.18 -38.94
N GLU B 646 4.64 -12.65 -38.53
CA GLU B 646 4.22 -12.56 -37.14
C GLU B 646 5.10 -13.35 -36.13
N ASN B 647 5.47 -12.53 -35.14
CA ASN B 647 6.29 -12.81 -33.96
C ASN B 647 7.61 -13.53 -34.22
N TYR B 648 8.56 -12.83 -34.84
CA TYR B 648 9.87 -13.42 -35.14
C TYR B 648 10.55 -13.76 -33.80
N ARG B 649 11.07 -14.98 -33.73
CA ARG B 649 11.70 -15.60 -32.56
C ARG B 649 12.59 -16.73 -33.09
N VAL B 650 13.39 -17.52 -32.31
CA VAL B 650 14.34 -18.49 -32.92
C VAL B 650 13.61 -19.67 -33.61
N SER B 651 12.53 -20.28 -33.13
CA SER B 651 11.76 -21.23 -33.96
C SER B 651 11.42 -20.81 -35.40
N LEU B 652 11.08 -19.53 -35.61
CA LEU B 652 10.73 -19.07 -36.92
C LEU B 652 12.04 -18.72 -37.58
N ALA B 653 13.04 -18.21 -36.88
CA ALA B 653 14.25 -17.75 -37.53
C ALA B 653 14.84 -18.91 -38.26
N GLU B 654 14.94 -20.07 -37.61
CA GLU B 654 15.39 -21.30 -38.29
C GLU B 654 14.40 -21.81 -39.33
N LYS B 655 13.07 -21.78 -39.18
CA LYS B 655 12.21 -22.21 -40.27
C LYS B 655 12.31 -21.39 -41.56
N VAL B 656 12.48 -20.07 -41.55
CA VAL B 656 12.49 -19.17 -42.74
C VAL B 656 13.88 -18.94 -43.35
N ILE B 657 14.98 -19.12 -42.65
CA ILE B 657 16.27 -18.86 -43.23
C ILE B 657 16.67 -19.83 -44.36
N PRO B 658 16.59 -21.18 -44.30
CA PRO B 658 16.26 -22.06 -45.42
C PRO B 658 15.43 -21.52 -46.63
N ALA B 659 14.26 -20.93 -46.42
CA ALA B 659 13.42 -20.42 -47.50
C ALA B 659 13.89 -19.04 -47.99
N ALA B 660 15.14 -18.58 -47.78
CA ALA B 660 15.49 -17.22 -48.18
C ALA B 660 16.40 -17.11 -49.37
N ASP B 661 16.09 -16.28 -50.36
CA ASP B 661 17.03 -16.15 -51.47
C ASP B 661 17.79 -14.84 -51.16
N LEU B 662 17.17 -13.70 -50.87
CA LEU B 662 17.93 -12.49 -50.58
C LEU B 662 17.81 -12.20 -49.11
N SER B 663 18.94 -11.64 -48.62
CA SER B 663 19.11 -11.32 -47.19
C SER B 663 19.21 -9.80 -47.21
N GLU B 664 18.18 -9.03 -46.82
CA GLU B 664 18.21 -7.58 -46.83
C GLU B 664 18.94 -7.34 -45.53
N GLN B 665 20.12 -6.77 -45.64
CA GLN B 665 20.89 -6.42 -44.50
C GLN B 665 21.08 -4.92 -44.72
N ILE B 666 20.07 -4.11 -45.09
CA ILE B 666 20.26 -2.68 -45.43
C ILE B 666 20.34 -1.54 -44.35
N SER B 667 21.17 -1.75 -43.30
CA SER B 667 21.32 -0.89 -42.12
C SER B 667 22.26 0.23 -42.40
N THR B 668 22.15 1.46 -41.89
CA THR B 668 23.06 2.53 -42.29
C THR B 668 24.51 2.28 -41.93
N ALA B 669 25.41 2.59 -42.86
CA ALA B 669 26.79 2.22 -42.60
C ALA B 669 27.35 3.07 -41.50
N GLY B 670 27.73 2.38 -40.44
CA GLY B 670 28.17 2.99 -39.22
C GLY B 670 27.13 2.86 -38.09
N THR B 671 25.91 2.32 -38.30
CA THR B 671 25.01 2.07 -37.19
C THR B 671 24.99 0.64 -36.62
N GLU B 672 25.43 -0.48 -37.25
CA GLU B 672 25.38 -1.78 -36.58
C GLU B 672 26.76 -2.37 -36.32
N ALA B 673 27.01 -2.87 -35.11
CA ALA B 673 28.35 -3.38 -34.73
C ALA B 673 28.82 -4.69 -35.43
N SER B 674 27.92 -5.67 -35.62
CA SER B 674 28.12 -6.88 -36.39
C SER B 674 26.78 -7.36 -36.98
N GLY B 675 26.07 -8.21 -36.23
CA GLY B 675 24.75 -8.69 -36.64
C GLY B 675 24.76 -10.13 -37.12
N THR B 676 24.85 -11.09 -36.19
CA THR B 676 24.85 -12.50 -36.43
C THR B 676 23.75 -13.04 -37.38
N GLY B 677 22.50 -12.58 -37.52
CA GLY B 677 21.60 -13.07 -38.59
C GLY B 677 22.21 -12.94 -40.03
N ASN B 678 23.31 -12.21 -40.20
CA ASN B 678 24.10 -12.09 -41.43
C ASN B 678 24.43 -13.46 -41.94
N MET B 679 25.26 -14.03 -41.07
CA MET B 679 25.96 -15.24 -41.34
C MET B 679 25.02 -16.47 -41.37
N1 LLP B 680 16.42 -12.71 -33.52
C2 LLP B 680 16.49 -14.07 -33.74
C2' LLP B 680 15.25 -14.90 -33.60
C3 LLP B 680 17.62 -14.64 -34.26
O3 LLP B 680 17.67 -16.03 -34.37
C4 LLP B 680 18.70 -13.84 -34.64
C4' LLP B 680 19.97 -14.42 -35.17
C5 LLP B 680 18.60 -12.48 -34.46
C6 LLP B 680 17.47 -11.93 -33.89
C5' LLP B 680 19.67 -11.57 -34.93
OP4 LLP B 680 19.30 -10.33 -35.62
P LLP B 680 20.41 -9.59 -36.46
OP1 LLP B 680 21.72 -9.88 -35.86
OP2 LLP B 680 20.26 -10.23 -37.74
OP3 LLP B 680 20.06 -8.15 -36.41
N LLP B 680 23.87 -16.50 -40.66
CA LLP B 680 22.94 -17.62 -40.68
CB LLP B 680 21.77 -17.31 -39.79
CG LLP B 680 22.17 -17.05 -38.33
CD LLP B 680 20.95 -16.56 -37.56
CE LLP B 680 21.33 -16.29 -36.12
NZ LLP B 680 20.17 -15.73 -35.43
C LLP B 680 22.45 -17.84 -42.11
O LLP B 680 22.38 -18.95 -42.65
N PHE B 681 22.17 -16.71 -42.75
CA PHE B 681 21.73 -16.65 -44.12
C PHE B 681 22.85 -16.98 -45.14
N MET B 682 24.12 -16.60 -44.90
CA MET B 682 25.22 -16.87 -45.82
C MET B 682 25.34 -18.37 -45.85
N LEU B 683 25.42 -19.12 -44.75
CA LEU B 683 25.37 -20.60 -44.76
C LEU B 683 24.15 -21.22 -45.46
N ASN B 684 22.93 -20.68 -45.48
CA ASN B 684 21.86 -21.42 -46.11
C ASN B 684 21.55 -20.93 -47.51
N GLY B 685 22.57 -20.46 -48.25
CA GLY B 685 22.46 -20.00 -49.64
C GLY B 685 21.54 -18.81 -49.92
N ALA B 686 21.77 -17.75 -49.17
CA ALA B 686 21.07 -16.51 -49.33
C ALA B 686 22.19 -15.56 -49.72
N LEU B 687 21.76 -14.67 -50.57
CA LEU B 687 22.62 -13.64 -51.10
C LEU B 687 22.39 -12.34 -50.33
N THR B 688 23.46 -11.70 -49.89
CA THR B 688 23.23 -10.45 -49.21
C THR B 688 23.43 -9.32 -50.22
N ILE B 689 22.44 -8.51 -49.95
CA ILE B 689 22.27 -7.17 -50.47
C ILE B 689 22.59 -6.36 -49.21
N GLY B 690 22.53 -5.04 -49.23
CA GLY B 690 22.77 -4.31 -48.00
C GLY B 690 24.15 -3.70 -47.95
N THR B 691 24.19 -2.66 -47.15
CA THR B 691 25.31 -1.73 -47.06
C THR B 691 26.60 -2.31 -46.54
N MET B 692 27.78 -1.70 -46.69
CA MET B 692 29.02 -2.28 -46.17
C MET B 692 29.19 -2.07 -44.67
N ASP B 693 28.13 -2.22 -43.87
CA ASP B 693 28.21 -2.04 -42.41
C ASP B 693 28.38 -3.35 -41.63
N GLY B 694 28.72 -3.19 -40.36
CA GLY B 694 28.86 -4.27 -39.43
C GLY B 694 29.78 -5.32 -39.98
N ALA B 695 29.21 -6.53 -40.15
CA ALA B 695 30.01 -7.71 -40.54
C ALA B 695 29.81 -8.17 -41.96
N ASN B 696 28.99 -7.42 -42.71
CA ASN B 696 28.84 -7.68 -44.13
C ASN B 696 30.21 -7.46 -44.76
N VAL B 697 31.00 -6.59 -44.13
CA VAL B 697 32.38 -6.30 -44.49
C VAL B 697 33.17 -7.60 -44.62
N GLU B 698 33.41 -8.39 -43.55
CA GLU B 698 34.18 -9.62 -43.70
C GLU B 698 33.39 -10.66 -44.45
N MET B 699 32.08 -10.60 -44.55
CA MET B 699 31.41 -11.57 -45.40
C MET B 699 31.64 -11.27 -46.85
N ALA B 700 31.79 -10.02 -47.31
CA ALA B 700 32.15 -9.73 -48.69
C ALA B 700 33.65 -9.94 -48.84
N GLU B 701 34.45 -9.65 -47.81
CA GLU B 701 35.91 -9.90 -47.78
C GLU B 701 36.24 -11.39 -48.05
N GLU B 702 35.40 -12.22 -47.43
CA GLU B 702 35.46 -13.67 -47.45
C GLU B 702 35.04 -14.40 -48.70
N ALA B 703 33.80 -14.05 -49.10
CA ALA B 703 33.11 -14.63 -50.26
C ALA B 703 33.42 -13.97 -51.58
N GLY B 704 33.82 -12.71 -51.45
CA GLY B 704 34.21 -11.92 -52.58
C GLY B 704 33.17 -10.84 -52.81
N GLU B 705 33.74 -9.68 -53.01
CA GLU B 705 33.02 -8.44 -53.26
C GLU B 705 32.04 -8.57 -54.43
N GLU B 706 32.52 -9.25 -55.46
CA GLU B 706 31.72 -9.54 -56.64
C GLU B 706 30.55 -10.48 -56.36
N ASN B 707 30.72 -11.26 -55.28
CA ASN B 707 29.68 -12.20 -54.83
C ASN B 707 28.73 -11.59 -53.80
N PHE B 708 29.03 -10.35 -53.48
CA PHE B 708 28.18 -9.56 -52.64
C PHE B 708 27.43 -8.49 -53.42
N PHE B 709 26.16 -8.33 -53.08
CA PHE B 709 25.34 -7.27 -53.60
C PHE B 709 25.38 -6.01 -52.69
N ILE B 710 26.59 -5.46 -52.44
CA ILE B 710 26.79 -4.26 -51.66
C ILE B 710 26.18 -3.15 -52.49
N PHE B 711 25.66 -2.14 -51.81
CA PHE B 711 25.23 -0.87 -52.39
C PHE B 711 25.37 0.17 -51.25
N GLY B 712 24.94 1.40 -51.55
CA GLY B 712 24.75 2.45 -50.57
C GLY B 712 25.96 3.27 -50.18
N MET B 713 25.49 4.21 -49.32
CA MET B 713 26.21 5.29 -48.66
C MET B 713 27.07 4.74 -47.56
N ARG B 714 28.34 4.73 -47.89
CA ARG B 714 29.38 4.12 -47.11
C ARG B 714 29.94 5.08 -46.05
N VAL B 715 30.35 4.53 -44.92
CA VAL B 715 30.76 5.30 -43.77
C VAL B 715 31.47 6.64 -43.94
N GLU B 716 32.61 7.00 -44.61
CA GLU B 716 33.12 8.42 -44.63
C GLU B 716 32.15 9.34 -45.37
N ASP B 717 31.43 8.78 -46.34
CA ASP B 717 30.42 9.54 -47.03
C ASP B 717 29.12 9.55 -46.25
N VAL B 718 28.97 8.79 -45.15
CA VAL B 718 27.85 8.95 -44.20
C VAL B 718 28.15 10.20 -43.42
N ASP B 719 29.33 10.14 -42.76
CA ASP B 719 29.92 11.18 -41.93
C ASP B 719 30.07 12.46 -42.77
N ARG B 720 30.31 12.39 -44.09
CA ARG B 720 30.34 13.58 -44.94
C ARG B 720 29.01 14.29 -45.10
N LEU B 721 27.91 13.57 -45.11
CA LEU B 721 26.62 14.23 -45.26
C LEU B 721 26.31 15.16 -44.08
N ASP B 722 26.98 14.85 -42.99
CA ASP B 722 26.76 15.61 -41.78
C ASP B 722 27.68 16.80 -41.64
N GLN B 723 28.68 16.85 -42.53
CA GLN B 723 29.49 18.04 -42.66
C GLN B 723 28.57 18.99 -43.42
N ARG B 724 28.38 18.86 -44.74
CA ARG B 724 27.55 19.78 -45.53
C ARG B 724 26.11 19.91 -45.00
N GLY B 725 25.55 18.82 -44.46
CA GLY B 725 24.18 18.84 -44.05
C GLY B 725 23.29 18.19 -45.11
N TYR B 726 22.76 17.08 -44.66
CA TYR B 726 21.81 16.32 -45.44
C TYR B 726 20.60 17.24 -45.63
N ASN B 727 19.93 17.18 -46.78
CA ASN B 727 18.62 17.79 -46.87
C ASN B 727 17.81 16.76 -47.66
N ALA B 728 16.72 16.25 -47.11
CA ALA B 728 15.91 15.26 -47.83
C ALA B 728 14.96 15.80 -48.86
N GLN B 729 14.50 17.06 -48.90
CA GLN B 729 13.66 17.49 -50.01
C GLN B 729 14.54 17.69 -51.26
N GLU B 730 15.84 17.48 -51.14
CA GLU B 730 16.82 17.50 -52.21
C GLU B 730 16.59 16.29 -53.13
N TYR B 731 16.89 15.10 -52.58
CA TYR B 731 16.63 13.85 -53.28
C TYR B 731 15.14 13.74 -53.68
N TYR B 732 14.20 14.27 -52.91
CA TYR B 732 12.82 14.21 -53.23
C TYR B 732 12.58 14.78 -54.61
N ASP B 733 13.09 16.00 -54.87
CA ASP B 733 12.83 16.70 -56.15
C ASP B 733 13.48 16.08 -57.37
N ARG B 734 14.78 15.78 -57.29
CA ARG B 734 15.43 15.17 -58.44
C ARG B 734 14.92 13.74 -58.70
N ILE B 735 14.69 12.87 -57.72
CA ILE B 735 14.25 11.51 -57.96
C ILE B 735 12.70 11.61 -58.03
N PRO B 736 12.00 11.40 -59.14
CA PRO B 736 10.54 11.49 -59.25
C PRO B 736 9.78 10.29 -58.75
N GLU B 737 10.62 9.36 -58.30
CA GLU B 737 10.23 8.08 -57.76
C GLU B 737 9.87 8.26 -56.32
N LEU B 738 10.76 9.02 -55.70
CA LEU B 738 10.67 9.30 -54.30
C LEU B 738 9.54 10.21 -53.94
N ARG B 739 9.04 10.98 -54.94
CA ARG B 739 7.90 11.89 -54.84
C ARG B 739 6.54 11.28 -55.14
N GLN B 740 6.56 10.21 -55.95
CA GLN B 740 5.39 9.45 -56.37
C GLN B 740 5.04 8.48 -55.25
N ILE B 741 5.99 7.79 -54.61
CA ILE B 741 5.59 6.86 -53.52
C ILE B 741 5.03 7.65 -52.32
N ILE B 742 5.75 8.73 -51.96
CA ILE B 742 5.43 9.60 -50.86
C ILE B 742 4.03 10.19 -50.95
N GLU B 743 3.57 10.68 -52.11
CA GLU B 743 2.22 11.17 -52.20
C GLU B 743 1.21 10.07 -52.03
N GLN B 744 1.53 8.85 -52.46
CA GLN B 744 0.58 7.75 -52.30
C GLN B 744 0.43 7.63 -50.79
N LEU B 745 1.56 7.71 -50.07
CA LEU B 745 1.54 7.66 -48.61
C LEU B 745 0.85 8.88 -48.02
N SER B 746 1.10 10.15 -48.38
CA SER B 746 0.42 11.29 -47.76
C SER B 746 -0.99 11.56 -48.21
N SER B 747 -1.44 11.04 -49.36
CA SER B 747 -2.81 11.22 -49.87
C SER B 747 -3.76 10.18 -49.25
N GLY B 748 -3.15 9.15 -48.63
CA GLY B 748 -3.81 8.09 -47.91
C GLY B 748 -4.14 6.89 -48.76
N PHE B 749 -3.38 6.71 -49.83
CA PHE B 749 -3.55 5.64 -50.81
C PHE B 749 -3.66 4.25 -50.16
N PHE B 750 -2.64 4.09 -49.35
CA PHE B 750 -2.47 2.86 -48.66
C PHE B 750 -3.26 2.86 -47.35
N SER B 751 -4.21 3.72 -46.94
CA SER B 751 -4.88 3.54 -45.64
C SER B 751 -6.38 3.76 -45.69
N PRO B 752 -6.92 4.13 -46.87
CA PRO B 752 -7.73 5.32 -47.11
C PRO B 752 -8.91 5.49 -46.21
N LYS B 753 -9.39 4.46 -45.49
CA LYS B 753 -10.53 4.61 -44.60
C LYS B 753 -10.24 5.70 -43.57
N GLN B 754 -8.98 6.15 -43.39
CA GLN B 754 -8.62 7.31 -42.59
C GLN B 754 -7.20 7.66 -43.03
N PRO B 755 -7.02 8.73 -43.81
CA PRO B 755 -5.90 8.94 -44.75
C PRO B 755 -4.60 9.63 -44.33
N ASP B 756 -4.81 10.29 -43.21
CA ASP B 756 -3.86 11.10 -42.46
C ASP B 756 -2.91 10.29 -41.58
N LEU B 757 -3.30 9.08 -41.12
CA LEU B 757 -2.51 8.18 -40.29
C LEU B 757 -1.03 8.00 -40.61
N PHE B 758 -0.48 8.09 -41.83
CA PHE B 758 0.96 7.91 -42.02
C PHE B 758 1.70 9.24 -42.20
N LYS B 759 1.08 10.33 -41.72
CA LYS B 759 1.67 11.67 -41.86
C LYS B 759 3.02 11.80 -41.16
N ASP B 760 3.14 11.16 -40.01
CA ASP B 760 4.36 11.15 -39.23
C ASP B 760 5.51 10.27 -39.80
N ILE B 761 5.20 9.24 -40.62
CA ILE B 761 6.25 8.47 -41.29
C ILE B 761 6.64 9.32 -42.46
N VAL B 762 5.68 9.93 -43.17
CA VAL B 762 6.04 10.81 -44.28
C VAL B 762 6.88 12.00 -43.77
N ASN B 763 6.54 12.59 -42.64
CA ASN B 763 7.27 13.72 -42.07
C ASN B 763 8.66 13.45 -41.52
N MET B 764 8.87 12.28 -40.93
CA MET B 764 10.14 11.92 -40.37
C MET B 764 11.08 11.84 -41.51
N LEU B 765 10.73 11.05 -42.54
CA LEU B 765 11.54 10.85 -43.75
C LEU B 765 11.93 12.18 -44.35
N MET B 766 10.83 12.83 -44.72
CA MET B 766 10.87 14.11 -45.34
C MET B 766 11.53 15.21 -44.58
N HIS B 767 11.45 15.22 -43.26
CA HIS B 767 12.00 16.29 -42.46
C HIS B 767 12.90 15.80 -41.31
N HIS B 768 12.48 15.04 -40.31
CA HIS B 768 13.35 14.67 -39.17
C HIS B 768 14.24 13.42 -39.28
N ASP B 769 14.68 12.95 -40.46
CA ASP B 769 15.21 11.58 -40.62
C ASP B 769 16.67 11.27 -40.24
N ARG B 770 17.11 11.01 -39.01
CA ARG B 770 18.58 10.93 -38.85
C ARG B 770 19.30 9.68 -39.41
N PHE B 771 18.58 8.79 -40.12
CA PHE B 771 19.25 7.57 -40.59
C PHE B 771 19.43 7.51 -42.13
N LYS B 772 18.83 8.52 -42.80
CA LYS B 772 19.06 8.74 -44.20
C LYS B 772 18.55 7.59 -45.07
N VAL B 773 17.25 7.42 -45.06
CA VAL B 773 16.60 6.45 -45.96
C VAL B 773 16.54 7.02 -47.41
N PHE B 774 15.96 8.20 -47.70
CA PHE B 774 16.00 8.80 -49.01
C PHE B 774 17.41 8.90 -49.61
N ALA B 775 18.47 8.95 -48.79
CA ALA B 775 19.83 9.11 -49.32
C ALA B 775 20.12 8.04 -50.34
N ASP B 776 19.90 6.81 -49.78
CA ASP B 776 20.14 5.49 -50.40
C ASP B 776 19.08 4.85 -51.29
N TYR B 777 17.99 5.56 -51.50
CA TYR B 777 16.96 5.03 -52.35
C TYR B 777 17.42 4.94 -53.80
N GLU B 778 18.05 5.92 -54.46
CA GLU B 778 18.25 5.79 -55.91
C GLU B 778 19.11 4.60 -56.32
N GLU B 779 20.23 4.32 -55.64
CA GLU B 779 21.14 3.20 -55.95
C GLU B 779 20.85 1.95 -55.14
N TYR B 780 19.73 1.92 -54.41
CA TYR B 780 19.34 0.69 -53.77
C TYR B 780 18.62 -0.01 -54.88
N VAL B 781 17.72 0.64 -55.64
CA VAL B 781 16.98 -0.14 -56.63
C VAL B 781 17.90 -0.44 -57.82
N LYS B 782 19.05 0.24 -57.90
CA LYS B 782 20.14 -0.11 -58.81
C LYS B 782 21.20 -1.01 -58.10
N CYS B 783 20.69 -1.87 -57.22
CA CYS B 783 21.40 -3.03 -56.73
C CYS B 783 20.30 -4.07 -56.87
N GLN B 784 19.07 -3.74 -56.49
CA GLN B 784 17.89 -4.56 -56.64
C GLN B 784 17.37 -4.88 -58.04
N GLU B 785 17.92 -4.14 -59.01
CA GLU B 785 17.78 -4.38 -60.43
C GLU B 785 18.85 -5.36 -60.90
N ARG B 786 20.04 -5.29 -60.29
CA ARG B 786 21.15 -6.15 -60.63
C ARG B 786 20.70 -7.50 -60.19
N VAL B 787 20.36 -7.60 -58.91
CA VAL B 787 19.74 -8.77 -58.29
C VAL B 787 18.69 -9.46 -59.18
N SER B 788 17.61 -8.80 -59.61
CA SER B 788 16.59 -9.48 -60.41
C SER B 788 17.16 -10.02 -61.74
N ALA B 789 18.13 -9.28 -62.29
CA ALA B 789 18.83 -9.67 -63.50
C ALA B 789 19.57 -10.99 -63.33
N LEU B 790 19.77 -11.43 -62.09
CA LEU B 790 20.55 -12.63 -61.81
C LEU B 790 19.72 -13.80 -61.41
N TYR B 791 18.66 -13.55 -60.67
CA TYR B 791 17.81 -14.65 -60.28
C TYR B 791 17.24 -15.26 -61.52
N LYS B 792 16.86 -14.51 -62.57
CA LYS B 792 16.28 -15.25 -63.69
C LYS B 792 17.43 -15.78 -64.57
N ASN B 793 18.47 -16.37 -63.98
CA ASN B 793 19.57 -16.96 -64.70
C ASN B 793 20.07 -18.12 -63.82
N PRO B 794 19.17 -19.05 -63.37
CA PRO B 794 19.38 -19.94 -62.23
C PRO B 794 20.70 -20.64 -62.08
N ARG B 795 21.32 -21.13 -63.17
CA ARG B 795 22.56 -21.81 -63.01
C ARG B 795 23.57 -20.77 -62.58
N GLU B 796 23.66 -19.58 -63.20
CA GLU B 796 24.66 -18.61 -62.74
C GLU B 796 24.34 -17.97 -61.37
N TRP B 797 23.04 -18.02 -60.99
CA TRP B 797 22.58 -17.56 -59.68
C TRP B 797 23.07 -18.51 -58.61
N THR B 798 22.62 -19.78 -58.56
CA THR B 798 23.03 -20.76 -57.55
C THR B 798 24.48 -21.25 -57.66
N ARG B 799 25.42 -20.34 -57.88
CA ARG B 799 26.85 -20.55 -58.08
C ARG B 799 27.55 -19.44 -57.32
N MET B 800 26.86 -18.30 -57.22
CA MET B 800 27.32 -17.25 -56.32
C MET B 800 26.97 -17.73 -54.91
N VAL B 801 25.84 -18.39 -54.74
CA VAL B 801 25.41 -19.05 -53.51
C VAL B 801 26.43 -20.11 -53.07
N ILE B 802 26.95 -20.92 -53.97
CA ILE B 802 27.94 -21.93 -53.65
C ILE B 802 29.23 -21.18 -53.33
N ARG B 803 29.49 -20.01 -53.92
CA ARG B 803 30.66 -19.21 -53.55
C ARG B 803 30.62 -18.64 -52.10
N ASN B 804 29.43 -18.13 -51.74
CA ASN B 804 29.06 -17.67 -50.42
C ASN B 804 29.11 -18.82 -49.43
N ILE B 805 28.20 -19.83 -49.54
CA ILE B 805 28.16 -21.00 -48.64
C ILE B 805 29.57 -21.57 -48.53
N ALA B 806 30.26 -22.02 -49.58
CA ALA B 806 31.61 -22.53 -49.40
C ALA B 806 32.59 -21.64 -48.57
N THR B 807 32.57 -20.29 -48.59
CA THR B 807 33.49 -19.50 -47.77
C THR B 807 32.87 -19.06 -46.44
N SER B 808 31.61 -19.44 -46.16
CA SER B 808 30.96 -19.18 -44.88
C SER B 808 31.59 -19.93 -43.68
N GLY B 809 32.91 -19.95 -43.48
CA GLY B 809 33.49 -20.72 -42.42
C GLY B 809 34.04 -19.83 -41.34
N LYS B 810 34.43 -18.59 -41.65
CA LYS B 810 34.97 -17.71 -40.62
C LYS B 810 33.82 -17.17 -39.79
N PHE B 811 32.57 -17.33 -40.19
CA PHE B 811 31.47 -16.87 -39.38
C PHE B 811 30.86 -18.09 -38.68
N SER B 812 31.77 -18.85 -38.04
CA SER B 812 31.52 -20.04 -37.26
C SER B 812 31.85 -19.71 -35.80
N SER B 813 30.86 -19.80 -34.90
CA SER B 813 31.01 -19.53 -33.49
C SER B 813 32.17 -20.24 -32.86
N ASP B 814 32.55 -21.45 -33.26
CA ASP B 814 33.71 -22.13 -32.67
C ASP B 814 35.03 -21.41 -32.92
N ARG B 815 35.12 -20.52 -33.90
CA ARG B 815 36.31 -19.73 -34.17
C ARG B 815 36.28 -18.50 -33.29
N THR B 816 35.09 -18.04 -32.86
CA THR B 816 35.03 -16.88 -31.98
C THR B 816 35.43 -17.48 -30.65
N ILE B 817 34.97 -18.71 -30.34
CA ILE B 817 35.36 -19.33 -29.08
C ILE B 817 36.77 -19.85 -29.03
N ALA B 818 37.32 -20.42 -30.10
CA ALA B 818 38.73 -20.80 -30.19
C ALA B 818 39.58 -19.60 -29.82
N GLN B 819 39.09 -18.43 -30.31
CA GLN B 819 39.73 -17.12 -30.22
C GLN B 819 39.64 -16.48 -28.88
N TYR B 820 38.46 -16.38 -28.33
CA TYR B 820 38.33 -15.99 -26.94
C TYR B 820 39.22 -16.90 -26.12
N ALA B 821 39.32 -18.20 -26.45
CA ALA B 821 40.07 -19.14 -25.64
C ALA B 821 41.52 -18.84 -25.55
N ARG B 822 42.31 -19.07 -26.57
CA ARG B 822 43.73 -18.81 -26.50
C ARG B 822 44.03 -17.34 -26.23
N GLU B 823 43.19 -16.39 -26.65
CA GLU B 823 43.48 -14.97 -26.47
C GLU B 823 43.07 -14.22 -25.21
N ILE B 824 41.87 -14.45 -24.69
CA ILE B 824 41.57 -13.78 -23.46
C ILE B 824 41.54 -14.78 -22.29
N TRP B 825 40.91 -15.93 -22.50
CA TRP B 825 40.60 -16.79 -21.38
C TRP B 825 41.81 -17.49 -20.78
N GLY B 826 42.72 -17.88 -21.64
CA GLY B 826 43.88 -18.62 -21.23
C GLY B 826 43.68 -20.03 -21.71
N VAL B 827 42.55 -20.66 -21.53
CA VAL B 827 42.43 -22.04 -21.95
C VAL B 827 42.48 -22.31 -23.46
N GLU B 828 42.89 -23.53 -23.77
CA GLU B 828 42.98 -24.09 -25.10
C GLU B 828 41.71 -24.87 -25.37
N PRO B 829 41.14 -24.93 -26.58
CA PRO B 829 40.03 -25.83 -26.91
C PRO B 829 40.46 -27.26 -27.37
N SER B 830 39.71 -28.33 -27.00
CA SER B 830 40.00 -29.67 -27.50
C SER B 830 38.73 -30.37 -27.97
N ARG B 831 38.60 -30.71 -29.28
CA ARG B 831 37.40 -31.37 -29.86
C ARG B 831 37.43 -32.91 -29.58
N GLN B 832 37.75 -33.26 -28.33
CA GLN B 832 38.06 -34.58 -27.80
C GLN B 832 36.88 -35.20 -27.05
N ARG B 833 36.43 -36.41 -27.40
CA ARG B 833 35.21 -37.03 -26.85
C ARG B 833 35.26 -37.52 -25.40
N LEU B 834 34.28 -38.28 -24.86
CA LEU B 834 34.36 -38.63 -23.46
C LEU B 834 34.23 -40.02 -22.82
N PRO B 835 34.99 -40.20 -21.74
CA PRO B 835 34.52 -40.68 -20.46
C PRO B 835 33.03 -40.44 -20.23
N ALA B 836 32.33 -41.41 -20.78
CA ALA B 836 30.89 -41.55 -20.68
C ALA B 836 30.60 -42.55 -21.80
N PRO B 837 29.52 -43.35 -21.82
CA PRO B 837 28.14 -42.96 -21.51
C PRO B 837 27.68 -42.80 -20.04
N ARG C 10 -35.29 41.16 12.95
CA ARG C 10 -34.29 41.00 11.92
C ARG C 10 -33.63 42.28 11.40
N LYS C 11 -34.32 43.44 11.22
CA LYS C 11 -33.66 44.68 10.68
C LYS C 11 -32.43 45.35 11.36
N GLN C 12 -32.30 45.21 12.69
CA GLN C 12 -31.21 45.80 13.43
C GLN C 12 -29.79 45.45 12.96
N ILE C 13 -29.68 44.21 12.41
CA ILE C 13 -28.42 43.67 11.90
C ILE C 13 -28.36 44.12 10.45
N SER C 14 -27.71 45.26 10.36
CA SER C 14 -27.60 46.05 9.15
C SER C 14 -26.09 46.08 8.72
N VAL C 15 -25.83 46.49 7.46
CA VAL C 15 -24.42 46.72 7.00
C VAL C 15 -24.01 48.15 7.41
N ARG C 16 -25.02 49.02 7.25
CA ARG C 16 -25.01 50.50 7.56
C ARG C 16 -23.59 51.05 7.80
N GLY C 17 -22.81 50.11 8.31
CA GLY C 17 -21.35 50.16 8.53
C GLY C 17 -20.75 50.34 9.83
N LEU C 18 -19.72 49.93 9.31
CA LEU C 18 -18.43 49.83 9.59
C LEU C 18 -18.03 50.03 8.15
N ALA C 19 -17.57 51.19 8.20
CA ALA C 19 -16.64 51.75 7.34
C ALA C 19 -16.75 53.16 7.70
N GLY C 20 -15.74 53.52 8.41
CA GLY C 20 -15.49 54.88 8.76
C GLY C 20 -14.75 55.40 7.55
N VAL C 21 -14.51 54.40 6.72
CA VAL C 21 -13.84 54.47 5.40
C VAL C 21 -12.58 55.33 5.39
N GLU C 22 -12.66 56.34 4.55
CA GLU C 22 -11.52 57.20 4.26
C GLU C 22 -10.75 57.53 5.50
N ASN C 23 -10.85 56.93 6.68
CA ASN C 23 -10.39 57.60 7.86
C ASN C 23 -9.23 56.82 8.47
N VAL C 24 -8.16 57.54 8.65
CA VAL C 24 -6.89 57.01 9.19
C VAL C 24 -7.06 56.51 10.61
N THR C 25 -7.59 57.37 11.38
CA THR C 25 -7.82 57.06 12.76
C THR C 25 -8.73 55.84 12.80
N GLU C 26 -9.99 55.89 12.37
CA GLU C 26 -10.76 54.67 12.37
C GLU C 26 -10.10 53.50 11.61
N LEU C 27 -8.96 53.54 10.90
CA LEU C 27 -8.35 52.28 10.48
C LEU C 27 -6.95 51.99 11.09
N LYS C 28 -6.26 52.96 11.73
CA LYS C 28 -5.10 52.65 12.58
C LYS C 28 -5.71 51.88 13.75
N LYS C 29 -6.91 52.33 14.11
CA LYS C 29 -7.74 51.66 15.08
C LYS C 29 -8.08 50.21 14.65
N ASN C 30 -8.51 49.87 13.43
CA ASN C 30 -8.75 48.47 13.18
C ASN C 30 -7.42 47.77 12.78
N PHE C 31 -6.28 48.36 12.39
CA PHE C 31 -5.02 47.64 12.23
C PHE C 31 -4.62 47.26 13.62
N ASN C 32 -4.99 48.05 14.61
CA ASN C 32 -4.79 47.57 15.95
C ASN C 32 -5.75 46.44 16.30
N ARG C 33 -7.03 46.46 15.99
CA ARG C 33 -7.88 45.35 16.33
C ARG C 33 -7.48 44.11 15.62
N HIS C 34 -7.04 44.17 14.39
CA HIS C 34 -6.77 42.93 13.72
C HIS C 34 -5.52 42.42 14.37
N LEU C 35 -4.54 43.24 14.66
CA LEU C 35 -3.38 42.72 15.41
C LEU C 35 -3.73 42.21 16.79
N HIS C 36 -4.70 42.67 17.52
CA HIS C 36 -4.81 42.19 18.89
C HIS C 36 -5.95 41.23 18.98
N PHE C 37 -7.09 41.52 18.37
CA PHE C 37 -8.26 40.70 18.54
C PHE C 37 -8.52 39.67 17.49
N THR C 38 -8.10 39.97 16.25
CA THR C 38 -8.29 39.01 15.14
C THR C 38 -7.10 38.07 14.90
N LEU C 39 -5.87 38.51 15.15
CA LEU C 39 -4.67 37.76 14.98
C LEU C 39 -4.06 37.31 16.31
N VAL C 40 -4.52 37.88 17.41
CA VAL C 40 -3.96 37.72 18.75
C VAL C 40 -2.43 37.66 18.91
N LYS C 41 -1.90 38.87 18.82
CA LYS C 41 -0.52 39.24 18.93
C LYS C 41 -0.48 40.68 19.50
N ASP C 42 0.68 41.20 19.82
CA ASP C 42 0.85 42.53 20.31
C ASP C 42 2.21 42.98 19.80
N ARG C 43 2.74 44.17 20.12
CA ARG C 43 4.06 44.61 19.63
C ARG C 43 5.24 43.84 20.19
N ASN C 44 5.06 43.10 21.27
CA ASN C 44 6.13 42.36 21.93
C ASN C 44 6.22 40.97 21.29
N VAL C 45 5.15 40.35 20.81
CA VAL C 45 5.33 39.04 20.15
C VAL C 45 5.42 39.20 18.63
N ALA C 46 4.64 40.15 18.08
CA ALA C 46 4.45 40.33 16.65
C ALA C 46 5.64 40.72 15.77
N THR C 47 5.73 39.94 14.67
CA THR C 47 6.76 40.04 13.65
C THR C 47 6.14 40.63 12.40
N PRO C 48 6.94 41.06 11.41
CA PRO C 48 6.46 41.44 10.05
C PRO C 48 5.25 40.70 9.50
N ARG C 49 5.24 39.38 9.48
CA ARG C 49 4.12 38.61 8.98
C ARG C 49 2.83 38.94 9.72
N ASP C 50 2.85 39.32 10.99
CA ASP C 50 1.64 39.62 11.77
C ASP C 50 1.15 41.03 11.50
N TYR C 51 2.10 41.87 11.09
CA TYR C 51 1.83 43.26 10.72
C TYR C 51 1.24 43.36 9.34
N TYR C 52 1.86 42.77 8.32
CA TYR C 52 1.25 42.70 6.99
C TYR C 52 -0.09 42.00 7.13
N PHE C 53 -0.23 41.00 7.94
CA PHE C 53 -1.47 40.29 8.03
C PHE C 53 -2.51 41.14 8.70
N ALA C 54 -2.11 42.00 9.66
CA ALA C 54 -3.03 42.95 10.31
C ALA C 54 -3.40 44.10 9.37
N LEU C 55 -2.53 44.50 8.44
CA LEU C 55 -2.88 45.43 7.36
C LEU C 55 -3.90 44.78 6.43
N ALA C 56 -3.48 43.62 5.85
CA ALA C 56 -4.20 42.70 4.94
C ALA C 56 -5.60 42.39 5.41
N HIS C 57 -5.71 42.11 6.72
CA HIS C 57 -7.01 41.93 7.30
C HIS C 57 -7.75 43.25 7.37
N THR C 58 -7.12 44.34 7.80
CA THR C 58 -7.75 45.64 7.86
C THR C 58 -8.41 46.08 6.55
N VAL C 59 -7.75 45.92 5.36
CA VAL C 59 -8.31 46.41 4.11
C VAL C 59 -9.48 45.54 3.71
N ARG C 60 -9.45 44.23 3.92
CA ARG C 60 -10.58 43.41 3.50
C ARG C 60 -11.86 43.42 4.29
N ASP C 61 -11.99 44.32 5.27
CA ASP C 61 -13.27 44.64 5.87
C ASP C 61 -13.88 45.67 4.93
N HIS C 62 -13.03 46.47 4.27
CA HIS C 62 -13.47 47.47 3.27
C HIS C 62 -14.01 46.74 2.06
N LEU C 63 -13.22 45.71 1.73
CA LEU C 63 -13.49 44.81 0.63
C LEU C 63 -14.75 44.01 0.92
N VAL C 64 -14.87 43.34 2.07
CA VAL C 64 -16.03 42.47 2.13
C VAL C 64 -17.34 43.16 2.40
N GLY C 65 -17.38 44.42 2.80
CA GLY C 65 -18.66 45.12 2.94
C GLY C 65 -19.27 45.34 1.55
N ARG C 66 -18.43 45.83 0.65
CA ARG C 66 -18.81 46.02 -0.76
C ARG C 66 -19.12 44.68 -1.40
N TRP C 67 -18.43 43.59 -1.07
CA TRP C 67 -18.78 42.25 -1.50
C TRP C 67 -20.22 41.86 -1.20
N ILE C 68 -20.59 42.12 0.06
CA ILE C 68 -21.90 41.81 0.60
C ILE C 68 -22.81 42.53 -0.33
N ARG C 69 -22.59 43.85 -0.39
CA ARG C 69 -23.51 44.74 -1.10
C ARG C 69 -23.77 44.43 -2.58
N THR C 70 -22.69 44.16 -3.33
CA THR C 70 -22.83 43.77 -4.70
C THR C 70 -23.56 42.47 -4.72
N GLN C 71 -23.16 41.46 -3.96
CA GLN C 71 -23.87 40.19 -4.07
C GLN C 71 -25.40 40.26 -3.88
N GLN C 72 -25.78 41.20 -3.01
CA GLN C 72 -27.16 41.47 -2.69
C GLN C 72 -27.90 42.02 -3.86
N HIS C 73 -27.21 43.01 -4.44
CA HIS C 73 -27.72 43.67 -5.59
C HIS C 73 -28.20 42.72 -6.70
N TYR C 74 -27.34 41.79 -7.09
CA TYR C 74 -27.64 40.88 -8.18
C TYR C 74 -28.75 39.94 -7.76
N TYR C 75 -28.95 39.75 -6.44
CA TYR C 75 -30.04 38.90 -5.94
C TYR C 75 -31.27 39.71 -6.21
N GLU C 76 -31.27 41.02 -5.90
CA GLU C 76 -32.41 41.90 -6.16
C GLU C 76 -32.76 42.19 -7.61
N LYS C 77 -31.79 42.71 -8.40
CA LYS C 77 -31.93 43.11 -9.79
C LYS C 77 -32.35 42.00 -10.75
N ASP C 78 -31.54 41.00 -10.43
CA ASP C 78 -31.37 39.71 -11.05
C ASP C 78 -30.79 39.54 -12.48
N PRO C 79 -29.59 40.11 -12.67
CA PRO C 79 -28.88 40.16 -13.93
C PRO C 79 -28.55 38.82 -14.55
N LYS C 80 -28.16 38.73 -15.81
CA LYS C 80 -27.62 37.52 -16.40
C LYS C 80 -26.24 37.43 -15.78
N ARG C 81 -25.98 36.23 -15.29
CA ARG C 81 -24.75 35.90 -14.64
C ARG C 81 -23.89 35.08 -15.62
N ILE C 82 -22.58 35.25 -15.59
CA ILE C 82 -21.72 34.57 -16.50
C ILE C 82 -20.64 33.91 -15.67
N TYR C 83 -20.44 32.60 -15.80
CA TYR C 83 -19.45 31.90 -15.02
C TYR C 83 -18.29 31.65 -15.95
N TYR C 84 -17.03 31.87 -15.55
CA TYR C 84 -15.84 31.71 -16.38
C TYR C 84 -14.94 30.58 -15.88
N LEU C 85 -14.96 29.37 -16.45
CA LEU C 85 -14.20 28.28 -15.91
C LEU C 85 -12.85 28.39 -16.57
N SER C 86 -11.78 28.26 -15.79
CA SER C 86 -10.39 28.22 -16.19
C SER C 86 -9.65 27.41 -15.13
N LEU C 87 -8.68 26.59 -15.50
CA LEU C 87 -7.94 25.83 -14.53
C LEU C 87 -6.80 26.61 -13.90
N GLU C 88 -6.51 27.82 -14.38
CA GLU C 88 -5.54 28.67 -13.73
C GLU C 88 -5.99 30.14 -13.78
N PHE C 89 -5.94 30.68 -12.57
CA PHE C 89 -6.28 32.05 -12.24
C PHE C 89 -4.97 32.58 -11.65
N TYR C 90 -4.16 33.27 -12.45
CA TYR C 90 -2.83 33.68 -12.06
C TYR C 90 -2.88 34.98 -11.29
N MET C 91 -3.76 34.98 -10.27
CA MET C 91 -4.19 36.11 -9.45
C MET C 91 -3.14 37.16 -9.04
N GLY C 92 -2.09 36.56 -8.47
CA GLY C 92 -0.88 37.17 -8.05
C GLY C 92 -0.98 38.40 -7.25
N ARG C 93 -0.82 38.33 -5.94
CA ARG C 93 -0.72 39.53 -5.08
C ARG C 93 -1.77 40.66 -5.00
N THR C 94 -2.49 40.41 -3.94
CA THR C 94 -3.59 41.25 -3.60
C THR C 94 -3.06 42.43 -2.76
N LEU C 95 -3.67 42.90 -1.68
CA LEU C 95 -3.32 44.14 -1.00
C LEU C 95 -3.01 45.29 -1.91
N GLN C 96 -1.86 45.66 -2.46
CA GLN C 96 -1.69 46.92 -3.21
C GLN C 96 -2.75 47.19 -4.25
N ASN C 97 -3.19 46.17 -4.98
CA ASN C 97 -4.30 46.33 -5.91
C ASN C 97 -5.71 46.48 -5.32
N THR C 98 -5.92 45.84 -4.18
CA THR C 98 -7.15 45.89 -3.41
C THR C 98 -7.27 47.32 -2.88
N MET C 99 -6.13 47.89 -2.49
CA MET C 99 -6.08 49.23 -1.99
C MET C 99 -6.16 50.15 -3.19
N VAL C 100 -5.36 50.14 -4.24
CA VAL C 100 -5.60 51.06 -5.35
C VAL C 100 -7.03 50.92 -5.98
N ASN C 101 -7.64 49.74 -6.26
CA ASN C 101 -8.98 49.63 -6.84
C ASN C 101 -10.07 50.21 -5.98
N LEU C 102 -9.74 50.53 -4.72
CA LEU C 102 -10.66 50.98 -3.70
C LEU C 102 -10.17 52.28 -3.01
N ALA C 103 -9.04 52.82 -3.48
CA ALA C 103 -8.40 54.13 -3.14
C ALA C 103 -7.48 54.34 -1.93
N LEU C 104 -7.42 53.33 -1.05
CA LEU C 104 -6.74 53.41 0.20
C LEU C 104 -5.22 53.36 0.11
N GLU C 105 -4.53 53.53 -1.05
CA GLU C 105 -3.05 53.54 -1.10
C GLU C 105 -2.64 54.59 -0.11
N ASN C 106 -3.10 55.85 -0.33
CA ASN C 106 -2.93 57.01 0.55
C ASN C 106 -3.27 56.87 2.01
N ALA C 107 -4.54 56.65 2.39
CA ALA C 107 -4.83 56.52 3.82
C ALA C 107 -4.05 55.40 4.48
N CYS C 108 -3.90 54.20 3.86
CA CYS C 108 -3.21 53.07 4.46
C CYS C 108 -1.76 53.39 4.68
N ASP C 109 -1.24 54.25 3.80
CA ASP C 109 0.13 54.70 3.89
C ASP C 109 0.18 55.59 5.12
N GLU C 110 -0.72 56.57 5.20
CA GLU C 110 -0.72 57.50 6.32
C GLU C 110 -0.89 56.88 7.68
N ALA C 111 -1.82 55.93 7.81
CA ALA C 111 -2.00 55.16 9.03
C ALA C 111 -0.74 54.35 9.33
N THR C 112 -0.16 53.62 8.37
CA THR C 112 1.04 52.87 8.71
C THR C 112 2.32 53.74 8.74
N TYR C 113 2.19 55.01 8.33
CA TYR C 113 3.27 55.99 8.37
C TYR C 113 3.39 56.27 9.85
N GLN C 114 2.26 56.67 10.39
CA GLN C 114 2.17 57.02 11.79
C GLN C 114 2.43 55.84 12.68
N LEU C 115 2.13 54.63 12.20
CA LEU C 115 2.38 53.53 13.07
C LEU C 115 3.84 53.22 13.18
N GLY C 116 4.72 53.60 12.25
CA GLY C 116 6.11 53.17 12.33
C GLY C 116 6.38 52.00 11.37
N LEU C 117 5.54 51.81 10.35
CA LEU C 117 5.61 50.67 9.47
C LEU C 117 5.73 51.17 8.00
N ASP C 118 6.78 50.82 7.21
CA ASP C 118 6.90 51.33 5.84
C ASP C 118 5.97 50.46 5.04
N MET C 119 4.92 51.07 4.51
CA MET C 119 3.95 50.29 3.77
C MET C 119 4.51 49.62 2.52
N GLU C 120 5.60 50.07 1.88
CA GLU C 120 6.18 49.30 0.78
C GLU C 120 6.60 47.94 1.37
N GLU C 121 7.45 47.91 2.43
CA GLU C 121 8.01 46.69 3.05
C GLU C 121 6.97 45.62 3.34
N LEU C 122 5.90 46.02 4.03
CA LEU C 122 4.89 45.03 4.37
C LEU C 122 4.34 44.23 3.16
N GLU C 123 4.15 44.88 1.99
CA GLU C 123 3.56 44.35 0.75
C GLU C 123 4.35 43.18 0.24
N GLU C 124 5.65 43.37 0.37
CA GLU C 124 6.56 42.37 -0.08
C GLU C 124 6.72 41.27 0.95
N ILE C 125 5.70 41.04 1.83
CA ILE C 125 5.57 39.84 2.63
C ILE C 125 4.46 38.98 2.04
N GLU C 126 3.56 39.52 1.21
CA GLU C 126 2.53 38.71 0.58
C GLU C 126 3.16 37.71 -0.40
N GLU C 127 2.54 36.53 -0.44
CA GLU C 127 2.98 35.37 -1.23
C GLU C 127 2.22 35.46 -2.53
N ASP C 128 2.82 35.40 -3.74
CA ASP C 128 2.02 35.41 -4.97
C ASP C 128 1.07 34.20 -4.97
N ALA C 129 -0.25 34.35 -5.08
CA ALA C 129 -1.14 33.18 -5.14
C ALA C 129 -0.88 32.33 -6.40
N GLY C 130 -0.26 31.20 -6.03
CA GLY C 130 0.08 30.09 -6.90
C GLY C 130 -1.20 29.32 -7.25
N LEU C 131 -2.06 30.07 -7.89
CA LEU C 131 -3.30 29.61 -8.41
C LEU C 131 -3.12 29.72 -9.95
N GLY C 132 -1.90 29.91 -10.43
CA GLY C 132 -1.64 30.10 -11.84
C GLY C 132 -0.24 29.70 -12.26
N ASN C 133 -0.10 29.74 -13.56
CA ASN C 133 1.13 29.30 -14.13
C ASN C 133 1.67 30.22 -15.23
N GLY C 134 0.82 30.60 -16.18
CA GLY C 134 1.27 31.48 -17.24
C GLY C 134 0.14 32.34 -17.77
N GLY C 135 0.31 32.59 -19.08
CA GLY C 135 -0.56 33.46 -19.83
C GLY C 135 -2.01 33.03 -19.74
N LEU C 136 -2.25 31.71 -19.78
CA LEU C 136 -3.58 31.18 -19.81
C LEU C 136 -4.25 31.51 -18.51
N GLY C 137 -3.45 31.71 -17.45
CA GLY C 137 -3.88 32.05 -16.10
C GLY C 137 -3.97 33.51 -15.92
N ARG C 138 -3.02 34.26 -16.41
CA ARG C 138 -3.06 35.72 -16.48
C ARG C 138 -4.22 36.33 -17.24
N LEU C 139 -4.73 35.83 -18.37
CA LEU C 139 -5.79 36.58 -18.95
C LEU C 139 -7.06 36.53 -18.19
N ALA C 140 -7.33 35.44 -17.49
CA ALA C 140 -8.51 35.26 -16.65
C ALA C 140 -8.57 36.33 -15.55
N ALA C 141 -7.46 36.47 -14.83
CA ALA C 141 -7.27 37.51 -13.83
C ALA C 141 -7.59 38.94 -14.29
N CYS C 142 -7.16 39.30 -15.52
CA CYS C 142 -7.47 40.59 -16.16
C CYS C 142 -8.93 40.48 -16.65
N PHE C 143 -9.42 39.31 -17.05
CA PHE C 143 -10.80 39.15 -17.48
C PHE C 143 -11.67 39.14 -16.25
N LEU C 144 -11.15 39.12 -15.03
CA LEU C 144 -12.02 39.28 -13.86
C LEU C 144 -11.99 40.72 -13.35
N ASP C 145 -10.84 41.42 -13.36
CA ASP C 145 -10.74 42.84 -13.01
C ASP C 145 -11.64 43.71 -13.89
N SER C 146 -11.58 43.52 -15.23
CA SER C 146 -12.43 44.18 -16.19
C SER C 146 -13.80 43.55 -16.18
N MET C 147 -14.12 42.29 -15.87
CA MET C 147 -15.52 41.87 -15.76
C MET C 147 -16.26 42.61 -14.64
N ALA C 148 -15.46 42.94 -13.60
CA ALA C 148 -15.87 43.70 -12.41
C ALA C 148 -15.88 45.19 -12.63
N THR C 149 -14.95 45.78 -13.39
CA THR C 149 -15.06 47.22 -13.65
C THR C 149 -16.17 47.46 -14.68
N LEU C 150 -16.49 46.46 -15.49
CA LEU C 150 -17.53 46.63 -16.49
C LEU C 150 -18.89 46.21 -16.07
N GLY C 151 -19.06 46.06 -14.75
CA GLY C 151 -20.34 45.76 -14.08
C GLY C 151 -21.09 44.47 -14.38
N LEU C 152 -20.39 43.47 -14.95
CA LEU C 152 -21.02 42.23 -15.33
C LEU C 152 -21.13 41.29 -14.13
N ALA C 153 -22.25 40.54 -14.09
CA ALA C 153 -22.49 39.62 -12.99
C ALA C 153 -21.70 38.36 -13.22
N ALA C 154 -20.39 38.39 -12.98
CA ALA C 154 -19.53 37.30 -13.38
C ALA C 154 -18.79 36.62 -12.26
N TYR C 155 -18.61 35.29 -12.43
CA TYR C 155 -17.96 34.38 -11.48
C TYR C 155 -16.68 33.74 -11.99
N GLY C 156 -15.70 33.42 -11.15
CA GLY C 156 -14.49 32.75 -11.60
C GLY C 156 -14.42 31.39 -10.93
N TYR C 157 -14.31 30.28 -11.64
CA TYR C 157 -14.34 28.93 -11.07
C TYR C 157 -13.07 28.22 -11.47
N GLY C 158 -12.25 28.03 -10.44
CA GLY C 158 -10.94 27.45 -10.58
C GLY C 158 -10.69 26.43 -9.47
N ILE C 159 -9.46 25.88 -9.45
CA ILE C 159 -9.03 24.90 -8.45
C ILE C 159 -8.13 25.66 -7.45
N ARG C 160 -8.42 25.43 -6.14
CA ARG C 160 -7.66 25.96 -5.02
C ARG C 160 -6.50 25.05 -4.73
N TYR C 161 -5.54 25.18 -5.61
CA TYR C 161 -4.28 24.48 -5.56
C TYR C 161 -3.60 24.69 -4.24
N GLU C 162 -3.59 23.72 -3.32
CA GLU C 162 -2.82 23.84 -2.10
C GLU C 162 -1.37 24.14 -2.35
N PHE C 163 -0.63 23.65 -3.34
CA PHE C 163 0.74 24.07 -3.53
C PHE C 163 1.13 24.73 -4.83
N GLY C 164 0.58 24.32 -5.97
CA GLY C 164 0.84 25.02 -7.21
C GLY C 164 2.01 24.43 -7.97
N ILE C 165 2.29 25.02 -9.11
CA ILE C 165 3.36 24.51 -9.97
C ILE C 165 4.59 25.09 -9.25
N PHE C 166 5.81 24.52 -9.30
CA PHE C 166 7.02 25.02 -8.61
C PHE C 166 7.47 26.51 -8.53
N ASN C 167 8.53 26.67 -7.77
CA ASN C 167 9.26 27.90 -7.50
C ASN C 167 10.57 27.78 -8.25
N GLN C 168 11.01 28.63 -9.19
CA GLN C 168 12.29 28.36 -9.84
C GLN C 168 13.35 28.56 -8.78
N LYS C 169 14.42 27.79 -8.77
CA LYS C 169 15.45 28.05 -7.79
C LYS C 169 16.66 27.56 -8.51
N ILE C 170 17.35 28.50 -9.16
CA ILE C 170 18.46 28.12 -10.01
C ILE C 170 19.61 27.89 -9.01
N CYS C 171 20.12 26.69 -8.85
CA CYS C 171 21.20 26.52 -7.91
C CYS C 171 22.47 26.13 -8.66
N GLY C 172 23.48 26.99 -8.50
CA GLY C 172 24.77 26.87 -9.16
C GLY C 172 24.66 26.97 -10.69
N GLY C 173 23.46 27.34 -11.17
CA GLY C 173 23.25 27.36 -12.60
C GLY C 173 22.14 26.49 -13.14
N TRP C 174 21.67 25.49 -12.39
CA TRP C 174 20.64 24.60 -12.93
C TRP C 174 19.27 24.82 -12.31
N GLN C 175 18.19 24.83 -13.11
CA GLN C 175 16.83 25.11 -12.58
C GLN C 175 16.37 24.10 -11.55
N MET C 176 16.42 24.27 -10.22
CA MET C 176 15.87 23.28 -9.29
C MET C 176 14.40 23.62 -9.15
N GLU C 177 13.67 22.52 -9.08
CA GLU C 177 12.21 22.54 -8.92
C GLU C 177 11.93 22.82 -7.44
N GLU C 178 11.01 23.66 -7.00
CA GLU C 178 10.78 23.80 -5.57
C GLU C 178 9.32 24.05 -5.28
N ALA C 179 8.74 23.40 -4.29
CA ALA C 179 7.31 23.45 -4.04
C ALA C 179 6.91 24.80 -3.51
N ASP C 180 5.61 25.07 -3.62
CA ASP C 180 5.08 26.35 -3.22
C ASP C 180 3.94 26.27 -2.23
N ASP C 181 4.23 26.31 -0.95
CA ASP C 181 3.08 26.34 -0.06
C ASP C 181 3.04 27.84 0.14
N TRP C 182 2.15 28.44 -0.63
CA TRP C 182 1.96 29.88 -0.42
C TRP C 182 1.16 30.09 0.88
N LEU C 183 0.21 29.15 1.14
CA LEU C 183 -0.73 29.30 2.26
C LEU C 183 -0.31 28.77 3.63
N ARG C 184 1.00 28.74 3.91
CA ARG C 184 1.57 28.26 5.16
C ARG C 184 0.96 28.79 6.45
N TYR C 185 0.94 30.14 6.51
CA TYR C 185 0.43 30.98 7.60
C TYR C 185 -0.90 31.57 7.10
N GLY C 186 -1.66 30.77 6.34
CA GLY C 186 -2.94 31.17 5.80
C GLY C 186 -2.92 32.07 4.55
N ASN C 187 -4.17 32.52 4.27
CA ASN C 187 -4.48 33.39 3.17
C ASN C 187 -5.49 34.35 3.79
N PRO C 188 -5.34 35.70 3.93
CA PRO C 188 -6.34 36.62 4.50
C PRO C 188 -7.52 36.86 3.61
N TRP C 189 -7.19 36.82 2.32
CA TRP C 189 -8.11 37.11 1.25
C TRP C 189 -9.17 36.07 0.94
N GLU C 190 -9.03 34.79 1.27
CA GLU C 190 -9.95 33.70 0.90
C GLU C 190 -10.92 33.36 2.01
N LYS C 191 -12.17 33.12 1.67
CA LYS C 191 -13.10 32.80 2.72
C LYS C 191 -13.74 31.50 2.36
N ALA C 192 -13.35 30.49 3.11
CA ALA C 192 -13.83 29.14 2.98
C ALA C 192 -15.28 29.03 3.37
N ARG C 193 -16.08 28.47 2.46
CA ARG C 193 -17.51 28.22 2.59
C ARG C 193 -17.83 26.76 2.76
N PRO C 194 -17.44 26.07 3.83
CA PRO C 194 -17.71 24.67 4.03
C PRO C 194 -19.20 24.31 3.88
N GLU C 195 -20.13 25.27 4.08
CA GLU C 195 -21.57 25.02 3.96
C GLU C 195 -21.89 24.55 2.56
N PHE C 196 -21.03 24.87 1.59
CA PHE C 196 -21.37 24.55 0.23
C PHE C 196 -20.63 23.38 -0.37
N THR C 197 -20.06 22.52 0.49
CA THR C 197 -19.44 21.28 0.05
C THR C 197 -20.44 20.45 -0.80
N LEU C 198 -20.11 20.06 -2.04
CA LEU C 198 -20.98 19.16 -2.82
C LEU C 198 -20.19 17.95 -3.27
N PRO C 199 -20.68 16.76 -3.60
CA PRO C 199 -19.88 15.60 -3.94
C PRO C 199 -19.57 15.49 -5.42
N VAL C 200 -18.47 14.88 -5.81
CA VAL C 200 -18.08 14.72 -7.19
C VAL C 200 -17.94 13.23 -7.41
N HIS C 201 -18.69 12.72 -8.37
CA HIS C 201 -18.78 11.30 -8.48
C HIS C 201 -17.83 10.65 -9.45
N PHE C 202 -16.81 9.96 -8.96
CA PHE C 202 -15.94 9.20 -9.83
C PHE C 202 -16.32 7.76 -10.18
N TYR C 203 -15.93 7.26 -11.37
CA TYR C 203 -16.05 5.88 -11.75
C TYR C 203 -17.49 5.44 -11.71
N GLY C 204 -17.89 4.21 -11.36
CA GLY C 204 -19.30 3.83 -11.29
C GLY C 204 -19.72 2.99 -12.46
N ARG C 205 -21.03 2.72 -12.53
CA ARG C 205 -21.63 1.85 -13.52
C ARG C 205 -22.77 2.68 -14.01
N VAL C 206 -23.20 2.56 -15.26
CA VAL C 206 -24.38 3.26 -15.75
C VAL C 206 -25.47 2.17 -15.76
N GLU C 207 -26.45 2.13 -14.86
CA GLU C 207 -27.50 1.10 -14.86
C GLU C 207 -28.63 1.67 -15.67
N HIS C 208 -29.31 1.01 -16.60
CA HIS C 208 -30.33 1.72 -17.35
C HIS C 208 -31.78 1.42 -16.95
N THR C 209 -32.69 2.39 -16.74
CA THR C 209 -34.07 2.16 -16.34
C THR C 209 -35.06 3.34 -16.56
N SER C 210 -36.33 2.96 -16.77
CA SER C 210 -37.53 3.82 -16.87
C SER C 210 -37.64 4.86 -18.00
N GLN C 211 -37.51 6.17 -17.78
CA GLN C 211 -37.50 7.15 -18.86
C GLN C 211 -36.00 7.46 -19.01
N GLY C 212 -35.05 6.88 -18.22
CA GLY C 212 -33.62 7.20 -18.32
C GLY C 212 -32.52 6.22 -17.85
N ALA C 213 -31.40 6.80 -17.42
CA ALA C 213 -30.27 6.03 -16.98
C ALA C 213 -29.92 6.56 -15.63
N LYS C 214 -29.27 5.72 -14.85
CA LYS C 214 -28.74 6.14 -13.59
C LYS C 214 -27.27 5.78 -13.68
N TRP C 215 -26.43 6.45 -12.88
CA TRP C 215 -25.01 6.14 -12.75
C TRP C 215 -24.87 5.72 -11.31
N VAL C 216 -24.79 4.40 -11.13
CA VAL C 216 -24.76 3.75 -9.82
C VAL C 216 -23.29 3.45 -9.41
N ASP C 217 -23.04 3.03 -8.17
CA ASP C 217 -21.74 2.58 -7.70
C ASP C 217 -20.55 3.53 -7.74
N THR C 218 -20.70 4.86 -7.70
CA THR C 218 -19.57 5.77 -7.76
C THR C 218 -18.76 6.07 -6.48
N GLN C 219 -17.68 6.84 -6.65
CA GLN C 219 -16.87 7.14 -5.53
C GLN C 219 -16.81 8.63 -5.38
N VAL C 220 -17.40 9.12 -4.30
CA VAL C 220 -17.41 10.52 -3.88
C VAL C 220 -16.16 11.08 -3.20
N VAL C 221 -15.80 12.21 -3.78
CA VAL C 221 -14.73 13.08 -3.36
C VAL C 221 -15.56 14.31 -2.98
N LEU C 222 -15.33 15.12 -1.96
CA LEU C 222 -16.20 16.25 -1.72
C LEU C 222 -15.49 17.50 -2.22
N ALA C 223 -16.15 18.31 -3.03
CA ALA C 223 -15.59 19.51 -3.61
C ALA C 223 -16.07 20.52 -2.59
N MET C 224 -15.13 21.17 -1.89
CA MET C 224 -15.36 22.22 -0.87
C MET C 224 -15.01 23.63 -1.38
N PRO C 225 -15.90 24.68 -1.45
CA PRO C 225 -15.64 26.00 -2.01
C PRO C 225 -15.04 27.08 -1.10
N TYR C 226 -14.13 27.86 -1.68
CA TYR C 226 -13.34 28.91 -1.02
C TYR C 226 -13.49 30.23 -1.80
N ASP C 227 -14.26 31.21 -1.33
CA ASP C 227 -14.51 32.47 -2.03
C ASP C 227 -13.47 33.55 -1.94
N THR C 228 -13.03 34.19 -3.01
CA THR C 228 -12.13 35.34 -2.95
C THR C 228 -12.88 36.50 -3.59
N PRO C 229 -12.93 37.73 -3.06
CA PRO C 229 -13.53 38.93 -3.66
C PRO C 229 -12.75 39.49 -4.81
N VAL C 230 -13.35 39.93 -5.88
CA VAL C 230 -12.55 40.58 -6.90
C VAL C 230 -13.19 41.93 -7.17
N PRO C 231 -12.53 42.96 -6.65
CA PRO C 231 -12.98 44.33 -6.68
C PRO C 231 -12.83 45.07 -8.03
N GLY C 232 -13.71 46.00 -8.39
CA GLY C 232 -13.52 46.71 -9.65
C GLY C 232 -12.89 48.08 -9.46
N TYR C 233 -11.99 48.67 -10.27
CA TYR C 233 -11.48 50.02 -10.01
C TYR C 233 -12.56 51.11 -9.79
N ARG C 234 -12.60 51.53 -8.52
CA ARG C 234 -13.46 52.58 -7.99
C ARG C 234 -14.90 52.58 -8.49
N ASN C 235 -15.61 51.49 -8.45
CA ASN C 235 -17.02 51.50 -8.85
C ASN C 235 -17.94 50.82 -7.85
N ASN C 236 -17.28 50.46 -6.75
CA ASN C 236 -17.86 49.78 -5.63
C ASN C 236 -18.37 48.36 -5.87
N VAL C 237 -18.04 47.66 -6.97
CA VAL C 237 -18.51 46.30 -7.02
C VAL C 237 -17.29 45.45 -6.68
N VAL C 238 -17.71 44.29 -6.15
CA VAL C 238 -16.79 43.26 -5.74
C VAL C 238 -17.53 42.01 -6.22
N ASN C 239 -16.94 41.27 -7.14
CA ASN C 239 -17.50 40.02 -7.63
C ASN C 239 -16.84 38.84 -6.90
N THR C 240 -17.04 37.58 -7.32
CA THR C 240 -16.56 36.38 -6.64
C THR C 240 -15.55 35.65 -7.47
N MET C 241 -14.76 34.82 -6.83
CA MET C 241 -13.96 33.81 -7.50
C MET C 241 -14.15 32.59 -6.58
N ARG C 242 -14.81 31.52 -7.01
CA ARG C 242 -15.08 30.32 -6.21
C ARG C 242 -14.10 29.22 -6.64
N LEU C 243 -13.15 28.92 -5.74
CA LEU C 243 -12.13 27.88 -5.94
C LEU C 243 -12.49 26.67 -5.10
N TRP C 244 -12.18 25.54 -5.74
CA TRP C 244 -12.62 24.29 -5.17
C TRP C 244 -11.45 23.52 -4.62
N SER C 245 -11.69 23.20 -3.37
CA SER C 245 -10.78 22.37 -2.65
C SER C 245 -11.32 20.92 -2.67
N ALA C 246 -10.50 19.94 -3.13
CA ALA C 246 -10.84 18.52 -3.26
C ALA C 246 -10.64 17.87 -1.93
N LYS C 247 -11.65 17.79 -1.05
CA LYS C 247 -11.47 17.15 0.25
C LYS C 247 -12.18 15.81 0.28
N ALA C 248 -11.30 14.80 0.36
CA ALA C 248 -11.64 13.39 0.45
C ALA C 248 -12.73 13.11 1.44
N PRO C 249 -13.75 12.35 1.03
CA PRO C 249 -14.96 12.11 1.81
C PRO C 249 -14.69 11.52 3.19
N ASN C 250 -13.50 10.95 3.38
CA ASN C 250 -13.04 10.31 4.59
C ASN C 250 -13.73 10.39 5.96
N ASP C 251 -14.69 9.49 5.98
CA ASP C 251 -15.36 9.00 7.17
C ASP C 251 -14.91 7.50 7.22
N PHE C 252 -13.62 7.38 6.78
CA PHE C 252 -12.94 6.11 6.52
C PHE C 252 -12.39 5.51 7.80
N ASN C 253 -13.17 5.48 8.89
CA ASN C 253 -12.66 4.99 10.15
C ASN C 253 -13.38 3.77 10.72
N LEU C 254 -14.52 3.40 10.11
CA LEU C 254 -15.25 2.19 10.50
C LEU C 254 -16.33 2.07 9.41
N LYS C 255 -16.86 3.25 9.09
CA LYS C 255 -17.93 3.36 8.14
C LYS C 255 -17.53 2.94 6.73
N ASP C 256 -18.49 2.03 6.49
CA ASP C 256 -18.81 1.26 5.28
C ASP C 256 -18.39 -0.20 5.38
N PHE C 257 -17.84 -0.66 6.53
CA PHE C 257 -17.37 -2.04 6.73
C PHE C 257 -16.19 -2.26 5.75
N ASN C 258 -15.40 -1.19 5.60
CA ASN C 258 -14.31 -1.09 4.63
C ASN C 258 -12.90 -1.17 5.25
N VAL C 259 -12.62 -0.27 6.19
CA VAL C 259 -11.35 -0.23 6.89
C VAL C 259 -11.37 -1.33 7.97
N GLY C 260 -10.18 -1.68 8.44
CA GLY C 260 -10.05 -2.75 9.43
C GLY C 260 -9.76 -4.03 8.68
N GLY C 261 -10.75 -4.37 7.84
CA GLY C 261 -10.65 -5.43 6.86
C GLY C 261 -9.35 -5.19 6.12
N TYR C 262 -9.25 -3.98 5.57
CA TYR C 262 -7.95 -3.49 5.13
C TYR C 262 -7.89 -2.06 4.65
N ILE C 263 -6.98 -1.43 5.45
CA ILE C 263 -6.61 -0.05 5.18
C ILE C 263 -5.48 0.06 4.16
N GLN C 264 -5.55 -0.92 3.26
CA GLN C 264 -4.90 -0.88 1.97
C GLN C 264 -5.56 0.33 1.34
N ALA C 265 -6.89 0.49 1.45
CA ALA C 265 -7.56 1.50 0.68
C ALA C 265 -7.70 2.88 1.28
N VAL C 266 -6.66 3.35 1.94
CA VAL C 266 -6.67 4.72 2.38
C VAL C 266 -5.96 5.54 1.30
N LEU C 267 -5.92 5.02 0.08
CA LEU C 267 -5.43 5.77 -1.02
C LEU C 267 -6.57 6.64 -1.48
N ASP C 268 -7.89 6.41 -1.32
CA ASP C 268 -8.90 7.42 -1.75
C ASP C 268 -8.84 8.63 -0.79
N ARG C 269 -7.95 8.56 0.18
CA ARG C 269 -7.54 9.78 0.84
C ARG C 269 -6.77 10.46 -0.28
N ASN C 270 -5.55 9.98 -0.57
CA ASN C 270 -4.62 10.64 -1.50
C ASN C 270 -5.05 11.03 -2.90
N LEU C 271 -5.58 10.11 -3.68
CA LEU C 271 -5.93 10.41 -5.05
C LEU C 271 -7.33 11.00 -5.18
N ALA C 272 -7.84 11.41 -4.01
CA ALA C 272 -9.00 12.25 -3.96
C ALA C 272 -8.40 13.57 -3.55
N GLU C 273 -7.58 13.54 -2.54
CA GLU C 273 -7.01 14.73 -1.99
C GLU C 273 -6.10 15.51 -2.86
N ASN C 274 -5.30 14.90 -3.72
CA ASN C 274 -4.44 15.71 -4.52
C ASN C 274 -4.97 15.99 -5.91
N ILE C 275 -6.29 16.10 -6.07
CA ILE C 275 -6.85 16.66 -7.29
C ILE C 275 -6.56 18.20 -7.19
N SER C 276 -6.39 18.71 -5.96
CA SER C 276 -6.02 20.08 -5.68
C SER C 276 -4.69 20.28 -5.01
N ARG C 277 -3.86 19.33 -4.56
CA ARG C 277 -2.56 19.77 -4.05
C ARG C 277 -1.76 20.40 -5.16
N VAL C 278 -1.83 20.00 -6.44
CA VAL C 278 -0.90 20.52 -7.42
C VAL C 278 -1.48 20.88 -8.78
N LEU C 279 -0.76 21.80 -9.41
CA LEU C 279 -0.99 22.51 -10.69
C LEU C 279 -0.09 21.84 -11.69
N TYR C 280 -0.30 21.77 -13.00
CA TYR C 280 0.77 21.16 -13.75
C TYR C 280 1.67 22.00 -14.69
N PRO C 281 2.93 21.51 -14.96
CA PRO C 281 4.13 22.11 -15.59
C PRO C 281 4.51 23.40 -16.35
N GLU C 287 -0.04 15.02 -20.41
CA GLU C 287 0.30 13.68 -20.76
C GLU C 287 -0.89 12.89 -20.20
N GLY C 288 -1.03 11.59 -20.56
CA GLY C 288 -2.20 10.75 -20.27
C GLY C 288 -2.40 10.46 -18.78
N LYS C 289 -2.84 11.49 -18.03
CA LYS C 289 -3.00 11.25 -16.63
C LYS C 289 -4.44 11.39 -16.29
N GLU C 290 -4.81 10.30 -15.66
CA GLU C 290 -6.10 10.18 -15.07
C GLU C 290 -6.21 11.29 -14.05
N LEU C 291 -5.10 11.75 -13.42
CA LEU C 291 -5.11 12.91 -12.51
C LEU C 291 -5.56 14.19 -13.19
N ARG C 292 -5.04 14.47 -14.38
CA ARG C 292 -5.41 15.65 -15.13
C ARG C 292 -6.87 15.61 -15.51
N LEU C 293 -7.37 14.49 -16.02
CA LEU C 293 -8.78 14.36 -16.34
C LEU C 293 -9.67 14.32 -15.11
N LYS C 294 -9.15 13.86 -13.97
CA LYS C 294 -9.91 13.82 -12.76
C LYS C 294 -10.09 15.23 -12.27
N GLN C 295 -9.09 16.10 -12.41
CA GLN C 295 -9.10 17.53 -12.05
C GLN C 295 -10.01 18.35 -12.92
N GLU C 296 -9.97 18.04 -14.21
CA GLU C 296 -10.86 18.60 -15.24
C GLU C 296 -12.33 18.24 -14.97
N TYR C 297 -12.69 17.04 -14.57
CA TYR C 297 -14.07 16.74 -14.30
C TYR C 297 -14.42 17.25 -12.93
N PHE C 298 -13.55 17.26 -11.95
CA PHE C 298 -13.86 17.75 -10.62
C PHE C 298 -14.38 19.17 -10.68
N VAL C 299 -13.62 20.14 -11.23
CA VAL C 299 -14.02 21.54 -11.48
C VAL C 299 -15.41 21.67 -12.11
N VAL C 300 -15.71 20.87 -13.12
CA VAL C 300 -16.95 20.82 -13.85
C VAL C 300 -18.08 20.28 -12.99
N ALA C 301 -17.86 19.21 -12.22
CA ALA C 301 -18.92 18.65 -11.39
C ALA C 301 -19.27 19.61 -10.29
N ALA C 302 -18.31 20.18 -9.62
CA ALA C 302 -18.59 21.07 -8.52
C ALA C 302 -19.24 22.40 -8.90
N THR C 303 -18.85 22.98 -10.02
CA THR C 303 -19.42 24.22 -10.51
C THR C 303 -20.77 24.02 -11.21
N LEU C 304 -21.03 23.09 -12.13
CA LEU C 304 -22.31 23.04 -12.80
C LEU C 304 -23.42 22.72 -11.85
N GLN C 305 -23.06 22.03 -10.80
CA GLN C 305 -24.00 21.74 -9.76
C GLN C 305 -24.17 23.03 -8.94
N ASP C 306 -23.19 23.98 -8.81
CA ASP C 306 -23.26 25.29 -8.09
C ASP C 306 -23.99 26.37 -8.88
N ILE C 307 -23.76 26.50 -10.20
CA ILE C 307 -24.48 27.31 -11.23
C ILE C 307 -25.99 27.03 -11.17
N ILE C 308 -26.49 25.80 -11.40
CA ILE C 308 -27.88 25.40 -11.27
C ILE C 308 -28.31 25.62 -9.82
N ARG C 309 -27.47 25.47 -8.79
CA ARG C 309 -27.82 25.78 -7.39
C ARG C 309 -28.23 27.23 -7.26
N ARG C 310 -27.43 28.13 -7.84
CA ARG C 310 -27.71 29.55 -7.90
C ARG C 310 -28.82 29.92 -8.90
N PHE C 311 -28.96 29.22 -10.03
CA PHE C 311 -30.03 29.43 -10.99
C PHE C 311 -31.34 29.06 -10.32
N LYS C 312 -31.38 27.93 -9.62
CA LYS C 312 -32.60 27.53 -8.97
C LYS C 312 -32.95 28.44 -7.80
N SER C 313 -31.96 28.78 -6.93
CA SER C 313 -32.20 29.61 -5.76
C SER C 313 -32.38 31.11 -5.98
N SER C 314 -31.49 31.81 -6.66
CA SER C 314 -31.76 33.20 -6.85
C SER C 314 -32.84 33.35 -7.94
N LYS C 315 -33.98 33.62 -7.29
CA LYS C 315 -35.19 34.14 -7.89
C LYS C 315 -35.95 33.36 -8.94
N PHE C 316 -35.40 32.43 -9.72
CA PHE C 316 -36.20 31.91 -10.85
C PHE C 316 -37.29 30.85 -10.64
N GLY C 317 -37.31 30.03 -9.59
CA GLY C 317 -38.34 29.01 -9.45
C GLY C 317 -39.70 29.53 -8.96
N CYS C 318 -40.25 30.52 -9.63
CA CYS C 318 -41.50 31.21 -9.36
C CYS C 318 -41.92 31.70 -10.72
N ARG C 319 -41.00 32.17 -11.61
CA ARG C 319 -41.33 32.31 -13.03
C ARG C 319 -40.84 30.93 -13.46
N ASP C 320 -41.88 30.20 -13.18
CA ASP C 320 -42.00 28.79 -13.22
C ASP C 320 -43.54 28.70 -13.41
N PRO C 321 -44.11 29.52 -14.32
CA PRO C 321 -44.62 29.10 -15.62
C PRO C 321 -44.14 27.79 -16.28
N VAL C 322 -42.84 27.45 -16.26
CA VAL C 322 -42.33 26.21 -16.89
C VAL C 322 -40.93 25.91 -16.34
N ARG C 323 -40.52 24.62 -16.21
CA ARG C 323 -39.38 24.02 -15.45
C ARG C 323 -38.34 24.69 -14.51
N THR C 324 -38.65 25.84 -13.80
CA THR C 324 -37.67 26.86 -13.31
C THR C 324 -36.84 26.86 -14.58
N ASN C 325 -37.60 27.11 -15.67
CA ASN C 325 -37.12 26.54 -16.88
C ASN C 325 -35.79 26.97 -17.39
N PHE C 326 -35.30 25.81 -17.74
CA PHE C 326 -34.08 25.67 -18.46
C PHE C 326 -34.29 26.39 -19.78
N ASP C 327 -35.55 26.55 -20.25
CA ASP C 327 -35.90 27.47 -21.32
C ASP C 327 -35.25 28.80 -21.15
N ALA C 328 -35.31 29.30 -19.92
CA ALA C 328 -34.67 30.57 -19.62
C ALA C 328 -33.26 30.45 -19.05
N PHE C 329 -32.74 29.24 -18.87
CA PHE C 329 -31.38 29.02 -18.40
C PHE C 329 -30.37 29.83 -19.21
N PRO C 330 -30.31 29.86 -20.58
CA PRO C 330 -29.35 30.65 -21.36
C PRO C 330 -29.38 32.19 -21.17
N ASP C 331 -30.51 32.72 -20.69
CA ASP C 331 -30.75 34.11 -20.42
C ASP C 331 -30.16 34.47 -19.09
N LYS C 332 -30.31 33.69 -18.01
CA LYS C 332 -29.71 33.98 -16.70
C LYS C 332 -28.30 33.41 -16.58
N VAL C 333 -27.88 32.49 -17.45
CA VAL C 333 -26.55 31.90 -17.42
C VAL C 333 -25.69 32.12 -18.68
N ALA C 334 -24.39 32.06 -18.52
CA ALA C 334 -23.48 32.01 -19.63
C ALA C 334 -22.24 31.30 -19.15
N ILE C 335 -21.73 30.22 -19.80
CA ILE C 335 -20.48 29.58 -19.39
C ILE C 335 -19.33 29.85 -20.39
N GLN C 336 -18.14 30.29 -19.98
CA GLN C 336 -17.01 30.43 -20.89
C GLN C 336 -16.04 29.31 -20.60
N LEU C 337 -15.61 28.64 -21.67
CA LEU C 337 -14.67 27.55 -21.54
C LEU C 337 -13.37 28.06 -22.15
N ASN C 338 -12.52 28.50 -21.20
CA ASN C 338 -11.18 28.94 -21.50
C ASN C 338 -10.37 27.65 -21.75
N ASP C 339 -10.03 27.41 -23.03
CA ASP C 339 -9.29 26.23 -23.52
C ASP C 339 -10.16 24.98 -23.48
N THR C 340 -9.74 23.84 -24.02
CA THR C 340 -10.55 22.61 -23.97
C THR C 340 -10.55 21.95 -22.61
N HIS C 341 -10.08 22.55 -21.51
CA HIS C 341 -10.02 21.92 -20.18
C HIS C 341 -11.38 21.94 -19.50
N PRO C 342 -12.19 23.03 -19.42
CA PRO C 342 -13.56 22.94 -18.94
C PRO C 342 -14.40 22.06 -19.81
N SER C 343 -13.98 21.69 -21.03
CA SER C 343 -14.71 20.85 -21.96
C SER C 343 -15.66 19.82 -21.38
N LEU C 344 -15.37 19.00 -20.36
CA LEU C 344 -16.37 18.04 -19.91
C LEU C 344 -17.67 18.64 -19.39
N ALA C 345 -17.69 19.98 -19.27
CA ALA C 345 -18.85 20.81 -18.96
C ALA C 345 -20.04 20.77 -19.96
N ILE C 346 -19.78 20.39 -21.21
CA ILE C 346 -20.78 20.15 -22.25
C ILE C 346 -21.38 18.75 -22.11
N PRO C 347 -20.80 17.57 -21.81
CA PRO C 347 -21.50 16.41 -21.24
C PRO C 347 -21.96 16.52 -19.77
N GLU C 348 -21.38 17.30 -18.84
CA GLU C 348 -21.95 17.46 -17.49
C GLU C 348 -23.19 18.35 -17.55
N LEU C 349 -23.21 19.53 -18.18
CA LEU C 349 -24.47 20.23 -18.35
C LEU C 349 -25.37 19.42 -19.29
N MET C 350 -25.03 18.27 -19.84
CA MET C 350 -26.02 17.47 -20.53
C MET C 350 -26.49 16.37 -19.56
N ARG C 351 -25.58 15.74 -18.78
CA ARG C 351 -25.85 14.64 -17.84
C ARG C 351 -26.84 15.09 -16.78
N VAL C 352 -26.74 16.26 -16.15
CA VAL C 352 -27.70 16.74 -15.15
C VAL C 352 -29.05 17.04 -15.82
N LEU C 353 -29.06 17.84 -16.88
CA LEU C 353 -30.30 18.25 -17.54
C LEU C 353 -31.09 17.04 -18.10
N VAL C 354 -30.38 16.04 -18.61
CA VAL C 354 -31.03 14.88 -19.16
C VAL C 354 -31.33 13.93 -18.00
N ASP C 355 -30.38 13.32 -17.30
CA ASP C 355 -30.60 12.30 -16.24
C ASP C 355 -31.43 12.63 -15.04
N LEU C 356 -31.07 13.80 -14.52
CA LEU C 356 -31.64 14.37 -13.29
C LEU C 356 -32.85 15.22 -13.45
N GLU C 357 -32.73 16.37 -14.12
CA GLU C 357 -33.87 17.27 -14.35
C GLU C 357 -34.95 16.65 -15.24
N ARG C 358 -34.52 15.75 -16.15
CA ARG C 358 -35.31 15.01 -17.13
C ARG C 358 -35.93 15.88 -18.24
N LEU C 359 -35.10 16.63 -18.93
CA LEU C 359 -35.57 17.42 -20.04
C LEU C 359 -35.41 16.58 -21.31
N ASP C 360 -35.91 17.07 -22.43
CA ASP C 360 -35.73 16.41 -23.70
C ASP C 360 -34.25 16.43 -24.09
N TRP C 361 -33.66 15.42 -24.75
CA TRP C 361 -32.26 15.39 -25.19
C TRP C 361 -32.16 16.60 -26.06
N ASP C 362 -32.99 16.81 -27.07
CA ASP C 362 -32.84 18.02 -27.84
C ASP C 362 -33.26 19.25 -27.07
N LYS C 363 -33.90 19.18 -25.89
CA LYS C 363 -34.07 20.36 -25.04
C LYS C 363 -32.81 20.59 -24.23
N ALA C 364 -32.05 19.58 -23.93
CA ALA C 364 -30.79 19.73 -23.24
C ALA C 364 -29.69 20.25 -24.19
N TRP C 365 -29.80 20.10 -25.52
CA TRP C 365 -28.78 20.56 -26.47
C TRP C 365 -29.07 21.99 -26.91
N GLU C 366 -30.35 22.26 -27.18
CA GLU C 366 -30.86 23.61 -27.51
C GLU C 366 -30.36 24.51 -26.38
N VAL C 367 -30.58 24.09 -25.14
CA VAL C 367 -30.03 24.83 -24.04
C VAL C 367 -28.52 24.63 -23.94
N THR C 368 -27.86 23.47 -23.99
CA THR C 368 -26.41 23.42 -23.84
C THR C 368 -25.68 24.16 -24.90
N VAL C 369 -26.23 24.43 -26.08
CA VAL C 369 -25.47 25.16 -27.07
C VAL C 369 -25.72 26.65 -26.98
N LYS C 370 -26.91 27.05 -26.60
CA LYS C 370 -27.23 28.45 -26.41
C LYS C 370 -26.46 28.96 -25.19
N THR C 371 -26.43 28.20 -24.08
CA THR C 371 -25.64 28.47 -22.87
C THR C 371 -24.09 28.55 -22.90
N CYS C 372 -23.26 27.57 -23.27
CA CYS C 372 -21.80 27.69 -23.13
C CYS C 372 -21.00 28.19 -24.34
N ALA C 373 -19.72 28.64 -24.28
CA ALA C 373 -18.96 29.08 -25.46
C ALA C 373 -17.46 28.84 -25.34
N TYR C 374 -16.74 28.60 -26.44
CA TYR C 374 -15.35 28.20 -26.34
C TYR C 374 -14.25 29.15 -26.79
N THR C 375 -13.33 29.60 -25.95
CA THR C 375 -12.21 30.41 -26.37
C THR C 375 -11.10 29.38 -26.69
N ASN C 376 -10.40 29.46 -27.82
CA ASN C 376 -9.30 28.54 -28.20
C ASN C 376 -7.98 29.29 -28.04
N HIS C 377 -6.84 28.76 -27.65
CA HIS C 377 -5.64 29.59 -27.55
C HIS C 377 -4.50 29.07 -28.42
N THR C 378 -4.70 28.14 -29.36
CA THR C 378 -3.57 27.46 -30.01
C THR C 378 -3.51 27.84 -31.46
N VAL C 379 -2.43 27.51 -32.14
CA VAL C 379 -2.32 27.77 -33.57
C VAL C 379 -1.66 26.58 -34.25
N ILE C 380 -1.18 25.71 -33.40
CA ILE C 380 -0.44 24.57 -33.84
C ILE C 380 -1.46 23.51 -33.40
N PRO C 381 -1.79 22.61 -34.32
CA PRO C 381 -2.91 21.74 -34.17
C PRO C 381 -2.67 20.56 -33.27
N GLU C 382 -1.48 19.91 -33.25
CA GLU C 382 -1.24 18.68 -32.49
C GLU C 382 -1.68 18.93 -31.08
N ALA C 383 -1.29 20.12 -30.62
CA ALA C 383 -1.65 20.66 -29.34
C ALA C 383 -3.16 20.74 -29.03
N LEU C 384 -4.13 20.33 -29.87
CA LEU C 384 -5.56 20.42 -29.57
C LEU C 384 -5.92 19.25 -28.65
N GLU C 385 -6.71 19.29 -27.56
CA GLU C 385 -6.81 18.15 -26.61
C GLU C 385 -7.73 16.99 -26.94
N ARG C 386 -7.07 15.90 -26.63
CA ARG C 386 -7.54 14.60 -26.90
C ARG C 386 -7.29 13.83 -25.61
N TRP C 387 -8.13 12.83 -25.40
CA TRP C 387 -8.16 11.98 -24.21
C TRP C 387 -8.64 10.62 -24.72
N PRO C 388 -8.00 9.48 -24.39
CA PRO C 388 -8.39 8.11 -24.80
C PRO C 388 -9.75 7.57 -24.35
N VAL C 389 -10.60 6.96 -25.16
CA VAL C 389 -11.83 6.45 -24.63
C VAL C 389 -11.55 5.34 -23.64
N HIS C 390 -10.38 4.69 -23.47
CA HIS C 390 -10.22 3.74 -22.33
C HIS C 390 -10.35 4.43 -20.98
N LEU C 391 -9.77 5.64 -20.88
CA LEU C 391 -9.71 6.51 -19.68
C LEU C 391 -11.12 6.98 -19.41
N LEU C 392 -11.82 7.44 -20.44
CA LEU C 392 -13.19 7.89 -20.30
C LEU C 392 -14.15 6.73 -20.03
N GLU C 393 -14.01 5.55 -20.63
CA GLU C 393 -14.93 4.46 -20.37
C GLU C 393 -14.94 4.09 -18.89
N THR C 394 -13.83 4.44 -18.18
CA THR C 394 -13.66 4.16 -16.76
C THR C 394 -14.05 5.18 -15.71
N LEU C 395 -13.54 6.41 -15.67
CA LEU C 395 -13.93 7.26 -14.56
C LEU C 395 -15.17 8.08 -14.81
N LEU C 396 -15.56 7.99 -16.09
CA LEU C 396 -16.63 8.76 -16.70
C LEU C 396 -17.44 7.87 -17.62
N PRO C 397 -18.09 6.82 -17.14
CA PRO C 397 -18.79 5.88 -18.01
C PRO C 397 -19.86 6.53 -18.89
N ARG C 398 -20.87 7.10 -18.20
CA ARG C 398 -21.98 7.87 -18.78
C ARG C 398 -21.55 9.11 -19.59
N HIS C 399 -20.49 9.89 -19.31
CA HIS C 399 -20.01 10.99 -20.14
C HIS C 399 -19.57 10.47 -21.49
N LEU C 400 -19.06 9.24 -21.56
CA LEU C 400 -18.59 8.65 -22.78
C LEU C 400 -19.84 8.44 -23.59
N GLN C 401 -20.88 7.86 -23.00
CA GLN C 401 -22.13 7.70 -23.69
C GLN C 401 -22.75 9.05 -24.04
N ILE C 402 -22.45 10.21 -23.46
CA ILE C 402 -23.11 11.40 -23.95
C ILE C 402 -22.21 11.85 -25.07
N ILE C 403 -20.88 11.67 -25.05
CA ILE C 403 -20.05 12.04 -26.23
C ILE C 403 -20.34 11.13 -27.46
N TYR C 404 -20.68 9.85 -27.20
CA TYR C 404 -21.11 8.97 -28.22
C TYR C 404 -22.49 9.43 -28.69
N GLU C 405 -23.58 9.85 -28.06
CA GLU C 405 -24.79 10.26 -28.82
C GLU C 405 -24.63 11.63 -29.46
N ILE C 406 -23.76 12.51 -28.89
CA ILE C 406 -23.49 13.85 -29.45
C ILE C 406 -22.87 13.53 -30.80
N ASN C 407 -21.76 12.80 -30.82
CA ASN C 407 -20.99 12.59 -32.02
C ASN C 407 -21.83 12.09 -33.17
N GLN C 408 -22.75 11.15 -32.83
CA GLN C 408 -23.68 10.55 -33.79
C GLN C 408 -24.67 11.58 -34.34
N ARG C 409 -25.39 12.32 -33.52
CA ARG C 409 -26.31 13.32 -34.06
C ARG C 409 -25.62 14.47 -34.76
N PHE C 410 -24.42 14.86 -34.38
CA PHE C 410 -23.77 15.93 -35.06
C PHE C 410 -23.46 15.36 -36.43
N LEU C 411 -22.95 14.16 -36.60
CA LEU C 411 -22.65 13.69 -37.93
C LEU C 411 -23.87 13.65 -38.82
N ASN C 412 -25.12 13.53 -38.32
CA ASN C 412 -26.31 13.65 -39.20
C ASN C 412 -26.30 15.07 -39.76
N ARG C 413 -26.36 16.10 -38.90
CA ARG C 413 -26.22 17.49 -39.27
C ARG C 413 -25.18 17.74 -40.37
N VAL C 414 -24.06 17.06 -40.23
CA VAL C 414 -22.97 17.17 -41.17
C VAL C 414 -23.26 16.52 -42.50
N ALA C 415 -23.78 15.28 -42.52
CA ALA C 415 -24.05 14.54 -43.78
C ALA C 415 -24.98 15.31 -44.72
N ALA C 416 -26.14 15.71 -44.19
CA ALA C 416 -27.15 16.52 -44.85
C ALA C 416 -26.59 17.84 -45.32
N ALA C 417 -25.56 18.34 -44.69
CA ALA C 417 -25.00 19.61 -45.06
C ALA C 417 -24.00 19.36 -46.16
N PHE C 418 -23.35 18.19 -46.23
CA PHE C 418 -22.36 17.94 -47.27
C PHE C 418 -22.57 16.53 -47.81
N PRO C 419 -23.71 16.27 -48.46
CA PRO C 419 -24.17 14.92 -48.80
C PRO C 419 -23.25 14.17 -49.72
N GLY C 420 -22.77 13.06 -49.14
CA GLY C 420 -21.89 12.15 -49.82
C GLY C 420 -20.47 12.26 -49.32
N ASP C 421 -20.04 13.36 -48.67
CA ASP C 421 -18.61 13.53 -48.30
C ASP C 421 -18.17 12.75 -47.06
N VAL C 422 -17.87 11.50 -47.42
CA VAL C 422 -17.48 10.49 -46.47
C VAL C 422 -16.23 10.94 -45.74
N ASP C 423 -15.22 11.59 -46.34
CA ASP C 423 -14.11 11.98 -45.52
C ASP C 423 -14.52 13.17 -44.64
N ARG C 424 -15.53 14.00 -44.94
CA ARG C 424 -15.84 15.09 -44.03
C ARG C 424 -16.39 14.49 -42.78
N LEU C 425 -17.13 13.38 -42.84
CA LEU C 425 -17.60 12.76 -41.61
C LEU C 425 -16.44 12.25 -40.78
N ARG C 426 -15.31 11.88 -41.41
CA ARG C 426 -14.21 11.40 -40.63
C ARG C 426 -13.28 12.52 -40.14
N ARG C 427 -13.51 13.78 -40.50
CA ARG C 427 -12.64 14.85 -40.05
C ARG C 427 -13.38 15.77 -39.16
N MET C 428 -14.66 15.76 -39.33
CA MET C 428 -15.52 16.45 -38.45
C MET C 428 -15.89 15.63 -37.21
N SER C 429 -15.43 14.38 -37.03
CA SER C 429 -15.76 13.56 -35.85
C SER C 429 -15.04 13.89 -34.54
N LEU C 430 -15.79 13.52 -33.49
CA LEU C 430 -15.31 13.61 -32.14
C LEU C 430 -14.66 12.30 -31.70
N VAL C 431 -14.90 11.10 -32.25
CA VAL C 431 -14.12 9.93 -31.87
C VAL C 431 -13.01 10.05 -32.92
N GLU C 432 -11.77 9.61 -32.70
CA GLU C 432 -10.67 9.79 -33.60
C GLU C 432 -9.75 8.59 -33.38
N GLU C 433 -9.54 7.69 -34.35
CA GLU C 433 -8.59 6.59 -34.12
C GLU C 433 -7.56 6.26 -35.19
N GLY C 434 -6.60 5.57 -34.60
CA GLY C 434 -5.39 5.01 -35.21
C GLY C 434 -4.85 4.13 -34.08
N ALA C 435 -3.60 4.28 -33.66
CA ALA C 435 -3.19 3.58 -32.47
C ALA C 435 -3.68 4.47 -31.33
N VAL C 436 -4.72 4.00 -30.63
CA VAL C 436 -5.43 4.61 -29.47
C VAL C 436 -6.52 5.56 -29.94
N LYS C 437 -7.75 5.07 -29.70
CA LYS C 437 -8.99 5.72 -30.07
C LYS C 437 -9.33 6.86 -29.11
N ARG C 438 -8.97 8.08 -29.50
CA ARG C 438 -9.16 9.18 -28.62
C ARG C 438 -10.36 9.96 -29.06
N ILE C 439 -10.86 10.74 -28.11
CA ILE C 439 -12.00 11.62 -28.33
C ILE C 439 -11.33 12.94 -28.60
N ASN C 440 -11.93 13.81 -29.41
CA ASN C 440 -11.31 15.10 -29.63
C ASN C 440 -12.15 16.14 -28.91
N MET C 441 -11.53 16.70 -27.87
CA MET C 441 -12.22 17.60 -26.93
C MET C 441 -12.55 18.98 -27.51
N ALA C 442 -11.67 19.47 -28.42
CA ALA C 442 -11.85 20.72 -29.18
C ALA C 442 -13.01 20.64 -30.18
N HIS C 443 -13.25 19.47 -30.79
CA HIS C 443 -14.37 19.25 -31.69
C HIS C 443 -15.58 19.05 -30.79
N LEU C 444 -15.43 18.51 -29.58
CA LEU C 444 -16.53 18.43 -28.61
C LEU C 444 -17.05 19.83 -28.32
N CYS C 445 -16.12 20.76 -28.01
CA CYS C 445 -16.47 22.15 -27.72
C CYS C 445 -17.22 22.88 -28.84
N ILE C 446 -16.79 22.77 -30.12
CA ILE C 446 -17.45 23.40 -31.26
C ILE C 446 -18.88 22.86 -31.37
N ALA C 447 -19.12 21.56 -31.38
CA ALA C 447 -20.49 21.07 -31.34
C ALA C 447 -21.36 21.60 -30.16
N GLY C 448 -20.89 21.53 -28.91
CA GLY C 448 -21.61 22.08 -27.77
C GLY C 448 -21.44 23.58 -27.50
N SER C 449 -20.88 24.43 -28.36
CA SER C 449 -20.87 25.82 -28.00
C SER C 449 -21.57 26.70 -29.02
N HIS C 450 -22.28 27.73 -28.57
CA HIS C 450 -22.87 28.67 -29.49
C HIS C 450 -21.85 29.52 -30.23
N ALA C 451 -20.64 29.69 -29.72
CA ALA C 451 -19.65 30.54 -30.41
C ALA C 451 -18.29 29.95 -30.11
N VAL C 452 -17.32 30.05 -31.00
CA VAL C 452 -15.99 29.55 -30.77
C VAL C 452 -15.14 30.79 -31.06
N ASN C 453 -14.02 31.11 -30.44
CA ASN C 453 -13.33 32.33 -30.80
C ASN C 453 -11.82 32.27 -30.72
N GLY C 454 -11.14 32.97 -31.58
CA GLY C 454 -9.72 33.04 -31.50
C GLY C 454 -9.39 34.23 -30.63
N VAL C 455 -8.16 34.15 -30.13
CA VAL C 455 -7.69 35.04 -29.13
C VAL C 455 -6.81 36.08 -29.73
N ALA C 456 -6.82 36.22 -31.05
CA ALA C 456 -6.01 37.19 -31.81
C ALA C 456 -6.53 37.29 -33.25
N ARG C 457 -6.41 38.37 -34.00
CA ARG C 457 -6.95 38.45 -35.36
C ARG C 457 -6.61 37.36 -36.37
N ILE C 458 -5.35 37.27 -36.75
CA ILE C 458 -4.96 36.31 -37.75
C ILE C 458 -5.13 34.88 -37.22
N HIS C 459 -4.88 34.63 -35.91
CA HIS C 459 -5.07 33.31 -35.30
C HIS C 459 -6.55 32.96 -35.35
N SER C 460 -7.45 33.90 -35.30
CA SER C 460 -8.83 33.60 -35.48
C SER C 460 -9.15 33.37 -36.96
N GLU C 461 -8.31 33.78 -37.91
CA GLU C 461 -8.60 33.46 -39.31
C GLU C 461 -8.19 32.03 -39.53
N ILE C 462 -6.98 31.64 -39.13
CA ILE C 462 -6.46 30.29 -39.27
C ILE C 462 -6.90 29.32 -38.18
N LEU C 463 -8.23 29.24 -38.10
CA LEU C 463 -9.03 28.29 -37.36
C LEU C 463 -10.24 28.08 -38.28
N LYS C 464 -10.56 29.01 -39.15
CA LYS C 464 -11.54 28.80 -40.23
C LYS C 464 -10.83 28.68 -41.65
N LYS C 465 -9.57 29.10 -41.73
CA LYS C 465 -8.74 28.99 -42.91
C LYS C 465 -8.06 27.63 -42.90
N THR C 466 -7.73 27.17 -41.69
CA THR C 466 -6.98 25.94 -41.62
C THR C 466 -7.39 25.00 -40.51
N ILE C 467 -7.21 25.38 -39.24
CA ILE C 467 -7.42 24.40 -38.20
C ILE C 467 -8.86 23.90 -38.08
N PHE C 468 -9.98 24.59 -37.96
CA PHE C 468 -11.28 23.91 -37.90
C PHE C 468 -12.08 24.23 -39.16
N LYS C 469 -11.44 24.40 -40.31
CA LYS C 469 -12.14 24.89 -41.48
C LYS C 469 -13.40 24.16 -41.95
N ASP C 470 -13.56 22.83 -41.90
CA ASP C 470 -14.79 22.13 -42.34
C ASP C 470 -16.02 22.44 -41.47
N PHE C 471 -15.63 22.47 -40.19
CA PHE C 471 -16.47 22.80 -39.05
C PHE C 471 -17.03 24.22 -39.20
N TYR C 472 -16.10 25.06 -39.67
CA TYR C 472 -16.43 26.42 -39.92
C TYR C 472 -17.51 26.48 -40.98
N GLU C 473 -17.27 25.87 -42.13
CA GLU C 473 -18.23 25.94 -43.21
C GLU C 473 -19.62 25.42 -42.81
N LEU C 474 -19.73 24.45 -41.90
CA LEU C 474 -20.99 23.89 -41.45
C LEU C 474 -21.66 24.77 -40.36
N GLU C 475 -20.91 25.48 -39.51
CA GLU C 475 -21.45 26.48 -38.59
C GLU C 475 -20.56 27.74 -38.66
N PRO C 476 -20.69 28.59 -39.70
CA PRO C 476 -19.84 29.75 -39.94
C PRO C 476 -20.12 30.82 -38.91
N HIS C 477 -21.38 30.87 -38.49
CA HIS C 477 -21.92 31.78 -37.52
C HIS C 477 -21.41 31.64 -36.07
N LYS C 478 -20.51 30.70 -35.79
CA LYS C 478 -20.02 30.49 -34.45
C LYS C 478 -18.69 31.19 -34.28
N PHE C 479 -17.99 31.30 -35.39
CA PHE C 479 -16.65 31.81 -35.33
C PHE C 479 -16.59 33.31 -35.29
N GLN C 480 -16.03 33.78 -34.18
CA GLN C 480 -15.77 35.19 -33.98
C GLN C 480 -14.28 35.29 -33.66
N ASN C 481 -13.78 36.49 -33.44
CA ASN C 481 -12.45 36.67 -32.87
C ASN C 481 -12.66 37.50 -31.63
N LYS C 482 -11.64 37.74 -30.80
CA LYS C 482 -11.54 38.68 -29.69
C LYS C 482 -10.03 38.71 -29.30
N THR C 483 -9.19 39.67 -29.73
CA THR C 483 -7.79 39.81 -29.32
C THR C 483 -7.63 40.25 -27.87
N ASN C 484 -6.77 39.48 -27.19
CA ASN C 484 -6.25 39.66 -25.82
C ASN C 484 -5.91 41.08 -25.36
N GLY C 485 -6.05 41.31 -24.07
CA GLY C 485 -5.71 42.56 -23.46
C GLY C 485 -5.34 42.42 -21.99
N ILE C 486 -4.56 43.37 -21.56
CA ILE C 486 -4.00 43.49 -20.24
C ILE C 486 -4.99 44.25 -19.36
N THR C 487 -4.84 44.49 -18.05
CA THR C 487 -5.77 45.42 -17.43
C THR C 487 -4.91 46.65 -17.17
N PRO C 488 -5.46 47.87 -17.34
CA PRO C 488 -4.81 49.14 -17.09
C PRO C 488 -4.41 49.40 -15.64
N ARG C 489 -5.12 48.73 -14.70
CA ARG C 489 -4.91 48.87 -13.26
C ARG C 489 -3.71 48.12 -12.72
N ARG C 490 -3.55 46.82 -12.96
CA ARG C 490 -2.39 46.15 -12.45
C ARG C 490 -1.15 46.48 -13.26
N TRP C 491 -1.35 46.48 -14.56
CA TRP C 491 -0.25 46.59 -15.47
C TRP C 491 0.10 47.99 -16.01
N LEU C 492 -0.56 49.07 -15.54
CA LEU C 492 -0.05 50.43 -15.76
C LEU C 492 -0.15 51.21 -14.45
N VAL C 493 -1.32 51.25 -13.79
CA VAL C 493 -1.43 51.94 -12.52
C VAL C 493 -0.48 51.24 -11.54
N LEU C 494 -0.76 50.07 -10.90
CA LEU C 494 0.09 49.41 -9.90
C LEU C 494 1.58 49.21 -10.14
N CYS C 495 1.89 48.66 -11.31
CA CYS C 495 3.26 48.40 -11.61
C CYS C 495 3.98 49.68 -11.83
N ASN C 496 3.31 50.72 -12.34
CA ASN C 496 4.05 51.89 -12.76
C ASN C 496 3.38 53.16 -12.41
N PRO C 497 3.23 53.52 -11.15
CA PRO C 497 2.42 54.68 -10.78
C PRO C 497 3.18 55.94 -11.17
N GLY C 498 4.50 55.81 -11.36
CA GLY C 498 5.37 56.85 -11.83
C GLY C 498 4.81 57.19 -13.20
N LEU C 499 4.87 56.29 -14.23
CA LEU C 499 4.33 56.54 -15.59
C LEU C 499 2.87 56.98 -15.49
N ALA C 500 2.19 56.54 -14.44
CA ALA C 500 0.84 56.96 -14.24
C ALA C 500 0.61 58.41 -13.84
N GLU C 501 1.46 59.12 -13.09
CA GLU C 501 1.13 60.50 -12.66
C GLU C 501 1.19 61.44 -13.85
N ILE C 502 2.31 61.33 -14.53
CA ILE C 502 2.67 62.13 -15.68
C ILE C 502 1.63 62.00 -16.79
N ILE C 503 1.26 60.79 -17.19
CA ILE C 503 0.23 60.64 -18.18
C ILE C 503 -1.05 61.31 -17.69
N ALA C 504 -1.44 61.20 -16.42
CA ALA C 504 -2.70 61.78 -15.94
C ALA C 504 -2.72 63.29 -15.73
N GLU C 505 -1.53 63.84 -15.41
CA GLU C 505 -1.35 65.26 -15.26
C GLU C 505 -1.82 66.00 -16.48
N ARG C 506 -1.67 65.42 -17.67
CA ARG C 506 -2.07 66.06 -18.92
C ARG C 506 -3.47 65.64 -19.33
N ILE C 507 -3.69 64.38 -19.70
CA ILE C 507 -4.99 64.02 -20.26
C ILE C 507 -6.12 63.87 -19.25
N GLY C 508 -5.74 63.80 -17.95
CA GLY C 508 -6.66 63.63 -16.81
C GLY C 508 -6.51 62.24 -16.21
N GLU C 509 -7.48 61.75 -15.40
CA GLU C 509 -7.50 60.37 -14.85
C GLU C 509 -8.64 59.52 -15.43
N GLU C 510 -9.41 59.96 -16.43
CA GLU C 510 -10.49 59.16 -17.00
C GLU C 510 -10.03 57.88 -17.74
N TYR C 511 -8.74 57.94 -18.13
CA TYR C 511 -8.01 56.87 -18.81
C TYR C 511 -7.93 55.50 -18.15
N ILE C 512 -7.90 55.49 -16.81
CA ILE C 512 -7.70 54.21 -16.15
C ILE C 512 -8.88 53.32 -16.48
N SER C 513 -10.08 53.89 -16.60
CA SER C 513 -11.31 53.18 -16.89
C SER C 513 -11.59 53.18 -18.38
N ASP C 514 -10.83 53.92 -19.16
CA ASP C 514 -10.98 53.95 -20.60
C ASP C 514 -9.58 54.29 -21.09
N LEU C 515 -8.85 53.26 -21.57
CA LEU C 515 -7.46 53.38 -22.00
C LEU C 515 -7.27 54.03 -23.39
N ASP C 516 -8.30 54.12 -24.25
CA ASP C 516 -8.12 54.76 -25.55
C ASP C 516 -7.79 56.22 -25.37
N GLN C 517 -8.10 56.84 -24.24
CA GLN C 517 -7.62 58.18 -23.95
C GLN C 517 -6.11 58.21 -23.87
N LEU C 518 -5.32 57.15 -23.81
CA LEU C 518 -3.89 57.32 -23.99
C LEU C 518 -3.54 57.84 -25.40
N ARG C 519 -4.39 57.62 -26.41
CA ARG C 519 -4.18 58.17 -27.75
C ARG C 519 -4.13 59.68 -27.83
N LYS C 520 -4.73 60.29 -26.81
CA LYS C 520 -4.78 61.73 -26.67
C LYS C 520 -3.36 62.17 -26.36
N LEU C 521 -2.55 61.38 -25.68
CA LEU C 521 -1.19 61.80 -25.36
C LEU C 521 -0.32 61.94 -26.61
N LEU C 522 -0.83 61.53 -27.78
CA LEU C 522 -0.06 61.52 -29.02
C LEU C 522 0.11 62.94 -29.54
N SER C 523 -0.70 63.90 -29.06
CA SER C 523 -0.47 65.30 -29.41
C SER C 523 0.70 65.84 -28.59
N TYR C 524 1.20 65.20 -27.52
CA TYR C 524 2.30 65.80 -26.72
C TYR C 524 3.66 65.22 -27.05
N VAL C 525 3.77 64.63 -28.27
CA VAL C 525 5.01 64.05 -28.81
C VAL C 525 6.05 65.14 -28.73
N ASP C 526 5.79 66.21 -29.51
CA ASP C 526 6.71 67.32 -29.55
C ASP C 526 6.29 68.33 -28.50
N ASP C 527 6.48 67.94 -27.21
CA ASP C 527 6.35 68.84 -26.09
C ASP C 527 7.54 68.40 -25.27
N GLU C 528 8.75 68.93 -25.46
CA GLU C 528 9.97 68.43 -24.80
C GLU C 528 9.99 68.63 -23.30
N ALA C 529 8.91 69.04 -22.66
CA ALA C 529 8.87 68.95 -21.20
C ALA C 529 8.58 67.47 -20.87
N PHE C 530 7.53 67.01 -21.53
CA PHE C 530 6.99 65.67 -21.42
C PHE C 530 7.95 64.59 -21.91
N ILE C 531 8.70 64.88 -22.94
CA ILE C 531 9.76 64.02 -23.39
C ILE C 531 10.83 63.94 -22.31
N ARG C 532 11.20 65.02 -21.57
CA ARG C 532 12.23 64.86 -20.53
C ARG C 532 11.67 64.26 -19.25
N ASP C 533 10.34 64.42 -19.13
CA ASP C 533 9.53 63.89 -18.04
C ASP C 533 9.39 62.37 -18.09
N VAL C 534 8.88 61.80 -19.20
CA VAL C 534 8.70 60.33 -19.37
C VAL C 534 10.05 59.68 -19.15
N ALA C 535 11.09 60.14 -19.84
CA ALA C 535 12.41 59.65 -19.62
C ALA C 535 12.71 59.69 -18.12
N LYS C 536 12.37 60.74 -17.36
CA LYS C 536 12.66 60.75 -15.93
C LYS C 536 12.02 59.54 -15.30
N VAL C 537 10.74 59.38 -15.59
CA VAL C 537 9.88 58.34 -15.04
C VAL C 537 10.53 56.98 -15.16
N LYS C 538 10.92 56.66 -16.41
CA LYS C 538 11.49 55.37 -16.70
C LYS C 538 12.83 55.27 -15.99
N GLN C 539 13.52 56.35 -15.73
CA GLN C 539 14.79 56.29 -15.02
C GLN C 539 14.62 55.90 -13.54
N GLU C 540 13.59 56.31 -12.75
CA GLU C 540 13.55 55.79 -11.37
C GLU C 540 13.13 54.31 -11.45
N ASN C 541 12.24 53.95 -12.40
CA ASN C 541 11.85 52.59 -12.63
C ASN C 541 13.13 51.76 -12.81
N LYS C 542 13.99 52.10 -13.75
CA LYS C 542 15.21 51.34 -13.93
C LYS C 542 16.14 51.36 -12.70
N LEU C 543 15.94 52.25 -11.73
CA LEU C 543 16.81 52.28 -10.59
C LEU C 543 16.15 51.79 -9.30
N LYS C 544 14.82 51.63 -9.21
CA LYS C 544 14.27 51.02 -8.02
C LYS C 544 14.46 49.53 -8.30
N PHE C 545 14.36 49.15 -9.60
CA PHE C 545 14.55 47.79 -10.00
C PHE C 545 16.01 47.48 -9.89
N ALA C 546 16.93 48.24 -10.48
CA ALA C 546 18.33 47.84 -10.41
C ALA C 546 18.80 47.58 -8.99
N ALA C 547 18.10 48.18 -7.99
CA ALA C 547 18.35 47.95 -6.57
C ALA C 547 17.77 46.64 -6.09
N TYR C 548 16.61 46.19 -6.62
CA TYR C 548 16.08 44.83 -6.39
C TYR C 548 17.24 43.86 -6.52
N LEU C 549 18.04 44.00 -7.59
CA LEU C 549 19.12 43.09 -7.87
C LEU C 549 20.24 43.10 -6.86
N GLU C 550 21.14 44.08 -6.66
CA GLU C 550 22.19 43.81 -5.68
C GLU C 550 21.63 43.52 -4.26
N ARG C 551 20.34 43.80 -4.01
CA ARG C 551 19.68 43.43 -2.78
C ARG C 551 19.30 41.95 -2.99
N GLU C 552 18.07 41.59 -3.41
CA GLU C 552 17.64 40.21 -3.61
C GLU C 552 18.25 39.86 -4.94
N TYR C 553 19.28 39.01 -4.82
CA TYR C 553 20.16 38.43 -5.87
C TYR C 553 21.41 39.34 -5.79
N LYS C 554 22.24 39.61 -6.82
CA LYS C 554 23.31 40.63 -6.76
C LYS C 554 23.93 40.80 -8.15
N VAL C 555 25.24 41.14 -8.18
CA VAL C 555 26.23 40.99 -9.25
C VAL C 555 26.84 42.28 -9.70
N HIS C 556 26.05 43.29 -10.07
CA HIS C 556 26.53 44.60 -10.51
C HIS C 556 25.50 45.08 -11.50
N ILE C 557 24.93 46.23 -11.21
CA ILE C 557 24.07 46.83 -12.19
C ILE C 557 24.60 48.16 -12.73
N ASN C 558 24.07 48.64 -13.85
CA ASN C 558 24.41 49.96 -14.37
C ASN C 558 23.16 50.56 -14.95
N PRO C 559 22.33 51.16 -14.09
CA PRO C 559 21.02 51.70 -14.46
C PRO C 559 20.97 52.64 -15.67
N ASN C 560 22.12 53.01 -16.29
CA ASN C 560 22.08 53.79 -17.51
C ASN C 560 21.72 52.90 -18.66
N SER C 561 22.39 51.72 -18.79
CA SER C 561 22.40 50.87 -19.97
C SER C 561 21.04 50.59 -20.58
N LEU C 562 21.06 49.99 -21.79
CA LEU C 562 19.82 49.70 -22.52
C LEU C 562 19.23 48.41 -21.98
N PHE C 563 18.19 48.53 -21.15
CA PHE C 563 17.56 47.39 -20.47
C PHE C 563 16.74 46.55 -21.43
N ASP C 564 17.41 45.45 -21.77
CA ASP C 564 16.98 44.48 -22.77
C ASP C 564 16.38 43.19 -22.14
N VAL C 565 15.08 43.07 -21.81
CA VAL C 565 14.65 41.83 -21.17
C VAL C 565 13.83 41.10 -22.18
N GLN C 566 14.09 39.80 -22.05
CA GLN C 566 13.31 38.78 -22.71
C GLN C 566 12.84 38.02 -21.46
N VAL C 567 11.55 38.01 -21.12
CA VAL C 567 11.03 37.17 -20.05
C VAL C 567 9.72 36.50 -20.56
N LYS C 568 9.90 35.34 -21.21
CA LYS C 568 8.83 34.46 -21.73
C LYS C 568 9.09 33.17 -20.93
N ARG C 569 8.43 32.01 -21.12
CA ARG C 569 8.92 30.85 -20.40
C ARG C 569 10.02 30.20 -21.23
N ILE C 570 10.87 29.34 -20.67
CA ILE C 570 11.96 28.76 -21.43
C ILE C 570 11.46 27.69 -22.38
N HIS C 571 11.33 27.92 -23.69
CA HIS C 571 10.98 26.87 -24.63
C HIS C 571 11.65 27.14 -25.97
N GLU C 572 12.14 26.09 -26.63
CA GLU C 572 12.74 26.16 -27.97
C GLU C 572 12.05 27.03 -29.03
N TYR C 573 10.72 27.02 -29.08
CA TYR C 573 10.02 27.83 -30.07
C TYR C 573 10.03 29.34 -29.82
N LYS C 574 10.65 29.84 -28.74
CA LYS C 574 10.59 31.26 -28.48
C LYS C 574 12.01 31.84 -28.32
N ARG C 575 12.94 31.15 -28.96
CA ARG C 575 14.33 31.53 -29.02
C ARG C 575 15.17 32.13 -27.89
N GLN C 576 15.15 31.73 -26.61
CA GLN C 576 16.07 32.26 -25.61
C GLN C 576 17.48 32.13 -26.19
N LEU C 577 17.72 31.06 -26.94
CA LEU C 577 18.93 30.82 -27.66
C LEU C 577 19.35 31.84 -28.67
N LEU C 578 18.44 32.45 -29.43
CA LEU C 578 18.78 33.46 -30.40
C LEU C 578 19.35 34.64 -29.61
N ASN C 579 18.70 34.92 -28.49
CA ASN C 579 19.19 35.98 -27.63
C ASN C 579 20.59 35.61 -27.12
N CYS C 580 20.88 34.40 -26.69
CA CYS C 580 22.20 34.01 -26.22
C CYS C 580 23.27 34.28 -27.24
N LEU C 581 22.89 34.14 -28.51
CA LEU C 581 23.87 34.27 -29.57
C LEU C 581 24.04 35.70 -29.96
N HIS C 582 22.96 36.47 -29.99
CA HIS C 582 23.17 37.89 -30.15
C HIS C 582 24.02 38.47 -29.00
N VAL C 583 23.78 37.96 -27.79
CA VAL C 583 24.44 38.46 -26.63
C VAL C 583 25.90 38.17 -26.91
N ILE C 584 26.43 36.93 -27.10
CA ILE C 584 27.89 36.83 -27.32
C ILE C 584 28.45 37.41 -28.61
N THR C 585 27.65 37.72 -29.63
CA THR C 585 28.13 38.54 -30.72
C THR C 585 28.45 39.93 -30.20
N LEU C 586 27.57 40.60 -29.42
CA LEU C 586 27.92 41.90 -28.83
C LEU C 586 29.13 41.72 -27.95
N TYR C 587 29.13 40.65 -27.10
CA TYR C 587 30.25 40.24 -26.25
C TYR C 587 31.61 40.19 -26.96
N ASN C 588 31.59 39.68 -28.18
CA ASN C 588 32.82 39.51 -28.93
C ASN C 588 33.21 40.80 -29.62
N ARG C 589 32.24 41.55 -30.17
CA ARG C 589 32.56 42.83 -30.81
C ARG C 589 33.13 43.71 -29.67
N ILE C 590 32.53 43.81 -28.48
CA ILE C 590 33.15 44.50 -27.34
C ILE C 590 34.58 44.01 -26.99
N LYS C 591 34.88 42.73 -27.27
CA LYS C 591 36.18 42.17 -26.90
C LYS C 591 37.36 42.13 -27.87
N LYS C 592 37.04 42.19 -29.17
CA LYS C 592 38.10 42.25 -30.16
C LYS C 592 38.48 43.70 -30.28
N GLU C 593 37.50 44.58 -30.28
CA GLU C 593 37.73 46.00 -30.39
C GLU C 593 37.30 46.79 -29.14
N PRO C 594 37.96 46.65 -27.96
CA PRO C 594 37.53 47.30 -26.72
C PRO C 594 37.29 48.81 -26.79
N ASN C 595 38.09 49.49 -27.61
CA ASN C 595 38.08 50.93 -27.70
C ASN C 595 36.90 51.43 -28.54
N LYS C 596 36.19 50.61 -29.30
CA LYS C 596 35.04 51.10 -30.04
C LYS C 596 34.01 51.66 -29.04
N PHE C 597 33.25 52.73 -29.31
CA PHE C 597 32.15 52.99 -28.40
C PHE C 597 31.01 52.14 -28.90
N VAL C 598 30.41 51.54 -27.86
CA VAL C 598 29.25 50.67 -27.88
C VAL C 598 28.29 51.23 -26.81
N VAL C 599 27.02 51.21 -27.17
CA VAL C 599 25.88 51.67 -26.37
C VAL C 599 25.72 50.64 -25.21
N PRO C 600 26.34 50.50 -24.03
CA PRO C 600 26.18 49.34 -23.12
C PRO C 600 24.76 48.81 -22.78
N ARG C 601 24.55 47.47 -22.64
CA ARG C 601 23.23 46.90 -22.32
C ARG C 601 23.33 45.91 -21.15
N THR C 602 22.18 45.68 -20.47
CA THR C 602 22.04 44.73 -19.36
C THR C 602 20.93 43.82 -19.86
N VAL C 603 21.26 42.63 -20.35
CA VAL C 603 20.23 41.73 -20.80
C VAL C 603 19.85 40.97 -19.54
N MET C 604 18.53 40.75 -19.44
CA MET C 604 17.93 40.11 -18.31
C MET C 604 17.01 39.10 -18.98
N ILE C 605 17.28 37.81 -18.75
CA ILE C 605 16.54 36.70 -19.30
C ILE C 605 15.96 36.01 -18.09
N GLY C 606 14.64 35.78 -18.00
CA GLY C 606 14.01 35.12 -16.90
C GLY C 606 12.92 34.27 -17.53
N GLY C 607 12.56 33.14 -16.90
CA GLY C 607 11.46 32.29 -17.41
C GLY C 607 11.50 30.92 -16.74
N LYS C 608 10.41 30.37 -16.24
CA LYS C 608 10.45 29.11 -15.50
C LYS C 608 10.53 28.03 -16.54
N ALA C 609 11.63 27.28 -16.60
CA ALA C 609 11.80 26.20 -17.58
C ALA C 609 10.57 25.31 -17.71
N ALA C 610 10.46 24.16 -17.03
CA ALA C 610 9.31 23.22 -17.13
C ALA C 610 9.86 21.82 -16.97
N PRO C 611 9.54 21.17 -15.84
CA PRO C 611 10.23 19.96 -15.35
C PRO C 611 9.97 18.80 -16.30
N GLY C 612 11.03 18.03 -16.47
CA GLY C 612 10.99 16.97 -17.44
C GLY C 612 11.70 17.49 -18.68
N TYR C 613 11.33 18.66 -19.24
CA TYR C 613 11.94 19.23 -20.43
C TYR C 613 13.30 19.81 -20.17
N HIS C 614 14.17 19.01 -20.76
CA HIS C 614 15.61 19.10 -20.76
C HIS C 614 16.26 20.19 -21.62
N MET C 615 15.74 20.61 -22.79
CA MET C 615 16.45 21.64 -23.51
C MET C 615 16.08 22.93 -22.86
N ALA C 616 14.88 23.12 -22.29
CA ALA C 616 14.62 24.30 -21.47
C ALA C 616 15.60 24.27 -20.28
N LYS C 617 15.77 23.12 -19.63
CA LYS C 617 16.73 22.99 -18.55
C LYS C 617 18.11 23.45 -19.00
N MET C 618 18.46 22.97 -20.18
CA MET C 618 19.78 23.16 -20.67
C MET C 618 20.02 24.59 -21.13
N ILE C 619 19.10 25.24 -21.87
CA ILE C 619 19.27 26.64 -22.27
C ILE C 619 19.35 27.60 -21.05
N ILE C 620 18.58 27.42 -19.93
CA ILE C 620 18.76 28.21 -18.73
C ILE C 620 20.24 27.99 -18.42
N LYS C 621 20.84 26.82 -18.18
CA LYS C 621 22.27 26.76 -17.92
C LYS C 621 23.15 27.53 -18.92
N LEU C 622 22.70 27.90 -20.13
CA LEU C 622 23.52 28.64 -21.06
C LEU C 622 23.80 29.98 -20.42
N ILE C 623 22.72 30.72 -20.06
CA ILE C 623 22.75 32.10 -19.51
C ILE C 623 23.51 32.08 -18.21
N THR C 624 23.35 31.04 -17.45
CA THR C 624 24.05 30.85 -16.22
C THR C 624 25.40 30.17 -16.46
N ALA C 625 26.20 30.90 -17.26
CA ALA C 625 27.52 30.48 -17.78
C ALA C 625 27.92 31.53 -18.81
N ILE C 626 27.00 32.09 -19.62
CA ILE C 626 27.37 33.27 -20.39
C ILE C 626 27.53 34.41 -19.35
N GLY C 627 26.54 34.84 -18.55
CA GLY C 627 26.73 35.85 -17.49
C GLY C 627 27.92 35.59 -16.55
N ASP C 628 28.34 34.36 -16.24
CA ASP C 628 29.47 34.10 -15.35
C ASP C 628 30.78 34.48 -16.03
N VAL C 629 30.86 34.13 -17.32
CA VAL C 629 32.00 34.46 -18.17
C VAL C 629 31.99 35.97 -18.45
N VAL C 630 30.95 36.65 -18.97
CA VAL C 630 30.97 38.07 -19.33
C VAL C 630 30.70 39.02 -18.15
N ASN C 631 29.99 38.69 -17.07
CA ASN C 631 29.85 39.61 -15.93
C ASN C 631 31.05 39.45 -15.00
N HIS C 632 32.20 39.00 -15.49
CA HIS C 632 33.42 38.85 -14.72
C HIS C 632 34.61 39.16 -15.62
N ASP C 633 34.37 39.83 -16.75
CA ASP C 633 35.39 40.13 -17.73
C ASP C 633 35.72 41.57 -17.36
N PRO C 634 36.80 41.96 -16.63
CA PRO C 634 37.17 43.36 -16.39
C PRO C 634 37.74 44.01 -17.65
N VAL C 635 37.39 43.50 -18.81
CA VAL C 635 37.92 43.94 -20.07
C VAL C 635 36.80 44.65 -20.78
N VAL C 636 35.60 44.07 -20.61
CA VAL C 636 34.35 44.68 -21.05
C VAL C 636 33.99 45.67 -19.96
N GLY C 637 34.27 45.35 -18.70
CA GLY C 637 34.00 46.24 -17.58
C GLY C 637 32.54 46.19 -17.16
N ASP C 638 31.66 46.85 -17.91
CA ASP C 638 30.22 46.94 -17.61
C ASP C 638 29.39 47.17 -18.86
N ARG C 639 30.08 47.09 -19.98
CA ARG C 639 29.44 47.37 -21.24
C ARG C 639 28.43 46.29 -21.63
N LEU C 640 28.43 45.16 -20.88
CA LEU C 640 27.48 44.04 -21.03
C LEU C 640 27.33 43.35 -19.68
N ARG C 641 26.12 42.89 -19.39
CA ARG C 641 25.88 42.04 -18.22
C ARG C 641 24.69 41.22 -18.62
N VAL C 642 24.65 39.98 -18.13
CA VAL C 642 23.68 38.94 -18.48
C VAL C 642 23.03 38.39 -17.18
N ILE C 643 21.71 38.49 -16.98
CA ILE C 643 21.10 38.12 -15.72
C ILE C 643 19.97 37.13 -15.91
N PHE C 644 19.99 35.96 -15.26
CA PHE C 644 18.85 35.05 -15.39
C PHE C 644 17.86 35.54 -14.37
N LEU C 645 16.59 35.82 -14.58
CA LEU C 645 15.75 36.27 -13.50
C LEU C 645 15.04 35.02 -12.99
N GLU C 646 15.53 34.68 -11.80
CA GLU C 646 15.03 33.57 -11.01
C GLU C 646 13.54 33.76 -10.67
N ASN C 647 12.74 32.76 -10.97
CA ASN C 647 11.35 32.65 -10.56
C ASN C 647 10.41 33.75 -11.01
N TYR C 648 10.32 33.91 -12.32
CA TYR C 648 9.36 34.87 -12.89
C TYR C 648 7.97 34.52 -12.33
N ARG C 649 7.23 35.56 -11.96
CA ARG C 649 5.88 35.45 -11.42
C ARG C 649 5.15 36.78 -11.65
N VAL C 650 3.83 36.91 -11.38
CA VAL C 650 3.08 38.14 -11.55
C VAL C 650 3.84 39.22 -10.79
N SER C 651 4.30 38.96 -9.56
CA SER C 651 5.17 39.84 -8.75
C SER C 651 6.33 40.50 -9.48
N LEU C 652 7.17 39.75 -10.21
CA LEU C 652 8.35 40.39 -10.77
C LEU C 652 7.93 40.96 -12.10
N ALA C 653 6.78 40.66 -12.67
CA ALA C 653 6.43 41.27 -13.95
C ALA C 653 6.11 42.71 -13.62
N GLU C 654 5.43 42.90 -12.49
CA GLU C 654 5.09 44.19 -11.89
C GLU C 654 6.34 45.10 -11.85
N LYS C 655 7.44 44.48 -11.36
CA LYS C 655 8.77 45.06 -11.18
C LYS C 655 9.63 45.11 -12.46
N VAL C 656 9.38 44.23 -13.40
CA VAL C 656 10.30 44.17 -14.53
C VAL C 656 9.73 45.02 -15.66
N ILE C 657 8.54 44.81 -16.21
CA ILE C 657 8.01 45.55 -17.34
C ILE C 657 8.08 47.10 -17.21
N PRO C 658 7.52 47.79 -16.21
CA PRO C 658 8.13 48.91 -15.53
C PRO C 658 9.58 49.31 -15.70
N ALA C 659 10.58 48.54 -15.28
CA ALA C 659 11.94 48.98 -15.51
C ALA C 659 12.58 48.65 -16.87
N ALA C 660 11.92 48.37 -18.00
CA ALA C 660 12.62 48.00 -19.21
C ALA C 660 12.39 48.90 -20.40
N ASP C 661 13.49 48.91 -21.18
CA ASP C 661 13.60 49.73 -22.41
C ASP C 661 13.21 48.90 -23.67
N LEU C 662 14.00 47.88 -24.04
CA LEU C 662 13.68 47.02 -25.18
C LEU C 662 12.79 45.92 -24.61
N SER C 663 11.84 45.42 -25.40
CA SER C 663 10.99 44.31 -25.03
C SER C 663 11.42 43.32 -26.08
N GLU C 664 11.89 42.18 -25.64
CA GLU C 664 12.32 41.15 -26.56
C GLU C 664 11.24 40.10 -26.80
N GLN C 665 10.69 40.20 -28.00
CA GLN C 665 9.65 39.30 -28.41
C GLN C 665 10.04 38.52 -29.66
N ILE C 666 11.11 37.70 -29.56
CA ILE C 666 11.63 36.86 -30.65
C ILE C 666 11.07 35.45 -30.91
N SER C 667 9.75 35.32 -31.07
CA SER C 667 9.19 34.01 -31.43
C SER C 667 9.28 33.72 -32.93
N THR C 668 9.41 32.43 -33.26
CA THR C 668 9.51 32.02 -34.65
C THR C 668 8.18 32.33 -35.27
N ALA C 669 8.13 32.89 -36.47
CA ALA C 669 6.87 33.25 -37.08
C ALA C 669 6.04 32.01 -37.44
N GLY C 670 4.80 32.11 -36.99
CA GLY C 670 3.77 31.10 -37.16
C GLY C 670 3.56 30.32 -35.86
N THR C 671 4.31 30.60 -34.78
CA THR C 671 4.09 29.85 -33.58
C THR C 671 3.14 30.57 -32.64
N GLU C 672 3.11 31.90 -32.56
CA GLU C 672 2.33 32.49 -31.51
C GLU C 672 0.95 32.79 -32.05
N ALA C 673 -0.01 32.68 -31.12
CA ALA C 673 -1.37 32.99 -31.49
C ALA C 673 -1.77 34.44 -31.25
N SER C 674 -1.52 34.93 -30.01
CA SER C 674 -1.78 36.27 -29.42
C SER C 674 -0.77 36.37 -28.32
N GLY C 675 -0.48 37.58 -27.78
CA GLY C 675 0.58 37.74 -26.80
C GLY C 675 0.23 37.87 -25.32
N THR C 676 -0.26 39.03 -24.86
CA THR C 676 -0.56 39.40 -23.48
C THR C 676 0.72 39.83 -22.80
N GLY C 677 1.87 39.18 -22.80
CA GLY C 677 3.05 39.74 -22.15
C GLY C 677 3.54 41.00 -22.84
N ASN C 678 3.22 41.13 -24.11
CA ASN C 678 3.75 42.23 -24.94
C ASN C 678 3.14 43.58 -24.61
N MET C 679 1.82 43.46 -24.53
CA MET C 679 0.93 44.56 -24.33
C MET C 679 1.19 45.23 -22.93
N1 LLP C 680 4.02 35.18 -17.15
C2 LLP C 680 3.50 36.06 -16.25
C2' LLP C 680 3.96 36.02 -14.81
C3 LLP C 680 2.72 37.11 -16.67
O3 LLP C 680 2.00 37.83 -15.72
C4 LLP C 680 2.50 37.30 -18.03
C4' LLP C 680 2.01 38.64 -18.55
C5 LLP C 680 2.99 36.37 -18.95
C6 LLP C 680 3.76 35.32 -18.49
C5' LLP C 680 2.55 36.45 -20.42
OP4 LLP C 680 2.87 35.47 -21.47
P LLP C 680 3.85 35.85 -22.73
OP1 LLP C 680 3.07 36.76 -23.60
OP2 LLP C 680 5.00 36.51 -22.08
OP3 LLP C 680 4.22 34.65 -23.50
N LLP C 680 1.95 44.58 -22.02
CA LLP C 680 2.34 45.16 -20.74
CB LLP C 680 2.69 44.12 -19.67
CG LLP C 680 1.56 43.16 -19.32
CD LLP C 680 2.10 41.80 -18.82
CE LLP C 680 0.99 40.85 -18.47
NZ LLP C 680 1.71 39.77 -17.83
C LLP C 680 3.58 45.96 -21.01
O LLP C 680 3.62 47.08 -20.54
N PHE C 681 4.61 45.50 -21.74
CA PHE C 681 5.77 46.33 -22.07
C PHE C 681 5.46 47.46 -23.06
N MET C 682 4.51 47.25 -23.96
CA MET C 682 4.20 48.26 -24.94
C MET C 682 3.64 49.45 -24.19
N LEU C 683 2.74 49.13 -23.27
CA LEU C 683 2.02 50.09 -22.45
C LEU C 683 2.89 50.87 -21.50
N ASN C 684 3.86 50.21 -20.86
CA ASN C 684 4.75 50.82 -19.86
C ASN C 684 5.99 51.46 -20.49
N GLY C 685 5.79 51.87 -21.74
CA GLY C 685 6.78 52.51 -22.59
C GLY C 685 8.02 51.67 -22.80
N ALA C 686 7.96 50.70 -23.73
CA ALA C 686 9.11 49.88 -24.09
C ALA C 686 8.91 49.60 -25.56
N LEU C 687 10.00 49.51 -26.30
CA LEU C 687 9.80 49.24 -27.70
C LEU C 687 9.98 47.76 -27.92
N THR C 688 9.03 47.21 -28.67
CA THR C 688 9.12 45.83 -29.07
C THR C 688 10.26 45.68 -30.08
N ILE C 689 11.11 44.62 -29.98
CA ILE C 689 11.86 44.13 -31.13
C ILE C 689 11.14 42.81 -31.35
N GLY C 690 10.71 42.51 -32.55
CA GLY C 690 10.01 41.27 -32.71
C GLY C 690 9.51 41.11 -34.11
N THR C 691 9.51 39.78 -34.34
CA THR C 691 9.07 39.10 -35.55
C THR C 691 7.62 39.44 -35.82
N MET C 692 7.16 39.41 -37.05
CA MET C 692 5.80 39.80 -37.29
C MET C 692 5.16 38.45 -37.04
N ASP C 693 4.26 38.24 -36.06
CA ASP C 693 3.71 36.92 -35.71
C ASP C 693 2.55 37.02 -34.70
N GLY C 694 1.30 36.82 -35.09
CA GLY C 694 0.15 36.81 -34.19
C GLY C 694 -0.10 38.01 -33.29
N ALA C 695 0.72 38.30 -32.28
CA ALA C 695 0.51 39.36 -31.30
C ALA C 695 1.02 40.69 -31.75
N ASN C 696 2.32 40.63 -32.14
CA ASN C 696 3.12 41.76 -32.63
C ASN C 696 2.49 42.41 -33.84
N VAL C 697 1.58 41.72 -34.51
CA VAL C 697 0.83 42.20 -35.66
C VAL C 697 -0.28 43.20 -35.32
N GLU C 698 -1.26 43.09 -34.41
CA GLU C 698 -2.15 44.22 -34.17
C GLU C 698 -1.35 45.32 -33.46
N MET C 699 -0.49 44.95 -32.50
CA MET C 699 0.41 45.90 -31.87
C MET C 699 1.26 46.71 -32.88
N ALA C 700 1.40 46.35 -34.15
CA ALA C 700 2.12 47.21 -35.11
C ALA C 700 1.16 47.83 -36.08
N GLU C 701 -0.11 47.50 -36.08
CA GLU C 701 -1.08 48.10 -36.98
C GLU C 701 -1.34 49.49 -36.42
N GLU C 702 -1.56 49.47 -35.09
CA GLU C 702 -1.79 50.66 -34.29
C GLU C 702 -0.51 51.48 -34.29
N ALA C 703 0.56 50.88 -33.79
CA ALA C 703 1.78 51.63 -33.56
C ALA C 703 2.43 52.30 -34.75
N GLY C 704 2.18 51.71 -35.90
CA GLY C 704 2.93 52.08 -37.08
C GLY C 704 4.26 51.33 -36.97
N GLU C 705 4.57 50.76 -38.12
CA GLU C 705 5.68 49.85 -38.22
C GLU C 705 6.94 50.50 -37.72
N GLU C 706 6.98 51.86 -37.90
CA GLU C 706 8.10 52.77 -37.62
C GLU C 706 8.52 52.68 -36.20
N ASN C 707 7.50 52.58 -35.35
CA ASN C 707 7.73 52.65 -33.92
C ASN C 707 7.94 51.27 -33.27
N PHE C 708 8.17 50.28 -34.18
CA PHE C 708 8.50 48.88 -33.98
C PHE C 708 9.84 48.46 -34.60
N PHE C 709 10.47 47.48 -34.00
CA PHE C 709 11.64 46.87 -34.59
C PHE C 709 11.17 45.54 -35.19
N ILE C 710 10.42 45.57 -36.31
CA ILE C 710 9.97 44.35 -36.99
C ILE C 710 11.26 43.72 -37.51
N PHE C 711 11.43 42.41 -37.45
CA PHE C 711 12.61 41.81 -38.06
C PHE C 711 12.34 40.42 -38.64
N GLY C 712 13.23 40.12 -39.58
CA GLY C 712 13.37 38.81 -40.16
C GLY C 712 12.15 38.16 -40.78
N MET C 713 12.34 36.84 -40.68
CA MET C 713 11.53 35.83 -41.29
C MET C 713 10.07 35.96 -40.88
N ARG C 714 9.30 35.92 -41.94
CA ARG C 714 7.85 36.04 -41.91
C ARG C 714 7.26 34.63 -42.09
N VAL C 715 5.98 34.39 -41.84
CA VAL C 715 5.41 33.03 -41.93
C VAL C 715 5.64 32.36 -43.28
N GLU C 716 5.18 32.89 -44.42
CA GLU C 716 5.46 32.27 -45.71
C GLU C 716 6.95 32.35 -45.96
N ASP C 717 7.77 33.27 -45.41
CA ASP C 717 9.24 33.06 -45.42
C ASP C 717 9.69 31.76 -44.72
N VAL C 718 8.95 31.34 -43.66
CA VAL C 718 9.18 30.10 -42.90
C VAL C 718 8.76 28.94 -43.75
N ASP C 719 7.60 29.00 -44.40
CA ASP C 719 7.13 28.03 -45.40
C ASP C 719 7.92 27.94 -46.73
N ARG C 720 8.54 29.02 -47.19
CA ARG C 720 9.48 29.01 -48.31
C ARG C 720 10.67 28.12 -47.96
N LEU C 721 11.17 28.16 -46.74
CA LEU C 721 12.31 27.39 -46.36
C LEU C 721 11.82 26.03 -45.96
N ASP C 722 10.50 25.83 -45.75
CA ASP C 722 9.88 24.55 -45.36
C ASP C 722 9.15 23.97 -46.59
N GLN C 723 10.05 23.81 -47.52
CA GLN C 723 9.76 23.34 -48.83
C GLN C 723 11.21 23.04 -49.16
N ARG C 724 11.98 23.94 -49.74
CA ARG C 724 13.37 23.68 -50.07
C ARG C 724 14.29 23.05 -48.99
N GLY C 725 13.88 23.06 -47.71
CA GLY C 725 14.54 22.38 -46.62
C GLY C 725 15.57 23.20 -45.87
N TYR C 726 15.48 23.09 -44.55
CA TYR C 726 16.45 23.75 -43.70
C TYR C 726 17.70 22.92 -43.67
N ASN C 727 18.84 23.58 -43.71
CA ASN C 727 20.12 22.95 -43.55
C ASN C 727 20.94 24.01 -42.83
N ALA C 728 20.87 24.21 -41.51
CA ALA C 728 21.63 25.24 -40.79
C ALA C 728 23.07 25.43 -41.26
N GLN C 729 23.80 24.33 -41.44
CA GLN C 729 25.14 24.33 -41.98
C GLN C 729 25.32 25.29 -43.14
N GLU C 730 24.34 25.51 -44.07
CA GLU C 730 24.54 26.45 -45.16
C GLU C 730 24.72 27.87 -44.62
N TYR C 731 24.02 28.30 -43.57
CA TYR C 731 24.26 29.60 -42.95
C TYR C 731 25.60 29.49 -42.17
N TYR C 732 26.04 28.37 -41.57
CA TYR C 732 27.29 28.35 -40.81
C TYR C 732 28.49 28.62 -41.72
N ASP C 733 28.41 28.14 -42.97
CA ASP C 733 29.43 28.39 -43.96
C ASP C 733 29.03 29.37 -45.05
N ARG C 734 28.34 30.39 -44.55
CA ARG C 734 27.91 31.57 -45.28
C ARG C 734 27.84 32.77 -44.31
N ILE C 735 27.89 32.58 -42.93
CA ILE C 735 27.89 33.66 -41.86
C ILE C 735 29.04 33.47 -40.85
N PRO C 736 30.07 34.29 -40.91
CA PRO C 736 31.28 34.08 -40.12
C PRO C 736 31.10 34.35 -38.64
N GLU C 737 30.22 35.28 -38.22
CA GLU C 737 30.05 35.60 -36.79
C GLU C 737 29.32 34.49 -35.98
N LEU C 738 28.74 33.49 -36.71
CA LEU C 738 28.00 32.35 -36.16
C LEU C 738 28.90 31.17 -35.93
N ARG C 739 29.55 30.85 -37.05
CA ARG C 739 30.64 29.88 -37.12
C ARG C 739 31.60 30.21 -35.97
N GLN C 740 31.80 31.53 -35.77
CA GLN C 740 32.54 32.08 -34.66
C GLN C 740 32.07 31.48 -33.32
N ILE C 741 30.80 31.63 -32.87
CA ILE C 741 30.42 31.15 -31.53
C ILE C 741 30.01 29.70 -31.43
N ILE C 742 29.61 28.99 -32.53
CA ILE C 742 29.38 27.55 -32.51
C ILE C 742 30.67 27.01 -31.89
N GLU C 743 31.84 27.38 -32.39
CA GLU C 743 33.12 27.02 -31.80
C GLU C 743 33.42 27.60 -30.42
N GLN C 744 32.77 28.69 -29.96
CA GLN C 744 32.87 29.18 -28.58
C GLN C 744 32.25 28.11 -27.69
N LEU C 745 30.99 27.81 -28.05
CA LEU C 745 30.18 26.80 -27.38
C LEU C 745 30.87 25.41 -27.27
N SER C 746 31.09 24.78 -28.46
CA SER C 746 31.67 23.47 -28.73
C SER C 746 33.02 23.11 -28.11
N SER C 747 33.97 24.04 -28.05
CA SER C 747 35.23 23.84 -27.35
C SER C 747 35.06 23.91 -25.84
N GLY C 748 33.91 24.51 -25.50
CA GLY C 748 33.39 24.66 -24.15
C GLY C 748 33.78 25.92 -23.40
N PHE C 749 33.84 27.09 -24.09
CA PHE C 749 34.26 28.37 -23.48
C PHE C 749 33.58 28.63 -22.12
N PHE C 750 32.28 28.36 -22.14
CA PHE C 750 31.38 28.68 -21.05
C PHE C 750 31.31 27.64 -19.95
N SER C 751 32.28 26.71 -20.01
CA SER C 751 32.28 25.60 -19.11
C SER C 751 33.67 25.00 -19.17
N PRO C 752 34.75 25.68 -18.77
CA PRO C 752 36.08 25.10 -18.81
C PRO C 752 36.25 23.69 -18.19
N LYS C 753 35.35 23.29 -17.30
CA LYS C 753 35.42 22.01 -16.61
C LYS C 753 34.53 21.00 -17.30
N GLN C 754 33.56 21.38 -18.12
CA GLN C 754 32.75 20.40 -18.82
C GLN C 754 32.47 20.94 -20.22
N PRO C 755 33.44 20.96 -21.18
CA PRO C 755 33.34 21.56 -22.51
C PRO C 755 32.11 21.14 -23.30
N ASP C 756 32.12 19.81 -23.46
CA ASP C 756 31.08 19.04 -24.11
C ASP C 756 29.66 19.16 -23.47
N LEU C 757 29.48 19.97 -22.43
CA LEU C 757 28.17 20.21 -21.82
C LEU C 757 27.13 20.79 -22.77
N PHE C 758 27.38 21.90 -23.45
CA PHE C 758 26.38 22.44 -24.38
C PHE C 758 26.57 21.81 -25.76
N LYS C 759 27.00 20.53 -25.88
CA LYS C 759 27.21 19.92 -27.19
C LYS C 759 25.86 19.59 -27.80
N ASP C 760 24.93 19.00 -27.03
CA ASP C 760 23.65 18.68 -27.64
C ASP C 760 22.80 19.87 -28.06
N ILE C 761 23.18 21.04 -27.58
CA ILE C 761 22.54 22.29 -27.96
C ILE C 761 23.14 22.62 -29.32
N VAL C 762 24.47 22.52 -29.41
CA VAL C 762 25.14 22.87 -30.67
C VAL C 762 24.58 21.95 -31.75
N ASN C 763 24.57 20.64 -31.47
CA ASN C 763 24.04 19.64 -32.37
C ASN C 763 22.54 19.76 -32.68
N MET C 764 21.71 20.18 -31.70
CA MET C 764 20.27 20.41 -31.92
C MET C 764 20.20 21.48 -32.98
N LEU C 765 20.86 22.58 -32.64
CA LEU C 765 20.88 23.84 -33.39
C LEU C 765 21.19 23.67 -34.87
N MET C 766 22.07 22.72 -35.15
CA MET C 766 22.48 22.53 -36.51
C MET C 766 21.81 21.42 -37.29
N HIS C 767 21.67 20.32 -36.54
CA HIS C 767 21.18 19.11 -37.16
C HIS C 767 19.71 18.89 -36.99
N HIS C 768 19.06 19.60 -36.10
CA HIS C 768 17.63 19.42 -35.92
C HIS C 768 16.99 20.51 -35.07
N ASP C 769 17.05 21.72 -35.63
CA ASP C 769 16.40 22.85 -35.01
C ASP C 769 15.09 23.07 -35.76
N ARG C 770 14.00 22.68 -35.12
CA ARG C 770 12.71 22.79 -35.77
C ARG C 770 12.27 24.24 -35.68
N PHE C 771 13.02 25.14 -34.99
CA PHE C 771 12.52 26.49 -34.83
C PHE C 771 13.21 27.68 -35.50
N LYS C 772 14.22 27.32 -36.27
CA LYS C 772 14.94 28.18 -37.16
C LYS C 772 15.69 29.28 -36.45
N VAL C 773 16.61 28.92 -35.54
CA VAL C 773 17.42 29.90 -34.85
C VAL C 773 18.25 30.45 -35.98
N PHE C 774 19.20 29.75 -36.62
CA PHE C 774 20.08 30.42 -37.58
C PHE C 774 19.43 31.12 -38.76
N ALA C 775 18.16 30.85 -39.09
CA ALA C 775 17.58 31.48 -40.25
C ALA C 775 17.33 32.99 -40.07
N ASP C 776 17.03 33.32 -38.82
CA ASP C 776 16.72 34.65 -38.40
C ASP C 776 17.95 35.34 -37.91
N TYR C 777 19.08 34.66 -37.75
CA TYR C 777 20.23 35.27 -37.07
C TYR C 777 20.73 36.60 -37.63
N GLU C 778 21.05 36.65 -38.90
CA GLU C 778 21.67 37.81 -39.47
C GLU C 778 20.76 39.04 -39.43
N GLU C 779 19.46 38.97 -39.71
CA GLU C 779 18.63 40.17 -39.74
C GLU C 779 18.18 40.60 -38.34
N TYR C 780 18.07 39.66 -37.40
CA TYR C 780 17.74 39.98 -36.02
C TYR C 780 18.93 40.81 -35.49
N VAL C 781 20.16 40.48 -35.86
CA VAL C 781 21.29 41.27 -35.44
C VAL C 781 21.20 42.64 -36.11
N LYS C 782 20.79 42.65 -37.38
CA LYS C 782 20.58 43.90 -38.09
C LYS C 782 19.15 44.38 -37.78
N CYS C 783 19.19 44.82 -36.53
CA CYS C 783 18.04 45.30 -35.80
C CYS C 783 18.56 45.55 -34.40
N GLN C 784 19.26 44.64 -33.77
CA GLN C 784 19.74 44.86 -32.43
C GLN C 784 20.56 46.12 -32.36
N GLU C 785 21.29 46.36 -33.44
CA GLU C 785 22.17 47.50 -33.50
C GLU C 785 21.50 48.69 -34.15
N ARG C 786 20.45 48.60 -34.96
CA ARG C 786 19.71 49.81 -35.29
C ARG C 786 19.12 50.26 -33.95
N VAL C 787 18.70 49.33 -33.07
CA VAL C 787 18.17 49.59 -31.71
C VAL C 787 19.17 50.51 -31.02
N SER C 788 20.42 50.05 -31.09
CA SER C 788 21.49 50.74 -30.42
C SER C 788 21.75 52.14 -31.01
N ALA C 789 21.22 52.40 -32.22
CA ALA C 789 21.27 53.71 -32.83
C ALA C 789 20.27 54.52 -32.03
N LEU C 790 18.98 54.37 -32.26
CA LEU C 790 17.97 55.14 -31.59
C LEU C 790 18.15 55.32 -30.09
N TYR C 791 18.53 54.29 -29.31
CA TYR C 791 18.68 54.47 -27.86
C TYR C 791 19.73 55.49 -27.55
N LYS C 792 20.73 55.54 -28.41
CA LYS C 792 21.73 56.55 -28.29
C LYS C 792 21.21 57.59 -29.27
N ASN C 793 20.20 58.26 -28.74
CA ASN C 793 19.48 59.40 -29.26
C ASN C 793 18.25 59.59 -28.36
N PRO C 794 18.42 59.81 -27.03
CA PRO C 794 17.36 59.70 -25.98
C PRO C 794 16.03 60.44 -26.21
N ARG C 795 16.22 61.57 -26.92
CA ARG C 795 15.16 62.48 -27.31
C ARG C 795 14.34 61.66 -28.29
N GLU C 796 14.92 61.22 -29.40
CA GLU C 796 14.12 60.52 -30.38
C GLU C 796 13.67 59.13 -29.91
N TRP C 797 14.37 58.47 -28.95
CA TRP C 797 13.92 57.21 -28.36
C TRP C 797 12.57 57.50 -27.70
N THR C 798 12.52 58.50 -26.77
CA THR C 798 11.29 58.85 -26.08
C THR C 798 10.23 59.27 -27.07
N ARG C 799 10.58 59.91 -28.19
CA ARG C 799 9.60 60.37 -29.16
C ARG C 799 8.88 59.12 -29.66
N MET C 800 9.65 58.03 -29.89
CA MET C 800 9.06 56.80 -30.41
C MET C 800 8.34 56.06 -29.29
N VAL C 801 8.87 56.11 -28.06
CA VAL C 801 8.20 55.56 -26.88
C VAL C 801 6.87 56.28 -26.53
N ILE C 802 6.66 57.59 -26.81
CA ILE C 802 5.40 58.35 -26.58
C ILE C 802 4.39 57.69 -27.46
N ARG C 803 4.82 57.64 -28.74
CA ARG C 803 4.05 57.05 -29.82
C ARG C 803 3.61 55.63 -29.53
N ASN C 804 4.36 54.86 -28.70
CA ASN C 804 3.91 53.53 -28.30
C ASN C 804 2.76 53.67 -27.32
N ILE C 805 3.07 54.22 -26.14
CA ILE C 805 2.15 54.33 -25.02
C ILE C 805 0.82 54.95 -25.39
N ALA C 806 0.76 55.92 -26.31
CA ALA C 806 -0.51 56.51 -26.75
C ALA C 806 -1.49 55.63 -27.59
N THR C 807 -0.97 54.99 -28.64
CA THR C 807 -1.70 54.04 -29.49
C THR C 807 -2.03 52.67 -28.82
N SER C 808 -1.45 52.30 -27.65
CA SER C 808 -1.67 51.00 -27.01
C SER C 808 -3.02 50.83 -26.37
N GLY C 809 -3.78 51.86 -26.06
CA GLY C 809 -5.12 51.68 -25.54
C GLY C 809 -5.97 50.47 -26.02
N LYS C 810 -5.92 49.93 -27.24
CA LYS C 810 -6.72 48.78 -27.74
C LYS C 810 -6.56 47.49 -26.96
N PHE C 811 -5.52 47.45 -26.15
CA PHE C 811 -5.22 46.30 -25.36
C PHE C 811 -5.68 46.28 -23.89
N SER C 812 -6.77 46.96 -23.54
CA SER C 812 -7.36 46.93 -22.20
C SER C 812 -8.27 45.70 -22.20
N SER C 813 -8.32 44.84 -21.14
CA SER C 813 -9.24 43.71 -21.18
C SER C 813 -10.63 44.29 -21.03
N ASP C 814 -10.73 45.54 -20.57
CA ASP C 814 -11.96 46.32 -20.59
C ASP C 814 -12.47 46.31 -22.03
N ARG C 815 -11.61 46.31 -23.04
CA ARG C 815 -12.12 46.18 -24.40
C ARG C 815 -12.24 44.71 -24.76
N THR C 816 -11.31 43.78 -24.43
CA THR C 816 -11.55 42.40 -24.87
C THR C 816 -12.88 41.85 -24.27
N ILE C 817 -13.22 42.31 -23.05
CA ILE C 817 -14.45 41.99 -22.33
C ILE C 817 -15.60 42.77 -22.92
N ALA C 818 -15.40 44.04 -23.27
CA ALA C 818 -16.50 44.80 -23.82
C ALA C 818 -17.04 44.13 -25.05
N GLN C 819 -16.22 43.36 -25.78
CA GLN C 819 -16.68 42.61 -26.93
C GLN C 819 -17.18 41.20 -26.59
N TYR C 820 -16.62 40.42 -25.64
CA TYR C 820 -17.22 39.13 -25.35
C TYR C 820 -18.60 39.44 -24.86
N ALA C 821 -18.73 40.23 -23.80
CA ALA C 821 -19.99 40.58 -23.18
C ALA C 821 -21.11 40.93 -24.12
N ARG C 822 -20.74 41.85 -24.99
CA ARG C 822 -21.60 42.38 -26.02
C ARG C 822 -21.99 41.34 -27.06
N GLU C 823 -20.99 40.68 -27.65
CA GLU C 823 -21.18 39.79 -28.78
C GLU C 823 -21.49 38.33 -28.51
N ILE C 824 -21.13 37.88 -27.31
CA ILE C 824 -21.26 36.48 -26.87
C ILE C 824 -22.15 36.35 -25.64
N TRP C 825 -21.76 36.92 -24.49
CA TRP C 825 -22.54 36.66 -23.31
C TRP C 825 -23.87 37.41 -23.42
N GLY C 826 -24.01 38.53 -24.11
CA GLY C 826 -25.29 39.23 -24.26
C GLY C 826 -25.36 40.48 -23.42
N VAL C 827 -24.96 40.30 -22.18
CA VAL C 827 -24.89 41.35 -21.18
C VAL C 827 -24.18 42.58 -21.70
N GLU C 828 -24.55 43.75 -21.20
CA GLU C 828 -24.03 44.97 -21.74
C GLU C 828 -23.28 45.62 -20.62
N PRO C 829 -22.09 46.09 -20.96
CA PRO C 829 -21.17 46.80 -20.11
C PRO C 829 -21.70 47.95 -19.30
N SER C 830 -21.39 48.14 -18.04
CA SER C 830 -21.80 49.34 -17.33
C SER C 830 -20.69 49.83 -16.42
N ARG C 831 -20.52 51.14 -16.36
CA ARG C 831 -19.44 51.74 -15.59
C ARG C 831 -20.00 52.60 -14.44
N GLN C 832 -21.19 52.30 -13.94
CA GLN C 832 -21.71 53.14 -12.87
C GLN C 832 -21.32 52.61 -11.49
N ARG C 833 -21.50 53.45 -10.48
CA ARG C 833 -21.20 53.12 -9.11
C ARG C 833 -22.39 52.43 -8.49
N LEU C 834 -22.07 51.82 -7.35
CA LEU C 834 -23.07 51.46 -6.34
C LEU C 834 -22.72 52.34 -5.13
N PRO C 835 -23.45 52.44 -4.03
CA PRO C 835 -23.08 53.28 -2.87
C PRO C 835 -22.21 52.59 -1.84
N ALA C 836 -22.72 51.40 -1.51
CA ALA C 836 -22.11 50.42 -0.60
C ALA C 836 -21.16 50.91 0.49
N PRO C 837 -21.84 51.38 1.56
CA PRO C 837 -21.43 51.09 2.92
C PRO C 837 -21.59 49.59 3.22
N ARG D 10 5.27 54.07 16.86
CA ARG D 10 5.74 52.66 16.96
C ARG D 10 5.29 51.81 18.19
N LYS D 11 5.04 52.56 19.25
CA LYS D 11 4.54 52.12 20.55
C LYS D 11 3.03 52.47 20.50
N GLN D 12 2.46 52.76 19.30
CA GLN D 12 1.06 53.17 19.27
C GLN D 12 0.11 52.03 18.97
N ILE D 13 0.67 50.82 18.94
CA ILE D 13 -0.02 49.59 18.68
C ILE D 13 -0.07 48.99 20.09
N SER D 14 -1.13 49.43 20.80
CA SER D 14 -1.44 49.12 22.21
C SER D 14 -2.84 48.51 22.35
N VAL D 15 -3.19 48.05 23.55
CA VAL D 15 -4.51 47.50 23.76
C VAL D 15 -5.21 48.74 24.36
N ARG D 16 -6.01 49.40 23.55
CA ARG D 16 -6.72 50.61 24.00
C ARG D 16 -8.12 50.49 24.01
N GLY D 17 -8.48 50.66 22.85
CA GLY D 17 -9.79 50.93 22.58
C GLY D 17 -10.66 49.81 22.16
N LEU D 18 -10.27 48.57 22.15
CA LEU D 18 -11.24 47.63 21.52
C LEU D 18 -12.55 47.13 22.07
N ALA D 19 -13.12 47.85 22.96
CA ALA D 19 -14.51 47.61 23.24
C ALA D 19 -14.90 48.04 24.60
N GLY D 20 -16.19 48.19 24.46
CA GLY D 20 -16.98 49.12 25.23
C GLY D 20 -17.76 48.33 26.26
N VAL D 21 -17.28 47.15 26.40
CA VAL D 21 -17.70 46.20 27.39
C VAL D 21 -19.17 46.27 27.63
N GLU D 22 -19.38 46.59 28.88
CA GLU D 22 -20.68 46.63 29.54
C GLU D 22 -21.73 47.33 28.74
N ASN D 23 -21.51 47.48 27.47
CA ASN D 23 -22.48 48.20 26.66
C ASN D 23 -23.21 47.28 25.70
N VAL D 24 -24.51 47.28 25.87
CA VAL D 24 -25.42 46.48 25.05
C VAL D 24 -25.35 46.91 23.62
N THR D 25 -25.08 48.16 23.44
CA THR D 25 -25.06 48.68 22.11
C THR D 25 -23.64 48.60 21.56
N GLU D 26 -22.50 48.90 22.19
CA GLU D 26 -21.28 48.74 21.41
C GLU D 26 -20.81 47.31 21.36
N LEU D 27 -21.58 46.36 21.93
CA LEU D 27 -21.30 44.98 21.59
C LEU D 27 -22.35 44.54 20.63
N LYS D 28 -23.50 45.23 20.59
CA LYS D 28 -24.44 45.06 19.46
C LYS D 28 -23.78 45.57 18.16
N LYS D 29 -22.77 46.42 18.19
CA LYS D 29 -21.97 46.78 17.03
C LYS D 29 -20.94 45.67 16.73
N ASN D 30 -20.69 44.77 17.67
CA ASN D 30 -19.72 43.71 17.48
C ASN D 30 -20.30 42.40 16.99
N PHE D 31 -21.58 42.17 17.27
CA PHE D 31 -22.27 41.04 16.72
C PHE D 31 -22.50 41.34 15.25
N ASN D 32 -22.62 42.61 14.89
CA ASN D 32 -22.73 42.94 13.48
C ASN D 32 -21.40 42.84 12.79
N ARG D 33 -20.37 43.44 13.39
CA ARG D 33 -19.05 43.41 12.81
C ARG D 33 -18.64 42.02 12.35
N HIS D 34 -18.82 41.04 13.21
CA HIS D 34 -18.23 39.77 12.85
C HIS D 34 -19.11 39.08 11.85
N LEU D 35 -20.46 39.16 11.87
CA LEU D 35 -21.32 38.47 10.87
C LEU D 35 -21.03 38.82 9.40
N HIS D 36 -20.67 40.09 9.28
CA HIS D 36 -20.36 40.66 7.99
C HIS D 36 -18.89 40.37 7.84
N PHE D 37 -18.00 41.20 8.35
CA PHE D 37 -16.59 41.08 8.03
C PHE D 37 -15.86 39.79 8.36
N THR D 38 -16.30 38.94 9.32
CA THR D 38 -15.60 37.72 9.69
C THR D 38 -16.22 36.55 8.95
N LEU D 39 -17.53 36.41 9.14
CA LEU D 39 -18.27 35.27 8.67
C LEU D 39 -18.75 35.38 7.22
N VAL D 40 -18.64 36.61 6.69
CA VAL D 40 -19.11 37.00 5.40
C VAL D 40 -20.46 36.36 5.09
N LYS D 41 -21.41 36.84 5.90
CA LYS D 41 -22.83 36.47 5.84
C LYS D 41 -23.64 37.71 6.19
N ASP D 42 -24.93 37.66 5.85
CA ASP D 42 -25.88 38.76 6.06
C ASP D 42 -27.22 38.19 6.59
N ARG D 43 -28.13 39.08 7.05
CA ARG D 43 -29.40 38.71 7.69
C ARG D 43 -30.34 37.94 6.78
N ASN D 44 -30.21 37.95 5.44
CA ASN D 44 -31.14 37.20 4.60
C ASN D 44 -30.59 35.82 4.40
N VAL D 45 -29.28 35.61 4.64
CA VAL D 45 -28.66 34.33 4.41
C VAL D 45 -28.08 33.65 5.67
N ALA D 46 -27.86 34.37 6.77
CA ALA D 46 -27.21 33.80 7.97
C ALA D 46 -28.13 32.90 8.74
N THR D 47 -27.48 31.84 9.16
CA THR D 47 -28.12 30.74 9.84
C THR D 47 -27.98 30.80 11.38
N PRO D 48 -28.79 30.13 12.25
CA PRO D 48 -28.60 30.00 13.71
C PRO D 48 -27.11 29.83 14.01
N ARG D 49 -26.54 28.74 13.48
CA ARG D 49 -25.12 28.45 13.62
C ARG D 49 -24.21 29.60 13.14
N ASP D 50 -24.73 30.53 12.34
CA ASP D 50 -23.97 31.66 11.92
C ASP D 50 -24.07 32.70 13.01
N TYR D 51 -25.28 32.89 13.58
CA TYR D 51 -25.37 33.94 14.60
C TYR D 51 -24.71 33.47 15.89
N TYR D 52 -24.63 32.15 16.21
CA TYR D 52 -23.83 31.65 17.33
C TYR D 52 -22.39 31.92 16.95
N PHE D 53 -21.84 31.62 15.78
CA PHE D 53 -20.46 31.95 15.49
C PHE D 53 -20.19 33.47 15.58
N ALA D 54 -21.21 34.29 15.26
CA ALA D 54 -21.10 35.74 15.35
C ALA D 54 -21.03 36.18 16.80
N LEU D 55 -21.87 35.60 17.67
CA LEU D 55 -21.86 35.86 19.13
C LEU D 55 -20.62 35.33 19.82
N ALA D 56 -20.16 34.20 19.32
CA ALA D 56 -18.98 33.52 19.80
C ALA D 56 -17.76 34.39 19.65
N HIS D 57 -17.68 35.03 18.51
CA HIS D 57 -16.60 35.94 18.24
C HIS D 57 -16.60 37.21 19.09
N THR D 58 -17.80 37.69 19.41
CA THR D 58 -17.94 38.92 20.16
C THR D 58 -17.45 38.77 21.58
N VAL D 59 -17.85 37.71 22.28
CA VAL D 59 -17.38 37.54 23.65
C VAL D 59 -15.90 37.20 23.59
N ARG D 60 -15.46 36.61 22.46
CA ARG D 60 -14.05 36.34 22.29
C ARG D 60 -13.05 37.51 22.16
N ASP D 61 -13.38 38.66 21.56
CA ASP D 61 -12.47 39.82 21.52
C ASP D 61 -12.42 40.34 22.93
N HIS D 62 -13.55 40.15 23.61
CA HIS D 62 -13.66 40.59 24.98
C HIS D 62 -13.02 39.65 25.97
N LEU D 63 -12.30 38.64 25.45
CA LEU D 63 -11.52 37.70 26.25
C LEU D 63 -10.08 38.02 25.90
N VAL D 64 -9.67 37.86 24.63
CA VAL D 64 -8.33 38.10 24.13
C VAL D 64 -7.80 39.52 24.32
N GLY D 65 -8.61 40.47 24.81
CA GLY D 65 -8.10 41.76 25.24
C GLY D 65 -7.25 41.56 26.48
N ARG D 66 -7.98 40.95 27.41
CA ARG D 66 -7.38 40.57 28.71
C ARG D 66 -6.16 39.63 28.58
N TRP D 67 -6.35 38.60 27.76
CA TRP D 67 -5.30 37.68 27.43
C TRP D 67 -4.03 38.37 26.98
N ILE D 68 -4.07 39.57 26.36
CA ILE D 68 -2.82 40.19 25.96
C ILE D 68 -2.10 40.68 27.18
N ARG D 69 -2.84 41.35 28.08
CA ARG D 69 -2.21 41.98 29.23
C ARG D 69 -1.78 40.99 30.30
N THR D 70 -2.51 39.86 30.53
CA THR D 70 -2.09 38.78 31.44
C THR D 70 -0.73 38.28 31.00
N GLN D 71 -0.74 37.99 29.71
CA GLN D 71 0.39 37.45 29.05
C GLN D 71 1.53 38.44 29.13
N GLN D 72 1.15 39.72 29.06
CA GLN D 72 2.13 40.80 29.21
C GLN D 72 2.79 40.76 30.60
N HIS D 73 1.88 40.70 31.58
CA HIS D 73 2.21 40.66 32.99
C HIS D 73 3.32 39.63 33.29
N TYR D 74 3.10 38.32 33.05
CA TYR D 74 4.12 37.32 33.41
C TYR D 74 5.44 37.51 32.68
N TYR D 75 5.60 38.34 31.63
CA TYR D 75 6.94 38.56 31.05
C TYR D 75 7.59 39.46 32.07
N GLU D 76 6.87 40.51 32.46
CA GLU D 76 7.43 41.49 33.37
C GLU D 76 7.76 40.87 34.71
N LYS D 77 6.66 40.42 35.30
CA LYS D 77 6.64 39.80 36.61
C LYS D 77 7.33 38.45 36.82
N ASP D 78 7.58 37.67 35.73
CA ASP D 78 8.22 36.33 35.65
C ASP D 78 7.89 35.35 36.78
N PRO D 79 6.65 34.89 36.95
CA PRO D 79 6.29 33.84 37.88
C PRO D 79 6.88 32.50 37.54
N LYS D 80 6.63 31.58 38.48
CA LYS D 80 6.94 30.18 38.22
C LYS D 80 5.76 29.79 37.27
N ARG D 81 6.11 29.31 36.09
CA ARG D 81 5.14 28.92 35.11
C ARG D 81 5.01 27.42 35.40
N ILE D 82 3.77 27.06 35.58
CA ILE D 82 3.41 25.75 36.00
C ILE D 82 2.53 25.19 34.93
N TYR D 83 3.09 24.30 34.14
CA TYR D 83 2.42 23.61 33.01
C TYR D 83 1.69 22.31 33.48
N TYR D 84 0.43 22.05 33.18
CA TYR D 84 -0.21 20.84 33.62
C TYR D 84 -0.27 19.97 32.37
N LEU D 85 0.37 18.80 32.39
CA LEU D 85 0.45 17.92 31.26
C LEU D 85 -0.63 16.85 31.28
N SER D 86 -1.47 16.71 30.26
CA SER D 86 -2.58 15.78 30.26
C SER D 86 -3.00 15.43 28.85
N LEU D 87 -3.28 14.15 28.54
CA LEU D 87 -3.81 13.76 27.20
C LEU D 87 -5.34 13.72 27.07
N GLU D 88 -6.01 14.48 27.91
CA GLU D 88 -7.44 14.55 27.95
C GLU D 88 -7.73 15.87 28.58
N PHE D 89 -8.61 16.67 27.95
CA PHE D 89 -8.98 18.02 28.39
C PHE D 89 -10.46 18.32 28.13
N TYR D 90 -11.29 17.91 29.04
CA TYR D 90 -12.71 17.87 28.79
C TYR D 90 -13.43 19.19 28.98
N MET D 91 -13.19 20.23 28.17
CA MET D 91 -14.01 21.42 28.35
C MET D 91 -15.46 21.26 27.90
N GLY D 92 -15.91 21.36 26.65
CA GLY D 92 -17.32 21.06 26.37
C GLY D 92 -18.42 22.10 26.12
N ARG D 93 -18.23 23.44 26.13
CA ARG D 93 -19.18 24.51 25.71
C ARG D 93 -18.64 25.73 26.40
N THR D 94 -18.04 26.59 25.58
CA THR D 94 -17.35 27.75 26.10
C THR D 94 -18.23 28.97 26.20
N LEU D 95 -19.00 29.33 25.21
CA LEU D 95 -19.78 30.55 25.25
C LEU D 95 -20.29 31.05 26.64
N GLN D 96 -21.22 30.33 27.35
CA GLN D 96 -21.77 30.79 28.64
C GLN D 96 -20.71 30.99 29.72
N ASN D 97 -19.70 30.19 29.63
CA ASN D 97 -18.71 30.19 30.65
C ASN D 97 -17.67 31.29 30.42
N THR D 98 -17.72 31.92 29.25
CA THR D 98 -16.90 33.11 28.93
C THR D 98 -17.68 34.29 29.52
N MET D 99 -18.98 34.26 29.18
CA MET D 99 -19.97 35.24 29.58
C MET D 99 -19.93 35.46 31.10
N VAL D 100 -20.05 34.44 31.96
CA VAL D 100 -20.03 34.62 33.41
C VAL D 100 -18.67 34.98 33.94
N ASN D 101 -17.61 34.29 33.60
CA ASN D 101 -16.36 34.65 34.23
C ASN D 101 -15.83 35.99 33.73
N LEU D 102 -16.51 36.60 32.74
CA LEU D 102 -16.13 37.92 32.24
C LEU D 102 -17.12 39.01 32.61
N ALA D 103 -18.38 38.57 32.78
CA ALA D 103 -19.55 39.34 33.17
C ALA D 103 -20.64 39.47 32.13
N LEU D 104 -20.22 39.46 30.88
CA LEU D 104 -21.11 39.87 29.83
C LEU D 104 -22.34 39.07 29.60
N GLU D 105 -22.79 38.12 30.41
CA GLU D 105 -23.94 37.27 30.07
C GLU D 105 -25.27 37.95 29.81
N ASN D 106 -26.02 38.42 30.79
CA ASN D 106 -27.24 39.14 30.45
C ASN D 106 -27.06 40.53 29.76
N ALA D 107 -25.80 41.02 29.67
CA ALA D 107 -25.44 42.18 28.82
C ALA D 107 -25.14 41.67 27.37
N CYS D 108 -25.07 40.34 27.19
CA CYS D 108 -25.05 39.71 25.90
C CYS D 108 -26.45 39.25 25.62
N ASP D 109 -27.30 39.04 26.62
CA ASP D 109 -28.68 38.63 26.42
C ASP D 109 -29.52 39.80 25.90
N GLU D 110 -29.37 41.00 26.52
CA GLU D 110 -30.06 42.19 26.02
C GLU D 110 -29.64 42.43 24.57
N ALA D 111 -28.38 42.72 24.15
CA ALA D 111 -28.03 42.82 22.72
C ALA D 111 -28.63 41.76 21.79
N THR D 112 -28.61 40.47 22.12
CA THR D 112 -29.09 39.42 21.24
C THR D 112 -30.58 39.12 21.26
N TYR D 113 -31.41 40.06 21.67
CA TYR D 113 -32.90 40.01 21.73
C TYR D 113 -33.43 41.40 21.27
N GLN D 114 -32.62 42.42 21.57
CA GLN D 114 -32.78 43.76 21.05
C GLN D 114 -32.40 43.62 19.56
N LEU D 115 -31.63 42.56 19.25
CA LEU D 115 -31.31 42.13 17.92
C LEU D 115 -32.41 41.26 17.35
N GLY D 116 -33.07 40.60 18.29
CA GLY D 116 -34.20 39.73 18.02
C GLY D 116 -33.80 38.27 18.00
N LEU D 117 -32.79 37.78 18.73
CA LEU D 117 -32.48 36.35 18.65
C LEU D 117 -32.91 35.84 20.03
N ASP D 118 -32.30 34.73 20.49
CA ASP D 118 -32.50 34.17 21.82
C ASP D 118 -31.20 33.45 22.19
N MET D 119 -30.43 34.14 23.05
CA MET D 119 -29.07 33.74 23.42
C MET D 119 -29.11 32.33 24.01
N GLU D 120 -30.19 31.79 24.56
CA GLU D 120 -30.17 30.44 25.06
C GLU D 120 -30.37 29.53 23.85
N GLU D 121 -31.28 29.78 22.88
CA GLU D 121 -31.39 28.95 21.65
C GLU D 121 -30.02 28.98 20.95
N LEU D 122 -29.36 30.14 20.71
CA LEU D 122 -28.01 30.17 20.13
C LEU D 122 -26.95 29.32 20.86
N GLU D 123 -26.94 29.38 22.20
CA GLU D 123 -26.02 28.63 23.03
C GLU D 123 -26.05 27.15 22.75
N GLU D 124 -27.24 26.61 22.44
CA GLU D 124 -27.32 25.19 22.15
C GLU D 124 -26.87 24.80 20.74
N ILE D 125 -26.38 25.73 19.90
CA ILE D 125 -25.79 25.38 18.59
C ILE D 125 -24.33 24.82 18.76
N GLU D 126 -23.74 25.11 19.94
CA GLU D 126 -22.39 24.76 20.29
C GLU D 126 -22.15 23.28 20.59
N GLU D 127 -21.34 22.68 19.76
CA GLU D 127 -20.81 21.34 19.98
C GLU D 127 -19.91 21.36 21.23
N ASP D 128 -19.79 20.27 21.97
CA ASP D 128 -18.93 20.23 23.16
C ASP D 128 -17.49 20.21 22.71
N ALA D 129 -16.56 20.97 23.28
CA ALA D 129 -15.15 20.85 22.90
C ALA D 129 -14.67 19.48 23.38
N GLY D 130 -14.77 18.59 22.39
CA GLY D 130 -14.49 17.19 22.54
C GLY D 130 -13.04 16.85 22.72
N LEU D 131 -12.49 17.06 23.90
CA LEU D 131 -11.11 16.65 24.14
C LEU D 131 -11.00 15.59 25.24
N GLY D 132 -12.13 15.01 25.59
CA GLY D 132 -12.21 14.09 26.69
C GLY D 132 -13.15 12.92 26.48
N ASN D 133 -13.27 12.24 27.61
CA ASN D 133 -14.01 11.02 27.79
C ASN D 133 -14.68 10.93 29.21
N GLY D 134 -14.03 11.49 30.25
CA GLY D 134 -14.55 11.38 31.60
C GLY D 134 -13.71 12.17 32.59
N GLY D 135 -13.54 11.62 33.78
CA GLY D 135 -12.91 12.36 34.85
C GLY D 135 -11.40 12.50 34.76
N LEU D 136 -10.64 12.33 33.69
CA LEU D 136 -9.21 12.63 33.79
C LEU D 136 -9.02 13.95 33.06
N GLY D 137 -9.92 14.17 32.09
CA GLY D 137 -10.06 15.39 31.35
C GLY D 137 -10.90 16.38 32.10
N ARG D 138 -12.08 15.97 32.59
CA ARG D 138 -12.96 16.83 33.37
C ARG D 138 -12.37 17.31 34.70
N LEU D 139 -11.38 16.66 35.32
CA LEU D 139 -10.73 17.15 36.51
C LEU D 139 -9.86 18.28 36.03
N ALA D 140 -8.91 18.03 35.16
CA ALA D 140 -8.00 19.06 34.65
C ALA D 140 -8.75 20.22 33.97
N ALA D 141 -9.80 19.94 33.21
CA ALA D 141 -10.66 20.98 32.70
C ALA D 141 -11.12 21.89 33.86
N CYS D 142 -11.53 21.33 35.03
CA CYS D 142 -11.84 22.09 36.25
C CYS D 142 -10.63 22.73 36.88
N PHE D 143 -9.54 22.08 37.16
CA PHE D 143 -8.32 22.70 37.65
C PHE D 143 -7.82 23.82 36.74
N LEU D 144 -8.28 23.88 35.47
CA LEU D 144 -7.81 24.94 34.60
C LEU D 144 -8.62 26.19 34.94
N ASP D 145 -9.87 26.07 35.33
CA ASP D 145 -10.66 27.21 35.75
C ASP D 145 -10.16 27.76 37.05
N SER D 146 -9.96 26.90 38.04
CA SER D 146 -9.52 27.38 39.31
C SER D 146 -8.06 27.74 39.30
N MET D 147 -7.17 27.46 38.37
CA MET D 147 -5.80 28.03 38.50
C MET D 147 -5.76 29.45 37.99
N ALA D 148 -6.68 29.66 37.06
CA ALA D 148 -6.88 30.91 36.36
C ALA D 148 -7.48 31.86 37.37
N THR D 149 -8.41 31.42 38.20
CA THR D 149 -8.96 32.29 39.22
C THR D 149 -7.96 32.57 40.38
N LEU D 150 -7.22 31.57 40.83
CA LEU D 150 -6.28 31.72 41.93
C LEU D 150 -5.04 32.49 41.51
N GLY D 151 -5.04 33.49 40.60
CA GLY D 151 -3.88 34.25 40.14
C GLY D 151 -2.73 33.53 39.40
N LEU D 152 -2.66 32.18 39.51
CA LEU D 152 -1.60 31.29 39.00
C LEU D 152 -1.32 31.25 37.50
N ALA D 153 -0.01 31.17 37.23
CA ALA D 153 0.54 31.12 35.89
C ALA D 153 0.56 29.71 35.32
N ALA D 154 -0.62 29.12 35.25
CA ALA D 154 -0.76 27.78 34.76
C ALA D 154 -1.16 27.72 33.29
N TYR D 155 -0.39 26.83 32.64
CA TYR D 155 -0.55 26.45 31.24
C TYR D 155 -1.12 25.02 31.18
N GLY D 156 -2.16 24.71 30.40
CA GLY D 156 -2.63 23.33 30.22
C GLY D 156 -2.21 22.85 28.83
N TYR D 157 -1.47 21.74 28.59
CA TYR D 157 -1.02 21.29 27.28
C TYR D 157 -1.35 19.83 27.11
N GLY D 158 -1.99 19.51 25.97
CA GLY D 158 -2.57 18.22 25.62
C GLY D 158 -2.69 18.18 24.13
N ILE D 159 -3.58 17.43 23.46
CA ILE D 159 -3.59 17.25 21.97
C ILE D 159 -4.95 17.67 21.48
N ARG D 160 -5.00 18.18 20.24
CA ARG D 160 -6.23 18.71 19.71
C ARG D 160 -6.74 17.66 18.77
N TYR D 161 -7.79 16.98 19.19
CA TYR D 161 -8.31 15.87 18.43
C TYR D 161 -9.30 16.28 17.36
N GLU D 162 -9.04 16.00 16.07
CA GLU D 162 -10.06 16.37 15.09
C GLU D 162 -11.45 15.82 15.45
N PHE D 163 -11.49 14.58 15.99
CA PHE D 163 -12.76 13.94 16.34
C PHE D 163 -13.01 13.64 17.83
N GLY D 164 -12.07 13.85 18.75
CA GLY D 164 -12.28 13.48 20.15
C GLY D 164 -12.52 11.97 20.32
N ILE D 165 -13.58 11.52 21.00
CA ILE D 165 -13.93 10.11 21.12
C ILE D 165 -15.37 10.13 20.60
N PHE D 166 -15.86 9.01 20.07
CA PHE D 166 -17.24 8.93 19.53
C PHE D 166 -18.48 9.65 20.13
N ASN D 167 -19.46 9.76 19.27
CA ASN D 167 -20.76 10.15 19.78
C ASN D 167 -21.56 8.86 19.78
N GLN D 168 -22.28 8.70 20.87
CA GLN D 168 -23.02 7.50 21.13
C GLN D 168 -24.34 7.60 20.41
N LYS D 169 -25.03 6.48 20.20
CA LYS D 169 -26.34 6.41 19.55
C LYS D 169 -27.15 5.18 20.02
N ILE D 170 -28.20 5.32 20.86
CA ILE D 170 -29.02 4.18 21.27
C ILE D 170 -29.90 3.75 20.07
N CYS D 171 -29.58 2.63 19.43
CA CYS D 171 -30.41 2.15 18.34
C CYS D 171 -30.60 0.67 18.54
N GLY D 172 -31.88 0.32 18.48
CA GLY D 172 -32.35 -1.03 18.74
C GLY D 172 -32.05 -1.41 20.20
N GLY D 173 -31.76 -0.41 21.02
CA GLY D 173 -31.38 -0.73 22.36
C GLY D 173 -29.90 -0.66 22.55
N TRP D 174 -29.13 -0.88 21.48
CA TRP D 174 -27.67 -0.84 21.49
C TRP D 174 -26.97 0.52 21.43
N GLN D 175 -25.64 0.55 21.53
CA GLN D 175 -24.84 1.75 21.38
C GLN D 175 -24.21 1.70 20.00
N MET D 176 -24.36 2.75 19.22
CA MET D 176 -23.65 2.82 17.98
C MET D 176 -22.74 3.99 18.21
N GLU D 177 -21.45 3.73 18.02
CA GLU D 177 -20.47 4.76 18.23
C GLU D 177 -20.29 5.43 16.91
N GLU D 178 -21.06 6.49 16.81
CA GLU D 178 -21.17 7.33 15.65
C GLU D 178 -20.35 8.59 15.90
N ALA D 179 -19.13 8.62 15.37
CA ALA D 179 -18.13 9.69 15.47
C ALA D 179 -18.46 11.19 15.50
N ASP D 180 -17.61 11.89 16.25
CA ASP D 180 -17.85 13.26 16.60
C ASP D 180 -16.88 14.21 15.92
N ASP D 181 -17.37 14.80 14.86
CA ASP D 181 -16.60 15.72 14.03
C ASP D 181 -17.06 17.05 14.57
N TRP D 182 -16.62 17.33 15.81
CA TRP D 182 -17.06 18.54 16.49
C TRP D 182 -16.53 19.75 15.74
N LEU D 183 -15.26 19.68 15.39
CA LEU D 183 -14.59 20.74 14.64
C LEU D 183 -14.88 20.88 13.13
N ARG D 184 -15.81 20.22 12.40
CA ARG D 184 -16.02 20.50 10.97
C ARG D 184 -16.45 21.92 10.65
N TYR D 185 -17.41 22.55 11.32
CA TYR D 185 -17.75 23.94 11.01
C TYR D 185 -16.81 25.01 11.53
N GLY D 186 -15.63 24.62 12.06
CA GLY D 186 -14.62 25.49 12.63
C GLY D 186 -14.80 25.56 14.12
N ASN D 187 -13.94 26.29 14.85
CA ASN D 187 -14.13 26.48 16.29
C ASN D 187 -13.79 27.90 16.89
N PRO D 188 -14.78 28.77 17.24
CA PRO D 188 -14.60 30.19 17.56
C PRO D 188 -13.43 30.58 18.39
N TRP D 189 -13.32 29.71 19.38
CA TRP D 189 -12.50 29.84 20.57
C TRP D 189 -11.04 29.51 20.46
N GLU D 190 -10.54 29.08 19.31
CA GLU D 190 -9.14 28.66 19.28
C GLU D 190 -8.37 29.50 18.27
N LYS D 191 -7.06 29.56 18.49
CA LYS D 191 -6.23 30.14 17.49
C LYS D 191 -5.13 29.17 17.11
N ALA D 192 -4.92 29.07 15.80
CA ALA D 192 -3.88 28.25 15.21
C ALA D 192 -2.59 29.01 15.30
N ARG D 193 -1.44 28.39 15.34
CA ARG D 193 -0.17 29.09 15.46
C ARG D 193 0.86 28.48 14.53
N PRO D 194 0.69 28.38 13.18
CA PRO D 194 1.71 27.99 12.18
C PRO D 194 3.17 28.36 12.39
N GLU D 195 3.29 29.59 12.93
CA GLU D 195 4.55 30.19 13.33
C GLU D 195 5.32 29.44 14.45
N PHE D 196 4.67 28.78 15.42
CA PHE D 196 5.44 28.09 16.47
C PHE D 196 5.32 26.58 16.34
N THR D 197 5.54 26.05 15.13
CA THR D 197 5.55 24.62 14.83
C THR D 197 6.97 24.10 15.06
N LEU D 198 7.09 23.03 15.83
CA LEU D 198 8.39 22.43 16.17
C LEU D 198 8.29 21.02 15.62
N PRO D 199 9.30 20.23 15.37
CA PRO D 199 9.18 18.81 15.03
C PRO D 199 9.13 17.80 16.15
N VAL D 200 8.40 16.69 15.94
CA VAL D 200 8.58 15.54 16.81
C VAL D 200 9.33 14.47 16.01
N HIS D 201 10.54 14.08 16.43
CA HIS D 201 11.35 13.02 15.81
C HIS D 201 10.87 11.63 16.26
N PHE D 202 10.88 10.55 15.47
CA PHE D 202 10.49 9.20 15.89
C PHE D 202 11.45 8.29 15.18
N TYR D 203 11.47 7.05 15.71
CA TYR D 203 12.28 5.91 15.29
C TYR D 203 13.74 6.24 15.22
N GLY D 204 14.53 6.26 14.17
CA GLY D 204 15.94 6.60 14.28
C GLY D 204 16.83 5.64 15.07
N ARG D 205 18.08 6.00 15.35
CA ARG D 205 18.93 5.24 16.22
C ARG D 205 19.94 6.19 16.79
N VAL D 206 20.49 5.76 17.91
CA VAL D 206 21.48 6.47 18.67
C VAL D 206 22.79 6.31 17.92
N GLU D 207 23.81 7.06 18.30
CA GLU D 207 25.15 6.97 17.72
C GLU D 207 26.02 7.87 18.65
N HIS D 208 26.79 7.27 19.56
CA HIS D 208 27.60 8.01 20.55
C HIS D 208 28.82 8.67 19.97
N THR D 209 29.26 9.74 20.61
CA THR D 209 30.45 10.48 20.19
C THR D 209 31.31 10.73 21.41
N SER D 210 32.36 11.54 21.24
CA SER D 210 33.25 12.02 22.29
C SER D 210 32.58 12.45 23.60
N GLN D 211 31.68 13.46 23.48
CA GLN D 211 30.99 13.96 24.64
C GLN D 211 29.63 13.32 24.82
N GLY D 212 28.86 12.85 23.84
CA GLY D 212 27.53 12.36 24.20
C GLY D 212 26.96 11.28 23.31
N ALA D 213 25.71 11.47 22.87
CA ALA D 213 25.14 10.58 21.90
C ALA D 213 24.20 11.31 20.96
N LYS D 214 24.13 10.75 19.76
CA LYS D 214 23.30 11.22 18.67
C LYS D 214 22.11 10.29 18.54
N TRP D 215 20.95 10.75 18.07
CA TRP D 215 19.78 9.93 17.81
C TRP D 215 19.38 10.43 16.43
N VAL D 216 20.14 9.86 15.52
CA VAL D 216 20.02 10.14 14.13
C VAL D 216 19.07 9.15 13.47
N ASP D 217 18.96 9.33 12.17
CA ASP D 217 18.17 8.55 11.28
C ASP D 217 16.72 8.69 11.60
N THR D 218 16.18 9.80 12.15
CA THR D 218 14.73 9.87 12.49
C THR D 218 13.66 10.34 11.48
N GLN D 219 12.46 9.79 11.66
CA GLN D 219 11.23 10.08 10.94
C GLN D 219 10.67 11.24 11.73
N VAL D 220 9.90 12.18 11.21
CA VAL D 220 9.57 13.38 11.95
C VAL D 220 8.06 13.60 11.82
N VAL D 221 7.32 14.25 12.74
CA VAL D 221 5.87 14.54 12.61
C VAL D 221 5.71 15.97 13.12
N LEU D 222 5.26 16.95 12.36
CA LEU D 222 5.31 18.32 12.88
C LEU D 222 4.26 18.63 13.93
N ALA D 223 4.70 19.39 14.92
CA ALA D 223 3.89 19.72 16.09
C ALA D 223 3.31 21.11 15.93
N MET D 224 2.05 21.32 15.53
CA MET D 224 1.49 22.65 15.45
C MET D 224 0.49 23.02 16.55
N PRO D 225 0.80 24.07 17.37
CA PRO D 225 0.02 24.59 18.49
C PRO D 225 -1.24 25.35 18.18
N TYR D 226 -2.24 25.16 19.06
CA TYR D 226 -3.52 25.84 19.05
C TYR D 226 -3.91 26.33 20.43
N ASP D 227 -4.16 27.63 20.53
CA ASP D 227 -4.44 28.31 21.77
C ASP D 227 -5.88 28.45 22.23
N THR D 228 -6.64 27.54 22.86
CA THR D 228 -7.91 27.99 23.44
C THR D 228 -7.54 28.83 24.69
N PRO D 229 -8.18 29.94 25.12
CA PRO D 229 -8.01 30.48 26.44
C PRO D 229 -9.13 30.15 27.42
N VAL D 230 -8.62 30.07 28.62
CA VAL D 230 -9.41 29.76 29.78
C VAL D 230 -9.26 31.03 30.60
N PRO D 231 -10.36 31.75 30.79
CA PRO D 231 -10.48 32.82 31.74
C PRO D 231 -10.48 32.40 33.19
N GLY D 232 -9.90 33.31 33.95
CA GLY D 232 -10.01 33.27 35.37
C GLY D 232 -11.34 33.98 35.68
N TYR D 233 -12.01 33.58 36.78
CA TYR D 233 -13.22 34.21 37.25
C TYR D 233 -12.88 35.56 37.82
N ARG D 234 -13.65 36.44 37.17
CA ARG D 234 -13.72 37.86 37.39
C ARG D 234 -12.52 38.61 37.98
N ASN D 235 -11.28 38.26 37.62
CA ASN D 235 -10.19 39.07 38.07
C ASN D 235 -9.32 39.41 36.88
N ASN D 236 -9.84 39.26 35.65
CA ASN D 236 -9.20 39.60 34.40
C ASN D 236 -7.94 38.90 33.94
N VAL D 237 -7.53 37.76 34.53
CA VAL D 237 -6.36 37.06 34.00
C VAL D 237 -6.95 35.88 33.26
N VAL D 238 -6.47 35.70 32.00
CA VAL D 238 -7.00 34.73 31.06
C VAL D 238 -5.78 34.05 30.45
N ASN D 239 -5.71 32.73 30.70
CA ASN D 239 -4.56 31.87 30.40
C ASN D 239 -4.67 31.06 29.12
N THR D 240 -3.61 30.37 28.75
CA THR D 240 -3.49 29.58 27.55
C THR D 240 -3.68 28.05 27.65
N MET D 241 -4.72 27.38 27.12
CA MET D 241 -4.57 25.95 26.89
C MET D 241 -3.72 25.96 25.58
N ARG D 242 -2.75 25.08 25.33
CA ARG D 242 -1.96 25.04 24.12
C ARG D 242 -1.95 23.56 23.84
N LEU D 243 -2.72 23.24 22.82
CA LEU D 243 -2.99 21.90 22.36
C LEU D 243 -2.40 21.69 20.97
N TRP D 244 -1.63 20.61 20.84
CA TRP D 244 -0.91 20.20 19.63
C TRP D 244 -1.69 19.42 18.56
N SER D 245 -1.27 19.69 17.34
CA SER D 245 -1.85 19.11 16.15
C SER D 245 -0.64 18.60 15.40
N ALA D 246 -0.82 17.40 14.79
CA ALA D 246 0.22 16.75 14.01
C ALA D 246 0.12 17.11 12.51
N LYS D 247 1.19 17.61 11.91
CA LYS D 247 1.18 17.86 10.49
C LYS D 247 2.21 16.90 9.93
N ALA D 248 1.87 16.05 8.95
CA ALA D 248 2.92 15.23 8.36
C ALA D 248 3.91 16.18 7.67
N PRO D 249 5.24 16.00 7.58
CA PRO D 249 6.12 16.92 6.86
C PRO D 249 5.52 17.04 5.45
N ASN D 250 5.19 18.29 5.10
CA ASN D 250 4.61 18.57 3.81
C ASN D 250 5.65 19.15 2.84
N ASP D 251 6.66 18.25 2.70
CA ASP D 251 7.77 18.17 1.74
C ASP D 251 7.42 17.13 0.67
N PHE D 252 6.23 16.55 0.84
CA PHE D 252 5.86 15.36 0.11
C PHE D 252 5.17 15.57 -1.21
N ASN D 253 5.61 14.56 -1.98
CA ASN D 253 5.35 14.23 -3.39
C ASN D 253 6.59 13.41 -3.77
N LEU D 254 7.77 13.65 -3.14
CA LEU D 254 9.04 13.04 -3.51
C LEU D 254 10.25 13.58 -2.76
N LYS D 255 10.25 14.79 -2.14
CA LYS D 255 11.51 15.36 -1.65
C LYS D 255 12.14 14.61 -0.48
N ASP D 256 13.35 14.28 -0.98
CA ASP D 256 14.39 13.44 -0.37
C ASP D 256 14.71 12.49 -1.52
N PHE D 257 13.85 12.46 -2.56
CA PHE D 257 13.84 11.45 -3.60
C PHE D 257 13.53 10.12 -2.91
N ASN D 258 12.80 10.23 -1.79
CA ASN D 258 12.48 9.08 -0.97
C ASN D 258 11.37 8.26 -1.58
N VAL D 259 10.31 8.85 -2.16
CA VAL D 259 9.32 7.96 -2.70
C VAL D 259 9.92 7.32 -3.93
N GLY D 260 10.65 8.02 -4.86
CA GLY D 260 11.30 7.46 -6.05
C GLY D 260 10.75 6.10 -6.50
N GLY D 261 11.37 5.09 -5.91
CA GLY D 261 10.97 3.72 -6.11
C GLY D 261 9.98 3.38 -5.01
N TYR D 262 8.72 3.83 -5.23
CA TYR D 262 7.52 3.60 -4.42
C TYR D 262 6.99 4.58 -3.35
N ILE D 263 5.83 5.08 -3.80
CA ILE D 263 5.02 6.09 -3.11
C ILE D 263 4.65 5.78 -1.67
N GLN D 264 4.09 4.58 -1.40
CA GLN D 264 3.60 4.02 -0.12
C GLN D 264 4.11 4.50 1.24
N ALA D 265 5.13 5.36 1.33
CA ALA D 265 5.52 6.17 2.48
C ALA D 265 4.41 7.18 2.72
N VAL D 266 3.47 7.30 1.79
CA VAL D 266 2.21 7.99 1.95
C VAL D 266 1.51 7.48 3.19
N LEU D 267 1.87 6.22 3.54
CA LEU D 267 1.35 5.55 4.72
C LEU D 267 1.93 6.11 6.00
N ASP D 268 3.02 6.87 5.87
CA ASP D 268 3.53 7.74 6.91
C ASP D 268 2.42 8.77 7.07
N ARG D 269 2.18 9.63 6.06
CA ARG D 269 1.17 10.70 6.15
C ARG D 269 -0.05 10.37 6.96
N ASN D 270 -0.70 9.23 6.76
CA ASN D 270 -1.80 8.97 7.66
C ASN D 270 -1.36 8.44 9.02
N LEU D 271 -0.50 7.42 9.17
CA LEU D 271 -0.13 6.87 10.47
C LEU D 271 0.63 7.86 11.40
N ALA D 272 1.10 8.95 10.85
CA ALA D 272 1.74 10.00 11.59
C ALA D 272 0.54 10.91 11.78
N GLU D 273 0.17 11.84 10.88
CA GLU D 273 -0.92 12.79 11.03
C GLU D 273 -2.13 12.35 11.86
N ASN D 274 -2.63 11.10 11.84
CA ASN D 274 -3.73 10.69 12.72
C ASN D 274 -3.30 10.37 14.16
N ILE D 275 -2.18 10.96 14.54
CA ILE D 275 -1.80 11.05 15.93
C ILE D 275 -2.86 11.90 16.61
N SER D 276 -3.30 12.91 15.88
CA SER D 276 -4.23 13.94 16.33
C SER D 276 -5.68 13.68 16.03
N ARG D 277 -6.21 12.50 15.63
CA ARG D 277 -7.64 12.45 15.25
C ARG D 277 -8.60 11.74 16.18
N VAL D 278 -8.11 10.80 17.01
CA VAL D 278 -8.90 9.93 17.87
C VAL D 278 -8.20 9.70 19.19
N LEU D 279 -9.03 9.98 20.16
CA LEU D 279 -8.73 9.84 21.55
C LEU D 279 -9.19 8.42 21.86
N TYR D 280 -8.61 7.71 22.85
CA TYR D 280 -9.01 6.33 23.17
C TYR D 280 -9.91 6.01 24.40
N PRO D 281 -10.87 5.05 24.21
CA PRO D 281 -12.15 4.83 24.96
C PRO D 281 -12.41 4.56 26.47
N GLU D 287 -2.23 0.44 26.21
CA GLU D 287 -2.08 -0.99 26.39
C GLU D 287 -2.13 -1.43 24.93
N GLY D 288 -1.04 -2.20 24.67
CA GLY D 288 -0.66 -2.80 23.39
C GLY D 288 -0.86 -1.90 22.16
N LYS D 289 -0.17 -0.74 22.08
CA LYS D 289 -0.39 0.13 20.93
C LYS D 289 0.73 1.12 20.68
N GLU D 290 1.36 1.03 19.50
CA GLU D 290 2.42 1.92 19.07
C GLU D 290 1.86 3.33 19.02
N LEU D 291 0.61 3.47 18.53
CA LEU D 291 -0.08 4.76 18.43
C LEU D 291 -0.35 5.35 19.78
N ARG D 292 -0.93 4.70 20.78
CA ARG D 292 -1.11 5.33 22.07
C ARG D 292 0.24 5.79 22.60
N LEU D 293 1.37 5.15 22.35
CA LEU D 293 2.68 5.57 22.82
C LEU D 293 3.24 6.68 21.96
N LYS D 294 2.94 6.65 20.64
CA LYS D 294 3.39 7.63 19.65
C LYS D 294 2.73 8.95 20.03
N GLN D 295 1.42 8.84 20.35
CA GLN D 295 0.58 9.93 20.82
C GLN D 295 1.22 10.53 22.08
N GLU D 296 1.40 9.69 23.07
CA GLU D 296 2.04 9.97 24.34
C GLU D 296 3.38 10.66 24.12
N TYR D 297 4.30 10.16 23.27
CA TYR D 297 5.59 10.79 23.08
C TYR D 297 5.36 12.08 22.33
N PHE D 298 4.39 12.16 21.42
CA PHE D 298 4.07 13.41 20.73
C PHE D 298 3.79 14.56 21.73
N VAL D 299 2.76 14.41 22.57
CA VAL D 299 2.38 15.47 23.50
C VAL D 299 3.49 15.93 24.42
N VAL D 300 4.42 15.07 24.86
CA VAL D 300 5.52 15.51 25.72
C VAL D 300 6.68 16.16 25.00
N ALA D 301 6.87 15.94 23.73
CA ALA D 301 8.06 16.45 23.09
C ALA D 301 7.90 17.90 22.73
N ALA D 302 6.80 18.15 22.06
CA ALA D 302 6.45 19.47 21.60
C ALA D 302 6.34 20.38 22.81
N THR D 303 5.43 20.11 23.75
CA THR D 303 5.28 20.77 25.03
C THR D 303 6.61 21.10 25.68
N LEU D 304 7.47 20.12 25.95
CA LEU D 304 8.71 20.42 26.61
C LEU D 304 9.67 21.25 25.80
N GLN D 305 9.52 21.34 24.48
CA GLN D 305 10.37 22.21 23.67
C GLN D 305 9.85 23.61 23.92
N ASP D 306 8.53 23.79 24.04
CA ASP D 306 7.95 25.12 24.25
C ASP D 306 8.34 25.57 25.68
N ILE D 307 8.23 24.65 26.68
CA ILE D 307 8.66 24.91 28.07
C ILE D 307 10.10 25.40 28.12
N ILE D 308 10.98 24.86 27.30
CA ILE D 308 12.32 25.35 27.32
C ILE D 308 12.37 26.65 26.58
N ARG D 309 11.50 27.04 25.64
CA ARG D 309 11.75 28.35 25.02
C ARG D 309 11.21 29.48 25.86
N ARG D 310 10.18 29.33 26.67
CA ARG D 310 9.92 30.42 27.61
C ARG D 310 10.96 30.39 28.71
N PHE D 311 11.55 29.33 29.24
CA PHE D 311 12.57 29.49 30.23
C PHE D 311 13.74 30.22 29.61
N LYS D 312 14.21 29.95 28.39
CA LYS D 312 15.36 30.71 27.86
C LYS D 312 14.72 31.96 27.23
N SER D 313 14.50 31.96 25.90
CA SER D 313 14.01 33.07 25.05
C SER D 313 13.17 34.08 25.86
N SER D 314 12.03 33.72 26.45
CA SER D 314 11.21 34.68 27.17
C SER D 314 11.67 34.99 28.62
N LYS D 315 12.66 35.88 28.56
CA LYS D 315 13.34 36.62 29.58
C LYS D 315 14.70 36.03 29.70
N PHE D 316 14.97 34.71 29.82
CA PHE D 316 16.37 34.26 29.95
C PHE D 316 17.08 34.16 28.64
N GLY D 317 16.36 34.49 27.54
CA GLY D 317 16.89 34.55 26.18
C GLY D 317 18.17 35.32 26.20
N CYS D 318 17.92 36.44 26.89
CA CYS D 318 19.04 37.24 27.28
C CYS D 318 19.45 36.63 28.61
N ARG D 319 18.80 36.82 29.76
CA ARG D 319 19.46 36.44 31.03
C ARG D 319 20.04 35.04 31.28
N ASP D 320 21.34 35.16 31.56
CA ASP D 320 22.07 33.98 31.92
C ASP D 320 22.25 33.71 33.39
N PRO D 321 23.03 34.50 34.18
CA PRO D 321 24.12 34.01 35.02
C PRO D 321 24.60 32.68 34.50
N VAL D 322 24.69 31.58 35.24
CA VAL D 322 25.11 30.24 34.79
C VAL D 322 24.87 29.76 33.33
N ARG D 323 25.43 30.36 32.27
CA ARG D 323 25.08 30.10 30.85
C ARG D 323 23.59 29.72 30.58
N THR D 324 22.69 30.56 31.10
CA THR D 324 21.25 30.34 31.18
C THR D 324 21.11 28.86 31.48
N ASN D 325 21.72 28.46 32.61
CA ASN D 325 21.60 27.07 32.96
C ASN D 325 20.32 26.97 33.73
N PHE D 326 20.08 25.67 33.93
CA PHE D 326 18.87 25.19 34.49
C PHE D 326 18.93 25.19 36.00
N ASP D 327 19.99 25.79 36.57
CA ASP D 327 20.06 26.06 38.01
C ASP D 327 18.82 26.78 38.50
N ALA D 328 18.31 27.70 37.63
CA ALA D 328 17.09 28.46 37.90
C ALA D 328 15.84 27.96 37.20
N PHE D 329 15.98 26.79 36.55
CA PHE D 329 14.89 26.07 35.82
C PHE D 329 13.80 25.73 36.82
N PRO D 330 14.11 24.95 37.87
CA PRO D 330 13.07 24.50 38.78
C PRO D 330 12.40 25.61 39.59
N ASP D 331 13.08 26.78 39.67
CA ASP D 331 12.58 28.00 40.30
C ASP D 331 11.46 28.60 39.49
N LYS D 332 11.73 28.50 38.19
CA LYS D 332 10.86 29.08 37.21
C LYS D 332 9.88 28.19 36.56
N VAL D 333 10.04 26.88 36.59
CA VAL D 333 9.14 26.01 35.83
C VAL D 333 8.61 24.87 36.72
N ALA D 334 7.39 24.36 36.57
CA ALA D 334 6.93 23.13 37.25
C ALA D 334 5.88 22.30 36.48
N ILE D 335 6.33 21.11 36.08
CA ILE D 335 5.65 20.23 35.12
C ILE D 335 4.80 19.26 35.93
N GLN D 336 3.48 19.29 35.85
CA GLN D 336 2.74 18.37 36.66
C GLN D 336 2.04 17.25 35.89
N LEU D 337 2.70 16.09 35.76
CA LEU D 337 2.19 14.94 35.02
C LEU D 337 0.87 14.50 35.65
N ASN D 338 -0.26 14.74 35.02
CA ASN D 338 -1.54 14.17 35.44
C ASN D 338 -1.51 12.72 34.94
N ASP D 339 -1.53 11.73 35.86
CA ASP D 339 -1.53 10.28 35.55
C ASP D 339 -0.22 9.80 34.93
N THR D 340 -0.15 8.58 34.33
CA THR D 340 1.11 8.04 33.74
C THR D 340 1.39 8.43 32.26
N HIS D 341 0.39 9.12 31.63
CA HIS D 341 0.46 9.38 30.18
C HIS D 341 1.48 10.46 29.80
N PRO D 342 1.66 11.60 30.43
CA PRO D 342 2.92 12.39 30.43
C PRO D 342 4.31 11.83 30.87
N SER D 343 4.52 10.59 31.33
CA SER D 343 5.76 10.11 31.92
C SER D 343 7.03 10.27 31.11
N LEU D 344 6.93 10.25 29.79
CA LEU D 344 8.11 10.49 28.98
C LEU D 344 8.71 11.90 29.06
N ALA D 345 8.07 12.80 29.86
CA ALA D 345 8.58 14.09 30.31
C ALA D 345 9.86 13.97 31.17
N ILE D 346 10.15 12.85 31.84
CA ILE D 346 11.41 12.62 32.58
C ILE D 346 12.55 12.09 31.64
N PRO D 347 12.36 11.06 30.79
CA PRO D 347 13.32 10.67 29.80
C PRO D 347 13.46 11.70 28.72
N GLU D 348 12.44 12.48 28.33
CA GLU D 348 12.69 13.49 27.31
C GLU D 348 13.38 14.66 27.95
N LEU D 349 12.93 15.29 29.07
CA LEU D 349 13.69 16.36 29.76
C LEU D 349 15.18 16.02 30.02
N MET D 350 15.46 14.85 30.61
CA MET D 350 16.84 14.40 30.69
C MET D 350 17.60 14.38 29.35
N ARG D 351 16.98 13.92 28.26
CA ARG D 351 17.57 13.88 26.90
C ARG D 351 17.93 15.28 26.37
N VAL D 352 17.08 16.30 26.58
CA VAL D 352 17.39 17.62 26.05
C VAL D 352 18.49 18.35 26.87
N LEU D 353 18.48 18.22 28.21
CA LEU D 353 19.45 18.90 29.05
C LEU D 353 20.83 18.29 28.89
N VAL D 354 20.92 16.97 28.93
CA VAL D 354 22.19 16.25 28.75
C VAL D 354 22.73 16.28 27.32
N ASP D 355 21.85 15.94 26.38
CA ASP D 355 22.31 15.79 25.04
C ASP D 355 22.34 17.06 24.27
N LEU D 356 21.30 17.88 24.38
CA LEU D 356 21.24 19.01 23.50
C LEU D 356 22.00 20.22 24.01
N GLU D 357 21.85 20.44 25.32
CA GLU D 357 22.64 21.48 25.95
C GLU D 357 23.96 20.72 26.20
N ARG D 358 24.25 20.13 27.35
CA ARG D 358 25.39 19.23 27.66
C ARG D 358 25.60 19.14 29.16
N LEU D 359 24.48 19.04 29.87
CA LEU D 359 24.48 19.04 31.31
C LEU D 359 24.88 17.66 31.80
N ASP D 360 25.65 17.66 32.89
CA ASP D 360 26.04 16.46 33.59
C ASP D 360 24.83 15.54 33.83
N TRP D 361 24.96 14.19 33.78
CA TRP D 361 23.82 13.30 34.00
C TRP D 361 23.20 13.60 35.38
N ASP D 362 24.11 13.78 36.32
CA ASP D 362 23.85 14.10 37.71
C ASP D 362 23.23 15.49 37.82
N LYS D 363 23.87 16.54 37.29
CA LYS D 363 23.30 17.90 37.39
C LYS D 363 21.94 17.99 36.72
N ALA D 364 21.81 17.41 35.53
CA ALA D 364 20.56 17.42 34.79
C ALA D 364 19.45 16.67 35.50
N TRP D 365 19.72 15.48 36.07
CA TRP D 365 18.77 14.75 36.89
C TRP D 365 18.44 15.55 38.18
N GLU D 366 19.30 16.53 38.60
CA GLU D 366 19.02 17.43 39.73
C GLU D 366 17.72 18.15 39.47
N VAL D 367 17.74 18.88 38.37
CA VAL D 367 16.64 19.74 38.01
C VAL D 367 15.47 18.84 37.72
N THR D 368 15.56 17.85 36.84
CA THR D 368 14.50 16.91 36.46
C THR D 368 13.58 16.59 37.58
N VAL D 369 14.04 16.04 38.70
CA VAL D 369 13.08 15.69 39.71
C VAL D 369 12.37 16.89 40.37
N LYS D 370 13.15 17.98 40.43
CA LYS D 370 12.77 19.26 41.09
C LYS D 370 11.67 20.03 40.32
N THR D 371 11.67 19.79 39.00
CA THR D 371 10.70 20.35 38.10
C THR D 371 9.45 19.53 38.02
N CYS D 372 9.57 18.22 38.19
CA CYS D 372 8.45 17.33 37.97
C CYS D 372 7.81 16.77 39.25
N ALA D 373 6.55 16.38 39.20
CA ALA D 373 5.76 15.81 40.27
C ALA D 373 4.62 14.98 39.61
N TYR D 374 3.76 14.06 40.13
CA TYR D 374 2.82 13.27 39.29
C TYR D 374 1.45 12.90 39.88
N THR D 375 0.27 13.36 39.47
CA THR D 375 -0.98 13.03 40.17
C THR D 375 -1.42 11.56 39.97
N ASN D 376 -1.58 10.71 41.01
CA ASN D 376 -1.97 9.31 40.80
C ASN D 376 -3.44 8.99 40.97
N HIS D 377 -4.02 8.33 39.99
CA HIS D 377 -5.45 8.02 39.93
C HIS D 377 -5.82 6.55 40.16
N THR D 378 -4.95 5.54 40.33
CA THR D 378 -5.44 4.15 40.50
C THR D 378 -5.10 3.44 41.81
N VAL D 379 -6.22 2.87 42.19
CA VAL D 379 -6.37 2.04 43.36
C VAL D 379 -5.91 0.61 43.07
N ILE D 380 -5.74 0.32 41.79
CA ILE D 380 -5.37 -0.98 41.27
C ILE D 380 -3.89 -0.90 40.91
N PRO D 381 -3.05 -1.88 41.22
CA PRO D 381 -1.71 -1.99 40.68
C PRO D 381 -1.66 -2.66 39.32
N GLU D 382 -2.69 -3.44 39.01
CA GLU D 382 -2.66 -4.17 37.76
C GLU D 382 -2.91 -3.31 36.55
N ALA D 383 -3.82 -2.34 36.63
CA ALA D 383 -4.03 -1.35 35.58
C ALA D 383 -3.14 -0.16 35.90
N LEU D 384 -1.86 -0.15 35.57
CA LEU D 384 -0.94 0.92 35.93
C LEU D 384 0.06 0.76 34.78
N GLU D 385 0.08 1.80 33.92
CA GLU D 385 0.80 1.86 32.65
C GLU D 385 2.21 1.36 32.78
N ARG D 386 2.47 0.47 31.84
CA ARG D 386 3.77 -0.14 31.58
C ARG D 386 3.83 -0.30 30.06
N TRP D 387 5.05 -0.32 29.54
CA TRP D 387 5.25 -0.45 28.12
C TRP D 387 6.19 -1.58 27.83
N PRO D 388 6.01 -2.38 26.78
CA PRO D 388 7.02 -3.21 26.14
C PRO D 388 8.29 -2.56 25.70
N VAL D 389 9.43 -3.04 26.17
CA VAL D 389 10.77 -2.62 25.72
C VAL D 389 11.01 -2.72 24.20
N HIS D 390 10.40 -3.68 23.46
CA HIS D 390 10.52 -3.72 22.02
C HIS D 390 9.74 -2.54 21.50
N LEU D 391 8.78 -2.00 22.22
CA LEU D 391 8.09 -0.85 21.73
C LEU D 391 8.95 0.36 21.99
N LEU D 392 9.56 0.43 23.17
CA LEU D 392 10.44 1.53 23.45
C LEU D 392 11.57 1.50 22.46
N GLU D 393 12.47 0.55 22.58
CA GLU D 393 13.72 0.46 21.86
C GLU D 393 13.71 0.79 20.39
N THR D 394 12.58 0.50 19.68
CA THR D 394 12.45 0.85 18.28
C THR D 394 11.96 2.28 18.01
N LEU D 395 10.91 2.88 18.62
CA LEU D 395 10.52 4.28 18.32
C LEU D 395 11.48 5.19 19.06
N LEU D 396 11.74 4.84 20.33
CA LEU D 396 12.49 5.64 21.28
C LEU D 396 13.86 5.19 21.82
N PRO D 397 14.82 4.72 21.07
CA PRO D 397 16.12 4.25 21.52
C PRO D 397 16.88 4.97 22.63
N ARG D 398 17.20 6.27 22.48
CA ARG D 398 17.86 7.10 23.51
C ARG D 398 17.03 7.05 24.75
N HIS D 399 15.74 7.07 24.59
CA HIS D 399 14.89 7.11 25.73
C HIS D 399 14.84 5.69 26.33
N LEU D 400 14.91 4.55 25.61
CA LEU D 400 14.93 3.24 26.27
C LEU D 400 16.25 3.13 27.02
N GLN D 401 17.28 3.81 26.52
CA GLN D 401 18.61 3.87 27.07
C GLN D 401 18.68 4.77 28.29
N ILE D 402 18.21 6.02 28.28
CA ILE D 402 18.16 6.89 29.45
C ILE D 402 17.30 6.21 30.54
N ILE D 403 16.16 5.55 30.20
CA ILE D 403 15.33 4.80 31.16
C ILE D 403 16.15 3.69 31.84
N TYR D 404 16.99 2.97 31.12
CA TYR D 404 17.84 1.96 31.71
C TYR D 404 18.87 2.48 32.70
N GLU D 405 19.34 3.68 32.43
CA GLU D 405 20.42 4.34 33.17
C GLU D 405 19.87 5.06 34.36
N ILE D 406 18.70 5.68 34.29
CA ILE D 406 18.08 6.29 35.44
C ILE D 406 18.04 5.17 36.49
N ASN D 407 17.54 4.03 36.01
CA ASN D 407 17.28 2.85 36.84
C ASN D 407 18.47 2.35 37.61
N GLN D 408 19.69 2.00 37.13
CA GLN D 408 20.58 1.38 38.11
C GLN D 408 21.04 2.48 39.05
N ARG D 409 21.16 3.73 38.56
CA ARG D 409 21.41 4.89 39.40
C ARG D 409 20.39 4.84 40.53
N PHE D 410 19.07 4.75 40.26
CA PHE D 410 18.07 4.73 41.32
C PHE D 410 18.26 3.52 42.24
N LEU D 411 18.30 2.31 41.67
CA LEU D 411 18.41 1.08 42.43
C LEU D 411 19.70 1.02 43.25
N ASN D 412 20.86 1.54 42.87
CA ASN D 412 22.01 1.56 43.77
C ASN D 412 21.62 2.47 44.95
N ARG D 413 20.91 3.59 44.75
CA ARG D 413 20.45 4.45 45.85
C ARG D 413 19.57 3.63 46.77
N VAL D 414 18.86 2.63 46.21
CA VAL D 414 17.96 1.77 46.98
C VAL D 414 18.81 0.83 47.81
N ALA D 415 19.84 0.24 47.20
CA ALA D 415 20.82 -0.66 47.84
C ALA D 415 21.56 0.01 49.02
N ALA D 416 22.03 1.25 48.87
CA ALA D 416 22.55 2.06 49.97
C ALA D 416 21.61 2.04 51.19
N ALA D 417 20.31 2.13 50.89
CA ALA D 417 19.33 2.16 51.94
C ALA D 417 18.72 0.82 52.24
N PHE D 418 19.13 -0.30 51.63
CA PHE D 418 18.63 -1.64 51.98
C PHE D 418 19.75 -2.58 51.50
N PRO D 419 20.89 -2.73 52.20
CA PRO D 419 21.92 -3.69 51.84
C PRO D 419 21.38 -5.10 52.05
N GLY D 420 21.64 -5.93 51.05
CA GLY D 420 21.30 -7.33 51.13
C GLY D 420 19.83 -7.62 50.90
N ASP D 421 18.94 -6.65 50.75
CA ASP D 421 17.58 -7.04 50.60
C ASP D 421 17.09 -7.24 49.18
N VAL D 422 17.72 -8.21 48.53
CA VAL D 422 17.53 -8.53 47.12
C VAL D 422 16.11 -8.53 46.55
N ASP D 423 15.07 -9.07 47.20
CA ASP D 423 13.74 -9.08 46.62
C ASP D 423 13.21 -7.63 46.43
N ARG D 424 13.88 -6.56 46.91
CA ARG D 424 13.37 -5.21 46.65
C ARG D 424 13.98 -4.73 45.37
N LEU D 425 15.15 -5.17 44.89
CA LEU D 425 15.68 -4.65 43.61
C LEU D 425 15.02 -5.18 42.32
N ARG D 426 13.87 -5.78 42.57
CA ARG D 426 13.00 -6.31 41.57
C ARG D 426 11.54 -5.98 41.96
N ARG D 427 11.36 -5.15 42.96
CA ARG D 427 10.01 -4.80 43.36
C ARG D 427 10.02 -3.26 43.26
N MET D 428 11.21 -2.67 43.37
CA MET D 428 11.43 -1.27 43.09
C MET D 428 11.59 -1.14 41.59
N SER D 429 12.31 -2.07 40.92
CA SER D 429 12.78 -1.98 39.52
C SER D 429 11.95 -1.25 38.50
N LEU D 430 12.68 -0.67 37.57
CA LEU D 430 11.98 -0.03 36.51
C LEU D 430 11.56 -1.01 35.46
N VAL D 431 12.37 -2.05 35.23
CA VAL D 431 12.14 -3.05 34.20
C VAL D 431 11.47 -4.35 34.71
N GLU D 432 10.23 -4.59 34.31
CA GLU D 432 9.49 -5.77 34.61
C GLU D 432 10.16 -6.90 33.83
N GLU D 433 10.00 -8.18 34.26
CA GLU D 433 10.74 -9.34 33.75
C GLU D 433 9.84 -10.53 33.42
N GLY D 434 10.39 -11.42 32.63
CA GLY D 434 9.73 -12.67 32.29
C GLY D 434 9.08 -12.69 30.91
N ALA D 435 7.76 -12.97 30.94
CA ALA D 435 6.93 -13.11 29.76
C ALA D 435 6.47 -11.72 29.35
N VAL D 436 7.47 -11.11 28.68
CA VAL D 436 7.54 -9.73 28.17
C VAL D 436 8.04 -8.84 29.34
N LYS D 437 9.27 -8.44 29.10
CA LYS D 437 10.00 -7.50 29.91
C LYS D 437 9.44 -6.15 29.45
N ARG D 438 8.83 -5.49 30.42
CA ARG D 438 8.16 -4.23 30.21
C ARG D 438 8.79 -3.13 31.07
N ILE D 439 8.49 -1.86 30.92
CA ILE D 439 9.03 -0.84 31.80
C ILE D 439 7.81 -0.48 32.62
N ASN D 440 7.84 -0.25 33.94
CA ASN D 440 6.64 0.21 34.67
C ASN D 440 6.79 1.71 34.74
N MET D 441 5.94 2.36 33.94
CA MET D 441 5.92 3.79 33.77
C MET D 441 5.58 4.50 35.09
N ALA D 442 4.64 4.07 35.93
CA ALA D 442 4.40 4.72 37.21
C ALA D 442 5.63 4.68 38.10
N HIS D 443 6.52 3.72 38.06
CA HIS D 443 7.74 3.72 38.85
C HIS D 443 8.71 4.75 38.27
N LEU D 444 8.66 5.02 36.97
CA LEU D 444 9.59 5.93 36.31
C LEU D 444 9.35 7.33 36.80
N CYS D 445 8.05 7.62 36.92
CA CYS D 445 7.51 8.88 37.40
C CYS D 445 7.94 9.06 38.84
N ILE D 446 7.54 8.24 39.82
CA ILE D 446 8.01 8.35 41.19
C ILE D 446 9.54 8.55 41.41
N ALA D 447 10.34 8.21 40.42
CA ALA D 447 11.77 8.33 40.50
C ALA D 447 12.25 9.73 40.16
N GLY D 448 11.61 10.31 39.14
CA GLY D 448 11.88 11.66 38.70
C GLY D 448 10.83 12.66 39.17
N SER D 449 9.83 12.33 39.94
CA SER D 449 8.90 13.31 40.45
C SER D 449 9.25 13.52 41.89
N HIS D 450 9.45 14.77 42.28
CA HIS D 450 9.59 15.13 43.70
C HIS D 450 8.24 14.93 44.42
N ALA D 451 7.08 14.65 43.80
CA ALA D 451 5.87 14.51 44.59
C ALA D 451 4.68 13.90 43.86
N VAL D 452 4.23 12.83 44.49
CA VAL D 452 3.18 11.97 44.00
C VAL D 452 1.98 12.27 44.87
N ASN D 453 0.78 12.31 44.33
CA ASN D 453 -0.36 12.44 45.21
C ASN D 453 -1.54 11.55 44.86
N GLY D 454 -2.20 11.13 45.91
CA GLY D 454 -3.37 10.34 45.74
C GLY D 454 -4.44 11.38 45.51
N VAL D 455 -5.52 10.92 44.92
CA VAL D 455 -6.63 11.74 44.54
C VAL D 455 -7.65 11.86 45.65
N ALA D 456 -7.71 10.92 46.60
CA ALA D 456 -8.61 11.00 47.74
C ALA D 456 -7.78 10.74 49.00
N ARG D 457 -8.22 10.96 50.25
CA ARG D 457 -7.42 10.71 51.44
C ARG D 457 -6.99 9.26 51.57
N ILE D 458 -8.07 8.40 51.61
CA ILE D 458 -8.03 6.93 51.70
C ILE D 458 -7.00 6.33 50.77
N HIS D 459 -7.12 6.86 49.54
CA HIS D 459 -6.34 6.46 48.40
C HIS D 459 -4.91 6.84 48.63
N SER D 460 -4.56 8.00 49.19
CA SER D 460 -3.15 8.24 49.39
C SER D 460 -2.65 7.23 50.43
N GLU D 461 -3.45 6.81 51.41
CA GLU D 461 -3.06 5.77 52.33
C GLU D 461 -2.79 4.52 51.58
N ILE D 462 -3.67 4.09 50.68
CA ILE D 462 -3.35 2.90 49.92
C ILE D 462 -2.38 3.11 48.77
N LEU D 463 -1.60 4.19 48.72
CA LEU D 463 -0.46 4.15 47.85
C LEU D 463 0.78 4.10 48.77
N LYS D 464 0.56 4.01 50.10
CA LYS D 464 1.60 3.96 51.13
C LYS D 464 1.64 2.56 51.74
N LYS D 465 0.46 2.15 52.17
CA LYS D 465 0.25 0.86 52.79
C LYS D 465 0.26 -0.32 51.81
N THR D 466 -0.20 -0.14 50.58
CA THR D 466 -0.23 -1.26 49.65
C THR D 466 0.55 -1.16 48.36
N ILE D 467 0.37 -0.11 47.55
CA ILE D 467 0.92 -0.13 46.21
C ILE D 467 2.30 0.50 46.03
N PHE D 468 2.78 1.52 46.75
CA PHE D 468 4.14 1.96 46.48
C PHE D 468 4.93 1.85 47.79
N LYS D 469 4.50 0.89 48.63
CA LYS D 469 5.02 0.65 49.98
C LYS D 469 6.52 0.83 50.13
N ASP D 470 7.29 0.27 49.20
CA ASP D 470 8.74 0.42 49.18
C ASP D 470 9.24 1.82 48.95
N PHE D 471 8.54 2.49 48.01
CA PHE D 471 8.81 3.84 47.58
C PHE D 471 8.50 4.76 48.75
N TYR D 472 7.35 4.61 49.40
CA TYR D 472 7.11 5.36 50.62
C TYR D 472 8.13 4.94 51.72
N GLU D 473 8.68 3.72 51.86
CA GLU D 473 9.65 3.45 52.89
C GLU D 473 10.91 4.26 52.52
N LEU D 474 11.34 4.38 51.25
CA LEU D 474 12.60 5.05 51.01
C LEU D 474 12.61 6.53 50.84
N GLU D 475 11.59 7.13 50.27
CA GLU D 475 11.55 8.57 50.17
C GLU D 475 10.17 8.86 50.78
N PRO D 476 10.03 8.88 52.13
CA PRO D 476 8.75 8.75 52.78
C PRO D 476 7.84 9.88 52.40
N HIS D 477 8.49 11.04 52.28
CA HIS D 477 7.87 12.33 52.11
C HIS D 477 7.32 12.75 50.74
N LYS D 478 7.62 12.03 49.64
CA LYS D 478 7.10 12.43 48.34
C LYS D 478 5.59 12.32 48.30
N PHE D 479 5.06 11.46 49.14
CA PHE D 479 3.66 11.16 49.04
C PHE D 479 2.91 12.31 49.68
N GLN D 480 2.03 12.92 48.90
CA GLN D 480 1.18 13.96 49.40
C GLN D 480 -0.20 13.44 49.06
N ASN D 481 -1.17 14.21 49.49
CA ASN D 481 -2.56 13.96 49.19
C ASN D 481 -3.14 15.29 48.71
N LYS D 482 -4.12 15.32 47.76
CA LYS D 482 -4.83 16.53 47.29
C LYS D 482 -6.24 16.07 46.94
N THR D 483 -7.24 16.17 47.82
CA THR D 483 -8.55 15.59 47.54
C THR D 483 -9.39 16.31 46.50
N ASN D 484 -9.04 16.08 45.23
CA ASN D 484 -9.73 16.60 44.05
C ASN D 484 -11.18 17.08 44.08
N GLY D 485 -11.44 18.35 43.76
CA GLY D 485 -12.81 18.82 43.78
C GLY D 485 -13.43 19.08 42.41
N ILE D 486 -14.53 19.85 42.49
CA ILE D 486 -15.24 20.32 41.31
C ILE D 486 -15.22 21.85 41.13
N THR D 487 -16.02 22.59 40.36
CA THR D 487 -15.81 24.03 40.27
C THR D 487 -17.15 24.72 40.27
N PRO D 488 -17.25 25.74 41.16
CA PRO D 488 -18.48 26.47 41.47
C PRO D 488 -19.07 27.10 40.21
N ARG D 489 -18.16 27.69 39.45
CA ARG D 489 -18.59 28.36 38.25
C ARG D 489 -19.44 27.41 37.38
N ARG D 490 -18.87 26.27 37.03
CA ARG D 490 -19.52 25.31 36.15
C ARG D 490 -20.69 24.54 36.73
N TRP D 491 -20.35 24.09 37.95
CA TRP D 491 -21.20 23.15 38.65
C TRP D 491 -22.17 23.66 39.72
N LEU D 492 -22.37 25.01 39.78
CA LEU D 492 -23.49 25.61 40.51
C LEU D 492 -24.12 26.70 39.67
N VAL D 493 -23.26 27.70 39.37
CA VAL D 493 -23.72 28.90 38.64
C VAL D 493 -24.32 28.68 37.20
N LEU D 494 -23.60 28.03 36.24
CA LEU D 494 -24.18 27.65 34.96
C LEU D 494 -25.26 26.62 35.20
N CYS D 495 -24.88 25.44 35.68
CA CYS D 495 -25.82 24.32 35.84
C CYS D 495 -27.02 24.54 36.75
N ASN D 496 -26.94 25.05 37.99
CA ASN D 496 -28.18 25.31 38.74
C ASN D 496 -28.32 26.70 39.32
N PRO D 497 -28.75 27.68 38.48
CA PRO D 497 -28.78 29.12 38.78
C PRO D 497 -29.99 29.47 39.65
N GLY D 498 -31.06 28.66 39.63
CA GLY D 498 -32.22 28.93 40.47
C GLY D 498 -31.84 28.72 41.92
N LEU D 499 -31.00 27.71 42.09
CA LEU D 499 -30.48 27.43 43.38
C LEU D 499 -29.29 28.35 43.52
N ALA D 500 -28.51 28.82 42.59
CA ALA D 500 -27.48 29.77 43.00
C ALA D 500 -28.19 31.11 43.24
N GLU D 501 -29.49 31.24 42.85
CA GLU D 501 -30.28 32.45 43.07
C GLU D 501 -30.58 32.53 44.57
N ILE D 502 -31.15 31.50 45.20
CA ILE D 502 -31.59 31.61 46.59
C ILE D 502 -30.49 31.53 47.65
N ILE D 503 -29.25 31.80 47.30
CA ILE D 503 -28.14 31.63 48.24
C ILE D 503 -27.42 32.94 48.47
N ALA D 504 -27.24 33.51 47.28
CA ALA D 504 -26.48 34.72 47.04
C ALA D 504 -26.50 35.81 48.15
N GLU D 505 -27.72 36.27 48.30
CA GLU D 505 -28.17 37.31 49.21
C GLU D 505 -28.16 36.94 50.67
N ARG D 506 -28.17 35.63 50.95
CA ARG D 506 -28.14 35.20 52.33
C ARG D 506 -26.67 35.28 52.75
N ILE D 507 -25.73 34.67 52.00
CA ILE D 507 -24.38 34.56 52.57
C ILE D 507 -23.35 35.60 52.14
N GLY D 508 -23.59 36.18 50.96
CA GLY D 508 -22.64 37.10 50.35
C GLY D 508 -21.97 36.35 49.19
N GLU D 509 -21.99 36.84 47.93
CA GLU D 509 -21.36 36.16 46.80
C GLU D 509 -19.86 35.84 46.95
N GLU D 510 -19.18 36.18 48.05
CA GLU D 510 -17.78 35.81 48.33
C GLU D 510 -17.49 34.30 48.19
N TYR D 511 -18.56 33.49 48.33
CA TYR D 511 -18.51 32.02 48.18
C TYR D 511 -17.92 31.45 46.89
N ILE D 512 -18.28 31.89 45.68
CA ILE D 512 -17.78 31.24 44.47
C ILE D 512 -16.27 31.19 44.34
N SER D 513 -15.50 32.02 45.04
CA SER D 513 -14.02 31.96 45.01
C SER D 513 -13.37 31.86 46.40
N ASP D 514 -14.20 31.57 47.43
CA ASP D 514 -13.88 31.30 48.84
C ASP D 514 -15.06 30.41 49.31
N LEU D 515 -14.85 29.08 49.40
CA LEU D 515 -16.01 28.20 49.40
C LEU D 515 -16.56 27.45 50.61
N ASP D 516 -15.87 27.08 51.71
CA ASP D 516 -16.64 26.43 52.78
C ASP D 516 -17.58 27.45 53.44
N GLN D 517 -17.57 28.74 53.07
CA GLN D 517 -18.58 29.72 53.47
C GLN D 517 -19.95 29.18 53.21
N LEU D 518 -20.09 28.21 52.34
CA LEU D 518 -21.36 27.55 52.17
C LEU D 518 -21.99 27.02 53.50
N ARG D 519 -21.12 26.74 54.52
CA ARG D 519 -21.35 26.36 55.94
C ARG D 519 -22.38 27.20 56.73
N LYS D 520 -22.55 28.47 56.33
CA LYS D 520 -23.55 29.40 56.90
C LYS D 520 -24.96 28.84 56.69
N LEU D 521 -25.41 28.41 55.50
CA LEU D 521 -26.78 27.96 55.26
C LEU D 521 -27.33 26.87 56.18
N LEU D 522 -26.42 26.34 57.00
CA LEU D 522 -26.63 25.31 57.99
C LEU D 522 -27.57 25.88 59.07
N SER D 523 -27.28 27.13 59.47
CA SER D 523 -28.07 27.85 60.46
C SER D 523 -29.45 28.05 59.85
N TYR D 524 -29.43 28.28 58.55
CA TYR D 524 -30.67 28.46 57.80
C TYR D 524 -31.54 27.21 57.56
N VAL D 525 -31.12 26.00 57.99
CA VAL D 525 -31.91 24.80 57.74
C VAL D 525 -33.43 24.88 58.06
N ASP D 526 -33.66 24.87 59.39
CA ASP D 526 -34.98 24.76 60.00
C ASP D 526 -36.14 25.50 59.37
N ASP D 527 -35.77 26.78 59.20
CA ASP D 527 -36.64 27.79 58.60
C ASP D 527 -37.52 27.26 57.48
N GLU D 528 -38.81 27.25 57.78
CA GLU D 528 -39.73 26.76 56.80
C GLU D 528 -39.91 27.76 55.65
N ALA D 529 -39.00 28.74 55.49
CA ALA D 529 -39.01 29.47 54.23
C ALA D 529 -38.13 28.64 53.31
N PHE D 530 -36.90 28.37 53.75
CA PHE D 530 -35.93 27.66 52.92
C PHE D 530 -36.40 26.31 52.43
N ILE D 531 -37.13 25.54 53.25
CA ILE D 531 -37.80 24.27 52.86
C ILE D 531 -38.73 24.43 51.63
N ARG D 532 -39.77 25.27 51.71
CA ARG D 532 -40.61 25.48 50.53
C ARG D 532 -39.81 26.12 49.38
N ASP D 533 -38.83 26.98 49.65
CA ASP D 533 -38.02 27.69 48.66
C ASP D 533 -37.40 26.76 47.58
N VAL D 534 -36.60 25.82 48.14
CA VAL D 534 -35.77 24.83 47.47
C VAL D 534 -36.53 23.80 46.70
N ALA D 535 -37.63 23.23 47.21
CA ALA D 535 -38.37 22.26 46.41
C ALA D 535 -38.97 22.96 45.21
N LYS D 536 -39.00 24.30 45.16
CA LYS D 536 -39.39 24.94 43.93
C LYS D 536 -38.22 24.65 43.02
N VAL D 537 -36.95 25.15 43.25
CA VAL D 537 -35.81 24.90 42.33
C VAL D 537 -35.90 23.45 41.85
N LYS D 538 -35.98 22.51 42.77
CA LYS D 538 -36.06 21.12 42.38
C LYS D 538 -37.34 20.78 41.62
N GLN D 539 -38.55 21.33 41.88
CA GLN D 539 -39.75 21.03 41.09
C GLN D 539 -39.68 21.76 39.74
N GLU D 540 -39.09 22.96 39.64
CA GLU D 540 -38.99 23.69 38.39
C GLU D 540 -38.01 23.00 37.48
N ASN D 541 -36.87 22.65 38.08
CA ASN D 541 -35.80 21.88 37.46
C ASN D 541 -36.23 20.53 36.92
N LYS D 542 -37.03 19.85 37.71
CA LYS D 542 -37.54 18.56 37.35
C LYS D 542 -38.67 18.76 36.34
N LEU D 543 -39.07 20.01 35.98
CA LEU D 543 -40.11 20.29 34.94
C LEU D 543 -39.37 20.69 33.68
N LYS D 544 -38.36 21.57 33.78
CA LYS D 544 -37.46 22.01 32.70
C LYS D 544 -36.64 20.84 32.15
N PHE D 545 -36.04 20.04 33.04
CA PHE D 545 -35.30 18.87 32.60
C PHE D 545 -36.34 17.84 32.24
N ALA D 546 -37.49 17.74 32.91
CA ALA D 546 -38.47 16.81 32.41
C ALA D 546 -39.09 17.35 31.12
N ALA D 547 -38.77 18.59 30.68
CA ALA D 547 -39.19 19.13 29.38
C ALA D 547 -38.18 18.71 28.33
N TYR D 548 -36.93 19.12 28.57
CA TYR D 548 -35.81 18.81 27.71
C TYR D 548 -35.75 17.35 27.33
N LEU D 549 -36.14 16.52 28.29
CA LEU D 549 -36.18 15.09 28.06
C LEU D 549 -37.01 14.81 26.82
N GLU D 550 -38.25 15.27 26.88
CA GLU D 550 -39.18 14.97 25.80
C GLU D 550 -38.97 15.74 24.50
N ARG D 551 -38.21 16.85 24.59
CA ARG D 551 -37.92 17.67 23.42
C ARG D 551 -36.84 17.00 22.61
N GLU D 552 -35.66 16.82 23.23
CA GLU D 552 -34.62 16.12 22.53
C GLU D 552 -34.77 14.72 23.05
N TYR D 553 -34.99 13.85 22.06
CA TYR D 553 -35.37 12.46 22.25
C TYR D 553 -36.79 12.52 22.89
N LYS D 554 -37.50 11.65 23.64
CA LYS D 554 -38.90 11.88 24.08
C LYS D 554 -39.21 10.79 25.10
N VAL D 555 -40.10 10.94 26.10
CA VAL D 555 -40.36 9.89 27.14
C VAL D 555 -41.67 9.52 27.90
N HIS D 556 -42.48 10.49 28.28
CA HIS D 556 -43.70 10.47 29.12
C HIS D 556 -43.38 10.30 30.61
N ILE D 557 -43.13 11.43 31.27
CA ILE D 557 -42.65 11.40 32.65
C ILE D 557 -43.55 12.11 33.68
N ASN D 558 -43.21 12.03 34.99
CA ASN D 558 -43.99 12.52 36.15
C ASN D 558 -43.99 13.97 36.57
N PRO D 559 -43.09 14.85 36.11
CA PRO D 559 -42.06 15.53 36.92
C PRO D 559 -41.81 15.15 38.39
N ASN D 560 -42.92 15.15 39.10
CA ASN D 560 -42.91 15.02 40.53
C ASN D 560 -42.15 13.88 41.14
N SER D 561 -42.06 12.74 40.40
CA SER D 561 -41.37 11.49 40.77
C SER D 561 -40.24 11.49 41.85
N LEU D 562 -39.71 10.32 42.29
CA LEU D 562 -38.42 10.34 42.97
C LEU D 562 -37.47 10.39 41.80
N PHE D 563 -36.60 11.40 41.75
CA PHE D 563 -35.66 11.54 40.66
C PHE D 563 -34.27 11.06 40.99
N ASP D 564 -34.17 9.79 40.57
CA ASP D 564 -33.13 8.83 40.82
C ASP D 564 -32.07 8.74 39.71
N VAL D 565 -30.78 9.09 39.85
CA VAL D 565 -29.84 9.05 38.72
C VAL D 565 -28.46 8.45 39.01
N GLN D 566 -27.86 7.72 38.07
CA GLN D 566 -26.47 7.25 38.19
C GLN D 566 -25.88 7.33 36.75
N VAL D 567 -24.95 8.28 36.67
CA VAL D 567 -24.30 8.63 35.41
C VAL D 567 -22.79 8.58 35.56
N LYS D 568 -22.35 7.39 35.13
CA LYS D 568 -20.98 6.88 35.25
C LYS D 568 -20.56 6.26 33.94
N ARG D 569 -19.48 5.47 33.92
CA ARG D 569 -19.17 4.74 32.69
C ARG D 569 -20.04 3.48 32.69
N ILE D 570 -20.52 2.85 31.59
CA ILE D 570 -21.18 1.54 31.77
C ILE D 570 -19.95 0.66 31.97
N HIS D 571 -19.77 0.08 33.14
CA HIS D 571 -18.60 -0.77 33.40
C HIS D 571 -18.80 -1.54 34.68
N GLU D 572 -18.63 -2.86 34.61
CA GLU D 572 -18.84 -3.76 35.74
C GLU D 572 -18.69 -3.34 37.22
N TYR D 573 -17.58 -2.72 37.59
CA TYR D 573 -17.29 -2.35 38.95
C TYR D 573 -17.90 -1.08 39.52
N LYS D 574 -18.82 -0.46 38.75
CA LYS D 574 -19.60 0.73 39.11
C LYS D 574 -21.07 0.34 39.30
N ARG D 575 -21.41 -0.91 38.98
CA ARG D 575 -22.70 -1.56 39.18
C ARG D 575 -24.05 -1.09 38.59
N GLN D 576 -24.14 -0.79 37.29
CA GLN D 576 -25.43 -0.45 36.64
C GLN D 576 -26.42 -1.62 36.86
N LEU D 577 -25.80 -2.82 36.95
CA LEU D 577 -26.42 -4.10 37.25
C LEU D 577 -27.18 -4.19 38.57
N LEU D 578 -26.61 -3.68 39.65
CA LEU D 578 -27.24 -3.67 40.98
C LEU D 578 -28.56 -2.89 40.85
N ASN D 579 -28.44 -1.75 40.17
CA ASN D 579 -29.57 -0.89 39.83
C ASN D 579 -30.57 -1.78 39.13
N CYS D 580 -30.31 -2.28 37.93
CA CYS D 580 -31.22 -3.13 37.19
C CYS D 580 -31.92 -4.23 38.00
N LEU D 581 -31.25 -5.00 38.85
CA LEU D 581 -31.92 -5.96 39.71
C LEU D 581 -33.04 -5.32 40.54
N HIS D 582 -32.73 -4.20 41.25
CA HIS D 582 -33.63 -3.41 42.11
C HIS D 582 -34.84 -2.83 41.43
N VAL D 583 -34.55 -2.32 40.24
CA VAL D 583 -35.61 -1.69 39.50
C VAL D 583 -36.37 -2.85 38.90
N ILE D 584 -35.92 -4.13 38.92
CA ILE D 584 -36.83 -5.25 38.57
C ILE D 584 -37.52 -5.73 39.88
N THR D 585 -36.98 -5.55 41.09
CA THR D 585 -37.78 -5.75 42.31
C THR D 585 -39.00 -4.80 42.35
N LEU D 586 -38.71 -3.53 42.04
CA LEU D 586 -39.72 -2.51 41.99
C LEU D 586 -40.75 -2.79 40.94
N TYR D 587 -40.43 -3.07 39.68
CA TYR D 587 -41.45 -3.36 38.68
C TYR D 587 -42.35 -4.54 39.10
N ASN D 588 -41.70 -5.61 39.62
CA ASN D 588 -42.36 -6.83 40.08
C ASN D 588 -43.21 -6.82 41.34
N ARG D 589 -42.84 -6.08 42.44
CA ARG D 589 -43.67 -6.02 43.66
C ARG D 589 -44.91 -5.11 43.56
N ILE D 590 -44.69 -3.97 42.87
CA ILE D 590 -45.73 -2.98 42.58
C ILE D 590 -46.74 -3.65 41.65
N LYS D 591 -46.31 -4.67 40.89
CA LYS D 591 -47.19 -5.39 40.00
C LYS D 591 -47.99 -6.48 40.74
N LYS D 592 -47.24 -7.27 41.52
CA LYS D 592 -47.71 -8.40 42.36
C LYS D 592 -49.00 -8.02 43.09
N GLU D 593 -48.94 -7.02 43.98
CA GLU D 593 -50.17 -6.44 44.50
C GLU D 593 -50.26 -5.19 43.61
N PRO D 594 -51.07 -5.13 42.50
CA PRO D 594 -51.17 -3.97 41.60
C PRO D 594 -51.62 -2.63 42.23
N ASN D 595 -51.92 -2.61 43.53
CA ASN D 595 -52.34 -1.40 44.25
C ASN D 595 -51.29 -1.02 45.27
N LYS D 596 -50.26 -1.87 45.37
CA LYS D 596 -49.18 -1.77 46.35
C LYS D 596 -48.57 -0.38 46.17
N PHE D 597 -49.07 0.66 46.85
CA PHE D 597 -48.50 2.01 46.71
C PHE D 597 -47.02 1.98 47.10
N VAL D 598 -46.23 2.72 46.29
CA VAL D 598 -44.80 3.03 46.52
C VAL D 598 -44.52 4.30 45.74
N VAL D 599 -43.49 5.05 46.17
CA VAL D 599 -43.01 6.26 45.48
C VAL D 599 -42.47 6.00 44.03
N PRO D 600 -43.13 6.51 42.96
CA PRO D 600 -42.81 6.33 41.54
C PRO D 600 -41.54 7.03 41.17
N ARG D 601 -40.53 6.29 40.73
CA ARG D 601 -39.22 6.84 40.50
C ARG D 601 -38.94 6.85 39.02
N THR D 602 -38.18 7.87 38.61
CA THR D 602 -37.67 7.87 37.25
C THR D 602 -36.19 7.80 37.59
N VAL D 603 -35.67 6.71 37.05
CA VAL D 603 -34.30 6.26 37.15
C VAL D 603 -33.53 6.56 35.85
N MET D 604 -32.40 7.24 35.89
CA MET D 604 -31.66 7.48 34.66
C MET D 604 -30.28 6.94 34.76
N ILE D 605 -29.98 6.02 33.85
CA ILE D 605 -28.67 5.40 33.82
C ILE D 605 -28.00 5.94 32.57
N GLY D 606 -26.73 6.28 32.58
CA GLY D 606 -26.14 6.69 31.34
C GLY D 606 -24.67 7.09 31.42
N GLY D 607 -24.00 6.66 30.39
CA GLY D 607 -22.60 6.96 30.17
C GLY D 607 -22.32 6.23 28.88
N LYS D 608 -21.18 6.48 28.25
CA LYS D 608 -20.88 5.63 27.11
C LYS D 608 -20.21 4.32 27.64
N ALA D 609 -20.02 3.33 26.77
CA ALA D 609 -19.50 2.06 27.17
C ALA D 609 -17.95 1.90 27.05
N ALA D 610 -17.44 1.78 25.80
CA ALA D 610 -16.05 1.48 25.39
C ALA D 610 -16.10 0.33 24.35
N PRO D 611 -15.79 0.56 23.07
CA PRO D 611 -15.83 -0.45 22.04
C PRO D 611 -15.06 -1.68 22.44
N GLY D 612 -15.65 -2.80 22.05
CA GLY D 612 -15.06 -4.09 22.34
C GLY D 612 -15.12 -4.34 23.84
N TYR D 613 -16.36 -4.19 24.26
CA TYR D 613 -16.73 -4.40 25.62
C TYR D 613 -18.18 -4.76 25.40
N HIS D 614 -18.37 -6.07 25.56
CA HIS D 614 -19.67 -6.69 25.35
C HIS D 614 -20.46 -6.75 26.63
N MET D 615 -19.84 -6.86 27.81
CA MET D 615 -20.63 -6.85 29.03
C MET D 615 -21.11 -5.43 29.16
N ALA D 616 -20.22 -4.42 28.98
CA ALA D 616 -20.70 -3.04 28.89
C ALA D 616 -21.40 -2.71 27.57
N LYS D 617 -21.81 -3.65 26.70
CA LYS D 617 -22.72 -3.39 25.59
C LYS D 617 -24.06 -4.03 25.94
N MET D 618 -23.97 -5.13 26.68
CA MET D 618 -25.03 -5.96 27.15
C MET D 618 -25.81 -5.20 28.17
N ILE D 619 -25.12 -4.71 29.19
CA ILE D 619 -25.77 -3.95 30.26
C ILE D 619 -26.54 -2.70 29.73
N ILE D 620 -26.19 -2.00 28.62
CA ILE D 620 -27.00 -0.95 27.97
C ILE D 620 -28.22 -1.73 27.54
N LYS D 621 -28.09 -2.84 26.81
CA LYS D 621 -29.22 -3.55 26.28
C LYS D 621 -30.20 -4.15 27.28
N LEU D 622 -29.76 -4.46 28.51
CA LEU D 622 -30.71 -4.91 29.51
C LEU D 622 -31.47 -3.68 29.89
N ILE D 623 -30.83 -2.51 30.03
CA ILE D 623 -31.49 -1.29 30.45
C ILE D 623 -32.42 -0.88 29.32
N THR D 624 -32.11 -1.20 28.06
CA THR D 624 -33.02 -0.92 26.94
C THR D 624 -33.79 -2.13 26.42
N ALA D 625 -34.17 -2.95 27.40
CA ALA D 625 -35.03 -4.11 27.25
C ALA D 625 -36.15 -3.97 28.27
N ILE D 626 -35.74 -3.41 29.45
CA ILE D 626 -36.60 -3.10 30.58
C ILE D 626 -37.66 -2.10 30.12
N GLY D 627 -37.09 -1.00 29.59
CA GLY D 627 -37.72 0.25 29.17
C GLY D 627 -39.04 0.04 28.49
N ASP D 628 -38.89 -0.92 27.61
CA ASP D 628 -39.99 -1.40 26.82
C ASP D 628 -41.01 -2.00 27.75
N VAL D 629 -40.85 -3.21 28.28
CA VAL D 629 -41.81 -3.83 29.18
C VAL D 629 -42.26 -3.00 30.39
N VAL D 630 -41.52 -2.03 30.99
CA VAL D 630 -42.03 -1.23 32.12
C VAL D 630 -42.96 -0.16 31.61
N ASN D 631 -42.35 0.76 30.86
CA ASN D 631 -43.03 1.97 30.48
C ASN D 631 -44.17 1.69 29.49
N HIS D 632 -44.17 0.47 28.90
CA HIS D 632 -45.23 -0.02 28.02
C HIS D 632 -46.03 -1.18 28.68
N ASP D 633 -45.91 -1.52 29.98
CA ASP D 633 -46.81 -2.47 30.69
C ASP D 633 -47.69 -1.51 31.48
N PRO D 634 -48.82 -1.10 30.89
CA PRO D 634 -49.75 -0.15 31.49
C PRO D 634 -50.70 -0.98 32.38
N VAL D 635 -49.98 -1.29 33.42
CA VAL D 635 -50.39 -2.01 34.61
C VAL D 635 -49.70 -1.11 35.65
N VAL D 636 -48.44 -0.82 35.30
CA VAL D 636 -47.56 0.05 36.04
C VAL D 636 -47.97 1.52 35.88
N GLY D 637 -48.34 1.95 34.66
CA GLY D 637 -48.76 3.35 34.42
C GLY D 637 -47.60 4.36 34.61
N ASP D 638 -47.65 5.23 35.61
CA ASP D 638 -46.50 6.05 35.92
C ASP D 638 -46.06 5.69 37.32
N ARG D 639 -46.23 4.44 37.69
CA ARG D 639 -45.65 4.07 38.95
C ARG D 639 -44.11 3.76 38.81
N LEU D 640 -43.43 3.60 37.64
CA LEU D 640 -41.98 3.27 37.54
C LEU D 640 -41.37 3.62 36.18
N ARG D 641 -40.30 4.40 36.06
CA ARG D 641 -39.74 4.75 34.75
C ARG D 641 -38.19 4.73 34.74
N VAL D 642 -37.56 4.08 33.74
CA VAL D 642 -36.10 3.98 33.73
C VAL D 642 -35.65 4.61 32.41
N ILE D 643 -35.05 5.79 32.44
CA ILE D 643 -34.54 6.40 31.25
C ILE D 643 -33.06 6.16 31.20
N PHE D 644 -32.59 5.96 29.97
CA PHE D 644 -31.22 5.70 29.64
C PHE D 644 -30.86 7.09 29.08
N LEU D 645 -29.73 7.74 29.41
CA LEU D 645 -29.37 9.05 28.84
C LEU D 645 -28.42 8.88 27.67
N GLU D 646 -28.92 8.79 26.42
CA GLU D 646 -27.98 8.59 25.32
C GLU D 646 -27.12 9.81 25.18
N ASN D 647 -25.83 9.49 25.07
CA ASN D 647 -24.75 10.43 24.84
C ASN D 647 -24.38 11.31 26.04
N TYR D 648 -24.58 10.86 27.28
CA TYR D 648 -24.21 11.63 28.46
C TYR D 648 -22.82 12.24 28.33
N ARG D 649 -22.66 13.58 28.22
CA ARG D 649 -21.35 14.26 28.25
C ARG D 649 -21.38 15.55 29.07
N VAL D 650 -20.42 16.48 28.99
CA VAL D 650 -20.39 17.67 29.89
C VAL D 650 -21.54 18.63 29.72
N SER D 651 -22.12 18.78 28.54
CA SER D 651 -23.30 19.61 28.44
C SER D 651 -24.49 18.89 29.07
N LEU D 652 -24.50 17.56 29.19
CA LEU D 652 -25.61 16.88 29.89
C LEU D 652 -25.28 16.79 31.38
N ALA D 653 -23.98 16.90 31.66
CA ALA D 653 -23.55 16.82 33.03
C ALA D 653 -24.13 18.09 33.67
N GLU D 654 -23.92 19.28 33.09
CA GLU D 654 -24.51 20.43 33.73
C GLU D 654 -26.05 20.58 33.68
N LYS D 655 -26.85 19.65 33.12
CA LYS D 655 -28.29 19.82 33.23
C LYS D 655 -29.01 18.53 33.58
N VAL D 656 -28.36 17.59 34.28
CA VAL D 656 -29.11 16.47 34.89
C VAL D 656 -28.76 16.59 36.34
N ILE D 657 -27.65 17.13 36.77
CA ILE D 657 -27.42 17.27 38.21
C ILE D 657 -28.25 18.40 38.95
N PRO D 658 -28.61 19.58 38.36
CA PRO D 658 -30.00 19.93 38.14
C PRO D 658 -31.19 19.06 38.61
N ALA D 659 -31.68 17.90 38.13
CA ALA D 659 -32.91 17.29 38.70
C ALA D 659 -32.60 16.01 39.49
N ALA D 660 -31.45 16.19 40.11
CA ALA D 660 -30.90 15.18 40.94
C ALA D 660 -31.70 15.28 42.21
N ASP D 661 -32.55 14.27 42.43
CA ASP D 661 -32.94 14.06 43.81
C ASP D 661 -31.82 13.08 44.29
N LEU D 662 -31.73 11.90 43.65
CA LEU D 662 -30.86 10.82 44.04
C LEU D 662 -29.57 10.62 43.26
N SER D 663 -28.40 10.86 43.83
CA SER D 663 -27.11 10.51 43.21
C SER D 663 -26.73 9.05 43.62
N GLU D 664 -26.86 8.08 42.70
CA GLU D 664 -26.61 6.69 43.03
C GLU D 664 -25.21 6.34 42.60
N GLN D 665 -24.27 6.50 43.53
CA GLN D 665 -22.84 6.23 43.31
C GLN D 665 -22.42 4.94 44.06
N ILE D 666 -23.00 3.86 43.52
CA ILE D 666 -23.03 2.46 43.99
C ILE D 666 -21.98 1.42 43.52
N SER D 667 -20.72 1.79 43.64
CA SER D 667 -19.60 0.98 43.18
C SER D 667 -19.06 0.09 44.31
N THR D 668 -18.53 -1.09 44.00
CA THR D 668 -17.91 -1.97 45.00
C THR D 668 -16.79 -1.28 45.74
N ALA D 669 -16.89 -1.58 47.01
CA ALA D 669 -16.06 -0.96 47.99
C ALA D 669 -14.59 -1.29 47.73
N GLY D 670 -13.91 -0.15 47.58
CA GLY D 670 -12.50 -0.06 47.37
C GLY D 670 -12.26 -0.27 45.91
N THR D 671 -13.16 0.08 44.99
CA THR D 671 -12.78 -0.01 43.62
C THR D 671 -12.51 1.34 43.02
N GLU D 672 -13.26 2.35 43.48
CA GLU D 672 -13.12 3.68 42.96
C GLU D 672 -11.94 4.35 43.63
N ALA D 673 -11.02 4.90 42.84
CA ALA D 673 -9.87 5.66 43.38
C ALA D 673 -10.19 6.99 44.01
N SER D 674 -11.42 7.50 43.74
CA SER D 674 -11.91 8.80 44.15
C SER D 674 -13.36 9.05 43.69
N GLY D 675 -13.64 10.06 42.86
CA GLY D 675 -14.96 10.37 42.33
C GLY D 675 -15.22 11.87 42.37
N THR D 676 -15.42 12.38 41.15
CA THR D 676 -15.60 13.79 40.89
C THR D 676 -17.00 14.22 40.56
N GLY D 677 -17.68 13.41 39.78
CA GLY D 677 -19.07 13.67 39.42
C GLY D 677 -20.01 13.33 40.57
N ASN D 678 -19.50 13.05 41.76
CA ASN D 678 -20.28 12.87 42.99
C ASN D 678 -20.31 14.16 43.82
N MET D 679 -19.34 15.06 43.68
CA MET D 679 -19.26 16.30 44.47
C MET D 679 -20.27 17.32 43.92
N1 LLP D 680 -18.11 12.94 32.56
C2 LLP D 680 -18.57 14.20 32.58
C2' LLP D 680 -19.09 14.78 31.33
C3 LLP D 680 -18.55 14.92 33.72
O3 LLP D 680 -19.04 16.19 33.70
C4 LLP D 680 -18.05 14.37 34.88
C4' LLP D 680 -18.00 15.19 36.19
C5 LLP D 680 -17.57 13.05 34.85
C6 LLP D 680 -17.60 12.37 33.68
C5' LLP D 680 -16.96 12.36 36.07
OP4 LLP D 680 -17.82 11.53 36.90
P LLP D 680 -17.26 10.69 38.18
OP1 LLP D 680 -15.92 11.21 38.47
OP2 LLP D 680 -18.15 10.93 39.31
OP3 LLP D 680 -17.36 9.30 37.72
N LLP D 680 -20.24 17.43 42.58
CA LLP D 680 -21.18 18.18 41.75
CB LLP D 680 -20.68 18.49 40.31
CG LLP D 680 -19.96 17.35 39.62
CD LLP D 680 -19.96 17.33 38.11
CE LLP D 680 -18.54 16.96 37.71
NZ LLP D 680 -18.61 16.38 36.41
C LLP D 680 -22.41 17.32 41.62
O LLP D 680 -22.79 16.91 40.55
N PHE D 681 -22.95 16.94 42.76
CA PHE D 681 -24.21 16.24 42.92
C PHE D 681 -24.53 16.65 44.34
N MET D 682 -23.69 16.74 45.39
CA MET D 682 -24.20 17.14 46.72
C MET D 682 -23.99 18.64 46.87
N LEU D 683 -24.38 19.27 45.78
CA LEU D 683 -24.26 20.70 45.63
C LEU D 683 -25.54 21.12 45.01
N ASN D 684 -25.88 20.41 43.95
CA ASN D 684 -27.04 20.80 43.21
C ASN D 684 -28.32 20.47 43.91
N GLY D 685 -28.10 19.65 44.92
CA GLY D 685 -29.20 19.19 45.73
C GLY D 685 -29.51 17.87 45.10
N ALA D 686 -28.86 16.94 45.78
CA ALA D 686 -28.96 15.53 45.50
C ALA D 686 -28.46 14.84 46.78
N LEU D 687 -29.24 13.80 47.13
CA LEU D 687 -28.90 12.87 48.17
C LEU D 687 -28.02 11.81 47.51
N THR D 688 -26.83 11.59 48.05
CA THR D 688 -25.89 10.60 47.55
C THR D 688 -26.04 9.25 48.24
N ILE D 689 -26.78 8.25 47.68
CA ILE D 689 -26.81 6.95 48.35
C ILE D 689 -25.73 5.94 47.94
N GLY D 690 -24.58 5.69 48.59
CA GLY D 690 -23.73 4.63 48.05
C GLY D 690 -22.65 3.96 48.89
N THR D 691 -22.29 2.72 48.48
CA THR D 691 -21.19 1.92 49.01
C THR D 691 -20.00 2.79 49.34
N MET D 692 -19.46 2.64 50.53
CA MET D 692 -18.33 3.46 50.91
C MET D 692 -16.93 3.03 50.48
N ASP D 693 -16.38 3.95 49.68
CA ASP D 693 -14.98 4.01 49.33
C ASP D 693 -14.81 5.30 48.51
N GLY D 694 -13.60 5.52 48.00
CA GLY D 694 -13.33 6.62 47.11
C GLY D 694 -13.60 7.91 47.82
N ALA D 695 -14.38 8.74 47.12
CA ALA D 695 -14.78 10.05 47.65
C ALA D 695 -16.22 10.11 48.17
N ASN D 696 -17.01 9.02 48.14
CA ASN D 696 -18.31 8.94 48.82
C ASN D 696 -18.06 9.03 50.33
N VAL D 697 -16.80 8.89 50.78
CA VAL D 697 -16.34 8.93 52.16
C VAL D 697 -16.30 10.36 52.73
N GLU D 698 -15.23 11.15 52.46
CA GLU D 698 -15.02 12.54 52.92
C GLU D 698 -16.26 13.39 52.74
N MET D 699 -17.09 13.08 51.75
CA MET D 699 -18.33 13.76 51.58
C MET D 699 -19.18 13.47 52.79
N ALA D 700 -19.30 12.22 53.28
CA ALA D 700 -20.02 11.98 54.55
C ALA D 700 -19.20 12.37 55.79
N GLU D 701 -17.86 12.31 55.82
CA GLU D 701 -17.06 12.75 56.96
C GLU D 701 -17.26 14.25 57.10
N GLU D 702 -17.64 14.92 56.01
CA GLU D 702 -18.06 16.32 56.08
C GLU D 702 -19.55 16.43 56.43
N ALA D 703 -20.42 15.90 55.57
CA ALA D 703 -21.85 16.06 55.75
C ALA D 703 -22.47 15.31 56.91
N GLY D 704 -21.78 14.31 57.46
CA GLY D 704 -22.30 13.48 58.53
C GLY D 704 -23.00 12.29 57.91
N GLU D 705 -22.68 11.13 58.47
CA GLU D 705 -23.13 9.89 57.91
C GLU D 705 -24.62 9.84 57.89
N GLU D 706 -25.26 10.45 58.89
CA GLU D 706 -26.72 10.55 59.02
C GLU D 706 -27.40 11.44 57.94
N ASN D 707 -26.60 12.29 57.30
CA ASN D 707 -27.10 13.15 56.26
C ASN D 707 -26.97 12.40 54.90
N PHE D 708 -26.04 11.42 54.86
CA PHE D 708 -25.77 10.60 53.69
C PHE D 708 -26.60 9.32 53.65
N PHE D 709 -26.41 8.36 52.74
CA PHE D 709 -27.17 7.13 52.84
C PHE D 709 -26.32 5.92 52.51
N ILE D 710 -25.09 5.87 53.09
CA ILE D 710 -24.05 4.86 52.84
C ILE D 710 -24.64 3.46 53.05
N PHE D 711 -24.93 2.60 52.07
CA PHE D 711 -25.32 1.23 52.42
C PHE D 711 -24.06 0.37 52.36
N GLY D 712 -24.35 -0.95 52.31
CA GLY D 712 -23.49 -2.08 51.93
C GLY D 712 -22.05 -2.21 52.40
N MET D 713 -21.43 -3.21 51.77
CA MET D 713 -20.10 -3.65 52.15
C MET D 713 -19.02 -2.62 52.21
N ARG D 714 -17.86 -3.00 52.69
CA ARG D 714 -16.79 -2.05 52.75
C ARG D 714 -15.54 -2.74 52.34
N VAL D 715 -14.61 -1.87 51.94
CA VAL D 715 -13.24 -2.17 51.54
C VAL D 715 -12.76 -3.45 52.24
N GLU D 716 -12.81 -3.32 53.57
CA GLU D 716 -12.32 -4.31 54.51
C GLU D 716 -13.11 -5.63 54.48
N ASP D 717 -14.43 -5.68 54.58
CA ASP D 717 -15.03 -6.99 54.47
C ASP D 717 -15.22 -7.47 53.03
N VAL D 718 -14.73 -6.74 52.01
CA VAL D 718 -14.69 -7.24 50.63
C VAL D 718 -13.40 -8.05 50.52
N ASP D 719 -12.29 -7.47 51.04
CA ASP D 719 -10.98 -8.10 51.18
C ASP D 719 -11.10 -9.40 51.98
N ARG D 720 -12.08 -9.41 52.91
CA ARG D 720 -12.34 -10.62 53.69
C ARG D 720 -12.86 -11.65 52.69
N LEU D 721 -14.05 -11.43 52.14
CA LEU D 721 -14.76 -12.30 51.23
C LEU D 721 -13.98 -13.22 50.29
N ASP D 722 -12.88 -12.81 49.67
CA ASP D 722 -12.13 -13.67 48.74
C ASP D 722 -10.87 -14.17 49.40
N GLN D 723 -11.24 -14.89 50.44
CA GLN D 723 -10.32 -15.58 51.33
C GLN D 723 -10.99 -16.78 51.97
N ARG D 724 -12.31 -16.82 51.94
CA ARG D 724 -12.99 -18.00 52.43
C ARG D 724 -14.11 -18.35 51.45
N GLY D 725 -13.77 -18.06 50.18
CA GLY D 725 -14.64 -18.26 49.05
C GLY D 725 -15.83 -17.34 49.10
N TYR D 726 -16.01 -16.71 47.93
CA TYR D 726 -17.17 -15.85 47.68
C TYR D 726 -17.98 -16.67 46.67
N ASN D 727 -19.28 -16.88 46.87
CA ASN D 727 -20.08 -17.52 45.84
C ASN D 727 -21.42 -16.82 45.89
N ALA D 728 -21.76 -16.12 44.80
CA ALA D 728 -23.01 -15.39 44.71
C ALA D 728 -24.25 -16.26 44.88
N GLN D 729 -24.41 -17.39 44.16
CA GLN D 729 -25.47 -18.38 44.40
C GLN D 729 -25.16 -18.89 45.80
N GLU D 730 -26.22 -19.02 46.61
CA GLU D 730 -26.25 -19.23 48.06
C GLU D 730 -27.24 -18.11 48.35
N TYR D 731 -26.97 -16.91 47.84
CA TYR D 731 -27.91 -15.81 47.82
C TYR D 731 -29.02 -16.13 46.83
N TYR D 732 -28.69 -16.85 45.75
CA TYR D 732 -29.71 -17.31 44.81
C TYR D 732 -30.73 -18.21 45.48
N ASP D 733 -30.21 -19.04 46.36
CA ASP D 733 -31.09 -19.92 47.07
C ASP D 733 -31.85 -19.35 48.26
N ARG D 734 -31.47 -18.18 48.81
CA ARG D 734 -32.08 -17.52 49.96
C ARG D 734 -33.09 -16.43 49.67
N ILE D 735 -32.60 -15.29 49.11
CA ILE D 735 -33.25 -13.99 48.83
C ILE D 735 -34.29 -14.08 47.71
N PRO D 736 -35.55 -14.29 48.09
CA PRO D 736 -36.60 -14.88 47.25
C PRO D 736 -37.01 -14.12 45.97
N GLU D 737 -36.97 -12.77 46.06
CA GLU D 737 -37.19 -11.88 44.95
C GLU D 737 -35.97 -11.89 44.03
N LEU D 738 -34.72 -11.92 44.51
CA LEU D 738 -33.61 -12.08 43.55
C LEU D 738 -33.71 -13.41 42.79
N ARG D 739 -34.20 -14.49 43.40
CA ARG D 739 -34.51 -15.71 42.70
C ARG D 739 -35.52 -15.42 41.56
N GLN D 740 -36.54 -14.61 41.88
CA GLN D 740 -37.56 -14.12 40.93
C GLN D 740 -36.96 -13.44 39.72
N ILE D 741 -36.24 -12.32 39.99
CA ILE D 741 -35.68 -11.49 38.91
C ILE D 741 -34.62 -12.21 38.10
N ILE D 742 -33.76 -13.08 38.69
CA ILE D 742 -32.87 -13.96 37.92
C ILE D 742 -33.71 -14.84 37.01
N GLU D 743 -34.81 -15.43 37.50
CA GLU D 743 -35.66 -16.26 36.64
C GLU D 743 -36.22 -15.52 35.44
N GLN D 744 -36.86 -14.37 35.76
CA GLN D 744 -37.51 -13.57 34.73
C GLN D 744 -36.47 -12.96 33.81
N LEU D 745 -35.25 -12.70 34.31
CA LEU D 745 -34.11 -12.20 33.53
C LEU D 745 -33.73 -13.22 32.46
N SER D 746 -33.79 -14.47 32.91
CA SER D 746 -33.42 -15.60 32.10
C SER D 746 -34.56 -16.19 31.33
N SER D 747 -35.88 -15.97 31.49
CA SER D 747 -36.82 -16.73 30.67
C SER D 747 -37.65 -15.85 29.76
N GLY D 748 -36.79 -15.13 29.03
CA GLY D 748 -37.17 -14.15 28.00
C GLY D 748 -38.30 -13.19 28.30
N PHE D 749 -38.35 -12.75 29.55
CA PHE D 749 -39.39 -11.83 29.99
C PHE D 749 -39.22 -10.57 29.17
N PHE D 750 -38.04 -9.95 29.37
CA PHE D 750 -37.79 -8.66 28.76
C PHE D 750 -37.90 -8.73 27.24
N SER D 751 -37.18 -9.72 26.71
CA SER D 751 -37.21 -10.06 25.31
C SER D 751 -37.92 -11.44 25.10
N PRO D 752 -39.18 -11.50 24.61
CA PRO D 752 -39.74 -12.68 24.01
C PRO D 752 -38.98 -13.02 22.75
N LYS D 753 -38.42 -12.05 22.02
CA LYS D 753 -37.81 -12.39 20.75
C LYS D 753 -36.46 -13.08 20.90
N GLN D 754 -35.65 -12.67 21.88
CA GLN D 754 -34.39 -13.37 22.07
C GLN D 754 -34.25 -13.68 23.57
N PRO D 755 -34.99 -14.64 24.17
CA PRO D 755 -34.93 -15.08 25.57
C PRO D 755 -33.64 -15.38 26.35
N ASP D 756 -32.75 -15.84 25.51
CA ASP D 756 -31.46 -16.29 25.92
C ASP D 756 -30.73 -14.99 26.25
N LEU D 757 -30.61 -14.08 25.26
CA LEU D 757 -29.90 -12.79 25.34
C LEU D 757 -29.16 -12.39 26.61
N PHE D 758 -29.80 -12.16 27.77
CA PHE D 758 -29.08 -11.76 29.00
C PHE D 758 -28.47 -12.91 29.79
N LYS D 759 -28.42 -14.07 29.07
CA LYS D 759 -27.87 -15.33 29.52
C LYS D 759 -26.39 -15.23 29.68
N ASP D 760 -25.66 -14.40 28.95
CA ASP D 760 -24.25 -14.27 29.21
C ASP D 760 -24.12 -13.42 30.48
N ILE D 761 -25.08 -12.54 30.80
CA ILE D 761 -24.97 -11.73 32.00
C ILE D 761 -25.39 -12.49 33.26
N VAL D 762 -26.37 -13.41 33.16
CA VAL D 762 -26.79 -14.30 34.28
C VAL D 762 -25.50 -15.00 34.84
N ASN D 763 -24.83 -15.80 33.99
CA ASN D 763 -23.67 -16.58 34.37
C ASN D 763 -22.57 -15.68 34.91
N MET D 764 -22.52 -14.43 34.44
CA MET D 764 -21.55 -13.46 34.90
C MET D 764 -21.89 -13.14 36.34
N LEU D 765 -23.17 -12.80 36.52
CA LEU D 765 -23.80 -12.38 37.80
C LEU D 765 -23.80 -13.44 38.87
N MET D 766 -23.78 -14.67 38.36
CA MET D 766 -23.90 -15.85 39.18
C MET D 766 -22.63 -16.51 39.68
N HIS D 767 -21.89 -16.80 38.63
CA HIS D 767 -20.74 -17.68 38.70
C HIS D 767 -19.40 -16.94 38.67
N HIS D 768 -19.27 -15.69 38.20
CA HIS D 768 -17.98 -15.02 38.22
C HIS D 768 -18.08 -13.51 38.15
N ASP D 769 -18.69 -13.17 39.29
CA ASP D 769 -18.96 -11.81 39.71
C ASP D 769 -17.85 -11.47 40.70
N ARG D 770 -17.05 -10.63 40.06
CA ARG D 770 -15.88 -10.09 40.67
C ARG D 770 -16.23 -8.91 41.57
N PHE D 771 -17.43 -8.36 41.41
CA PHE D 771 -17.79 -7.10 42.01
C PHE D 771 -18.94 -7.20 43.03
N LYS D 772 -19.32 -8.47 43.29
CA LYS D 772 -20.29 -8.86 44.31
C LYS D 772 -21.54 -8.00 44.20
N VAL D 773 -22.21 -8.05 43.04
CA VAL D 773 -23.43 -7.31 42.80
C VAL D 773 -24.47 -8.00 43.63
N PHE D 774 -24.52 -9.33 43.63
CA PHE D 774 -25.52 -10.03 44.41
C PHE D 774 -25.23 -9.87 45.89
N ALA D 775 -23.99 -9.90 46.35
CA ALA D 775 -23.77 -9.69 47.76
C ALA D 775 -24.13 -8.26 48.22
N ASP D 776 -24.15 -7.23 47.37
CA ASP D 776 -24.61 -5.97 47.93
C ASP D 776 -26.09 -5.67 47.55
N TYR D 777 -26.91 -6.63 47.05
CA TYR D 777 -28.35 -6.46 46.77
C TYR D 777 -29.17 -6.08 48.00
N GLU D 778 -29.53 -7.05 48.85
CA GLU D 778 -30.42 -6.85 49.97
C GLU D 778 -30.25 -5.61 50.81
N GLU D 779 -28.97 -5.30 51.11
CA GLU D 779 -28.64 -4.15 51.93
C GLU D 779 -29.03 -2.89 51.19
N TYR D 780 -28.87 -2.92 49.86
CA TYR D 780 -29.24 -1.81 49.03
C TYR D 780 -30.77 -1.65 49.07
N VAL D 781 -31.60 -2.71 48.94
CA VAL D 781 -33.03 -2.48 48.94
C VAL D 781 -33.50 -2.11 50.35
N LYS D 782 -33.06 -2.63 51.52
CA LYS D 782 -33.59 -2.18 52.84
C LYS D 782 -32.81 -0.94 53.29
N CYS D 783 -32.90 0.04 52.41
CA CYS D 783 -32.12 1.25 52.40
C CYS D 783 -32.75 2.15 51.37
N GLN D 784 -32.99 1.66 50.17
CA GLN D 784 -33.69 2.45 49.20
C GLN D 784 -35.18 2.44 49.48
N GLU D 785 -35.53 1.73 50.55
CA GLU D 785 -36.83 1.79 51.20
C GLU D 785 -36.70 2.98 52.17
N ARG D 786 -35.55 3.18 52.78
CA ARG D 786 -35.34 4.33 53.64
C ARG D 786 -35.30 5.57 52.75
N VAL D 787 -34.80 5.54 51.50
CA VAL D 787 -34.88 6.64 50.52
C VAL D 787 -36.32 6.86 50.01
N SER D 788 -37.10 5.84 49.66
CA SER D 788 -38.45 6.03 49.12
C SER D 788 -39.44 6.45 50.18
N ALA D 789 -39.46 5.71 51.28
CA ALA D 789 -40.35 6.03 52.36
C ALA D 789 -40.04 7.44 52.85
N LEU D 790 -38.77 7.88 52.97
CA LEU D 790 -38.45 9.26 53.29
C LEU D 790 -38.79 10.20 52.12
N TYR D 791 -38.84 9.83 50.82
CA TYR D 791 -39.25 10.81 49.79
C TYR D 791 -40.58 11.51 50.06
N LYS D 792 -41.55 10.66 50.45
CA LYS D 792 -42.93 10.96 50.82
C LYS D 792 -43.10 11.28 52.30
N ASN D 793 -42.13 12.07 52.71
CA ASN D 793 -42.12 12.80 53.96
C ASN D 793 -41.52 13.99 53.21
N PRO D 794 -42.37 14.78 52.56
CA PRO D 794 -41.93 15.67 51.49
C PRO D 794 -41.04 16.87 51.91
N ARG D 795 -40.93 17.17 53.22
CA ARG D 795 -40.16 18.29 53.64
C ARG D 795 -38.98 17.92 54.50
N GLU D 796 -39.03 16.88 55.36
CA GLU D 796 -37.83 16.60 56.13
C GLU D 796 -36.94 15.79 55.17
N TRP D 797 -37.42 15.62 53.90
CA TRP D 797 -36.59 15.23 52.76
C TRP D 797 -35.70 16.47 52.41
N THR D 798 -36.39 17.63 52.25
CA THR D 798 -35.82 18.93 51.81
C THR D 798 -34.82 19.62 52.74
N ARG D 799 -34.89 19.03 53.94
CA ARG D 799 -34.12 19.41 55.11
C ARG D 799 -32.66 19.01 54.97
N MET D 800 -32.44 17.73 54.64
CA MET D 800 -31.09 17.20 54.56
C MET D 800 -30.39 17.73 53.32
N VAL D 801 -31.19 17.93 52.28
CA VAL D 801 -30.70 18.49 51.03
C VAL D 801 -30.05 19.87 51.22
N ILE D 802 -30.25 20.56 52.38
CA ILE D 802 -29.50 21.80 52.70
C ILE D 802 -28.21 21.48 53.48
N ARG D 803 -28.30 20.50 54.38
CA ARG D 803 -27.14 20.18 55.20
C ARG D 803 -26.03 19.49 54.38
N ASN D 804 -26.43 19.00 53.21
CA ASN D 804 -25.39 18.56 52.30
C ASN D 804 -24.82 19.85 51.69
N ILE D 805 -25.61 20.75 51.06
CA ILE D 805 -25.04 21.97 50.42
C ILE D 805 -24.06 22.80 51.28
N ALA D 806 -24.47 23.08 52.52
CA ALA D 806 -23.69 23.85 53.47
C ALA D 806 -22.25 23.35 53.62
N THR D 807 -22.18 22.04 53.75
CA THR D 807 -20.94 21.27 53.89
C THR D 807 -19.71 21.54 52.95
N SER D 808 -20.07 22.01 51.74
CA SER D 808 -19.24 21.99 50.54
C SER D 808 -17.77 22.31 50.38
N GLY D 809 -17.20 23.43 50.80
CA GLY D 809 -15.88 23.94 50.36
C GLY D 809 -14.67 23.04 50.15
N LYS D 810 -14.66 21.83 50.76
CA LYS D 810 -13.57 20.90 50.49
C LYS D 810 -13.79 20.35 49.10
N PHE D 811 -15.01 20.08 48.64
CA PHE D 811 -15.21 19.49 47.31
C PHE D 811 -15.39 20.54 46.22
N SER D 812 -14.38 21.44 46.25
CA SER D 812 -14.27 22.54 45.34
C SER D 812 -12.84 22.57 44.89
N SER D 813 -12.64 22.76 43.60
CA SER D 813 -11.33 22.62 43.02
C SER D 813 -10.55 23.87 43.25
N ASP D 814 -11.12 24.98 43.74
CA ASP D 814 -10.31 26.14 44.13
C ASP D 814 -9.33 25.75 45.24
N ARG D 815 -9.99 24.97 46.13
CA ARG D 815 -9.36 24.43 47.34
C ARG D 815 -8.20 23.52 46.99
N THR D 816 -8.55 22.56 46.13
CA THR D 816 -7.58 21.63 45.68
C THR D 816 -6.48 22.39 45.00
N ILE D 817 -6.73 23.44 44.22
CA ILE D 817 -5.63 24.09 43.55
C ILE D 817 -4.73 24.86 44.48
N ALA D 818 -5.31 25.46 45.51
CA ALA D 818 -4.53 26.09 46.57
C ALA D 818 -3.57 25.07 47.23
N GLN D 819 -4.02 23.84 47.46
CA GLN D 819 -3.24 22.77 48.01
C GLN D 819 -2.05 22.37 47.13
N TYR D 820 -2.30 22.12 45.85
CA TYR D 820 -1.25 21.78 44.90
C TYR D 820 -0.25 22.92 44.80
N ALA D 821 -0.86 24.12 44.76
CA ALA D 821 -0.18 25.41 44.69
C ALA D 821 0.88 25.51 45.78
N ARG D 822 0.36 25.38 47.00
CA ARG D 822 1.09 25.47 48.24
C ARG D 822 2.04 24.30 48.49
N GLU D 823 1.71 23.01 48.67
CA GLU D 823 2.73 22.10 49.15
C GLU D 823 3.61 21.44 48.16
N ILE D 824 3.21 21.49 46.88
CA ILE D 824 3.86 20.74 45.80
C ILE D 824 4.52 21.75 44.89
N TRP D 825 3.84 22.83 44.48
CA TRP D 825 4.45 23.73 43.51
C TRP D 825 5.33 24.78 44.10
N GLY D 826 4.78 25.46 45.10
CA GLY D 826 5.45 26.49 45.87
C GLY D 826 4.61 27.77 46.00
N VAL D 827 4.39 28.21 44.78
CA VAL D 827 3.68 29.43 44.45
C VAL D 827 2.43 29.80 45.22
N GLU D 828 2.43 30.99 45.80
CA GLU D 828 1.26 31.47 46.56
C GLU D 828 0.17 31.94 45.68
N PRO D 829 -1.02 31.43 45.94
CA PRO D 829 -2.27 31.80 45.30
C PRO D 829 -2.64 33.26 45.27
N SER D 830 -3.78 33.58 44.68
CA SER D 830 -4.26 34.93 44.63
C SER D 830 -5.77 34.94 44.47
N ARG D 831 -6.37 36.03 44.93
CA ARG D 831 -7.79 36.29 44.71
C ARG D 831 -7.99 37.76 44.25
N GLN D 832 -6.90 38.35 43.77
CA GLN D 832 -6.92 39.75 43.38
C GLN D 832 -7.34 39.99 41.93
N ARG D 833 -7.96 41.14 41.68
CA ARG D 833 -8.45 41.47 40.37
C ARG D 833 -7.44 42.36 39.67
N LEU D 834 -6.94 41.75 38.59
CA LEU D 834 -6.03 42.38 37.65
C LEU D 834 -6.91 43.44 36.96
N PRO D 835 -6.37 44.64 36.72
CA PRO D 835 -7.12 45.81 36.27
C PRO D 835 -7.50 45.77 34.81
N ALA D 836 -7.98 46.90 34.30
CA ALA D 836 -8.38 47.08 32.89
C ALA D 836 -9.54 46.13 32.47
N PRO D 837 -9.86 45.83 31.22
CA PRO D 837 -9.73 44.49 30.67
C PRO D 837 -8.47 44.42 29.77
S SO4 E . -3.52 -52.22 -21.49
O1 SO4 E . -2.12 -52.13 -21.91
O2 SO4 E . -4.25 -52.71 -22.66
O3 SO4 E . -4.04 -50.87 -21.23
O4 SO4 E . -3.68 -53.08 -20.33
S SO4 F . -6.79 -31.09 19.40
O1 SO4 F . -6.60 -29.80 18.68
O2 SO4 F . -6.81 -30.84 20.88
O3 SO4 F . -5.67 -32.00 19.06
O4 SO4 F . -8.10 -31.70 19.07
S SO4 G . -10.72 -37.48 -11.98
O1 SO4 G . -11.91 -36.75 -12.50
O2 SO4 G . -11.21 -38.66 -11.22
O3 SO4 G . -10.01 -36.53 -11.05
O4 SO4 G . -9.81 -37.89 -13.08
S SO4 H . 31.09 -44.95 -11.35
O1 SO4 H . 32.26 -44.08 -11.54
O2 SO4 H . 31.50 -46.17 -10.63
O3 SO4 H . 30.45 -45.22 -12.66
O4 SO4 H . 30.04 -44.30 -10.53
S SO4 I . 18.76 -6.87 -31.84
O1 SO4 I . 18.39 -7.83 -32.93
O2 SO4 I . 19.60 -5.79 -32.45
O3 SO4 I . 19.54 -7.64 -30.78
O4 SO4 I . 17.53 -6.26 -31.24
S SO4 J . 28.43 -26.94 -8.87
O1 SO4 J . 28.77 -25.54 -8.53
O2 SO4 J . 29.19 -27.28 -10.07
O3 SO4 J . 26.98 -26.93 -9.14
O4 SO4 J . 28.74 -27.79 -7.74
S SO4 K . -28.92 47.26 5.55
O1 SO4 K . -29.79 47.06 4.36
O2 SO4 K . -27.77 48.17 5.24
O3 SO4 K . -28.33 45.96 6.00
O4 SO4 K . -29.70 47.86 6.65
S SO4 L . 2.41 30.23 -23.30
O1 SO4 L . 1.18 29.50 -22.96
O2 SO4 L . 2.14 31.56 -23.90
O3 SO4 L . 3.23 29.46 -24.29
O4 SO4 L . 3.24 30.42 -22.09
S SO4 M . -23.72 32.34 -3.84
O1 SO4 M . -25.14 32.48 -3.49
O2 SO4 M . -22.88 32.19 -2.65
O3 SO4 M . -23.24 33.38 -4.77
O4 SO4 M . -23.60 31.05 -4.53
S SO4 N . 0.39 49.51 26.16
O1 SO4 N . 0.01 49.49 27.61
O2 SO4 N . 0.05 50.86 25.68
O3 SO4 N . -0.46 48.48 25.47
O4 SO4 N . 1.84 49.24 25.96
S SO4 O . -13.59 7.00 35.09
O1 SO4 O . -12.34 7.21 34.31
O2 SO4 O . -13.35 7.25 36.54
O3 SO4 O . -14.12 5.58 34.97
O4 SO4 O . -14.59 7.96 34.53
S SO4 P . 4.43 32.41 24.33
O1 SO4 P . 5.90 32.17 24.29
O2 SO4 P . 3.84 31.69 25.47
O3 SO4 P . 3.84 31.88 23.07
O4 SO4 P . 4.19 33.83 24.48
#